data_8BPE
#
_entry.id   8BPE
#
loop_
_entity.id
_entity.type
_entity.pdbx_description
1 polymer 'Immunoglobulin heavy constant mu'
2 polymer 'Fas apoptotic inhibitory molecule 3'
3 polymer 'Immunoglobulin J chain'
4 branched 2-acetamido-2-deoxy-beta-D-glucopyranose-(1-4)-2-acetamido-2-deoxy-beta-D-glucopyranose
5 non-polymer 2-acetamido-2-deoxy-beta-D-glucopyranose
#
loop_
_entity_poly.entity_id
_entity_poly.type
_entity_poly.pdbx_seq_one_letter_code
_entity_poly.pdbx_strand_id
1 'polypeptide(L)'
;IAELPPKVSVFVPPRDGFFGNPRKSKLICQATGFSPRQIQVSWLREGKQVGSGVTTDQVQAEAKESGPTTYKVTSTLTIK
ESDWLGQSMFTCRVDHRGLTFQQNASSMCVPDQDTAIRVFAIPPSFASIFLTKSTKLTCLVTDLTTYDSVTISWTRQNGE
AVKTHTNISESHPNATFSAVGEASICEDDWNSGERFTCTVTHTDLPSPLKQTISRPKGVALHRPDVYLLPPAREQLNLRE
SATITCLVTGFSPADVFVQWMQRGQPLSPEKYVTSAPMPEPQAPGRYFAHSILTVSEEEWNTGETYTCVVAHEALPNRVT
ERTVDKSTGKPTLYNVSLVMSDTAGTCY
;
C,H,K,D,F,G,E,B,A,L
2 'polypeptide(L)'
;RILPEVKVEGELGGSVTIKCPLPEMHVRIYLCREMAGSGTCGTVVSTTNFIKAEYKGRVTLKQYPRKNLFLVEVTQLTES
DSGVYACGAGMNTDRGKTQKVTLNVHSEYEPSWEEQPMPETPKWFHLPYLFQMPAYASSSKFVTRVTTPAQRGKVPPVHH
SSPTTQITHRPRVSRASSVAGDKPRTFLPSTTASKISALEGLLKPQTPSYNHHTRLHRQRALDYGSQSGREGQG
;
M,P,O,R,N,Q,S,I
3 'polypeptide(L)'
;MKNHLLFWGVLAVFIKAVHVKAQEDERIVLVDNKCKCARITSRIIRSSEDPNEDIVERNIRIIVPLNNRENISDPTSPLR
TRFVYHLSDLCKKCDPTEVELDNQIVTATQSNICDEDSATETCYTYDRNKCYTAVVPLVYGGETKMVETALTPDACYPD
;
J
#
loop_
_chem_comp.id
_chem_comp.type
_chem_comp.name
_chem_comp.formula
NAG D-saccharide, beta linking 2-acetamido-2-deoxy-beta-D-glucopyranose 'C8 H15 N O6'
#
# COMPACT_ATOMS: atom_id res chain seq x y z
N ARG A 118 -66.37 34.38 -18.11
CA ARG A 118 -65.59 33.81 -17.02
C ARG A 118 -64.82 34.92 -16.31
N VAL A 119 -64.87 34.92 -14.98
CA VAL A 119 -64.19 35.89 -14.15
C VAL A 119 -63.25 35.14 -13.21
N PHE A 120 -61.98 35.52 -13.21
CA PHE A 120 -60.97 34.87 -12.39
C PHE A 120 -60.15 35.92 -11.65
N ALA A 121 -59.66 35.52 -10.47
CA ALA A 121 -58.84 36.38 -9.64
C ALA A 121 -57.50 35.71 -9.36
N ILE A 122 -56.42 36.48 -9.47
CA ILE A 122 -55.07 35.99 -9.22
C ILE A 122 -54.61 36.59 -7.90
N PRO A 123 -54.56 35.83 -6.82
CA PRO A 123 -54.07 36.38 -5.54
C PRO A 123 -52.59 36.70 -5.63
N PRO A 124 -52.10 37.62 -4.80
CA PRO A 124 -50.67 37.94 -4.83
C PRO A 124 -49.82 36.77 -4.38
N SER A 125 -49.08 36.17 -5.31
CA SER A 125 -48.27 35.00 -5.00
C SER A 125 -47.02 35.40 -4.22
N PHE A 126 -46.51 34.45 -3.44
CA PHE A 126 -45.32 34.70 -2.64
C PHE A 126 -44.12 35.01 -3.53
N ALA A 127 -43.96 34.26 -4.63
CA ALA A 127 -42.84 34.50 -5.53
C ALA A 127 -42.87 35.90 -6.11
N SER A 128 -44.05 36.32 -6.59
CA SER A 128 -44.17 37.66 -7.17
C SER A 128 -43.94 38.73 -6.12
N ILE A 129 -44.51 38.55 -4.92
CA ILE A 129 -44.31 39.52 -3.84
C ILE A 129 -42.83 39.67 -3.54
N PHE A 130 -42.13 38.55 -3.35
CA PHE A 130 -40.73 38.60 -2.97
C PHE A 130 -39.86 39.18 -4.08
N LEU A 131 -40.18 38.83 -5.34
CA LEU A 131 -39.32 39.26 -6.44
C LEU A 131 -39.52 40.73 -6.78
N THR A 132 -40.75 41.25 -6.65
CA THR A 132 -41.05 42.59 -7.12
C THR A 132 -41.10 43.64 -6.00
N LYS A 133 -41.42 43.24 -4.77
CA LYS A 133 -41.63 44.18 -3.66
C LYS A 133 -42.71 45.22 -4.00
N SER A 134 -43.61 44.85 -4.89
CA SER A 134 -44.70 45.70 -5.34
C SER A 134 -45.99 44.90 -5.37
N THR A 135 -46.28 44.21 -4.27
CA THR A 135 -47.37 43.24 -4.19
C THR A 135 -48.68 43.81 -4.74
N LYS A 136 -49.34 43.00 -5.57
CA LYS A 136 -50.58 43.38 -6.22
C LYS A 136 -51.48 42.15 -6.34
N LEU A 137 -52.79 42.40 -6.40
CA LEU A 137 -53.78 41.35 -6.61
C LEU A 137 -54.45 41.58 -7.96
N THR A 138 -54.59 40.51 -8.74
CA THR A 138 -55.00 40.61 -10.13
C THR A 138 -56.36 39.98 -10.35
N CYS A 139 -57.21 40.68 -11.11
CA CYS A 139 -58.53 40.19 -11.51
C CYS A 139 -58.53 39.97 -13.01
N LEU A 140 -58.99 38.79 -13.44
CA LEU A 140 -58.96 38.38 -14.84
C LEU A 140 -60.36 37.99 -15.29
N VAL A 141 -60.82 38.59 -16.38
CA VAL A 141 -62.12 38.29 -16.96
C VAL A 141 -61.92 37.93 -18.43
N THR A 142 -62.42 36.77 -18.84
CA THR A 142 -62.35 36.30 -20.21
C THR A 142 -63.74 35.95 -20.71
N ASP A 143 -63.80 35.39 -21.92
CA ASP A 143 -65.05 35.03 -22.59
C ASP A 143 -65.98 36.24 -22.67
N LEU A 144 -65.42 37.38 -23.05
CA LEU A 144 -66.16 38.63 -23.17
C LEU A 144 -66.33 39.01 -24.63
N THR A 145 -67.52 39.48 -24.99
CA THR A 145 -67.77 39.94 -26.33
C THR A 145 -67.08 41.29 -26.57
N THR A 146 -66.99 41.66 -27.84
CA THR A 146 -66.28 42.88 -28.24
C THR A 146 -67.17 44.08 -27.98
N TYR A 147 -66.81 44.90 -26.99
CA TYR A 147 -67.54 46.11 -26.65
C TYR A 147 -66.57 47.08 -25.98
N ASP A 148 -67.12 48.11 -25.34
CA ASP A 148 -66.32 49.12 -24.66
C ASP A 148 -67.02 49.48 -23.36
N SER A 149 -66.58 50.59 -22.75
CA SER A 149 -67.10 51.06 -21.47
C SER A 149 -66.92 50.02 -20.38
N VAL A 150 -65.76 49.34 -20.40
CA VAL A 150 -65.43 48.37 -19.37
C VAL A 150 -65.04 49.10 -18.09
N THR A 151 -65.51 48.60 -16.95
CA THR A 151 -65.21 49.20 -15.66
C THR A 151 -65.06 48.09 -14.64
N ILE A 152 -63.83 47.92 -14.12
CA ILE A 152 -63.56 46.84 -13.11
C ILE A 152 -62.77 47.44 -11.95
N SER A 153 -63.09 47.03 -10.71
CA SER A 153 -62.37 47.54 -9.52
C SER A 153 -62.40 46.50 -8.40
N TRP A 154 -61.53 46.66 -7.39
CA TRP A 154 -61.51 45.73 -6.24
C TRP A 154 -62.20 46.39 -5.03
N THR A 155 -63.02 45.62 -4.31
CA THR A 155 -63.69 46.15 -3.09
C THR A 155 -63.09 45.46 -1.87
N ARG A 156 -62.60 46.24 -0.90
CA ARG A 156 -61.90 45.66 0.28
C ARG A 156 -62.93 45.15 1.30
N GLN A 157 -62.47 44.44 2.34
CA GLN A 157 -63.36 43.90 3.39
C GLN A 157 -64.13 45.06 4.03
N ASN A 158 -63.46 46.20 4.20
CA ASN A 158 -64.10 47.40 4.80
C ASN A 158 -65.29 47.82 3.93
N GLY A 159 -65.26 47.46 2.64
CA GLY A 159 -66.33 47.88 1.72
C GLY A 159 -65.83 48.99 0.80
N GLU A 160 -64.66 49.56 1.13
CA GLU A 160 -64.05 50.61 0.27
C GLU A 160 -63.56 49.98 -1.03
N ALA A 161 -63.58 50.73 -2.13
CA ALA A 161 -63.11 50.21 -3.44
C ALA A 161 -61.62 50.47 -3.60
N VAL A 162 -61.13 50.51 -4.84
CA VAL A 162 -59.69 50.80 -5.11
C VAL A 162 -59.59 51.77 -6.30
N LYS A 163 -58.39 52.31 -6.55
CA LYS A 163 -58.21 53.31 -7.64
C LYS A 163 -57.97 52.62 -8.98
N THR A 164 -58.77 51.59 -9.32
CA THR A 164 -58.66 50.92 -10.64
C THR A 164 -57.18 50.63 -10.95
N HIS A 165 -56.72 50.98 -12.16
CA HIS A 165 -55.32 50.68 -12.59
C HIS A 165 -55.06 51.26 -13.98
N THR A 166 -53.89 50.96 -14.55
CA THR A 166 -53.56 51.42 -15.89
C THR A 166 -53.41 50.20 -16.81
N ASN A 167 -52.86 50.42 -18.01
CA ASN A 167 -52.49 49.38 -18.97
C ASN A 167 -53.56 48.28 -19.10
N ILE A 168 -54.74 48.71 -19.56
CA ILE A 168 -55.79 47.76 -19.90
C ILE A 168 -55.30 46.82 -20.99
N SER A 169 -55.64 45.54 -20.85
CA SER A 169 -55.21 44.54 -21.82
C SER A 169 -55.92 44.73 -23.16
N GLU A 170 -55.36 44.08 -24.19
CA GLU A 170 -55.90 44.16 -25.53
C GLU A 170 -56.84 43.00 -25.80
N SER A 171 -57.36 42.95 -27.03
CA SER A 171 -58.30 41.91 -27.42
C SER A 171 -57.60 40.56 -27.53
N HIS A 172 -58.33 39.50 -27.21
CA HIS A 172 -57.83 38.15 -27.42
C HIS A 172 -57.71 37.87 -28.93
N PRO A 173 -56.76 37.01 -29.32
CA PRO A 173 -56.66 36.62 -30.73
C PRO A 173 -57.87 35.84 -31.24
N ASN A 174 -58.68 35.27 -30.35
CA ASN A 174 -59.82 34.44 -30.74
C ASN A 174 -61.13 35.21 -30.71
N ALA A 175 -61.10 36.48 -31.09
CA ALA A 175 -62.28 37.33 -31.25
C ALA A 175 -63.04 37.53 -29.94
N THR A 176 -62.37 37.43 -28.80
CA THR A 176 -62.96 37.75 -27.51
C THR A 176 -62.15 38.88 -26.86
N PHE A 177 -62.67 39.39 -25.75
CA PHE A 177 -62.06 40.51 -25.06
C PHE A 177 -61.58 40.10 -23.68
N SER A 178 -60.55 40.78 -23.19
CA SER A 178 -59.93 40.49 -21.91
C SER A 178 -60.04 41.69 -20.98
N ALA A 179 -60.24 41.41 -19.69
CA ALA A 179 -60.39 42.50 -18.70
C ALA A 179 -59.52 42.20 -17.47
N VAL A 180 -58.24 42.58 -17.51
CA VAL A 180 -57.31 42.36 -16.36
C VAL A 180 -57.43 43.56 -15.42
N GLY A 181 -57.30 43.33 -14.11
CA GLY A 181 -57.37 44.42 -13.12
C GLY A 181 -56.45 44.17 -11.95
N GLU A 182 -55.70 45.19 -11.52
CA GLU A 182 -54.72 45.01 -10.42
C GLU A 182 -54.84 46.17 -9.42
N ALA A 183 -54.41 45.95 -8.17
CA ALA A 183 -54.48 47.00 -7.16
C ALA A 183 -53.34 46.82 -6.18
N SER A 184 -52.92 47.93 -5.57
CA SER A 184 -51.79 47.94 -4.64
C SER A 184 -52.32 47.98 -3.21
N ILE A 185 -51.97 46.96 -2.43
CA ILE A 185 -52.32 46.89 -1.02
C ILE A 185 -51.07 46.47 -0.25
N CYS A 186 -50.98 46.93 1.00
CA CYS A 186 -49.83 46.60 1.82
C CYS A 186 -49.83 45.12 2.21
N GLU A 187 -48.62 44.58 2.40
CA GLU A 187 -48.47 43.18 2.75
C GLU A 187 -49.14 42.85 4.08
N ASP A 188 -48.96 43.71 5.08
CA ASP A 188 -49.61 43.48 6.37
C ASP A 188 -51.12 43.56 6.24
N ASP A 189 -51.61 44.49 5.42
CA ASP A 189 -53.05 44.60 5.19
C ASP A 189 -53.60 43.32 4.56
N TRP A 190 -52.90 42.77 3.58
CA TRP A 190 -53.34 41.53 2.96
C TRP A 190 -53.27 40.37 3.95
N ASN A 191 -52.21 40.31 4.75
CA ASN A 191 -52.03 39.21 5.68
C ASN A 191 -52.95 39.31 6.90
N SER A 192 -53.57 40.46 7.12
CA SER A 192 -54.47 40.61 8.25
C SER A 192 -55.75 39.80 8.10
N GLY A 193 -56.13 39.45 6.87
CA GLY A 193 -57.33 38.67 6.65
C GLY A 193 -58.49 39.48 6.11
N GLU A 194 -58.19 40.39 5.17
CA GLU A 194 -59.20 41.26 4.56
C GLU A 194 -59.61 40.67 3.21
N ARG A 195 -60.91 40.41 3.05
CA ARG A 195 -61.41 39.88 1.79
C ARG A 195 -61.46 40.97 0.74
N PHE A 196 -61.20 40.59 -0.51
CA PHE A 196 -61.23 41.51 -1.63
C PHE A 196 -62.12 40.94 -2.73
N THR A 197 -62.98 41.78 -3.29
CA THR A 197 -63.94 41.37 -4.30
C THR A 197 -63.76 42.20 -5.56
N CYS A 198 -63.82 41.54 -6.71
CA CYS A 198 -63.65 42.17 -8.01
C CYS A 198 -64.99 42.29 -8.71
N THR A 199 -65.31 43.49 -9.19
CA THR A 199 -66.54 43.74 -9.93
C THR A 199 -66.21 43.97 -11.40
N VAL A 200 -67.09 43.48 -12.27
CA VAL A 200 -66.90 43.60 -13.71
C VAL A 200 -68.18 44.15 -14.33
N THR A 201 -68.03 45.14 -15.21
CA THR A 201 -69.16 45.77 -15.88
C THR A 201 -68.96 45.67 -17.39
N HIS A 202 -69.96 45.14 -18.09
CA HIS A 202 -69.90 45.01 -19.54
C HIS A 202 -71.31 44.98 -20.09
N THR A 203 -71.41 45.17 -21.41
CA THR A 203 -72.71 45.20 -22.05
C THR A 203 -73.42 43.85 -21.94
N ASP A 204 -72.68 42.76 -22.11
CA ASP A 204 -73.28 41.43 -22.05
C ASP A 204 -73.66 41.00 -20.65
N LEU A 205 -73.26 41.75 -19.63
CA LEU A 205 -73.55 41.41 -18.24
C LEU A 205 -74.37 42.52 -17.60
N PRO A 206 -75.71 42.41 -17.60
CA PRO A 206 -76.53 43.43 -16.92
C PRO A 206 -76.26 43.51 -15.43
N SER A 207 -75.93 42.39 -14.80
CA SER A 207 -75.65 42.37 -13.36
C SER A 207 -74.15 42.20 -13.13
N PRO A 208 -73.45 43.22 -12.62
CA PRO A 208 -72.03 43.05 -12.32
C PRO A 208 -71.81 41.95 -11.28
N LEU A 209 -70.72 41.21 -11.44
CA LEU A 209 -70.40 40.06 -10.61
C LEU A 209 -69.27 40.41 -9.66
N LYS A 210 -69.42 40.05 -8.39
CA LYS A 210 -68.39 40.23 -7.38
C LYS A 210 -67.71 38.90 -7.12
N GLN A 211 -66.39 38.87 -7.24
CA GLN A 211 -65.60 37.65 -7.08
C GLN A 211 -64.82 37.73 -5.77
N THR A 212 -65.23 36.94 -4.79
CA THR A 212 -64.52 36.90 -3.52
C THR A 212 -63.23 36.09 -3.65
N ILE A 213 -62.13 36.65 -3.15
CA ILE A 213 -60.84 35.98 -3.17
C ILE A 213 -60.17 36.19 -1.81
N SER A 214 -59.50 35.14 -1.33
CA SER A 214 -58.79 35.20 -0.07
C SER A 214 -57.73 34.10 -0.05
N ARG A 215 -56.77 34.25 0.85
CA ARG A 215 -55.72 33.25 0.97
C ARG A 215 -56.27 32.01 1.67
N PRO A 216 -56.08 30.82 1.11
CA PRO A 216 -56.63 29.61 1.73
C PRO A 216 -55.84 29.19 2.97
N LYS A 217 -56.14 29.81 4.10
CA LYS A 217 -55.44 29.50 5.34
C LYS A 217 -55.87 28.14 5.88
N GLY A 218 -55.00 27.54 6.69
CA GLY A 218 -55.32 26.27 7.32
C GLY A 218 -54.26 25.20 7.14
N VAL A 219 -53.12 25.58 6.56
CA VAL A 219 -52.03 24.64 6.27
C VAL A 219 -50.99 24.73 7.38
N ALA A 220 -50.65 23.59 7.96
CA ALA A 220 -49.61 23.54 8.98
C ALA A 220 -48.24 23.75 8.34
N LEU A 221 -47.56 24.83 8.71
CA LEU A 221 -46.31 25.19 8.06
C LEU A 221 -45.18 24.26 8.46
N HIS A 222 -44.18 24.16 7.59
CA HIS A 222 -42.99 23.36 7.85
C HIS A 222 -41.81 23.99 7.12
N ARG A 223 -40.62 23.70 7.61
CA ARG A 223 -39.41 24.34 7.10
C ARG A 223 -38.78 23.48 6.00
N PRO A 224 -38.48 24.06 4.83
CA PRO A 224 -37.71 23.32 3.83
C PRO A 224 -36.30 23.03 4.33
N ASP A 225 -35.71 21.94 3.82
CA ASP A 225 -34.32 21.59 4.19
C ASP A 225 -33.44 21.65 2.94
N VAL A 226 -32.80 22.79 2.69
CA VAL A 226 -31.97 22.96 1.46
C VAL A 226 -30.83 21.95 1.47
N TYR A 227 -30.34 21.55 0.29
CA TYR A 227 -29.22 20.59 0.18
C TYR A 227 -28.44 20.88 -1.11
N LEU A 228 -27.23 21.44 -0.98
CA LEU A 228 -26.43 21.79 -2.18
C LEU A 228 -25.48 20.64 -2.53
N LEU A 229 -25.36 20.32 -3.82
CA LEU A 229 -24.50 19.23 -4.27
C LEU A 229 -23.53 19.73 -5.34
N PRO A 230 -22.32 19.18 -5.40
CA PRO A 230 -21.34 19.63 -6.37
C PRO A 230 -21.42 18.81 -7.65
N PRO A 231 -20.79 19.26 -8.73
CA PRO A 231 -20.80 18.48 -9.97
C PRO A 231 -20.07 17.15 -9.83
N ALA A 232 -20.50 16.18 -10.62
CA ALA A 232 -19.90 14.85 -10.59
C ALA A 232 -18.49 14.87 -11.19
N ARG A 233 -17.69 13.87 -10.81
CA ARG A 233 -16.31 13.82 -11.27
C ARG A 233 -16.22 13.66 -12.77
N GLU A 234 -16.97 12.70 -13.32
CA GLU A 234 -16.91 12.43 -14.76
C GLU A 234 -17.41 13.60 -15.59
N GLN A 235 -18.27 14.45 -15.02
CA GLN A 235 -18.70 15.65 -15.74
C GLN A 235 -17.54 16.61 -15.95
N LEU A 236 -16.68 16.75 -14.95
CA LEU A 236 -15.55 17.65 -15.02
C LEU A 236 -14.45 17.17 -15.96
N ASN A 237 -14.37 15.87 -16.24
CA ASN A 237 -13.39 15.40 -17.21
C ASN A 237 -13.94 15.60 -18.63
N LEU A 238 -14.44 16.80 -18.91
CA LEU A 238 -14.95 17.14 -20.22
C LEU A 238 -14.44 18.51 -20.64
N ARG A 239 -14.14 19.36 -19.65
CA ARG A 239 -13.61 20.72 -19.93
C ARG A 239 -14.62 21.55 -20.72
N GLU A 240 -15.93 21.43 -20.42
CA GLU A 240 -16.89 22.29 -21.10
C GLU A 240 -17.85 22.98 -20.14
N SER A 241 -18.33 22.28 -19.12
CA SER A 241 -19.36 22.85 -18.25
C SER A 241 -19.61 21.92 -17.07
N ALA A 242 -20.21 22.48 -16.03
CA ALA A 242 -20.63 21.74 -14.85
C ALA A 242 -22.00 22.24 -14.40
N THR A 243 -22.72 21.39 -13.68
CA THR A 243 -24.05 21.72 -13.19
C THR A 243 -24.09 21.55 -11.68
N ILE A 244 -24.65 22.53 -10.98
CA ILE A 244 -24.80 22.52 -9.53
C ILE A 244 -26.28 22.46 -9.21
N THR A 245 -26.67 21.52 -8.35
CA THR A 245 -28.07 21.29 -8.03
C THR A 245 -28.36 21.69 -6.58
N CYS A 246 -29.55 22.26 -6.35
CA CYS A 246 -29.96 22.77 -5.05
C CYS A 246 -31.25 22.07 -4.65
N LEU A 247 -31.13 20.91 -4.01
CA LEU A 247 -32.30 20.13 -3.62
C LEU A 247 -33.00 20.78 -2.43
N VAL A 248 -34.30 20.98 -2.55
CA VAL A 248 -35.15 21.51 -1.50
C VAL A 248 -36.24 20.49 -1.22
N THR A 249 -36.43 20.12 0.04
CA THR A 249 -37.32 19.02 0.38
C THR A 249 -38.10 19.31 1.66
N GLY A 250 -39.28 18.71 1.75
CA GLY A 250 -40.02 18.64 3.00
C GLY A 250 -40.74 19.89 3.42
N PHE A 251 -41.05 20.80 2.51
CA PHE A 251 -41.71 22.04 2.87
C PHE A 251 -43.21 21.97 2.58
N SER A 252 -43.96 22.91 3.16
CA SER A 252 -45.39 23.01 3.00
C SER A 252 -45.88 24.37 3.47
N PRO A 253 -46.70 25.08 2.69
CA PRO A 253 -47.17 24.68 1.36
C PRO A 253 -46.21 25.05 0.23
N ALA A 254 -46.74 25.16 -0.99
CA ALA A 254 -45.93 25.42 -2.17
C ALA A 254 -45.56 26.90 -2.29
N ASP A 255 -45.11 27.30 -3.48
CA ASP A 255 -44.72 28.68 -3.78
C ASP A 255 -43.42 29.07 -3.10
N VAL A 256 -42.45 28.17 -3.12
CA VAL A 256 -41.09 28.48 -2.66
C VAL A 256 -40.36 29.22 -3.78
N PHE A 257 -39.44 30.10 -3.39
CA PHE A 257 -38.72 30.95 -4.34
C PHE A 257 -37.23 30.70 -4.19
N VAL A 258 -36.59 30.29 -5.29
CA VAL A 258 -35.17 29.96 -5.31
C VAL A 258 -34.49 30.82 -6.38
N GLN A 259 -33.34 31.40 -6.02
CA GLN A 259 -32.53 32.14 -6.99
C GLN A 259 -31.07 32.01 -6.61
N TRP A 260 -30.20 32.19 -7.60
CA TRP A 260 -28.78 31.93 -7.48
C TRP A 260 -28.01 33.23 -7.61
N MET A 261 -27.16 33.53 -6.63
CA MET A 261 -26.32 34.72 -6.66
C MET A 261 -24.87 34.36 -6.39
N GLN A 262 -23.98 35.09 -7.04
CA GLN A 262 -22.53 34.87 -6.94
C GLN A 262 -21.91 36.07 -6.23
N ARG A 263 -21.34 35.82 -5.05
CA ARG A 263 -20.63 36.83 -4.25
C ARG A 263 -21.45 38.11 -4.08
N GLY A 264 -22.74 37.92 -3.80
CA GLY A 264 -23.64 39.03 -3.50
C GLY A 264 -24.33 39.64 -4.70
N GLN A 265 -23.98 39.24 -5.92
CA GLN A 265 -24.65 39.74 -7.11
C GLN A 265 -25.59 38.69 -7.64
N PRO A 266 -26.91 38.93 -7.63
CA PRO A 266 -27.84 37.94 -8.18
C PRO A 266 -27.58 37.71 -9.66
N LEU A 267 -27.73 36.45 -10.08
CA LEU A 267 -27.50 36.07 -11.46
C LEU A 267 -28.79 36.13 -12.26
N SER A 268 -28.65 36.22 -13.58
CA SER A 268 -29.81 36.35 -14.45
C SER A 268 -30.67 35.08 -14.36
N PRO A 269 -31.99 35.22 -14.33
CA PRO A 269 -32.86 34.03 -14.22
C PRO A 269 -32.78 33.10 -15.42
N GLU A 270 -32.19 33.53 -16.52
CA GLU A 270 -32.03 32.65 -17.68
C GLU A 270 -30.90 31.65 -17.50
N LYS A 271 -29.94 31.92 -16.62
CA LYS A 271 -28.80 31.04 -16.46
C LYS A 271 -29.13 29.77 -15.67
N TYR A 272 -30.30 29.69 -15.05
CA TYR A 272 -30.67 28.52 -14.28
C TYR A 272 -32.14 28.21 -14.52
N VAL A 273 -32.51 26.96 -14.22
CA VAL A 273 -33.91 26.53 -14.31
C VAL A 273 -34.39 26.18 -12.92
N THR A 274 -35.67 25.85 -12.81
CA THR A 274 -36.25 25.47 -11.53
C THR A 274 -37.41 24.53 -11.78
N SER A 275 -37.58 23.54 -10.90
CA SER A 275 -38.67 22.59 -11.01
C SER A 275 -39.94 23.21 -10.44
N ALA A 276 -40.96 22.39 -10.23
CA ALA A 276 -42.21 22.84 -9.67
C ALA A 276 -42.55 21.99 -8.45
N PRO A 277 -43.24 22.56 -7.46
CA PRO A 277 -43.57 21.80 -6.25
C PRO A 277 -44.36 20.54 -6.58
N MET A 278 -43.77 19.38 -6.32
CA MET A 278 -44.38 18.09 -6.56
C MET A 278 -44.36 17.27 -5.27
N PRO A 279 -45.37 16.44 -5.05
CA PRO A 279 -45.53 15.81 -3.73
C PRO A 279 -44.39 14.86 -3.39
N GLU A 280 -44.11 14.76 -2.09
CA GLU A 280 -43.12 13.81 -1.59
C GLU A 280 -43.76 12.44 -1.44
N PRO A 281 -43.18 11.39 -2.05
CA PRO A 281 -43.89 10.12 -2.17
C PRO A 281 -44.13 9.39 -0.85
N GLN A 282 -43.06 9.20 -0.07
CA GLN A 282 -43.17 8.48 1.22
C GLN A 282 -43.72 9.42 2.28
N ALA A 283 -43.41 10.72 2.18
CA ALA A 283 -43.87 11.71 3.18
C ALA A 283 -45.18 12.37 2.71
N PRO A 284 -46.33 12.11 3.35
CA PRO A 284 -47.61 12.66 2.91
C PRO A 284 -47.74 14.16 3.25
N GLY A 285 -48.62 14.87 2.54
CA GLY A 285 -48.83 16.31 2.80
C GLY A 285 -47.52 17.08 2.77
N ARG A 286 -46.69 16.81 1.77
CA ARG A 286 -45.37 17.50 1.66
C ARG A 286 -45.03 17.75 0.19
N TYR A 287 -43.98 18.54 -0.06
CA TYR A 287 -43.56 18.86 -1.42
C TYR A 287 -42.04 18.93 -1.47
N PHE A 288 -41.50 18.93 -2.67
CA PHE A 288 -40.08 19.19 -2.86
C PHE A 288 -39.86 19.73 -4.26
N ALA A 289 -38.76 20.47 -4.43
CA ALA A 289 -38.45 21.10 -5.69
C ALA A 289 -36.98 20.87 -6.06
N HIS A 290 -36.52 21.51 -7.12
CA HIS A 290 -35.15 21.34 -7.57
C HIS A 290 -34.73 22.58 -8.33
N SER A 291 -33.42 22.74 -8.50
CA SER A 291 -32.87 23.84 -9.27
C SER A 291 -31.45 23.48 -9.64
N ILE A 292 -31.08 23.73 -10.90
CA ILE A 292 -29.73 23.47 -11.36
C ILE A 292 -29.17 24.75 -11.96
N LEU A 293 -27.85 24.87 -11.94
CA LEU A 293 -27.16 26.01 -12.52
C LEU A 293 -26.02 25.51 -13.39
N THR A 294 -26.02 25.90 -14.66
CA THR A 294 -24.91 25.58 -15.53
C THR A 294 -23.81 26.62 -15.37
N VAL A 295 -22.55 26.15 -15.43
CA VAL A 295 -21.41 26.99 -15.17
C VAL A 295 -20.20 26.41 -15.88
N SER A 296 -19.31 27.26 -16.36
CA SER A 296 -18.09 26.83 -17.01
C SER A 296 -17.16 26.19 -15.99
N GLU A 297 -16.50 25.12 -16.40
CA GLU A 297 -15.50 24.49 -15.54
C GLU A 297 -14.25 25.33 -15.40
N GLU A 298 -13.99 26.25 -16.33
CA GLU A 298 -12.83 27.13 -16.23
C GLU A 298 -12.89 27.96 -14.96
N GLU A 299 -14.06 28.53 -14.64
CA GLU A 299 -14.16 29.40 -13.48
C GLU A 299 -14.55 28.65 -12.22
N TRP A 300 -15.06 27.42 -12.35
CA TRP A 300 -15.40 26.65 -11.15
C TRP A 300 -14.15 26.19 -10.42
N ASN A 301 -13.03 26.12 -11.12
CA ASN A 301 -11.77 25.69 -10.54
C ASN A 301 -10.99 26.85 -9.94
N THR A 302 -11.65 27.99 -9.71
CA THR A 302 -10.99 29.17 -9.18
C THR A 302 -11.65 29.77 -7.94
N GLY A 303 -12.87 29.37 -7.59
CA GLY A 303 -13.57 29.98 -6.47
C GLY A 303 -15.06 30.06 -6.69
N GLU A 304 -15.62 31.28 -6.61
CA GLU A 304 -17.02 31.53 -6.94
C GLU A 304 -17.95 30.72 -6.03
N THR A 305 -18.00 31.16 -4.77
CA THR A 305 -18.78 30.51 -3.71
C THR A 305 -20.13 29.96 -4.14
N TYR A 306 -20.87 30.68 -4.99
CA TYR A 306 -22.07 30.16 -5.65
C TYR A 306 -23.12 29.69 -4.62
N THR A 307 -23.66 30.67 -3.89
CA THR A 307 -24.66 30.35 -2.88
C THR A 307 -26.05 30.20 -3.50
N CYS A 308 -26.90 29.40 -2.83
CA CYS A 308 -28.27 29.13 -3.35
C CYS A 308 -29.30 29.60 -2.31
N VAL A 309 -29.94 30.75 -2.54
CA VAL A 309 -30.89 31.31 -1.53
C VAL A 309 -32.28 30.71 -1.76
N VAL A 310 -33.02 30.46 -0.67
CA VAL A 310 -34.40 29.91 -0.79
C VAL A 310 -35.34 30.79 0.05
N ALA A 311 -36.53 31.10 -0.48
CA ALA A 311 -37.46 32.01 0.23
C ALA A 311 -38.80 31.32 0.48
N HIS A 312 -38.91 30.56 1.57
CA HIS A 312 -40.21 29.92 1.92
C HIS A 312 -40.98 30.84 2.87
N GLU A 313 -42.16 30.41 3.34
CA GLU A 313 -42.99 31.29 4.21
C GLU A 313 -43.13 30.67 5.61
N ALA A 314 -42.16 29.85 6.01
CA ALA A 314 -42.18 29.27 7.35
C ALA A 314 -40.82 29.32 8.04
N LEU A 315 -39.82 29.92 7.42
CA LEU A 315 -38.47 30.05 7.94
C LEU A 315 -38.49 31.04 9.11
N PRO A 316 -37.47 31.06 10.00
CA PRO A 316 -37.52 31.97 11.14
C PRO A 316 -37.59 33.43 10.73
N ASN A 317 -36.92 33.79 9.64
CA ASN A 317 -37.06 35.12 9.05
C ASN A 317 -37.27 35.05 7.53
N ARG A 318 -37.83 33.94 7.04
CA ARG A 318 -38.35 33.80 5.68
C ARG A 318 -37.26 33.63 4.63
N VAL A 319 -35.99 33.66 5.01
CA VAL A 319 -34.90 33.52 4.05
C VAL A 319 -33.78 32.67 4.62
N THR A 320 -33.23 31.76 3.82
CA THR A 320 -32.04 31.00 4.17
C THR A 320 -31.19 30.81 2.93
N GLU A 321 -29.93 30.42 3.13
CA GLU A 321 -29.03 30.19 2.01
C GLU A 321 -27.90 29.27 2.42
N ARG A 322 -27.37 28.53 1.44
CA ARG A 322 -26.21 27.68 1.61
C ARG A 322 -25.30 27.87 0.41
N THR A 323 -24.03 27.47 0.56
CA THR A 323 -23.07 27.62 -0.52
C THR A 323 -22.07 26.48 -0.50
N VAL A 324 -21.54 26.15 -1.68
CA VAL A 324 -20.49 25.15 -1.84
C VAL A 324 -19.49 25.64 -2.88
N ASP A 325 -18.23 25.31 -2.67
CA ASP A 325 -17.15 25.71 -3.58
C ASP A 325 -16.32 24.48 -3.93
N LYS A 326 -15.33 24.66 -4.81
CA LYS A 326 -14.50 23.51 -5.28
C LYS A 326 -13.90 22.76 -4.09
N SER A 327 -13.66 23.45 -2.97
CA SER A 327 -13.01 22.81 -1.80
C SER A 327 -14.01 22.66 -0.65
N THR A 328 -15.26 22.29 -0.96
CA THR A 328 -16.31 22.20 0.08
C THR A 328 -16.00 21.07 1.08
N GLY A 329 -15.59 19.90 0.60
CA GLY A 329 -15.38 18.76 1.50
C GLY A 329 -14.08 18.01 1.27
N LYS A 330 -13.09 18.66 0.65
CA LYS A 330 -11.77 18.01 0.46
C LYS A 330 -11.28 17.50 1.82
N PRO A 331 -10.80 16.24 1.94
CA PRO A 331 -10.36 15.70 3.22
C PRO A 331 -8.84 15.85 3.40
N THR A 332 -8.28 15.37 4.51
CA THR A 332 -6.83 15.51 4.81
C THR A 332 -6.02 14.46 4.03
N LEU A 333 -4.83 14.82 3.55
CA LEU A 333 -4.03 13.93 2.72
C LEU A 333 -2.63 13.83 3.30
N TYR A 334 -2.16 12.61 3.52
CA TYR A 334 -0.85 12.38 4.09
C TYR A 334 0.16 11.98 3.01
N ASN A 335 1.40 12.41 3.18
CA ASN A 335 2.46 12.23 2.20
C ASN A 335 3.73 11.75 2.88
N VAL A 336 3.60 10.71 3.71
CA VAL A 336 4.76 10.18 4.44
C VAL A 336 5.79 9.65 3.45
N SER A 337 7.07 9.94 3.73
CA SER A 337 8.16 9.71 2.78
C SER A 337 9.36 9.07 3.48
N LEU A 338 9.12 7.99 4.22
CA LEU A 338 10.17 7.34 5.01
C LEU A 338 11.41 7.05 4.18
N VAL A 339 12.58 7.36 4.76
CA VAL A 339 13.87 7.13 4.12
C VAL A 339 14.61 6.17 5.04
N MET A 340 13.86 5.25 5.64
CA MET A 340 14.38 4.22 6.54
C MET A 340 15.70 3.64 6.03
N SER A 341 16.70 3.64 6.90
CA SER A 341 18.03 3.16 6.55
C SER A 341 18.71 2.48 7.74
N ILE B 117 49.63 -62.22 -11.01
CA ILE B 117 50.69 -61.99 -10.04
C ILE B 117 51.11 -60.52 -10.08
N ARG B 118 50.39 -59.69 -9.33
CA ARG B 118 50.69 -58.27 -9.24
C ARG B 118 50.66 -57.84 -7.78
N VAL B 119 51.51 -56.86 -7.46
CA VAL B 119 51.64 -56.35 -6.10
C VAL B 119 51.22 -54.89 -6.11
N PHE B 120 50.27 -54.54 -5.24
CA PHE B 120 49.78 -53.18 -5.12
C PHE B 120 50.49 -52.49 -3.96
N ALA B 121 51.04 -51.31 -4.21
CA ALA B 121 51.77 -50.55 -3.22
C ALA B 121 51.04 -49.25 -2.91
N ILE B 122 50.84 -48.98 -1.63
CA ILE B 122 50.13 -47.79 -1.16
C ILE B 122 51.16 -46.83 -0.58
N PRO B 123 51.43 -45.70 -1.24
CA PRO B 123 52.25 -44.66 -0.61
C PRO B 123 51.49 -43.99 0.52
N PRO B 124 52.17 -43.28 1.41
CA PRO B 124 51.45 -42.59 2.49
C PRO B 124 50.41 -41.64 1.94
N SER B 125 49.23 -41.65 2.56
CA SER B 125 48.07 -40.92 2.06
C SER B 125 47.77 -39.74 2.97
N PHE B 126 47.35 -38.63 2.37
CA PHE B 126 47.07 -37.42 3.13
C PHE B 126 45.96 -37.64 4.14
N ALA B 127 44.92 -38.38 3.75
CA ALA B 127 43.79 -38.61 4.65
C ALA B 127 44.23 -39.36 5.91
N SER B 128 44.97 -40.45 5.73
CA SER B 128 45.44 -41.21 6.88
C SER B 128 46.44 -40.41 7.71
N ILE B 129 47.33 -39.68 7.04
CA ILE B 129 48.33 -38.87 7.74
C ILE B 129 47.65 -37.83 8.63
N PHE B 130 46.62 -37.17 8.11
CA PHE B 130 45.92 -36.16 8.90
C PHE B 130 45.02 -36.76 9.96
N LEU B 131 44.41 -37.92 9.70
CA LEU B 131 43.47 -38.49 10.65
C LEU B 131 44.19 -39.20 11.78
N THR B 132 44.96 -40.24 11.46
CA THR B 132 45.64 -41.01 12.51
C THR B 132 46.88 -40.29 13.04
N LYS B 133 47.55 -39.51 12.18
CA LYS B 133 48.82 -38.86 12.53
C LYS B 133 49.85 -39.89 12.98
N SER B 134 49.81 -41.07 12.36
CA SER B 134 50.68 -42.20 12.63
C SER B 134 51.22 -42.77 11.32
N THR B 135 51.74 -41.88 10.47
CA THR B 135 52.07 -42.14 9.08
C THR B 135 52.62 -43.54 8.85
N LYS B 136 51.96 -44.29 7.97
CA LYS B 136 52.33 -45.66 7.66
C LYS B 136 52.34 -45.85 6.15
N LEU B 137 53.20 -46.75 5.69
CA LEU B 137 53.25 -47.16 4.29
C LEU B 137 53.16 -48.68 4.22
N THR B 138 52.39 -49.18 3.27
CA THR B 138 52.09 -50.60 3.20
C THR B 138 51.82 -51.00 1.75
N CYS B 139 52.47 -52.08 1.32
CA CYS B 139 52.20 -52.70 0.02
C CYS B 139 51.71 -54.12 0.25
N LEU B 140 50.61 -54.47 -0.41
CA LEU B 140 50.03 -55.80 -0.27
C LEU B 140 50.26 -56.62 -1.53
N VAL B 141 50.35 -57.93 -1.35
CA VAL B 141 50.64 -58.87 -2.43
C VAL B 141 49.37 -59.64 -2.76
N THR B 142 49.07 -59.79 -4.04
CA THR B 142 47.87 -60.46 -4.51
C THR B 142 48.23 -61.52 -5.53
N ASP B 143 47.24 -62.36 -5.85
CA ASP B 143 47.38 -63.42 -6.85
C ASP B 143 48.53 -64.37 -6.50
N LEU B 144 48.65 -64.71 -5.22
CA LEU B 144 49.65 -65.66 -4.75
C LEU B 144 48.95 -66.78 -3.99
N THR B 145 49.41 -68.01 -4.24
CA THR B 145 48.82 -69.17 -3.60
C THR B 145 49.08 -69.16 -2.10
N THR B 146 48.23 -69.88 -1.36
CA THR B 146 48.28 -69.91 0.10
C THR B 146 49.49 -70.74 0.52
N TYR B 147 50.65 -70.09 0.54
CA TYR B 147 51.91 -70.71 0.93
C TYR B 147 52.44 -70.03 2.19
N ASP B 148 53.62 -70.44 2.61
CA ASP B 148 54.30 -69.87 3.78
C ASP B 148 55.77 -69.69 3.43
N SER B 149 56.57 -69.39 4.46
CA SER B 149 58.00 -69.15 4.31
C SER B 149 58.27 -68.02 3.33
N VAL B 150 57.44 -66.98 3.37
CA VAL B 150 57.57 -65.80 2.53
C VAL B 150 57.77 -64.60 3.45
N THR B 151 58.85 -63.85 3.21
CA THR B 151 59.17 -62.67 4.01
C THR B 151 59.00 -61.41 3.16
N ILE B 152 58.56 -60.34 3.81
CA ILE B 152 58.34 -59.05 3.17
C ILE B 152 59.11 -57.99 3.94
N SER B 153 59.85 -57.15 3.22
CA SER B 153 60.63 -56.10 3.83
C SER B 153 60.54 -54.84 2.98
N TRP B 154 60.82 -53.71 3.60
CA TRP B 154 60.74 -52.40 2.96
C TRP B 154 62.14 -51.84 2.74
N THR B 155 62.25 -50.98 1.73
CA THR B 155 63.50 -50.28 1.44
C THR B 155 63.19 -48.81 1.18
N ARG B 156 64.12 -47.95 1.58
CA ARG B 156 63.99 -46.52 1.37
C ARG B 156 64.59 -46.15 0.02
N GLN B 157 64.76 -44.84 -0.24
CA GLN B 157 65.42 -44.41 -1.45
C GLN B 157 66.88 -44.89 -1.50
N ASN B 158 67.52 -45.00 -0.34
CA ASN B 158 68.84 -45.58 -0.22
C ASN B 158 68.80 -47.05 0.17
N GLY B 159 67.61 -47.64 0.30
CA GLY B 159 67.50 -49.04 0.66
C GLY B 159 67.99 -49.38 2.05
N GLU B 160 67.64 -48.56 3.04
CA GLU B 160 68.12 -48.77 4.40
C GLU B 160 67.21 -49.72 5.16
N ALA B 161 67.64 -50.09 6.36
CA ALA B 161 66.87 -50.99 7.21
C ALA B 161 65.56 -50.34 7.62
N VAL B 162 64.53 -51.17 7.79
CA VAL B 162 63.18 -50.72 8.12
C VAL B 162 62.69 -51.49 9.33
N LYS B 163 61.44 -51.22 9.72
CA LYS B 163 60.83 -51.84 10.88
C LYS B 163 60.09 -53.11 10.47
N THR B 164 59.97 -54.04 11.41
CA THR B 164 59.30 -55.30 11.16
C THR B 164 57.81 -55.09 10.92
N HIS B 165 57.27 -55.83 9.95
CA HIS B 165 55.85 -55.74 9.65
C HIS B 165 55.01 -56.48 10.70
N THR B 166 53.79 -56.01 10.89
CA THR B 166 52.85 -56.61 11.83
C THR B 166 51.46 -56.66 11.18
N ASN B 167 50.52 -57.28 11.89
CA ASN B 167 49.13 -57.38 11.45
C ASN B 167 49.02 -58.08 10.10
N ILE B 168 49.42 -59.35 10.07
CA ILE B 168 49.34 -60.14 8.85
C ILE B 168 47.87 -60.39 8.51
N SER B 169 47.50 -60.08 7.26
CA SER B 169 46.12 -60.22 6.84
C SER B 169 45.81 -61.65 6.44
N GLU B 170 44.52 -61.95 6.36
CA GLU B 170 44.04 -63.28 6.00
C GLU B 170 43.89 -63.38 4.48
N SER B 171 43.82 -64.62 3.99
CA SER B 171 43.76 -64.89 2.56
C SER B 171 42.49 -64.32 1.95
N HIS B 172 42.55 -64.09 0.63
CA HIS B 172 41.41 -63.59 -0.10
C HIS B 172 40.28 -64.62 -0.14
N PRO B 173 39.04 -64.19 -0.38
CA PRO B 173 37.93 -65.14 -0.43
C PRO B 173 38.07 -66.19 -1.53
N ASN B 174 38.84 -65.93 -2.58
CA ASN B 174 39.01 -66.88 -3.67
C ASN B 174 40.21 -67.80 -3.48
N ALA B 175 40.59 -68.06 -2.21
CA ALA B 175 41.63 -69.03 -1.87
C ALA B 175 42.99 -68.65 -2.47
N THR B 176 43.40 -67.41 -2.22
CA THR B 176 44.74 -66.96 -2.56
C THR B 176 45.31 -66.16 -1.41
N PHE B 177 46.63 -66.23 -1.23
CA PHE B 177 47.26 -65.64 -0.06
C PHE B 177 47.30 -64.12 -0.16
N SER B 178 47.49 -63.48 0.99
CA SER B 178 47.59 -62.03 1.08
C SER B 178 48.44 -61.67 2.29
N ALA B 179 49.23 -60.61 2.14
CA ALA B 179 50.07 -60.13 3.22
C ALA B 179 50.29 -58.64 3.05
N VAL B 180 50.64 -57.98 4.15
CA VAL B 180 50.86 -56.53 4.15
C VAL B 180 52.12 -56.22 4.96
N GLY B 181 52.93 -55.29 4.46
CA GLY B 181 54.11 -54.85 5.15
C GLY B 181 53.88 -53.57 5.92
N GLU B 182 54.74 -53.32 6.90
CA GLU B 182 54.60 -52.14 7.76
C GLU B 182 55.96 -51.51 7.98
N ALA B 183 55.99 -50.18 7.98
CA ALA B 183 57.21 -49.41 8.22
C ALA B 183 56.81 -47.97 8.53
N SER B 184 57.80 -47.16 8.88
CA SER B 184 57.57 -45.77 9.27
C SER B 184 58.53 -44.86 8.50
N ILE B 185 58.01 -43.71 8.08
CA ILE B 185 58.78 -42.70 7.36
C ILE B 185 58.49 -41.34 7.99
N CYS B 186 59.07 -40.29 7.39
CA CYS B 186 58.86 -38.93 7.85
C CYS B 186 58.57 -38.03 6.66
N GLU B 187 57.85 -36.93 6.93
CA GLU B 187 57.49 -36.01 5.87
C GLU B 187 58.73 -35.34 5.27
N ASP B 188 59.72 -35.05 6.11
CA ASP B 188 60.90 -34.31 5.66
C ASP B 188 61.67 -35.03 4.56
N ASP B 189 61.59 -36.36 4.50
CA ASP B 189 62.21 -37.09 3.41
C ASP B 189 61.22 -37.62 2.40
N TRP B 190 59.95 -37.79 2.78
CA TRP B 190 58.94 -38.17 1.78
C TRP B 190 58.69 -37.05 0.78
N ASN B 191 58.66 -35.80 1.24
CA ASN B 191 58.34 -34.69 0.36
C ASN B 191 59.44 -34.38 -0.65
N SER B 192 60.63 -34.96 -0.49
CA SER B 192 61.72 -34.70 -1.41
C SER B 192 61.53 -35.33 -2.78
N GLY B 193 60.51 -36.17 -2.94
CA GLY B 193 60.28 -36.86 -4.20
C GLY B 193 61.07 -38.13 -4.38
N GLU B 194 61.77 -38.59 -3.35
CA GLU B 194 62.56 -39.80 -3.45
C GLU B 194 61.66 -41.04 -3.49
N ARG B 195 62.19 -42.12 -4.04
CA ARG B 195 61.42 -43.34 -4.25
C ARG B 195 61.42 -44.20 -2.99
N PHE B 196 60.46 -45.14 -2.95
CA PHE B 196 60.32 -46.10 -1.87
C PHE B 196 59.90 -47.44 -2.47
N THR B 197 60.56 -48.52 -2.05
CA THR B 197 60.30 -49.84 -2.61
C THR B 197 60.23 -50.86 -1.48
N CYS B 198 59.28 -51.79 -1.59
CA CYS B 198 59.14 -52.90 -0.66
C CYS B 198 59.59 -54.19 -1.34
N THR B 199 60.41 -54.97 -0.65
CA THR B 199 60.98 -56.19 -1.21
C THR B 199 60.11 -57.38 -0.80
N VAL B 200 59.56 -58.09 -1.79
CA VAL B 200 58.75 -59.28 -1.57
C VAL B 200 59.44 -60.44 -2.27
N THR B 201 59.74 -61.50 -1.52
CA THR B 201 60.42 -62.67 -2.05
C THR B 201 59.44 -63.85 -2.00
N HIS B 202 58.64 -63.99 -3.05
CA HIS B 202 57.72 -65.11 -3.16
C HIS B 202 58.49 -66.40 -3.48
N THR B 203 58.06 -67.50 -2.87
CA THR B 203 58.73 -68.78 -3.09
C THR B 203 58.60 -69.23 -4.54
N ASP B 204 57.42 -69.06 -5.14
CA ASP B 204 57.20 -69.53 -6.50
C ASP B 204 58.05 -68.75 -7.50
N LEU B 205 58.17 -67.44 -7.33
CA LEU B 205 58.88 -66.60 -8.30
C LEU B 205 60.34 -66.47 -7.88
N PRO B 206 61.28 -66.95 -8.70
CA PRO B 206 62.70 -66.77 -8.36
C PRO B 206 63.11 -65.31 -8.29
N SER B 207 62.51 -64.45 -9.12
CA SER B 207 62.84 -63.02 -9.12
C SER B 207 61.92 -62.29 -8.15
N PRO B 208 62.46 -61.61 -7.13
CA PRO B 208 61.59 -60.91 -6.18
C PRO B 208 60.82 -59.79 -6.85
N LEU B 209 59.61 -59.53 -6.34
CA LEU B 209 58.76 -58.48 -6.85
C LEU B 209 59.01 -57.18 -6.09
N LYS B 210 59.31 -56.12 -6.83
CA LYS B 210 59.60 -54.82 -6.25
C LYS B 210 58.69 -53.78 -6.88
N GLN B 211 58.06 -52.96 -6.04
CA GLN B 211 57.15 -51.90 -6.48
C GLN B 211 57.65 -50.57 -5.96
N THR B 212 57.74 -49.56 -6.83
CA THR B 212 58.30 -48.25 -6.40
C THR B 212 57.19 -47.21 -6.22
N ILE B 213 57.22 -46.48 -5.11
CA ILE B 213 56.22 -45.38 -4.86
C ILE B 213 57.00 -44.10 -4.53
N SER B 214 56.47 -42.94 -4.94
CA SER B 214 57.20 -41.66 -4.73
C SER B 214 56.19 -40.52 -4.50
N ARG B 215 56.69 -39.36 -4.07
CA ARG B 215 55.80 -38.18 -3.81
C ARG B 215 55.85 -37.24 -5.00
N PRO B 216 54.73 -37.02 -5.73
CA PRO B 216 54.70 -36.06 -6.84
C PRO B 216 54.65 -34.61 -6.32
N LYS B 217 55.10 -33.65 -7.14
CA LYS B 217 55.12 -32.22 -6.72
C LYS B 217 55.22 -31.32 -7.96
N GLY B 218 55.04 -30.01 -7.78
CA GLY B 218 55.14 -29.05 -8.91
C GLY B 218 53.78 -28.54 -9.35
N VAL B 219 52.70 -29.06 -8.74
CA VAL B 219 51.32 -28.61 -9.08
C VAL B 219 51.08 -27.24 -8.45
N ALA B 220 50.13 -26.46 -8.99
CA ALA B 220 49.79 -25.14 -8.39
C ALA B 220 49.34 -25.35 -6.95
N LEU B 221 49.36 -24.30 -6.12
CA LEU B 221 49.05 -24.52 -4.69
C LEU B 221 48.14 -23.39 -4.18
N HIS B 222 47.04 -23.10 -4.88
CA HIS B 222 46.12 -22.09 -4.37
C HIS B 222 45.36 -22.67 -3.19
N ARG B 223 44.86 -21.77 -2.35
CA ARG B 223 44.11 -22.15 -1.16
C ARG B 223 42.68 -22.53 -1.53
N PRO B 224 42.14 -23.60 -0.95
CA PRO B 224 40.72 -23.91 -1.15
C PRO B 224 39.83 -22.84 -0.54
N ASP B 225 38.67 -22.66 -1.17
CA ASP B 225 37.65 -21.73 -0.68
C ASP B 225 36.46 -22.54 -0.20
N VAL B 226 36.01 -22.27 1.02
CA VAL B 226 34.98 -23.06 1.68
C VAL B 226 33.74 -22.19 1.86
N TYR B 227 32.59 -22.71 1.43
CA TYR B 227 31.31 -22.06 1.64
C TYR B 227 30.31 -23.09 2.15
N LEU B 228 29.47 -22.68 3.09
CA LEU B 228 28.38 -23.51 3.58
C LEU B 228 27.05 -22.93 3.12
N LEU B 229 26.11 -23.82 2.82
CA LEU B 229 24.80 -23.42 2.33
C LEU B 229 23.72 -23.97 3.24
N PRO B 230 22.87 -23.13 3.83
CA PRO B 230 21.81 -23.62 4.71
C PRO B 230 20.75 -24.37 3.91
N PRO B 231 20.01 -25.28 4.56
CA PRO B 231 19.00 -26.06 3.83
C PRO B 231 17.90 -25.17 3.27
N ALA B 232 17.35 -25.59 2.14
CA ALA B 232 16.25 -24.87 1.51
C ALA B 232 14.96 -25.06 2.30
N ARG B 233 14.13 -24.00 2.32
CA ARG B 233 12.93 -24.02 3.15
C ARG B 233 11.89 -24.99 2.63
N GLU B 234 11.81 -25.21 1.32
CA GLU B 234 10.88 -26.21 0.81
C GLU B 234 11.24 -27.61 1.27
N GLN B 235 12.50 -27.84 1.66
CA GLN B 235 12.84 -29.05 2.39
C GLN B 235 12.43 -28.96 3.85
N LEU B 236 12.43 -27.75 4.42
CA LEU B 236 12.07 -27.54 5.81
C LEU B 236 10.57 -27.30 5.97
N ASN B 237 9.78 -28.17 5.37
CA ASN B 237 8.32 -28.12 5.48
C ASN B 237 7.71 -29.46 5.83
N LEU B 238 8.27 -30.56 5.30
CA LEU B 238 7.78 -31.90 5.62
C LEU B 238 8.28 -32.39 6.98
N ARG B 239 9.27 -31.71 7.58
CA ARG B 239 9.62 -31.88 8.98
C ARG B 239 10.13 -33.29 9.28
N GLU B 240 11.08 -33.76 8.48
CA GLU B 240 11.77 -35.01 8.75
C GLU B 240 13.27 -34.84 8.91
N SER B 241 13.92 -34.16 7.97
CA SER B 241 15.36 -33.99 8.01
C SER B 241 15.76 -32.84 7.08
N ALA B 242 16.99 -32.37 7.27
CA ALA B 242 17.55 -31.32 6.44
C ALA B 242 18.99 -31.67 6.08
N THR B 243 19.46 -31.12 4.96
CA THR B 243 20.80 -31.38 4.46
C THR B 243 21.59 -30.09 4.36
N ILE B 244 22.83 -30.14 4.80
CA ILE B 244 23.73 -28.98 4.80
C ILE B 244 24.92 -29.33 3.93
N THR B 245 25.27 -28.44 3.00
CA THR B 245 26.37 -28.67 2.08
C THR B 245 27.56 -27.80 2.44
N CYS B 246 28.76 -28.31 2.16
CA CYS B 246 30.01 -27.60 2.42
C CYS B 246 30.83 -27.68 1.15
N LEU B 247 30.77 -26.63 0.33
CA LEU B 247 31.34 -26.65 -1.02
C LEU B 247 32.79 -26.16 -0.96
N VAL B 248 33.73 -27.04 -1.33
CA VAL B 248 35.14 -26.72 -1.38
C VAL B 248 35.54 -26.63 -2.84
N THR B 249 36.02 -25.46 -3.27
CA THR B 249 36.26 -25.20 -4.68
C THR B 249 37.61 -24.55 -4.90
N GLY B 250 38.14 -24.73 -6.10
CA GLY B 250 39.35 -24.05 -6.53
C GLY B 250 40.61 -24.43 -5.80
N PHE B 251 40.84 -25.72 -5.58
CA PHE B 251 42.02 -26.17 -4.85
C PHE B 251 42.77 -27.21 -5.65
N SER B 252 44.10 -27.10 -5.63
CA SER B 252 45.00 -28.09 -6.19
C SER B 252 46.15 -28.30 -5.22
N PRO B 253 46.65 -29.54 -5.07
CA PRO B 253 46.19 -30.76 -5.72
C PRO B 253 45.01 -31.42 -5.01
N ALA B 254 44.83 -32.71 -5.26
CA ALA B 254 43.80 -33.51 -4.61
C ALA B 254 44.24 -33.90 -3.20
N ASP B 255 43.58 -34.89 -2.62
CA ASP B 255 43.85 -35.36 -1.26
C ASP B 255 43.58 -34.26 -0.23
N VAL B 256 42.30 -33.89 -0.14
CA VAL B 256 41.81 -32.99 0.88
C VAL B 256 40.90 -33.78 1.82
N PHE B 257 40.77 -33.31 3.05
CA PHE B 257 40.04 -34.01 4.09
C PHE B 257 38.95 -33.11 4.68
N VAL B 258 37.77 -33.68 4.90
CA VAL B 258 36.63 -32.94 5.43
C VAL B 258 35.96 -33.80 6.50
N GLN B 259 35.64 -33.17 7.64
CA GLN B 259 34.88 -33.82 8.70
C GLN B 259 34.05 -32.76 9.41
N TRP B 260 33.00 -33.21 10.08
CA TRP B 260 32.01 -32.32 10.67
C TRP B 260 31.99 -32.50 12.18
N MET B 261 31.97 -31.38 12.91
CA MET B 261 31.98 -31.38 14.37
C MET B 261 30.75 -30.66 14.90
N GLN B 262 30.21 -31.19 15.99
CA GLN B 262 29.09 -30.57 16.70
C GLN B 262 29.54 -30.29 18.13
N ARG B 263 29.84 -29.02 18.42
CA ARG B 263 30.25 -28.58 19.75
C ARG B 263 31.47 -29.35 20.25
N GLY B 264 32.46 -29.53 19.38
CA GLY B 264 33.72 -30.15 19.73
C GLY B 264 33.81 -31.62 19.43
N GLN B 265 32.76 -32.39 19.70
CA GLN B 265 32.78 -33.83 19.45
C GLN B 265 32.53 -34.09 17.98
N PRO B 266 33.46 -34.73 17.26
CA PRO B 266 33.24 -35.01 15.84
C PRO B 266 32.06 -35.95 15.64
N LEU B 267 31.36 -35.76 14.53
CA LEU B 267 30.22 -36.59 14.20
C LEU B 267 30.67 -37.99 13.79
N SER B 268 29.79 -38.97 14.00
CA SER B 268 30.09 -40.33 13.59
C SER B 268 30.19 -40.39 12.07
N PRO B 269 31.23 -41.03 11.52
CA PRO B 269 31.41 -41.02 10.06
C PRO B 269 30.28 -41.68 9.29
N GLU B 270 29.45 -42.48 9.95
CA GLU B 270 28.32 -43.11 9.26
C GLU B 270 27.22 -42.12 8.89
N LYS B 271 27.30 -40.88 9.37
CA LYS B 271 26.22 -39.92 9.17
C LYS B 271 26.43 -39.11 7.88
N TYR B 272 27.56 -38.43 7.77
CA TYR B 272 27.81 -37.59 6.59
C TYR B 272 28.52 -38.38 5.51
N VAL B 273 28.59 -37.78 4.31
CA VAL B 273 29.22 -38.39 3.15
C VAL B 273 29.95 -37.30 2.38
N THR B 274 31.03 -37.68 1.71
CA THR B 274 31.87 -36.74 0.98
C THR B 274 32.03 -37.19 -0.45
N SER B 275 32.26 -36.21 -1.34
CA SER B 275 32.46 -36.47 -2.75
C SER B 275 33.93 -36.78 -3.00
N ALA B 276 34.34 -36.77 -4.27
CA ALA B 276 35.71 -36.99 -4.67
C ALA B 276 36.15 -35.85 -5.59
N PRO B 277 37.44 -35.51 -5.57
CA PRO B 277 37.91 -34.37 -6.39
C PRO B 277 37.61 -34.57 -7.86
N MET B 278 37.22 -33.48 -8.51
CA MET B 278 36.91 -33.47 -9.94
C MET B 278 37.32 -32.12 -10.51
N PRO B 279 37.65 -32.05 -11.80
CA PRO B 279 38.20 -30.81 -12.35
C PRO B 279 37.17 -29.69 -12.40
N GLU B 280 37.70 -28.48 -12.61
CA GLU B 280 36.91 -27.26 -12.76
C GLU B 280 36.83 -26.88 -14.23
N PRO B 281 35.62 -26.68 -14.77
CA PRO B 281 35.52 -26.31 -16.19
C PRO B 281 36.17 -24.97 -16.51
N GLN B 282 36.18 -24.03 -15.56
CA GLN B 282 36.70 -22.68 -15.80
C GLN B 282 38.02 -22.45 -15.08
N ALA B 283 38.83 -23.50 -14.93
CA ALA B 283 40.14 -23.39 -14.30
C ALA B 283 41.02 -24.55 -14.74
N PRO B 284 42.23 -24.27 -15.26
CA PRO B 284 43.08 -25.36 -15.75
C PRO B 284 43.68 -26.20 -14.63
N GLY B 285 43.15 -27.41 -14.46
CA GLY B 285 43.74 -28.34 -13.51
C GLY B 285 43.42 -28.10 -12.05
N ARG B 286 42.46 -27.22 -11.76
CA ARG B 286 42.08 -26.95 -10.38
C ARG B 286 40.84 -27.77 -10.04
N TYR B 287 40.89 -28.46 -8.91
CA TYR B 287 39.88 -29.47 -8.58
C TYR B 287 38.70 -28.83 -7.86
N PHE B 288 37.83 -29.66 -7.30
CA PHE B 288 36.54 -29.25 -6.74
C PHE B 288 35.94 -30.43 -6.01
N ALA B 289 35.19 -30.15 -4.94
CA ALA B 289 34.65 -31.24 -4.13
C ALA B 289 33.40 -30.76 -3.38
N HIS B 290 32.60 -31.73 -2.94
CA HIS B 290 31.38 -31.50 -2.17
C HIS B 290 31.45 -32.24 -0.84
N SER B 291 30.48 -31.93 0.01
CA SER B 291 30.27 -32.65 1.26
C SER B 291 28.91 -32.26 1.84
N ILE B 292 28.09 -33.23 2.20
CA ILE B 292 26.76 -32.97 2.74
C ILE B 292 26.63 -33.66 4.09
N LEU B 293 25.53 -33.35 4.77
CA LEU B 293 25.26 -33.88 6.10
C LEU B 293 23.78 -33.71 6.40
N THR B 294 23.17 -34.70 7.04
CA THR B 294 21.75 -34.71 7.34
C THR B 294 21.54 -34.67 8.85
N VAL B 295 20.73 -33.72 9.30
CA VAL B 295 20.30 -33.63 10.69
C VAL B 295 18.79 -33.47 10.73
N SER B 296 18.16 -33.97 11.79
CA SER B 296 16.69 -33.84 11.93
C SER B 296 16.33 -32.35 12.01
N GLU B 297 15.26 -31.95 11.32
CA GLU B 297 14.83 -30.52 11.34
C GLU B 297 14.49 -30.11 12.78
N GLU B 298 13.98 -31.04 13.58
CA GLU B 298 13.66 -30.74 15.00
C GLU B 298 14.93 -30.22 15.69
N GLU B 299 16.05 -30.93 15.54
CA GLU B 299 17.34 -30.46 16.12
C GLU B 299 17.73 -29.14 15.44
N TRP B 300 17.56 -29.07 14.12
CA TRP B 300 17.94 -27.87 13.37
C TRP B 300 17.17 -26.65 13.86
N ASN B 301 15.88 -26.80 14.14
CA ASN B 301 15.06 -25.65 14.53
C ASN B 301 15.24 -25.27 15.99
N THR B 302 16.26 -25.81 16.67
CA THR B 302 16.58 -25.41 18.04
C THR B 302 17.92 -24.69 18.12
N GLY B 303 19.00 -25.31 17.63
CA GLY B 303 20.28 -24.63 17.58
C GLY B 303 21.49 -25.53 17.63
N GLU B 304 22.47 -25.24 16.76
CA GLU B 304 23.77 -25.92 16.75
C GLU B 304 24.67 -25.21 15.73
N THR B 305 25.98 -25.31 15.89
CA THR B 305 26.86 -24.56 14.99
C THR B 305 27.26 -25.36 13.75
N TYR B 306 27.44 -26.67 13.86
CA TYR B 306 27.64 -27.56 12.71
C TYR B 306 28.83 -27.11 11.86
N THR B 307 30.01 -27.16 12.48
CA THR B 307 31.22 -26.68 11.83
C THR B 307 31.69 -27.66 10.75
N CYS B 308 32.15 -27.12 9.63
CA CYS B 308 32.76 -27.90 8.55
C CYS B 308 34.22 -27.49 8.45
N VAL B 309 35.13 -28.45 8.58
CA VAL B 309 36.56 -28.20 8.63
C VAL B 309 37.24 -28.93 7.47
N VAL B 310 38.13 -28.24 6.78
CA VAL B 310 38.84 -28.79 5.62
C VAL B 310 40.33 -28.78 5.92
N ALA B 311 41.01 -29.87 5.59
CA ALA B 311 42.44 -30.03 5.83
C ALA B 311 43.14 -30.20 4.49
N HIS B 312 43.86 -29.16 4.06
CA HIS B 312 44.60 -29.19 2.80
C HIS B 312 46.02 -28.70 3.04
N GLU B 313 46.94 -29.18 2.21
CA GLU B 313 48.35 -28.83 2.41
C GLU B 313 48.63 -27.37 2.10
N ALA B 314 47.89 -26.76 1.18
CA ALA B 314 48.19 -25.40 0.74
C ALA B 314 47.79 -24.34 1.75
N LEU B 315 46.93 -24.67 2.71
CA LEU B 315 46.49 -23.69 3.69
C LEU B 315 47.65 -23.33 4.62
N PRO B 316 47.76 -22.07 5.04
CA PRO B 316 48.91 -21.67 5.88
C PRO B 316 49.01 -22.45 7.19
N ASN B 317 47.88 -22.74 7.83
CA ASN B 317 47.86 -23.56 9.03
C ASN B 317 47.41 -24.97 8.70
N ARG B 318 47.18 -25.26 7.42
CA ARG B 318 46.74 -26.55 6.87
C ARG B 318 45.31 -26.88 7.29
N VAL B 319 44.69 -26.04 8.12
CA VAL B 319 43.35 -26.28 8.62
C VAL B 319 42.58 -24.97 8.64
N THR B 320 41.40 -24.97 8.02
CA THR B 320 40.44 -23.88 8.15
C THR B 320 39.07 -24.47 8.36
N GLU B 321 38.18 -23.67 8.94
CA GLU B 321 36.83 -24.13 9.20
C GLU B 321 35.87 -22.95 9.12
N ARG B 322 34.62 -23.25 8.73
CA ARG B 322 33.57 -22.20 8.65
C ARG B 322 32.28 -22.83 9.18
N THR B 323 31.54 -22.14 10.04
CA THR B 323 30.34 -22.74 10.66
C THR B 323 29.11 -21.90 10.36
N VAL B 324 27.92 -22.52 10.33
CA VAL B 324 26.66 -21.78 10.02
C VAL B 324 25.54 -22.29 10.93
N ASP B 325 24.59 -21.41 11.29
CA ASP B 325 23.44 -21.83 12.13
C ASP B 325 22.16 -21.29 11.50
N LYS B 326 21.01 -21.51 12.15
CA LYS B 326 19.74 -21.07 11.60
C LYS B 326 19.59 -19.55 11.65
N SER B 327 20.21 -18.91 12.63
CA SER B 327 20.17 -17.45 12.77
C SER B 327 21.43 -16.81 12.20
N THR B 328 21.62 -16.93 10.89
CA THR B 328 22.72 -16.28 10.20
C THR B 328 22.27 -15.31 9.12
N GLY B 329 20.97 -15.01 9.06
CA GLY B 329 20.47 -14.02 8.13
C GLY B 329 19.65 -12.97 8.84
N LYS B 330 18.39 -12.79 8.42
CA LYS B 330 17.44 -11.91 9.08
C LYS B 330 18.00 -10.49 9.16
N PRO B 331 18.13 -9.79 8.03
CA PRO B 331 18.84 -8.49 8.03
C PRO B 331 17.99 -7.33 8.55
N THR B 332 17.72 -7.37 9.86
CA THR B 332 17.11 -6.25 10.59
C THR B 332 15.75 -5.87 9.99
N LEU B 333 14.76 -6.74 10.18
CA LEU B 333 13.39 -6.41 9.71
C LEU B 333 12.92 -5.13 10.43
N TYR B 334 11.99 -4.39 9.83
CA TYR B 334 11.50 -3.12 10.43
C TYR B 334 9.97 -3.09 10.39
N ASN B 335 9.33 -2.58 11.45
CA ASN B 335 7.85 -2.47 11.49
C ASN B 335 7.48 -0.99 11.70
N VAL B 336 6.79 -0.39 10.72
CA VAL B 336 6.42 1.04 10.81
C VAL B 336 4.89 1.16 10.90
N SER B 337 4.40 1.98 11.84
CA SER B 337 2.93 2.14 12.02
C SER B 337 2.57 3.63 11.92
N LEU B 338 1.82 4.01 10.89
CA LEU B 338 1.41 5.43 10.70
C LEU B 338 0.12 5.68 11.49
N VAL B 339 0.21 5.72 12.83
CA VAL B 339 -1.00 5.94 13.68
C VAL B 339 -1.59 7.32 13.35
N MET B 340 -2.91 7.38 13.17
CA MET B 340 -3.59 8.67 12.86
C MET B 340 -5.07 8.55 13.23
N SER B 341 -5.60 9.55 13.93
CA SER B 341 -7.05 9.53 14.32
C SER B 341 -7.39 8.18 14.94
N ASP B 342 -6.54 7.68 15.85
CA ASP B 342 -6.76 6.36 16.48
C ASP B 342 -6.01 6.32 17.82
N ARG C 118 78.33 -22.88 31.42
CA ARG C 118 77.34 -23.80 30.89
C ARG C 118 76.81 -23.28 29.57
N VAL C 119 76.53 -24.19 28.65
CA VAL C 119 76.00 -23.85 27.33
C VAL C 119 74.50 -24.02 27.34
N PHE C 120 73.77 -22.93 27.05
CA PHE C 120 72.32 -22.99 27.03
C PHE C 120 71.82 -23.77 25.82
N ALA C 121 70.73 -24.50 26.03
CA ALA C 121 70.08 -25.25 24.96
C ALA C 121 68.58 -25.11 25.15
N ILE C 122 67.92 -24.44 24.21
CA ILE C 122 66.49 -24.18 24.30
C ILE C 122 65.72 -25.38 23.77
N PRO C 123 64.92 -26.06 24.59
CA PRO C 123 64.12 -27.16 24.07
C PRO C 123 63.06 -26.64 23.10
N PRO C 124 62.66 -27.45 22.12
CA PRO C 124 61.65 -26.99 21.15
C PRO C 124 60.30 -26.76 21.80
N SER C 125 59.88 -25.50 21.85
CA SER C 125 58.58 -25.15 22.40
C SER C 125 57.48 -25.37 21.37
N PHE C 126 56.24 -25.44 21.85
CA PHE C 126 55.11 -25.60 20.96
C PHE C 126 54.98 -24.40 20.02
N ALA C 127 55.34 -23.21 20.49
CA ALA C 127 55.29 -22.03 19.63
C ALA C 127 56.31 -22.10 18.50
N SER C 128 57.36 -22.89 18.64
CA SER C 128 58.38 -23.04 17.61
C SER C 128 58.09 -24.21 16.66
N ILE C 129 57.56 -25.32 17.18
CA ILE C 129 57.23 -26.46 16.32
C ILE C 129 55.93 -26.29 15.56
N PHE C 130 55.18 -25.22 15.83
CA PHE C 130 53.91 -24.98 15.15
C PHE C 130 53.93 -23.76 14.24
N LEU C 131 54.82 -22.80 14.48
CA LEU C 131 54.83 -21.57 13.69
C LEU C 131 55.23 -21.86 12.25
N THR C 132 56.44 -22.39 12.04
CA THR C 132 56.96 -22.65 10.71
C THR C 132 56.87 -24.12 10.31
N LYS C 133 56.34 -24.99 11.17
CA LYS C 133 56.30 -26.43 10.93
C LYS C 133 57.69 -26.97 10.60
N SER C 134 58.72 -26.37 11.19
CA SER C 134 60.12 -26.64 10.91
C SER C 134 60.89 -26.87 12.19
N THR C 135 60.37 -27.77 13.04
CA THR C 135 60.97 -28.00 14.35
C THR C 135 62.46 -28.32 14.24
N LYS C 136 63.25 -27.65 15.07
CA LYS C 136 64.70 -27.76 15.02
C LYS C 136 65.24 -27.59 16.44
N LEU C 137 66.47 -28.05 16.64
CA LEU C 137 67.14 -27.97 17.93
C LEU C 137 68.20 -26.88 17.89
N THR C 138 68.18 -26.00 18.88
CA THR C 138 69.12 -24.87 18.95
C THR C 138 69.74 -24.82 20.34
N CYS C 139 71.07 -24.77 20.38
CA CYS C 139 71.82 -24.62 21.63
C CYS C 139 72.75 -23.43 21.49
N LEU C 140 72.67 -22.50 22.44
CA LEU C 140 73.44 -21.27 22.40
C LEU C 140 74.46 -21.25 23.54
N VAL C 141 75.71 -21.00 23.20
CA VAL C 141 76.78 -20.90 24.20
C VAL C 141 76.68 -19.55 24.89
N THR C 142 76.63 -19.57 26.22
CA THR C 142 76.53 -18.35 27.01
C THR C 142 77.41 -18.47 28.24
N ASP C 143 77.77 -17.31 28.80
CA ASP C 143 78.57 -17.23 30.02
C ASP C 143 79.91 -17.96 29.89
N LEU C 144 80.53 -17.81 28.73
CA LEU C 144 81.82 -18.42 28.44
C LEU C 144 82.76 -17.37 27.86
N THR C 145 83.94 -17.82 27.44
CA THR C 145 84.96 -16.94 26.85
C THR C 145 85.11 -17.25 25.37
N THR C 146 85.38 -16.22 24.59
CA THR C 146 85.45 -16.35 23.13
C THR C 146 86.75 -17.02 22.73
N TYR C 147 86.65 -18.22 22.14
CA TYR C 147 87.81 -18.93 21.65
C TYR C 147 87.42 -19.75 20.44
N ASP C 148 88.41 -20.07 19.62
CA ASP C 148 88.21 -20.84 18.40
C ASP C 148 88.39 -22.32 18.73
N SER C 149 88.42 -23.18 17.70
CA SER C 149 88.58 -24.62 17.85
C SER C 149 87.48 -25.21 18.75
N VAL C 150 86.24 -24.81 18.46
CA VAL C 150 85.07 -25.27 19.21
C VAL C 150 84.25 -26.19 18.32
N THR C 151 83.83 -27.32 18.89
CA THR C 151 83.02 -28.31 18.18
C THR C 151 81.64 -28.33 18.81
N ILE C 152 80.63 -27.91 18.04
CA ILE C 152 79.25 -27.88 18.47
C ILE C 152 78.43 -28.76 17.54
N SER C 153 77.66 -29.67 18.12
CA SER C 153 76.83 -30.60 17.35
C SER C 153 75.75 -31.14 18.29
N TRP C 154 75.03 -32.16 17.82
CA TRP C 154 73.99 -32.81 18.60
C TRP C 154 74.23 -34.32 18.57
N THR C 155 74.12 -34.96 19.73
CA THR C 155 74.38 -36.39 19.86
C THR C 155 73.08 -37.14 20.04
N ARG C 156 73.14 -38.44 19.72
CA ARG C 156 71.97 -39.32 19.78
C ARG C 156 72.24 -40.44 20.77
N GLN C 157 71.23 -40.77 21.57
CA GLN C 157 71.34 -41.91 22.47
C GLN C 157 71.50 -43.21 21.68
N ASN C 158 70.76 -43.35 20.58
CA ASN C 158 70.93 -44.51 19.72
C ASN C 158 72.27 -44.51 19.01
N GLY C 159 72.85 -43.33 18.80
CA GLY C 159 74.12 -43.21 18.12
C GLY C 159 74.04 -42.92 16.64
N GLU C 160 72.86 -42.60 16.12
CA GLU C 160 72.71 -42.31 14.70
C GLU C 160 73.37 -40.98 14.35
N ALA C 161 73.76 -40.86 13.08
CA ALA C 161 74.43 -39.66 12.62
C ALA C 161 73.49 -38.46 12.67
N VAL C 162 73.99 -37.33 13.18
CA VAL C 162 73.23 -36.10 13.29
C VAL C 162 73.98 -35.02 12.52
N LYS C 163 73.27 -34.31 11.66
CA LYS C 163 73.87 -33.24 10.88
C LYS C 163 74.34 -32.10 11.78
N THR C 164 75.56 -31.63 11.55
CA THR C 164 76.12 -30.53 12.34
C THR C 164 75.47 -29.22 11.92
N HIS C 165 75.03 -28.45 12.90
CA HIS C 165 74.36 -27.18 12.61
C HIS C 165 75.37 -26.12 12.18
N THR C 166 75.06 -25.45 11.08
CA THR C 166 75.90 -24.40 10.51
C THR C 166 75.45 -23.03 11.05
N ASN C 167 75.91 -21.97 10.40
CA ASN C 167 75.55 -20.59 10.75
C ASN C 167 75.99 -20.24 12.16
N ILE C 168 77.31 -20.24 12.36
CA ILE C 168 77.90 -19.89 13.65
C ILE C 168 77.53 -18.44 14.00
N SER C 169 77.26 -18.22 15.29
CA SER C 169 76.90 -16.89 15.77
C SER C 169 78.13 -15.97 15.73
N GLU C 170 77.91 -14.71 16.13
CA GLU C 170 78.97 -13.72 16.15
C GLU C 170 79.64 -13.73 17.53
N SER C 171 80.54 -12.77 17.76
CA SER C 171 81.27 -12.66 19.01
C SER C 171 80.72 -11.49 19.82
N HIS C 172 80.44 -11.75 21.09
CA HIS C 172 79.96 -10.70 21.98
C HIS C 172 81.07 -9.68 22.23
N PRO C 173 80.80 -8.38 22.06
CA PRO C 173 81.83 -7.38 22.34
C PRO C 173 82.26 -7.35 23.81
N ASN C 174 81.48 -7.93 24.72
CA ASN C 174 81.82 -7.96 26.13
C ASN C 174 82.59 -9.21 26.54
N ALA C 175 83.36 -9.78 25.61
CA ALA C 175 84.21 -10.95 25.86
C ALA C 175 83.39 -12.15 26.33
N THR C 176 82.42 -12.53 25.48
CA THR C 176 81.60 -13.70 25.73
C THR C 176 81.45 -14.48 24.44
N PHE C 177 81.46 -15.80 24.54
CA PHE C 177 81.34 -16.67 23.37
C PHE C 177 79.88 -17.01 23.12
N SER C 178 79.48 -16.97 21.85
CA SER C 178 78.12 -17.32 21.44
C SER C 178 78.19 -18.17 20.19
N ALA C 179 77.57 -19.35 20.24
CA ALA C 179 77.50 -20.25 19.09
C ALA C 179 76.07 -20.75 18.96
N VAL C 180 75.48 -20.57 17.78
CA VAL C 180 74.09 -20.92 17.55
C VAL C 180 74.00 -21.75 16.28
N GLY C 181 72.96 -22.57 16.20
CA GLY C 181 72.73 -23.39 15.02
C GLY C 181 71.41 -24.12 15.14
N GLU C 182 70.97 -24.67 14.01
CA GLU C 182 69.72 -25.42 13.94
C GLU C 182 69.93 -26.69 13.14
N ALA C 183 69.29 -27.77 13.57
CA ALA C 183 69.35 -29.06 12.90
C ALA C 183 67.93 -29.54 12.63
N SER C 184 67.68 -29.96 11.40
CA SER C 184 66.34 -30.39 11.00
C SER C 184 66.09 -31.82 11.46
N ILE C 185 64.97 -32.03 12.15
CA ILE C 185 64.55 -33.33 12.65
C ILE C 185 63.11 -33.57 12.23
N CYS C 186 62.65 -34.80 12.47
CA CYS C 186 61.25 -35.16 12.29
C CYS C 186 60.54 -35.07 13.63
N GLU C 187 59.41 -34.37 13.65
CA GLU C 187 58.74 -34.07 14.91
C GLU C 187 58.21 -35.31 15.62
N ASP C 188 58.06 -36.43 14.91
CA ASP C 188 57.62 -37.66 15.56
C ASP C 188 58.64 -38.16 16.57
N ASP C 189 59.93 -38.03 16.26
CA ASP C 189 60.97 -38.44 17.20
C ASP C 189 60.91 -37.63 18.48
N TRP C 190 60.73 -36.31 18.36
CA TRP C 190 60.58 -35.47 19.54
C TRP C 190 59.31 -35.83 20.31
N ASN C 191 58.21 -36.06 19.59
CA ASN C 191 56.95 -36.40 20.25
C ASN C 191 57.01 -37.76 20.93
N SER C 192 57.85 -38.67 20.42
CA SER C 192 57.97 -39.98 21.03
C SER C 192 58.54 -39.89 22.44
N GLY C 193 59.40 -38.91 22.67
CA GLY C 193 60.02 -38.71 23.97
C GLY C 193 61.51 -38.96 24.03
N GLU C 194 62.16 -39.27 22.91
CA GLU C 194 63.60 -39.52 22.92
C GLU C 194 64.35 -38.22 23.19
N ARG C 195 65.48 -38.33 23.89
CA ARG C 195 66.19 -37.16 24.33
C ARG C 195 66.99 -36.53 23.19
N PHE C 196 67.36 -35.26 23.39
CA PHE C 196 68.27 -34.55 22.51
C PHE C 196 69.35 -33.91 23.37
N THR C 197 70.61 -34.06 22.97
CA THR C 197 71.72 -33.48 23.69
C THR C 197 72.64 -32.74 22.71
N CYS C 198 72.94 -31.48 23.04
CA CYS C 198 73.89 -30.68 22.27
C CYS C 198 75.23 -30.71 23.01
N THR C 199 76.19 -31.43 22.43
CA THR C 199 77.51 -31.58 23.05
C THR C 199 78.40 -30.46 22.55
N VAL C 200 78.82 -29.59 23.47
CA VAL C 200 79.70 -28.46 23.16
C VAL C 200 81.02 -28.68 23.88
N THR C 201 82.12 -28.65 23.13
CA THR C 201 83.46 -28.85 23.67
C THR C 201 84.25 -27.56 23.50
N HIS C 202 84.89 -27.12 24.58
CA HIS C 202 85.67 -25.90 24.59
C HIS C 202 87.12 -26.21 24.98
N THR C 203 88.04 -25.42 24.43
CA THR C 203 89.46 -25.62 24.75
C THR C 203 89.74 -25.38 26.22
N ASP C 204 89.14 -24.33 26.80
CA ASP C 204 89.37 -24.02 28.20
C ASP C 204 88.58 -24.93 29.14
N LEU C 205 87.59 -25.65 28.63
CA LEU C 205 86.75 -26.54 29.43
C LEU C 205 86.77 -27.92 28.78
N PRO C 206 87.80 -28.73 29.06
CA PRO C 206 87.88 -30.06 28.41
C PRO C 206 86.74 -30.99 28.77
N SER C 207 86.06 -30.76 29.89
CA SER C 207 84.93 -31.60 30.27
C SER C 207 83.72 -31.27 29.40
N PRO C 208 83.17 -32.24 28.66
CA PRO C 208 82.02 -31.93 27.81
C PRO C 208 80.79 -31.58 28.63
N LEU C 209 79.94 -30.75 28.03
CA LEU C 209 78.70 -30.31 28.65
C LEU C 209 77.52 -31.04 28.02
N LYS C 210 76.65 -31.60 28.85
CA LYS C 210 75.48 -32.33 28.40
C LYS C 210 74.23 -31.51 28.67
N GLN C 211 73.42 -31.31 27.64
CA GLN C 211 72.17 -30.57 27.75
C GLN C 211 71.03 -31.51 27.36
N THR C 212 70.42 -32.14 28.36
CA THR C 212 69.33 -33.09 28.12
C THR C 212 68.08 -32.33 27.72
N ILE C 213 67.74 -32.43 26.43
CA ILE C 213 66.52 -31.75 25.89
C ILE C 213 65.48 -32.84 25.60
N SER C 214 64.82 -33.37 26.63
CA SER C 214 63.79 -34.42 26.44
C SER C 214 62.44 -33.90 26.94
N ARG C 215 61.41 -33.99 26.09
CA ARG C 215 60.06 -33.47 26.48
C ARG C 215 59.55 -34.23 27.70
N PRO C 216 58.88 -33.56 28.67
CA PRO C 216 58.32 -34.24 29.84
C PRO C 216 57.15 -35.14 29.42
N LYS C 217 57.00 -36.29 30.09
CA LYS C 217 55.90 -37.23 29.76
C LYS C 217 54.63 -36.83 30.52
N GLY C 218 53.46 -37.17 29.98
CA GLY C 218 52.18 -36.84 30.64
C GLY C 218 51.56 -35.58 30.08
N VAL C 219 50.26 -35.63 29.75
CA VAL C 219 49.55 -34.44 29.20
C VAL C 219 48.26 -34.23 30.01
N ALA C 220 47.99 -33.00 30.43
CA ALA C 220 46.77 -32.69 31.22
C ALA C 220 45.53 -32.82 30.32
N LEU C 221 44.39 -33.17 30.90
CA LEU C 221 43.14 -33.37 30.10
C LEU C 221 42.19 -32.20 30.33
N HIS C 222 42.39 -31.08 29.60
CA HIS C 222 41.54 -29.87 29.77
C HIS C 222 41.57 -29.06 28.49
N ARG C 223 40.79 -29.45 27.47
CA ARG C 223 40.73 -28.65 26.27
C ARG C 223 40.43 -27.19 26.60
N PRO C 224 40.97 -26.26 25.82
CA PRO C 224 40.70 -24.83 26.05
C PRO C 224 39.41 -24.36 25.38
N ASP C 225 38.75 -23.44 26.06
CA ASP C 225 37.57 -22.77 25.53
C ASP C 225 37.96 -21.37 25.08
N VAL C 226 37.53 -20.99 23.88
CA VAL C 226 37.95 -19.73 23.26
C VAL C 226 36.72 -18.84 23.15
N TYR C 227 36.84 -17.62 23.68
CA TYR C 227 35.77 -16.63 23.63
C TYR C 227 36.31 -15.34 23.05
N LEU C 228 35.44 -14.61 22.36
CA LEU C 228 35.80 -13.35 21.73
C LEU C 228 34.92 -12.23 22.28
N LEU C 229 35.46 -11.01 22.24
CA LEU C 229 34.77 -9.82 22.71
C LEU C 229 35.03 -8.67 21.74
N PRO C 230 33.97 -8.00 21.28
CA PRO C 230 34.14 -6.92 20.31
C PRO C 230 34.56 -5.63 21.00
N PRO C 231 35.11 -4.67 20.25
CA PRO C 231 35.51 -3.41 20.86
C PRO C 231 34.33 -2.62 21.40
N ALA C 232 34.57 -1.83 22.45
CA ALA C 232 33.47 -1.09 23.10
C ALA C 232 33.08 0.12 22.24
N ARG C 233 31.78 0.37 22.07
CA ARG C 233 31.30 1.53 21.30
C ARG C 233 31.76 2.83 21.98
N GLU C 234 32.04 2.78 23.28
CA GLU C 234 32.53 3.97 24.01
C GLU C 234 33.92 4.35 23.46
N GLN C 235 34.55 3.47 22.70
CA GLN C 235 35.86 3.79 22.05
C GLN C 235 35.61 4.06 20.56
N LEU C 236 34.57 3.43 20.00
CA LEU C 236 34.26 3.60 18.55
C LEU C 236 33.92 5.07 18.27
N ASN C 237 33.05 5.67 19.08
CA ASN C 237 32.64 7.08 18.85
C ASN C 237 33.87 7.99 18.90
N LEU C 238 34.89 7.60 19.64
CA LEU C 238 36.13 8.41 19.75
C LEU C 238 36.90 8.29 18.43
N ARG C 239 36.64 7.21 17.68
CA ARG C 239 37.30 7.02 16.36
C ARG C 239 38.83 7.15 16.50
N GLU C 240 39.43 6.36 17.40
CA GLU C 240 40.90 6.36 17.56
C GLU C 240 41.44 5.00 17.12
N SER C 241 40.97 3.91 17.75
CA SER C 241 41.37 2.54 17.36
C SER C 241 40.37 1.53 17.91
N ALA C 242 40.18 0.40 17.22
CA ALA C 242 39.27 -0.66 17.72
C ALA C 242 40.12 -1.83 18.24
N THR C 243 40.05 -2.09 19.55
CA THR C 243 40.88 -3.17 20.16
C THR C 243 40.03 -4.43 20.32
N ILE C 244 40.45 -5.54 19.69
CA ILE C 244 39.71 -6.78 19.80
C ILE C 244 40.51 -7.73 20.69
N THR C 245 39.84 -8.41 21.61
CA THR C 245 40.49 -9.32 22.54
C THR C 245 40.03 -10.75 22.28
N CYS C 246 40.95 -11.70 22.44
CA CYS C 246 40.68 -13.12 22.29
C CYS C 246 40.99 -13.77 23.63
N LEU C 247 39.94 -14.20 24.34
CA LEU C 247 40.09 -14.66 25.72
C LEU C 247 40.25 -16.18 25.76
N VAL C 248 41.46 -16.61 25.44
CA VAL C 248 41.82 -18.02 25.58
C VAL C 248 41.76 -18.37 27.06
N THR C 249 40.96 -19.37 27.40
CA THR C 249 40.72 -19.68 28.81
C THR C 249 40.55 -21.19 28.98
N GLY C 250 41.23 -21.73 29.98
CA GLY C 250 41.00 -23.09 30.41
C GLY C 250 41.95 -24.15 29.90
N PHE C 251 43.08 -23.77 29.31
CA PHE C 251 43.99 -24.74 28.72
C PHE C 251 44.97 -25.26 29.75
N SER C 252 45.17 -26.58 29.76
CA SER C 252 46.16 -27.24 30.59
C SER C 252 46.76 -28.36 29.77
N PRO C 253 48.09 -28.52 29.76
CA PRO C 253 49.10 -27.73 30.48
C PRO C 253 49.31 -26.34 29.89
N ALA C 254 50.11 -25.52 30.57
CA ALA C 254 50.26 -24.12 30.18
C ALA C 254 51.09 -23.97 28.90
N ASP C 255 50.46 -24.19 27.76
CA ASP C 255 51.12 -24.01 26.46
C ASP C 255 50.07 -23.67 25.43
N VAL C 256 50.20 -22.49 24.81
CA VAL C 256 49.23 -22.02 23.82
C VAL C 256 49.95 -21.06 22.90
N PHE C 257 49.55 -21.06 21.62
CA PHE C 257 50.19 -20.18 20.61
C PHE C 257 49.09 -19.46 19.81
N VAL C 258 48.66 -18.29 20.31
CA VAL C 258 47.57 -17.53 19.63
C VAL C 258 48.15 -16.75 18.45
N GLN C 259 47.41 -16.67 17.34
CA GLN C 259 47.86 -15.90 16.15
C GLN C 259 46.64 -15.20 15.54
N TRP C 260 46.79 -13.97 15.06
CA TRP C 260 45.67 -13.24 14.42
C TRP C 260 45.88 -13.23 12.90
N MET C 261 44.85 -13.63 12.14
CA MET C 261 44.99 -13.72 10.67
C MET C 261 43.79 -13.05 9.99
N GLN C 262 44.00 -12.48 8.80
CA GLN C 262 42.89 -11.85 8.04
C GLN C 262 43.25 -11.86 6.55
N ARG C 263 42.25 -11.91 5.67
CA ARG C 263 42.49 -11.87 4.20
C ARG C 263 43.16 -13.18 3.76
N GLY C 264 43.17 -14.20 4.63
CA GLY C 264 43.72 -15.51 4.26
C GLY C 264 45.19 -15.66 4.63
N GLN C 265 45.79 -14.63 5.25
CA GLN C 265 47.20 -14.75 5.71
C GLN C 265 47.31 -14.25 7.17
N PRO C 266 48.18 -14.85 8.01
CA PRO C 266 48.37 -14.36 9.38
C PRO C 266 48.92 -12.93 9.38
N LEU C 267 48.23 -12.02 10.06
CA LEU C 267 48.71 -10.61 10.16
C LEU C 267 50.03 -10.60 10.93
N SER C 268 51.00 -9.78 10.48
CA SER C 268 52.32 -9.73 11.16
C SER C 268 52.12 -9.72 12.67
N PRO C 269 52.59 -10.76 13.42
CA PRO C 269 52.36 -10.83 14.86
C PRO C 269 52.72 -9.53 15.58
N GLU C 270 53.62 -8.73 15.00
CA GLU C 270 54.09 -7.50 15.70
C GLU C 270 52.89 -6.58 15.98
N LYS C 271 51.90 -6.58 15.11
CA LYS C 271 50.73 -5.67 15.26
C LYS C 271 49.93 -6.03 16.52
N TYR C 272 50.11 -7.25 17.04
CA TYR C 272 49.28 -7.69 18.20
C TYR C 272 50.19 -8.05 19.38
N VAL C 273 49.60 -8.20 20.57
CA VAL C 273 50.38 -8.57 21.79
C VAL C 273 49.59 -9.65 22.54
N THR C 274 50.28 -10.51 23.29
CA THR C 274 49.61 -11.55 24.06
C THR C 274 50.32 -11.74 25.39
N SER C 275 49.66 -12.45 26.31
CA SER C 275 50.14 -12.60 27.68
C SER C 275 50.37 -14.07 28.00
N ALA C 276 51.23 -14.30 29.00
CA ALA C 276 51.60 -15.64 29.42
C ALA C 276 50.48 -16.28 30.24
N PRO C 277 50.45 -17.61 30.33
CA PRO C 277 49.42 -18.28 31.13
C PRO C 277 49.52 -17.94 32.61
N MET C 278 48.36 -17.93 33.27
CA MET C 278 48.26 -17.58 34.68
C MET C 278 47.18 -18.43 35.34
N PRO C 279 47.32 -18.68 36.64
CA PRO C 279 46.34 -19.52 37.36
C PRO C 279 45.00 -18.83 37.55
N GLU C 280 44.06 -19.62 38.08
CA GLU C 280 42.70 -19.26 38.44
C GLU C 280 42.49 -19.46 39.93
N PRO C 281 41.48 -18.82 40.53
CA PRO C 281 41.13 -19.15 41.91
C PRO C 281 40.09 -20.26 42.01
N GLN C 282 39.84 -20.98 40.91
CA GLN C 282 38.85 -22.04 40.92
C GLN C 282 39.37 -23.23 40.12
N ALA C 283 39.10 -24.43 40.63
CA ALA C 283 39.35 -25.75 40.03
C ALA C 283 40.84 -26.07 39.96
N PRO C 284 41.23 -27.35 40.11
CA PRO C 284 42.66 -27.72 40.12
C PRO C 284 43.11 -28.01 38.71
N GLY C 285 43.97 -27.14 38.16
CA GLY C 285 44.55 -27.40 36.83
C GLY C 285 43.87 -26.62 35.71
N ARG C 286 44.19 -25.33 35.59
CA ARG C 286 43.62 -24.49 34.49
C ARG C 286 44.57 -23.34 34.20
N TYR C 287 44.49 -22.75 33.01
CA TYR C 287 45.32 -21.57 32.66
C TYR C 287 44.50 -20.66 31.73
N PHE C 288 44.80 -19.36 31.75
CA PHE C 288 44.07 -18.40 30.87
C PHE C 288 45.08 -17.54 30.11
N ALA C 289 44.61 -16.88 29.04
CA ALA C 289 45.49 -16.04 28.23
C ALA C 289 44.73 -14.80 27.78
N HIS C 290 45.37 -14.01 26.92
CA HIS C 290 44.83 -12.75 26.42
C HIS C 290 45.50 -12.42 25.11
N SER C 291 44.89 -11.49 24.38
CA SER C 291 45.46 -10.99 23.14
C SER C 291 44.74 -9.69 22.78
N ILE C 292 45.49 -8.75 22.22
CA ILE C 292 44.95 -7.45 21.83
C ILE C 292 45.42 -7.12 20.43
N LEU C 293 44.50 -6.76 19.55
CA LEU C 293 44.81 -6.33 18.20
C LEU C 293 44.26 -4.93 17.99
N THR C 294 45.13 -4.00 17.55
CA THR C 294 44.69 -2.59 17.38
C THR C 294 44.47 -2.29 15.89
N VAL C 295 43.26 -1.87 15.52
CA VAL C 295 42.96 -1.49 14.10
C VAL C 295 42.11 -0.22 14.11
N SER C 296 42.44 0.75 13.25
CA SER C 296 41.68 2.01 13.18
C SER C 296 40.17 1.71 13.09
N GLU C 297 39.34 2.49 13.77
CA GLU C 297 37.88 2.22 13.80
C GLU C 297 37.35 2.12 12.35
N GLU C 298 37.74 3.07 11.51
CA GLU C 298 37.24 3.10 10.10
C GLU C 298 37.43 1.73 9.44
N GLU C 299 38.65 1.19 9.48
CA GLU C 299 38.93 -0.12 8.82
C GLU C 299 38.03 -1.19 9.46
N TRP C 300 37.88 -1.16 10.78
CA TRP C 300 37.00 -2.13 11.49
C TRP C 300 35.55 -1.97 10.99
N ASN C 301 35.08 -0.73 10.87
CA ASN C 301 33.67 -0.47 10.45
C ASN C 301 33.49 -0.83 8.97
N THR C 302 34.50 -0.56 8.13
CA THR C 302 34.38 -0.82 6.68
C THR C 302 34.15 -2.32 6.44
N GLY C 303 34.93 -3.17 7.11
CA GLY C 303 34.81 -4.63 6.95
C GLY C 303 35.79 -5.33 7.86
N GLU C 304 36.45 -6.39 7.40
CA GLU C 304 37.52 -7.06 8.19
C GLU C 304 36.93 -7.92 9.33
N THR C 305 37.12 -9.23 9.26
CA THR C 305 36.66 -10.18 10.32
C THR C 305 37.73 -10.30 11.42
N TYR C 306 39.00 -10.42 11.05
CA TYR C 306 40.07 -10.57 12.03
C TYR C 306 39.84 -11.77 12.95
N THR C 307 39.88 -12.98 12.40
CA THR C 307 39.69 -14.19 13.20
C THR C 307 40.87 -14.44 14.13
N CYS C 308 40.60 -15.14 15.23
CA CYS C 308 41.59 -15.52 16.21
C CYS C 308 41.76 -17.03 16.21
N VAL C 309 43.00 -17.50 16.43
CA VAL C 309 43.29 -18.93 16.41
C VAL C 309 44.00 -19.31 17.72
N VAL C 310 43.78 -20.55 18.15
CA VAL C 310 44.36 -21.07 19.38
C VAL C 310 45.01 -22.41 19.06
N ALA C 311 46.30 -22.55 19.38
CA ALA C 311 47.07 -23.75 19.07
C ALA C 311 47.43 -24.45 20.38
N HIS C 312 46.55 -25.32 20.84
CA HIS C 312 46.79 -26.15 22.02
C HIS C 312 46.87 -27.61 21.60
N GLU C 313 47.72 -28.37 22.27
CA GLU C 313 48.03 -29.74 21.89
C GLU C 313 47.02 -30.75 22.42
N ALA C 314 45.82 -30.31 22.80
CA ALA C 314 44.75 -31.21 23.19
C ALA C 314 43.51 -31.08 22.32
N LEU C 315 43.55 -30.24 21.29
CA LEU C 315 42.42 -30.05 20.40
C LEU C 315 42.28 -31.25 19.45
N PRO C 316 41.08 -31.48 18.91
CA PRO C 316 40.91 -32.62 18.00
C PRO C 316 41.83 -32.56 16.78
N ASN C 317 42.06 -31.38 16.22
CA ASN C 317 43.00 -31.21 15.12
C ASN C 317 44.19 -30.33 15.51
N ARG C 318 44.37 -30.06 16.80
CA ARG C 318 45.41 -29.21 17.37
C ARG C 318 45.22 -27.74 17.00
N VAL C 319 44.16 -27.38 16.30
CA VAL C 319 43.89 -25.99 15.93
C VAL C 319 42.40 -25.71 16.10
N THR C 320 42.09 -24.60 16.76
CA THR C 320 40.68 -24.18 16.94
C THR C 320 40.63 -22.65 16.76
N GLU C 321 39.55 -22.12 16.19
CA GLU C 321 39.53 -20.66 15.91
C GLU C 321 38.10 -20.09 16.04
N ARG C 322 37.98 -18.84 16.46
CA ARG C 322 36.65 -18.18 16.55
C ARG C 322 36.72 -16.88 15.73
N THR C 323 35.57 -16.26 15.43
CA THR C 323 35.58 -15.06 14.57
C THR C 323 34.46 -14.10 14.96
N VAL C 324 34.71 -12.78 14.87
CA VAL C 324 33.69 -11.77 15.16
C VAL C 324 33.75 -10.67 14.12
N ASP C 325 32.68 -9.88 14.07
CA ASP C 325 32.58 -8.73 13.18
C ASP C 325 31.51 -7.79 13.75
N LYS C 326 31.11 -6.80 12.94
CA LYS C 326 30.08 -5.87 13.39
C LYS C 326 28.75 -6.57 13.62
N SER C 327 28.37 -7.46 12.70
CA SER C 327 27.05 -8.09 12.70
C SER C 327 27.07 -9.47 13.33
N THR C 328 27.88 -9.65 14.38
CA THR C 328 27.94 -10.95 15.07
C THR C 328 26.88 -11.09 16.14
N GLY C 329 26.02 -10.08 16.29
CA GLY C 329 25.01 -10.11 17.38
C GLY C 329 23.62 -10.41 16.87
N LYS C 330 22.65 -10.52 17.77
CA LYS C 330 21.24 -10.81 17.38
C LYS C 330 20.73 -9.65 16.51
N PRO C 331 20.03 -9.92 15.39
CA PRO C 331 19.46 -8.85 14.57
C PRO C 331 18.46 -8.01 15.37
N THR C 332 18.52 -6.68 15.22
CA THR C 332 17.63 -5.77 15.99
C THR C 332 16.50 -5.29 15.08
N LEU C 333 15.25 -5.41 15.55
CA LEU C 333 14.09 -4.93 14.75
C LEU C 333 13.71 -3.52 15.22
N TYR C 334 13.06 -2.73 14.35
CA TYR C 334 12.61 -1.37 14.75
C TYR C 334 11.08 -1.35 14.86
N ASN C 335 10.56 -0.89 15.99
CA ASN C 335 9.12 -0.83 16.22
C ASN C 335 8.62 0.62 16.12
N VAL C 336 9.04 1.33 15.07
CA VAL C 336 8.65 2.73 14.89
C VAL C 336 7.13 2.86 14.94
N SER C 337 6.67 3.89 15.63
CA SER C 337 5.24 4.08 15.92
C SER C 337 4.82 5.54 15.70
N LEU C 338 5.19 6.11 14.55
CA LEU C 338 4.88 7.51 14.26
C LEU C 338 3.40 7.80 14.41
N VAL C 339 3.10 8.98 14.98
CA VAL C 339 1.69 9.42 15.20
C VAL C 339 1.58 10.89 14.77
N MET C 340 0.71 11.19 13.80
CA MET C 340 0.61 12.58 13.26
C MET C 340 -0.64 13.27 13.83
N SER C 341 -1.46 12.52 14.58
CA SER C 341 -2.69 13.09 15.18
C SER C 341 -2.33 13.83 16.48
N ASP C 342 -2.55 15.15 16.51
CA ASP C 342 -2.24 15.96 17.72
C ASP C 342 -3.09 15.45 18.88
N THR C 343 -4.34 15.06 18.61
CA THR C 343 -5.25 14.55 19.66
C THR C 343 -4.61 13.32 20.34
N ALA C 344 -4.08 12.40 19.54
CA ALA C 344 -3.44 11.18 20.09
C ALA C 344 -2.06 11.55 20.66
N GLY C 345 -1.53 10.71 21.57
CA GLY C 345 -0.23 11.00 22.20
C GLY C 345 -0.40 11.88 23.43
N THR C 346 0.71 12.25 24.08
CA THR C 346 0.65 13.10 25.30
C THR C 346 -0.22 14.32 25.02
N LEU D 3 -30.70 -10.55 12.74
CA LEU D 3 -31.09 -10.01 14.06
C LEU D 3 -31.78 -11.10 14.90
N PRO D 4 -32.91 -11.71 14.45
CA PRO D 4 -33.62 -12.70 15.27
C PRO D 4 -32.82 -14.00 15.38
N GLU D 5 -32.94 -14.71 16.51
CA GLU D 5 -32.26 -16.02 16.68
C GLU D 5 -33.29 -17.10 16.98
N VAL D 6 -33.39 -18.11 16.12
CA VAL D 6 -34.34 -19.24 16.36
C VAL D 6 -33.81 -20.09 17.51
N LYS D 7 -32.48 -20.12 17.70
CA LYS D 7 -31.88 -20.98 18.76
C LYS D 7 -32.48 -22.37 18.60
N VAL D 8 -32.70 -22.81 17.35
CA VAL D 8 -33.28 -24.15 17.06
C VAL D 8 -32.48 -25.21 17.82
N GLU D 9 -33.16 -26.26 18.31
CA GLU D 9 -32.45 -27.37 19.01
C GLU D 9 -32.88 -28.70 18.39
N GLY D 10 -32.06 -29.74 18.55
CA GLY D 10 -32.37 -31.05 17.99
C GLY D 10 -31.68 -32.18 18.72
N GLU D 11 -31.69 -33.37 18.12
CA GLU D 11 -31.08 -34.56 18.70
C GLU D 11 -30.12 -35.18 17.71
N LEU D 12 -29.17 -35.95 18.22
CA LEU D 12 -28.24 -36.67 17.36
C LEU D 12 -28.99 -37.66 16.48
N GLY D 13 -28.66 -37.67 15.20
CA GLY D 13 -29.44 -38.44 14.27
C GLY D 13 -30.75 -37.73 13.93
N GLY D 14 -31.62 -38.44 13.24
CA GLY D 14 -32.89 -37.85 12.84
C GLY D 14 -32.68 -36.68 11.90
N SER D 15 -33.47 -35.64 12.08
CA SER D 15 -33.38 -34.45 11.24
C SER D 15 -33.89 -33.24 12.02
N VAL D 16 -33.47 -32.05 11.58
CA VAL D 16 -33.92 -30.78 12.24
C VAL D 16 -34.23 -29.78 11.13
N THR D 17 -35.30 -28.99 11.29
CA THR D 17 -35.69 -28.01 10.24
C THR D 17 -35.28 -26.59 10.67
N ILE D 18 -34.58 -25.87 9.79
CA ILE D 18 -34.16 -24.47 10.10
C ILE D 18 -35.17 -23.52 9.46
N LYS D 19 -35.79 -22.65 10.27
CA LYS D 19 -36.81 -21.69 9.75
C LYS D 19 -36.14 -20.34 9.50
N CYS D 20 -36.19 -19.86 8.26
CA CYS D 20 -35.58 -18.54 7.91
C CYS D 20 -36.55 -17.75 7.01
N PRO D 21 -36.56 -16.40 7.08
CA PRO D 21 -37.51 -15.60 6.30
C PRO D 21 -37.17 -15.60 4.81
N LEU D 22 -38.19 -15.71 3.94
CA LEU D 22 -37.98 -15.69 2.48
C LEU D 22 -38.28 -14.29 1.96
N PRO D 23 -37.29 -13.42 1.64
CA PRO D 23 -37.56 -12.05 1.22
C PRO D 23 -37.91 -11.96 -0.27
N GLU D 24 -38.37 -10.79 -0.72
CA GLU D 24 -38.73 -10.59 -2.15
C GLU D 24 -37.71 -9.65 -2.79
N MET D 25 -37.64 -9.63 -4.13
CA MET D 25 -36.63 -8.80 -4.86
C MET D 25 -35.22 -9.29 -4.53
N HIS D 26 -35.06 -10.55 -4.12
CA HIS D 26 -33.73 -11.16 -3.84
C HIS D 26 -33.84 -12.59 -4.34
N VAL D 27 -33.11 -12.95 -5.40
CA VAL D 27 -33.32 -14.31 -5.97
C VAL D 27 -32.45 -15.33 -5.22
N ARG D 28 -31.13 -15.09 -5.15
CA ARG D 28 -30.21 -16.01 -4.43
C ARG D 28 -30.59 -16.08 -2.96
N ILE D 29 -30.96 -17.27 -2.47
CA ILE D 29 -31.27 -17.45 -1.02
C ILE D 29 -30.30 -18.51 -0.48
N TYR D 30 -29.57 -18.20 0.60
CA TYR D 30 -28.54 -19.15 1.09
C TYR D 30 -28.65 -19.37 2.59
N LEU D 31 -28.05 -20.46 3.10
CA LEU D 31 -28.01 -20.71 4.56
C LEU D 31 -26.53 -20.80 4.94
N CYS D 32 -25.81 -19.68 4.86
CA CYS D 32 -24.34 -19.69 5.10
C CYS D 32 -24.00 -20.19 6.50
N ARG D 33 -22.81 -20.78 6.66
CA ARG D 33 -22.35 -21.23 8.00
C ARG D 33 -21.29 -20.25 8.49
N GLU D 34 -21.50 -19.63 9.66
CA GLU D 34 -20.55 -18.62 10.17
C GLU D 34 -19.28 -19.32 10.65
N MET D 35 -18.29 -19.46 9.76
CA MET D 35 -17.00 -20.12 10.12
C MET D 35 -16.36 -19.31 11.26
N ALA D 36 -16.45 -17.98 11.19
CA ALA D 36 -15.89 -17.11 12.25
C ALA D 36 -14.40 -17.43 12.49
N GLY D 37 -13.69 -17.80 11.42
CA GLY D 37 -12.24 -18.08 11.54
C GLY D 37 -11.44 -16.83 11.20
N SER D 38 -11.36 -16.48 9.91
CA SER D 38 -10.67 -15.23 9.50
C SER D 38 -11.73 -14.22 9.04
N GLY D 39 -12.89 -14.21 9.70
CA GLY D 39 -13.98 -13.29 9.30
C GLY D 39 -14.56 -13.66 7.95
N THR D 40 -14.76 -14.96 7.71
CA THR D 40 -15.29 -15.43 6.40
C THR D 40 -16.43 -16.43 6.64
N CYS D 41 -17.49 -16.36 5.84
CA CYS D 41 -18.64 -17.29 5.98
C CYS D 41 -18.76 -18.14 4.71
N GLY D 42 -18.81 -19.47 4.84
CA GLY D 42 -18.88 -20.35 3.66
C GLY D 42 -20.29 -20.80 3.35
N THR D 43 -20.74 -20.63 2.10
CA THR D 43 -22.13 -21.00 1.72
C THR D 43 -22.32 -22.51 1.86
N VAL D 44 -23.30 -22.94 2.67
CA VAL D 44 -23.61 -24.39 2.79
C VAL D 44 -24.53 -24.79 1.63
N VAL D 45 -25.57 -24.00 1.38
CA VAL D 45 -26.54 -24.29 0.28
C VAL D 45 -26.94 -22.97 -0.39
N SER D 46 -27.43 -23.03 -1.62
CA SER D 46 -27.89 -21.80 -2.31
C SER D 46 -28.92 -22.17 -3.38
N THR D 47 -29.65 -21.19 -3.90
CA THR D 47 -30.62 -21.47 -4.99
C THR D 47 -29.83 -21.65 -6.29
N THR D 48 -28.58 -21.18 -6.32
CA THR D 48 -27.73 -21.34 -7.52
C THR D 48 -27.26 -22.79 -7.62
N ASN D 49 -27.63 -23.63 -6.64
CA ASN D 49 -27.27 -25.07 -6.64
C ASN D 49 -25.81 -25.27 -6.23
N PHE D 50 -25.50 -25.15 -4.93
CA PHE D 50 -24.14 -25.46 -4.43
C PHE D 50 -24.28 -26.07 -3.04
N ILE D 51 -24.21 -27.38 -2.92
CA ILE D 51 -24.24 -28.01 -1.57
C ILE D 51 -22.83 -28.43 -1.18
N LYS D 52 -22.29 -27.84 -0.12
CA LYS D 52 -20.94 -28.15 0.35
C LYS D 52 -20.73 -29.66 0.39
N ALA D 53 -19.48 -30.06 0.17
CA ALA D 53 -19.15 -31.49 0.10
C ALA D 53 -19.47 -32.19 1.41
N GLU D 54 -19.15 -31.56 2.55
CA GLU D 54 -19.43 -32.15 3.85
C GLU D 54 -20.93 -32.33 4.09
N TYR D 55 -21.77 -31.55 3.42
CA TYR D 55 -23.22 -31.63 3.56
C TYR D 55 -23.90 -32.20 2.33
N LYS D 56 -23.15 -32.84 1.44
CA LYS D 56 -23.73 -33.35 0.20
C LYS D 56 -24.65 -34.52 0.49
N GLY D 57 -25.87 -34.45 -0.05
CA GLY D 57 -26.84 -35.51 0.11
C GLY D 57 -27.52 -35.54 1.46
N ARG D 58 -27.35 -34.52 2.30
CA ARG D 58 -27.95 -34.49 3.61
C ARG D 58 -28.84 -33.27 3.85
N VAL D 59 -28.83 -32.28 2.97
CA VAL D 59 -29.57 -31.04 3.17
C VAL D 59 -30.38 -30.73 1.92
N THR D 60 -31.44 -29.94 2.11
CA THR D 60 -32.29 -29.51 1.02
C THR D 60 -32.89 -28.14 1.35
N LEU D 61 -33.29 -27.42 0.31
CA LEU D 61 -33.84 -26.08 0.44
C LEU D 61 -35.11 -25.99 -0.40
N LYS D 62 -36.24 -25.76 0.25
CA LYS D 62 -37.53 -25.64 -0.43
C LYS D 62 -38.12 -24.26 -0.14
N GLN D 63 -38.48 -23.55 -1.20
CA GLN D 63 -39.03 -22.20 -1.10
C GLN D 63 -40.48 -22.20 -1.54
N TYR D 64 -41.34 -21.55 -0.76
CA TYR D 64 -42.77 -21.42 -1.08
C TYR D 64 -43.28 -20.14 -0.45
N PRO D 65 -43.59 -19.13 -1.25
CA PRO D 65 -44.01 -17.83 -0.68
C PRO D 65 -45.44 -17.85 -0.14
N ARG D 66 -45.74 -18.81 0.74
CA ARG D 66 -47.05 -18.84 1.38
C ARG D 66 -47.09 -17.89 2.57
N LYS D 67 -46.20 -18.12 3.55
CA LYS D 67 -46.06 -17.24 4.71
C LYS D 67 -44.75 -16.44 4.64
N ASN D 68 -44.21 -16.25 3.44
CA ASN D 68 -42.91 -15.61 3.25
C ASN D 68 -41.82 -16.31 4.06
N LEU D 69 -41.74 -17.64 3.86
CA LEU D 69 -40.81 -18.47 4.60
C LEU D 69 -40.23 -19.52 3.66
N PHE D 70 -38.93 -19.76 3.80
CA PHE D 70 -38.27 -20.89 3.15
C PHE D 70 -37.66 -21.78 4.23
N LEU D 71 -37.89 -23.08 4.11
CA LEU D 71 -37.46 -24.04 5.12
C LEU D 71 -36.31 -24.89 4.58
N VAL D 72 -35.29 -25.08 5.42
CA VAL D 72 -34.13 -25.90 5.09
C VAL D 72 -34.04 -27.01 6.11
N GLU D 73 -33.94 -28.25 5.64
CA GLU D 73 -33.88 -29.43 6.48
C GLU D 73 -32.48 -30.03 6.44
N VAL D 74 -31.97 -30.40 7.60
CA VAL D 74 -30.68 -31.06 7.72
C VAL D 74 -30.92 -32.46 8.24
N THR D 75 -30.65 -33.46 7.41
CA THR D 75 -30.82 -34.86 7.81
C THR D 75 -29.54 -35.37 8.46
N GLN D 76 -29.69 -36.36 9.35
CA GLN D 76 -28.51 -36.86 10.12
C GLN D 76 -28.00 -35.73 11.02
N LEU D 77 -26.99 -36.01 11.85
CA LEU D 77 -26.40 -34.94 12.68
C LEU D 77 -25.00 -35.37 13.16
N THR D 78 -24.07 -34.42 13.25
CA THR D 78 -22.71 -34.73 13.76
C THR D 78 -22.27 -33.60 14.69
N GLU D 79 -21.30 -33.88 15.57
CA GLU D 79 -20.77 -32.80 16.46
C GLU D 79 -20.50 -31.56 15.60
N SER D 80 -19.86 -31.75 14.44
CA SER D 80 -19.57 -30.60 13.53
C SER D 80 -20.84 -29.76 13.35
N ASP D 81 -22.01 -30.40 13.32
CA ASP D 81 -23.29 -29.66 13.14
C ASP D 81 -23.72 -29.10 14.50
N SER D 82 -22.98 -28.11 15.02
CA SER D 82 -23.32 -27.47 16.31
C SER D 82 -22.70 -26.07 16.37
N GLY D 83 -23.14 -25.18 15.47
CA GLY D 83 -22.57 -23.82 15.42
C GLY D 83 -23.60 -22.80 14.95
N VAL D 84 -23.15 -21.78 14.20
CA VAL D 84 -24.06 -20.69 13.74
C VAL D 84 -24.27 -20.81 12.23
N TYR D 85 -25.52 -20.73 11.77
CA TYR D 85 -25.82 -20.83 10.31
C TYR D 85 -26.65 -19.61 9.88
N ALA D 86 -26.01 -18.44 9.80
CA ALA D 86 -26.71 -17.20 9.38
C ALA D 86 -27.29 -17.38 7.98
N CYS D 87 -28.60 -17.14 7.82
CA CYS D 87 -29.25 -17.25 6.49
C CYS D 87 -29.51 -15.86 5.93
N GLY D 88 -29.41 -15.69 4.60
CA GLY D 88 -29.60 -14.36 3.99
C GLY D 88 -29.83 -14.44 2.49
N ALA D 89 -29.60 -13.32 1.79
CA ALA D 89 -29.82 -13.27 0.32
C ALA D 89 -28.78 -12.34 -0.32
N GLY D 90 -28.78 -12.24 -1.64
CA GLY D 90 -27.83 -11.34 -2.34
C GLY D 90 -26.57 -12.04 -2.78
N MET D 91 -25.85 -11.48 -3.75
CA MET D 91 -24.62 -12.11 -4.29
C MET D 91 -23.54 -12.20 -3.20
N ASN D 92 -23.30 -11.11 -2.48
CA ASN D 92 -22.29 -11.10 -1.38
C ASN D 92 -22.85 -11.90 -0.21
N THR D 93 -22.17 -12.99 0.17
CA THR D 93 -22.67 -13.87 1.26
C THR D 93 -22.41 -13.20 2.61
N ASP D 94 -21.25 -12.54 2.76
CA ASP D 94 -20.88 -11.95 4.07
C ASP D 94 -21.68 -10.69 4.36
N ARG D 95 -22.30 -10.09 3.33
CA ARG D 95 -23.04 -8.80 3.53
C ARG D 95 -24.55 -9.07 3.56
N GLY D 96 -24.95 -10.32 3.80
CA GLY D 96 -26.39 -10.64 3.92
C GLY D 96 -26.71 -11.10 5.34
N LYS D 97 -26.78 -12.42 5.56
CA LYS D 97 -26.99 -12.95 6.94
C LYS D 97 -28.15 -12.20 7.60
N THR D 98 -29.33 -12.20 6.97
CA THR D 98 -30.50 -11.47 7.51
C THR D 98 -30.84 -11.99 8.92
N GLN D 99 -30.84 -13.31 9.11
CA GLN D 99 -31.20 -13.90 10.43
C GLN D 99 -30.05 -14.79 10.91
N LYS D 100 -29.81 -14.82 12.23
CA LYS D 100 -28.74 -15.69 12.80
C LYS D 100 -29.39 -16.82 13.59
N VAL D 101 -28.80 -18.01 13.58
CA VAL D 101 -29.39 -19.15 14.28
C VAL D 101 -28.23 -19.96 14.88
N THR D 102 -28.55 -20.76 15.90
CA THR D 102 -27.56 -21.61 16.55
C THR D 102 -28.05 -23.04 16.57
N LEU D 103 -27.10 -23.98 16.56
CA LEU D 103 -27.39 -25.40 16.53
C LEU D 103 -26.48 -26.13 17.50
N ASN D 104 -26.95 -27.27 18.00
CA ASN D 104 -26.19 -28.07 18.95
C ASN D 104 -26.59 -29.53 18.78
N VAL D 105 -26.13 -30.38 19.69
CA VAL D 105 -26.42 -31.81 19.68
C VAL D 105 -26.76 -32.26 21.09
N HIS D 106 -27.75 -33.12 21.22
CA HIS D 106 -28.21 -33.64 22.50
C HIS D 106 -28.01 -35.15 22.50
N SER D 107 -26.86 -35.59 23.00
CA SER D 107 -26.55 -37.02 23.07
C SER D 107 -25.47 -37.28 24.12
N ILE E 117 -67.62 17.72 -30.63
CA ILE E 117 -66.96 16.51 -31.09
C ILE E 117 -65.44 16.62 -30.92
N ARG E 118 -64.90 15.78 -30.04
CA ARG E 118 -63.46 15.76 -29.76
C ARG E 118 -63.05 14.31 -29.54
N VAL E 119 -62.24 13.78 -30.45
CA VAL E 119 -61.72 12.42 -30.38
C VAL E 119 -60.19 12.50 -30.34
N PHE E 120 -59.60 11.87 -29.33
CA PHE E 120 -58.16 11.94 -29.11
C PHE E 120 -57.49 10.65 -29.54
N ALA E 121 -56.42 10.76 -30.30
CA ALA E 121 -55.58 9.63 -30.67
C ALA E 121 -54.21 9.81 -30.03
N ILE E 122 -53.77 8.80 -29.28
CA ILE E 122 -52.51 8.85 -28.54
C ILE E 122 -51.53 7.92 -29.23
N PRO E 123 -50.53 8.44 -29.94
CA PRO E 123 -49.50 7.58 -30.50
C PRO E 123 -48.71 6.92 -29.39
N PRO E 124 -48.21 5.71 -29.63
CA PRO E 124 -47.43 5.01 -28.58
C PRO E 124 -46.19 5.81 -28.19
N SER E 125 -45.88 5.77 -26.91
CA SER E 125 -44.70 6.41 -26.36
C SER E 125 -43.60 5.39 -26.13
N PHE E 126 -42.35 5.82 -26.30
CA PHE E 126 -41.22 4.91 -26.13
C PHE E 126 -41.13 4.41 -24.69
N ALA E 127 -41.48 5.25 -23.72
CA ALA E 127 -41.47 4.80 -22.33
C ALA E 127 -42.44 3.64 -22.13
N SER E 128 -43.67 3.79 -22.63
CA SER E 128 -44.65 2.71 -22.51
C SER E 128 -44.23 1.47 -23.28
N ILE E 129 -43.66 1.66 -24.47
CA ILE E 129 -43.22 0.52 -25.28
C ILE E 129 -42.15 -0.27 -24.53
N PHE E 130 -41.17 0.43 -23.96
CA PHE E 130 -40.10 -0.26 -23.24
C PHE E 130 -40.62 -0.84 -21.93
N LEU E 131 -41.62 -0.22 -21.31
CA LEU E 131 -42.11 -0.70 -20.03
C LEU E 131 -42.96 -1.96 -20.18
N THR E 132 -43.75 -2.05 -21.25
CA THR E 132 -44.71 -3.14 -21.38
C THR E 132 -44.35 -4.18 -22.44
N LYS E 133 -43.46 -3.85 -23.38
CA LYS E 133 -43.09 -4.73 -24.49
C LYS E 133 -44.31 -5.17 -25.32
N SER E 134 -45.40 -4.42 -25.22
CA SER E 134 -46.69 -4.77 -25.82
C SER E 134 -47.30 -3.54 -26.50
N THR E 135 -46.50 -2.89 -27.35
CA THR E 135 -46.86 -1.62 -28.00
C THR E 135 -48.34 -1.55 -28.37
N LYS E 136 -48.97 -0.44 -27.99
CA LYS E 136 -50.40 -0.25 -28.14
C LYS E 136 -50.69 1.20 -28.46
N LEU E 137 -51.80 1.44 -29.17
CA LEU E 137 -52.26 2.78 -29.47
C LEU E 137 -53.75 2.89 -29.17
N THR E 138 -54.16 4.08 -28.75
CA THR E 138 -55.51 4.31 -28.22
C THR E 138 -56.20 5.41 -29.00
N CYS E 139 -57.44 5.16 -29.40
CA CYS E 139 -58.31 6.16 -30.02
C CYS E 139 -59.39 6.52 -28.99
N LEU E 140 -59.18 7.63 -28.30
CA LEU E 140 -60.08 8.03 -27.22
C LEU E 140 -61.16 8.97 -27.76
N VAL E 141 -62.41 8.60 -27.54
CA VAL E 141 -63.56 9.37 -28.01
C VAL E 141 -64.19 10.06 -26.81
N THR E 142 -64.26 11.40 -26.87
CA THR E 142 -64.86 12.18 -25.80
C THR E 142 -65.81 13.22 -26.37
N ASP E 143 -66.29 14.14 -25.52
CA ASP E 143 -67.17 15.22 -25.94
C ASP E 143 -68.47 14.68 -26.53
N LEU E 144 -68.93 13.54 -26.04
CA LEU E 144 -70.17 12.92 -26.46
C LEU E 144 -70.95 12.46 -25.24
N THR E 145 -72.24 12.20 -25.46
CA THR E 145 -73.10 11.71 -24.39
C THR E 145 -72.87 10.23 -24.14
N THR E 146 -73.29 9.77 -22.96
CA THR E 146 -73.10 8.38 -22.55
C THR E 146 -74.08 7.51 -23.32
N TYR E 147 -73.69 7.11 -24.53
CA TYR E 147 -74.50 6.27 -25.39
C TYR E 147 -73.79 4.94 -25.61
N ASP E 148 -74.55 3.85 -25.49
CA ASP E 148 -73.99 2.52 -25.63
C ASP E 148 -74.09 2.05 -27.09
N SER E 149 -73.65 0.81 -27.33
CA SER E 149 -73.69 0.19 -28.66
C SER E 149 -72.95 1.04 -29.69
N VAL E 150 -71.76 1.49 -29.33
CA VAL E 150 -70.92 2.28 -30.21
C VAL E 150 -70.07 1.34 -31.07
N THR E 151 -69.57 1.87 -32.18
CA THR E 151 -68.73 1.11 -33.11
C THR E 151 -67.43 1.87 -33.31
N ILE E 152 -66.32 1.26 -32.92
CA ILE E 152 -64.99 1.84 -33.06
C ILE E 152 -64.06 0.77 -33.62
N SER E 153 -63.23 1.17 -34.58
CA SER E 153 -62.30 0.24 -35.21
C SER E 153 -61.08 0.99 -35.71
N TRP E 154 -59.95 0.28 -35.76
CA TRP E 154 -58.70 0.82 -36.27
C TRP E 154 -58.40 0.20 -37.62
N THR E 155 -57.94 1.02 -38.56
CA THR E 155 -57.61 0.57 -39.90
C THR E 155 -56.28 1.14 -40.33
N ARG E 156 -55.63 0.44 -41.26
CA ARG E 156 -54.31 0.82 -41.73
C ARG E 156 -54.43 1.86 -42.86
N GLN E 157 -53.31 2.15 -43.52
CA GLN E 157 -53.33 3.11 -44.61
C GLN E 157 -54.15 2.59 -45.79
N ASN E 158 -54.04 1.30 -46.08
CA ASN E 158 -54.72 0.70 -47.23
C ASN E 158 -56.13 0.21 -46.89
N GLY E 159 -56.60 0.42 -45.66
CA GLY E 159 -57.96 0.07 -45.31
C GLY E 159 -58.17 -1.33 -44.78
N GLU E 160 -57.11 -2.00 -44.32
CA GLU E 160 -57.26 -3.33 -43.75
C GLU E 160 -57.90 -3.26 -42.37
N ALA E 161 -58.04 -4.42 -41.73
CA ALA E 161 -58.64 -4.53 -40.41
C ALA E 161 -57.60 -4.96 -39.39
N VAL E 162 -57.96 -4.78 -38.12
CA VAL E 162 -57.10 -5.12 -36.99
C VAL E 162 -57.86 -6.03 -36.04
N LYS E 163 -57.23 -6.36 -34.92
CA LYS E 163 -57.82 -7.24 -33.93
C LYS E 163 -58.96 -6.54 -33.20
N THR E 164 -59.66 -7.30 -32.36
CA THR E 164 -60.81 -6.78 -31.63
C THR E 164 -60.37 -5.76 -30.59
N HIS E 165 -61.23 -4.77 -30.36
CA HIS E 165 -60.94 -3.67 -29.43
C HIS E 165 -61.64 -3.97 -28.11
N THR E 166 -61.01 -4.83 -27.32
CA THR E 166 -61.56 -5.21 -26.03
C THR E 166 -61.26 -4.14 -24.98
N ASN E 167 -61.85 -4.33 -23.79
CA ASN E 167 -61.65 -3.45 -22.64
C ASN E 167 -62.06 -2.01 -22.98
N ILE E 168 -63.35 -1.84 -23.28
CA ILE E 168 -63.89 -0.51 -23.57
C ILE E 168 -64.01 0.27 -22.26
N SER E 169 -63.56 1.51 -22.27
CA SER E 169 -63.58 2.34 -21.08
C SER E 169 -65.01 2.62 -20.64
N GLU E 170 -65.21 2.67 -19.33
CA GLU E 170 -66.54 2.93 -18.77
C GLU E 170 -66.92 4.40 -18.94
N SER E 171 -68.22 4.64 -19.01
CA SER E 171 -68.73 5.99 -19.12
C SER E 171 -68.49 6.76 -17.82
N HIS E 172 -68.33 8.09 -17.95
CA HIS E 172 -68.06 8.91 -16.79
C HIS E 172 -69.33 9.54 -16.25
N PRO E 173 -69.44 9.70 -14.92
CA PRO E 173 -70.66 10.25 -14.33
C PRO E 173 -70.86 11.74 -14.55
N ASN E 174 -69.91 12.43 -15.17
CA ASN E 174 -70.00 13.87 -15.37
C ASN E 174 -70.52 14.22 -16.76
N ALA E 175 -71.43 13.41 -17.31
CA ALA E 175 -72.05 13.65 -18.61
C ALA E 175 -71.02 13.69 -19.73
N THR E 176 -70.05 12.76 -19.67
CA THR E 176 -69.05 12.60 -20.71
C THR E 176 -68.92 11.12 -21.06
N PHE E 177 -68.56 10.85 -22.31
CA PHE E 177 -68.43 9.51 -22.82
C PHE E 177 -66.96 9.19 -23.09
N SER E 178 -66.56 7.97 -22.77
CA SER E 178 -65.19 7.52 -22.95
C SER E 178 -65.17 6.19 -23.68
N ALA E 179 -64.35 6.10 -24.73
CA ALA E 179 -64.18 4.86 -25.47
C ALA E 179 -62.75 4.79 -25.96
N VAL E 180 -62.20 3.58 -26.00
CA VAL E 180 -60.81 3.36 -26.39
C VAL E 180 -60.76 2.26 -27.43
N GLY E 181 -59.92 2.45 -28.45
CA GLY E 181 -59.70 1.44 -29.47
C GLY E 181 -58.26 1.01 -29.54
N GLU E 182 -58.00 -0.28 -29.32
CA GLU E 182 -56.65 -0.79 -29.23
C GLU E 182 -56.36 -1.70 -30.42
N ALA E 183 -55.24 -1.46 -31.09
CA ALA E 183 -54.84 -2.24 -32.27
C ALA E 183 -53.46 -2.83 -32.00
N SER E 184 -53.41 -4.16 -31.85
CA SER E 184 -52.15 -4.86 -31.57
C SER E 184 -51.33 -4.91 -32.85
N ILE E 185 -50.17 -4.28 -32.85
CA ILE E 185 -49.26 -4.26 -33.97
C ILE E 185 -47.84 -4.52 -33.46
N CYS E 186 -46.90 -4.56 -34.39
CA CYS E 186 -45.49 -4.74 -34.07
C CYS E 186 -44.69 -3.52 -34.51
N GLU E 187 -43.60 -3.26 -33.80
CA GLU E 187 -42.97 -1.94 -33.79
C GLU E 187 -42.45 -1.53 -35.16
N ASP E 188 -41.97 -2.49 -35.98
CA ASP E 188 -41.39 -2.12 -37.25
C ASP E 188 -42.42 -1.49 -38.18
N ASP E 189 -43.67 -1.98 -38.15
CA ASP E 189 -44.72 -1.39 -38.96
C ASP E 189 -44.98 0.05 -38.55
N TRP E 190 -45.04 0.31 -37.24
CA TRP E 190 -45.30 1.66 -36.77
C TRP E 190 -44.15 2.60 -37.09
N ASN E 191 -42.91 2.13 -36.95
CA ASN E 191 -41.74 2.98 -37.12
C ASN E 191 -41.20 2.99 -38.54
N SER E 192 -41.84 2.27 -39.46
CA SER E 192 -41.41 2.26 -40.86
C SER E 192 -41.99 3.40 -41.68
N GLY E 193 -42.82 4.25 -41.07
CA GLY E 193 -43.47 5.33 -41.78
C GLY E 193 -44.91 5.07 -42.15
N GLU E 194 -45.43 3.88 -41.89
CA GLU E 194 -46.82 3.58 -42.20
C GLU E 194 -47.75 4.38 -41.29
N ARG E 195 -48.85 4.87 -41.87
CA ARG E 195 -49.78 5.73 -41.17
C ARG E 195 -51.06 4.97 -40.82
N PHE E 196 -51.59 5.24 -39.63
CA PHE E 196 -52.79 4.59 -39.14
C PHE E 196 -53.99 5.52 -39.25
N THR E 197 -55.18 4.92 -39.26
CA THR E 197 -56.43 5.67 -39.35
C THR E 197 -57.44 5.07 -38.38
N CYS E 198 -58.10 5.92 -37.62
CA CYS E 198 -59.12 5.51 -36.65
C CYS E 198 -60.50 5.78 -37.23
N THR E 199 -61.41 4.82 -37.04
CA THR E 199 -62.78 4.92 -37.53
C THR E 199 -63.73 5.01 -36.34
N VAL E 200 -64.53 6.07 -36.31
CA VAL E 200 -65.49 6.31 -35.23
C VAL E 200 -66.86 6.59 -35.86
N THR E 201 -67.86 5.85 -35.41
CA THR E 201 -69.25 6.04 -35.85
C THR E 201 -70.16 6.15 -34.64
N HIS E 202 -71.10 7.08 -34.70
CA HIS E 202 -72.02 7.31 -33.60
C HIS E 202 -73.35 7.83 -34.13
N THR E 203 -74.39 7.67 -33.33
CA THR E 203 -75.70 8.19 -33.70
C THR E 203 -75.71 9.72 -33.75
N ASP E 204 -75.05 10.36 -32.78
CA ASP E 204 -74.99 11.82 -32.75
C ASP E 204 -74.22 12.36 -33.96
N LEU E 205 -73.14 11.67 -34.34
CA LEU E 205 -72.28 12.07 -35.46
C LEU E 205 -72.20 10.91 -36.44
N PRO E 206 -73.23 10.72 -37.27
CA PRO E 206 -73.20 9.61 -38.24
C PRO E 206 -72.08 9.73 -39.26
N SER E 207 -71.56 10.93 -39.51
CA SER E 207 -70.47 11.08 -40.45
C SER E 207 -69.21 10.38 -39.92
N PRO E 208 -68.53 9.58 -40.73
CA PRO E 208 -67.32 8.90 -40.25
C PRO E 208 -66.23 9.89 -39.87
N LEU E 209 -65.45 9.52 -38.86
CA LEU E 209 -64.36 10.33 -38.36
C LEU E 209 -63.05 9.60 -38.62
N LYS E 210 -62.05 10.36 -39.10
CA LYS E 210 -60.74 9.81 -39.42
C LYS E 210 -59.66 10.63 -38.74
N GLN E 211 -58.66 9.94 -38.20
CA GLN E 211 -57.52 10.56 -37.55
C GLN E 211 -56.23 9.86 -37.97
N THR E 212 -55.18 10.64 -38.19
CA THR E 212 -53.90 10.13 -38.65
C THR E 212 -52.83 10.44 -37.62
N ILE E 213 -52.10 9.43 -37.19
CA ILE E 213 -51.00 9.57 -36.25
C ILE E 213 -49.85 8.69 -36.70
N SER E 214 -48.63 9.22 -36.58
CA SER E 214 -47.43 8.49 -36.99
C SER E 214 -46.23 9.15 -36.33
N ARG E 215 -45.04 8.64 -36.66
CA ARG E 215 -43.81 9.22 -36.13
C ARG E 215 -43.54 10.58 -36.76
N PRO E 216 -43.15 11.58 -35.96
CA PRO E 216 -42.79 12.90 -36.51
C PRO E 216 -41.39 12.92 -37.12
N LYS E 217 -41.30 12.48 -38.37
CA LYS E 217 -40.02 12.42 -39.06
C LYS E 217 -39.46 13.82 -39.29
N GLY E 218 -38.14 13.91 -39.27
CA GLY E 218 -37.47 15.17 -39.53
C GLY E 218 -36.86 15.80 -38.29
N VAL E 219 -36.32 14.98 -37.39
CA VAL E 219 -35.70 15.46 -36.17
C VAL E 219 -34.36 14.75 -35.99
N ALA E 220 -33.36 15.52 -35.54
CA ALA E 220 -32.05 14.95 -35.27
C ALA E 220 -32.08 14.10 -34.00
N LEU E 221 -31.14 13.15 -33.92
CA LEU E 221 -31.06 12.22 -32.82
C LEU E 221 -29.71 12.37 -32.12
N HIS E 222 -29.73 12.49 -30.80
CA HIS E 222 -28.51 12.57 -30.00
C HIS E 222 -28.66 11.68 -28.77
N ARG E 223 -27.53 11.22 -28.27
CA ARG E 223 -27.47 10.29 -27.14
C ARG E 223 -27.31 11.05 -25.82
N PRO E 224 -28.03 10.65 -24.79
CA PRO E 224 -27.91 11.32 -23.50
C PRO E 224 -26.61 10.99 -22.79
N ASP E 225 -26.29 11.82 -21.81
CA ASP E 225 -25.15 11.61 -20.92
C ASP E 225 -25.68 11.47 -19.50
N VAL E 226 -25.28 10.41 -18.80
CA VAL E 226 -25.83 10.06 -17.50
C VAL E 226 -24.77 10.31 -16.43
N TYR E 227 -25.13 11.08 -15.41
CA TYR E 227 -24.27 11.34 -14.26
C TYR E 227 -25.03 11.00 -12.99
N LEU E 228 -24.47 10.13 -12.16
CA LEU E 228 -25.09 9.67 -10.94
C LEU E 228 -24.35 10.28 -9.75
N LEU E 229 -25.11 10.91 -8.84
CA LEU E 229 -24.51 11.67 -7.75
C LEU E 229 -24.85 11.07 -6.40
N PRO E 230 -23.91 11.05 -5.47
CA PRO E 230 -24.17 10.48 -4.14
C PRO E 230 -24.89 11.48 -3.26
N PRO E 231 -25.51 11.03 -2.12
CA PRO E 231 -26.22 11.93 -1.21
C PRO E 231 -25.29 12.98 -0.55
N ALA E 232 -25.87 14.09 -0.11
CA ALA E 232 -25.06 15.16 0.52
C ALA E 232 -24.59 14.71 1.91
N ARG E 233 -23.38 15.11 2.31
CA ARG E 233 -22.82 14.70 3.63
C ARG E 233 -23.75 15.21 4.73
N GLU E 234 -24.24 16.44 4.61
CA GLU E 234 -25.14 17.04 5.64
C GLU E 234 -26.40 16.18 5.77
N GLN E 235 -26.94 15.70 4.64
CA GLN E 235 -28.14 14.84 4.67
C GLN E 235 -27.80 13.54 5.41
N LEU E 236 -26.59 13.01 5.17
CA LEU E 236 -26.15 11.76 5.83
C LEU E 236 -26.00 12.01 7.34
N ASN E 237 -25.51 13.19 7.73
CA ASN E 237 -25.26 13.49 9.17
C ASN E 237 -26.59 13.48 9.94
N LEU E 238 -27.72 13.62 9.24
CA LEU E 238 -29.05 13.66 9.90
C LEU E 238 -29.40 12.28 10.46
N ARG E 239 -28.71 11.24 9.99
CA ARG E 239 -28.99 9.85 10.44
C ARG E 239 -30.48 9.54 10.23
N GLU E 240 -31.00 9.85 9.04
CA GLU E 240 -32.44 9.63 8.75
C GLU E 240 -32.57 8.86 7.42
N SER E 241 -32.59 9.57 6.30
CA SER E 241 -32.69 8.91 4.97
C SER E 241 -31.84 9.66 3.94
N ALA E 242 -31.43 8.96 2.87
CA ALA E 242 -30.57 9.59 1.84
C ALA E 242 -31.29 9.61 0.49
N THR E 243 -30.79 10.42 -0.46
CA THR E 243 -31.42 10.49 -1.81
C THR E 243 -30.33 10.43 -2.89
N ILE E 244 -30.40 9.42 -3.77
CA ILE E 244 -29.44 9.33 -4.91
C ILE E 244 -30.05 10.07 -6.09
N THR E 245 -29.26 10.87 -6.81
CA THR E 245 -29.82 11.69 -7.92
C THR E 245 -29.23 11.25 -9.26
N CYS E 246 -30.07 11.06 -10.26
CA CYS E 246 -29.64 10.68 -11.60
C CYS E 246 -29.94 11.84 -12.53
N LEU E 247 -28.92 12.33 -13.23
CA LEU E 247 -29.04 13.50 -14.11
C LEU E 247 -28.79 13.06 -15.54
N VAL E 248 -29.85 13.04 -16.34
CA VAL E 248 -29.78 12.70 -17.76
C VAL E 248 -29.90 13.98 -18.56
N THR E 249 -28.87 14.28 -19.34
CA THR E 249 -28.79 15.56 -20.03
C THR E 249 -28.36 15.38 -21.49
N GLY E 250 -28.80 16.30 -22.33
CA GLY E 250 -28.32 16.38 -23.70
C GLY E 250 -28.98 15.47 -24.70
N PHE E 251 -30.12 14.87 -24.38
CA PHE E 251 -30.78 13.94 -25.27
C PHE E 251 -31.85 14.64 -26.09
N SER E 252 -31.95 14.26 -27.37
CA SER E 252 -33.00 14.70 -28.25
C SER E 252 -33.42 13.52 -29.11
N PRO E 253 -34.73 13.29 -29.27
CA PRO E 253 -35.86 14.06 -28.75
C PRO E 253 -36.21 13.72 -27.30
N ALA E 254 -37.42 14.10 -26.88
CA ALA E 254 -37.79 13.92 -25.46
C ALA E 254 -38.61 12.64 -25.28
N ASP E 255 -37.93 11.49 -25.23
CA ASP E 255 -38.64 10.20 -24.98
C ASP E 255 -37.69 9.28 -24.21
N VAL E 256 -37.38 9.63 -22.96
CA VAL E 256 -36.39 8.83 -22.17
C VAL E 256 -37.15 8.03 -21.10
N PHE E 257 -36.77 6.76 -20.91
CA PHE E 257 -37.39 5.93 -19.83
C PHE E 257 -36.33 5.62 -18.78
N VAL E 258 -36.52 6.10 -17.56
CA VAL E 258 -35.52 5.89 -16.46
C VAL E 258 -36.07 4.85 -15.49
N GLN E 259 -35.22 3.91 -15.04
CA GLN E 259 -35.64 2.89 -14.05
C GLN E 259 -34.51 2.66 -13.06
N TRP E 260 -34.83 2.22 -11.84
CA TRP E 260 -33.79 1.92 -10.82
C TRP E 260 -33.80 0.43 -10.48
N MET E 261 -32.63 -0.23 -10.49
CA MET E 261 -32.53 -1.67 -10.15
C MET E 261 -31.43 -1.85 -9.09
N GLN E 262 -31.81 -2.18 -7.85
CA GLN E 262 -30.81 -2.29 -6.76
C GLN E 262 -29.97 -3.57 -6.93
N ARG E 263 -30.63 -4.72 -7.02
CA ARG E 263 -29.91 -6.02 -7.14
C ARG E 263 -30.30 -6.69 -8.47
N GLY E 264 -30.57 -5.90 -9.50
CA GLY E 264 -31.06 -6.46 -10.77
C GLY E 264 -32.57 -6.58 -10.73
N GLN E 265 -33.16 -6.52 -9.53
CA GLN E 265 -34.63 -6.55 -9.38
C GLN E 265 -35.12 -5.11 -9.26
N PRO E 266 -35.96 -4.60 -10.19
CA PRO E 266 -36.38 -3.19 -10.15
C PRO E 266 -37.09 -2.83 -8.84
N LEU E 267 -36.77 -1.68 -8.26
CA LEU E 267 -37.43 -1.23 -7.01
C LEU E 267 -38.86 -0.79 -7.33
N SER E 268 -39.74 -0.77 -6.33
CA SER E 268 -41.16 -0.38 -6.55
C SER E 268 -41.22 0.96 -7.28
N PRO E 269 -42.03 1.10 -8.34
CA PRO E 269 -42.08 2.35 -9.13
C PRO E 269 -42.53 3.54 -8.29
N GLU E 270 -43.07 3.30 -7.10
CA GLU E 270 -43.58 4.40 -6.23
C GLU E 270 -42.45 4.89 -5.32
N LYS E 271 -41.25 4.36 -5.46
CA LYS E 271 -40.12 4.74 -4.55
C LYS E 271 -39.36 5.93 -5.14
N TYR E 272 -39.38 6.11 -6.47
CA TYR E 272 -38.61 7.19 -7.07
C TYR E 272 -39.52 8.09 -7.88
N VAL E 273 -39.01 9.29 -8.19
CA VAL E 273 -39.75 10.30 -8.94
C VAL E 273 -38.89 10.76 -10.10
N THR E 274 -39.47 10.83 -11.29
CA THR E 274 -38.78 11.25 -12.49
C THR E 274 -39.43 12.52 -13.04
N SER E 275 -38.60 13.38 -13.62
CA SER E 275 -39.04 14.68 -14.12
C SER E 275 -39.25 14.64 -15.63
N ALA E 276 -40.21 15.45 -16.09
CA ALA E 276 -40.44 15.57 -17.51
C ALA E 276 -39.27 16.28 -18.18
N PRO E 277 -38.99 15.95 -19.44
CA PRO E 277 -37.80 16.53 -20.11
C PRO E 277 -37.97 18.01 -20.40
N MET E 278 -37.28 18.85 -19.64
CA MET E 278 -37.34 20.28 -19.90
C MET E 278 -36.21 20.68 -20.85
N PRO E 279 -36.44 21.62 -21.81
CA PRO E 279 -35.40 21.96 -22.79
C PRO E 279 -34.10 22.42 -22.11
N GLU E 280 -32.96 21.99 -22.64
CA GLU E 280 -31.65 22.41 -22.08
C GLU E 280 -31.53 23.93 -22.23
N PRO E 281 -31.12 24.68 -21.19
CA PRO E 281 -31.09 26.16 -21.25
C PRO E 281 -30.15 26.71 -22.34
N GLN E 282 -28.97 26.12 -22.51
CA GLN E 282 -27.98 26.67 -23.47
C GLN E 282 -28.03 25.90 -24.80
N ALA E 283 -28.47 24.65 -24.78
CA ALA E 283 -28.46 23.83 -26.02
C ALA E 283 -29.87 23.74 -26.61
N PRO E 284 -30.15 24.38 -27.76
CA PRO E 284 -31.48 24.36 -28.37
C PRO E 284 -31.78 22.99 -29.02
N GLY E 285 -32.97 22.44 -28.76
CA GLY E 285 -33.36 21.14 -29.35
C GLY E 285 -33.03 19.97 -28.45
N ARG E 286 -32.01 20.12 -27.59
CA ARG E 286 -31.62 19.04 -26.65
C ARG E 286 -32.38 19.22 -25.33
N TYR E 287 -32.52 18.15 -24.54
CA TYR E 287 -33.31 18.24 -23.29
C TYR E 287 -32.54 17.60 -22.12
N PHE E 288 -33.09 17.71 -20.91
CA PHE E 288 -32.50 17.10 -19.73
C PHE E 288 -33.61 16.66 -18.79
N ALA E 289 -33.29 15.73 -17.91
CA ALA E 289 -34.28 15.19 -16.98
C ALA E 289 -33.57 14.75 -15.70
N HIS E 290 -34.36 14.59 -14.63
CA HIS E 290 -33.80 14.20 -13.31
C HIS E 290 -34.56 13.01 -12.75
N SER E 291 -33.90 12.18 -11.94
CA SER E 291 -34.59 11.04 -11.28
C SER E 291 -33.96 10.85 -9.89
N ILE E 292 -34.78 10.88 -8.84
CA ILE E 292 -34.22 10.78 -7.46
C ILE E 292 -34.79 9.54 -6.76
N LEU E 293 -33.93 8.74 -6.13
CA LEU E 293 -34.39 7.54 -5.38
C LEU E 293 -34.08 7.74 -3.89
N THR E 294 -35.12 7.77 -3.06
CA THR E 294 -34.94 7.99 -1.60
C THR E 294 -34.78 6.64 -0.90
N VAL E 295 -33.60 6.39 -0.32
CA VAL E 295 -33.35 5.11 0.40
C VAL E 295 -32.93 5.43 1.84
N SER E 296 -33.03 4.45 2.74
CA SER E 296 -32.59 4.65 4.15
C SER E 296 -31.05 4.69 4.18
N GLU E 297 -30.48 5.62 4.95
CA GLU E 297 -29.00 5.75 5.02
C GLU E 297 -28.40 4.42 5.50
N GLU E 298 -29.05 3.79 6.49
CA GLU E 298 -28.58 2.47 6.99
C GLU E 298 -28.22 1.58 5.80
N GLU E 299 -29.19 1.29 4.93
CA GLU E 299 -28.93 0.45 3.73
C GLU E 299 -27.75 1.01 2.96
N TRP E 300 -27.73 2.32 2.73
CA TRP E 300 -26.64 2.92 1.91
C TRP E 300 -25.30 2.70 2.60
N ASN E 301 -25.26 2.69 3.94
CA ASN E 301 -23.96 2.61 4.65
C ASN E 301 -23.46 1.16 4.69
N THR E 302 -24.31 0.18 4.31
CA THR E 302 -23.90 -1.25 4.37
C THR E 302 -23.33 -1.68 3.01
N GLY E 303 -23.11 -0.74 2.09
CA GLY E 303 -22.49 -1.08 0.79
C GLY E 303 -23.52 -1.44 -0.27
N GLU E 304 -24.82 -1.30 0.05
CA GLU E 304 -25.88 -1.56 -0.96
C GLU E 304 -25.54 -0.80 -2.25
N THR E 305 -25.61 -1.47 -3.39
CA THR E 305 -25.26 -0.81 -4.68
C THR E 305 -26.53 -0.45 -5.45
N TYR E 306 -26.59 0.76 -6.01
CA TYR E 306 -27.74 1.20 -6.78
C TYR E 306 -27.29 1.65 -8.15
N THR E 307 -28.13 1.39 -9.16
CA THR E 307 -27.80 1.77 -10.52
C THR E 307 -29.01 2.42 -11.18
N CYS E 308 -28.73 3.24 -12.19
CA CYS E 308 -29.72 4.06 -12.88
C CYS E 308 -29.70 3.68 -14.36
N VAL E 309 -30.57 2.76 -14.75
CA VAL E 309 -30.67 2.32 -16.14
C VAL E 309 -31.63 3.23 -16.88
N VAL E 310 -31.18 3.76 -18.01
CA VAL E 310 -31.94 4.73 -18.79
C VAL E 310 -32.05 4.22 -20.22
N ALA E 311 -33.25 4.29 -20.79
CA ALA E 311 -33.53 3.77 -22.11
C ALA E 311 -33.90 4.92 -23.05
N HIS E 312 -33.17 5.02 -24.16
CA HIS E 312 -33.44 6.04 -25.17
C HIS E 312 -33.28 5.41 -26.54
N GLU E 313 -34.03 5.92 -27.52
CA GLU E 313 -34.01 5.32 -28.88
C GLU E 313 -32.86 5.88 -29.71
N ALA E 314 -31.78 6.34 -29.06
CA ALA E 314 -30.60 6.84 -29.79
C ALA E 314 -29.36 6.14 -29.24
N LEU E 315 -29.50 5.43 -28.12
CA LEU E 315 -28.36 4.68 -27.53
C LEU E 315 -28.03 3.49 -28.44
N PRO E 316 -26.77 3.00 -28.49
CA PRO E 316 -26.40 1.92 -29.41
C PRO E 316 -27.28 0.67 -29.22
N ASN E 317 -27.41 0.20 -27.98
CA ASN E 317 -28.31 -0.95 -27.68
C ASN E 317 -29.60 -0.41 -27.07
N ARG E 318 -29.81 0.91 -27.17
CA ARG E 318 -31.02 1.55 -26.60
C ARG E 318 -31.08 1.30 -25.08
N VAL E 319 -29.95 0.92 -24.47
CA VAL E 319 -29.92 0.74 -22.99
C VAL E 319 -28.56 1.25 -22.47
N THR E 320 -28.55 1.82 -21.26
CA THR E 320 -27.30 2.37 -20.65
C THR E 320 -27.45 2.32 -19.13
N GLU E 321 -26.43 1.82 -18.41
CA GLU E 321 -26.56 1.66 -16.94
C GLU E 321 -25.39 2.32 -16.22
N ARG E 322 -25.66 3.16 -15.21
CA ARG E 322 -24.58 3.77 -14.40
C ARG E 322 -24.86 3.45 -12.93
N THR E 323 -23.84 3.06 -12.16
CA THR E 323 -24.09 2.63 -10.75
C THR E 323 -23.38 3.54 -9.75
N VAL E 324 -23.66 3.36 -8.45
CA VAL E 324 -23.01 4.19 -7.40
C VAL E 324 -23.05 3.43 -6.06
N ASP E 325 -21.97 3.51 -5.28
CA ASP E 325 -21.92 2.86 -3.94
C ASP E 325 -21.24 3.85 -2.97
N LYS E 326 -21.23 3.55 -1.67
CA LYS E 326 -20.65 4.47 -0.66
C LYS E 326 -19.16 4.73 -0.93
N SER E 327 -18.48 3.82 -1.62
CA SER E 327 -17.02 3.96 -1.84
C SER E 327 -16.73 4.62 -3.19
N THR E 328 -17.75 5.02 -3.92
CA THR E 328 -17.53 5.56 -5.29
C THR E 328 -17.14 7.04 -5.21
N GLY E 329 -15.91 7.39 -5.60
CA GLY E 329 -15.51 8.81 -5.64
C GLY E 329 -14.63 9.20 -4.47
N LYS E 330 -14.67 8.42 -3.38
CA LYS E 330 -13.83 8.72 -2.18
C LYS E 330 -12.37 8.83 -2.62
N PRO E 331 -11.57 9.83 -2.17
CA PRO E 331 -10.20 10.00 -2.66
C PRO E 331 -9.16 9.23 -1.81
N THR E 332 -7.91 9.20 -2.26
CA THR E 332 -6.82 8.51 -1.50
C THR E 332 -6.36 9.41 -0.36
N LEU E 333 -6.09 8.83 0.81
CA LEU E 333 -5.68 9.64 1.99
C LEU E 333 -4.19 9.44 2.24
N TYR E 334 -3.71 8.20 2.24
CA TYR E 334 -2.29 7.89 2.58
C TYR E 334 -1.43 7.75 1.32
N ASN E 335 -0.26 8.38 1.31
CA ASN E 335 0.69 8.25 0.21
C ASN E 335 2.02 7.82 0.81
N VAL E 336 2.18 6.51 1.04
CA VAL E 336 3.43 5.99 1.66
C VAL E 336 4.51 5.91 0.58
N SER E 337 5.71 6.43 0.86
CA SER E 337 6.82 6.38 -0.12
C SER E 337 8.12 5.94 0.58
N LEU E 338 8.19 4.67 0.98
CA LEU E 338 9.41 4.15 1.67
C LEU E 338 10.58 4.17 0.67
N VAL E 339 11.78 4.52 1.14
CA VAL E 339 12.97 4.60 0.25
C VAL E 339 14.01 3.58 0.73
N MET E 340 14.54 2.77 -0.18
CA MET E 340 15.57 1.76 0.18
C MET E 340 16.93 2.22 -0.35
N LEU F 3 25.60 -1.87 -25.51
CA LEU F 3 26.85 -1.11 -25.25
C LEU F 3 27.31 -0.40 -26.53
N PRO F 4 27.59 -1.10 -27.66
CA PRO F 4 28.10 -0.44 -28.86
C PRO F 4 27.02 0.42 -29.52
N GLU F 5 27.43 1.52 -30.17
CA GLU F 5 26.45 2.38 -30.89
C GLU F 5 26.86 2.50 -32.36
N VAL F 6 26.00 2.05 -33.28
CA VAL F 6 26.30 2.16 -34.73
C VAL F 6 26.18 3.63 -35.15
N LYS F 7 25.35 4.40 -34.45
CA LYS F 7 25.12 5.82 -34.84
C LYS F 7 24.84 5.85 -36.34
N VAL F 8 24.11 4.85 -36.84
CA VAL F 8 23.76 4.75 -38.27
C VAL F 8 23.14 6.08 -38.73
N GLU F 9 23.43 6.50 -39.97
CA GLU F 9 22.81 7.75 -40.51
C GLU F 9 22.18 7.45 -41.87
N GLY F 10 21.24 8.29 -42.29
CA GLY F 10 20.56 8.09 -43.56
C GLY F 10 19.98 9.36 -44.13
N GLU F 11 19.12 9.21 -45.15
CA GLU F 11 18.49 10.36 -45.80
C GLU F 11 16.98 10.16 -45.82
N LEU F 12 16.25 11.27 -45.95
CA LEU F 12 14.81 11.21 -46.05
C LEU F 12 14.42 10.43 -47.30
N GLY F 13 13.45 9.52 -47.15
CA GLY F 13 13.15 8.63 -48.24
C GLY F 13 14.19 7.52 -48.34
N GLY F 14 14.10 6.77 -49.43
CA GLY F 14 15.03 5.67 -49.63
C GLY F 14 14.88 4.61 -48.55
N SER F 15 16.01 4.08 -48.09
CA SER F 15 16.00 3.06 -47.05
C SER F 15 17.33 3.09 -46.31
N VAL F 16 17.32 2.56 -45.08
CA VAL F 16 18.57 2.50 -44.26
C VAL F 16 18.62 1.12 -43.59
N THR F 17 19.81 0.52 -43.50
CA THR F 17 19.94 -0.83 -42.91
C THR F 17 20.52 -0.73 -41.50
N ILE F 18 19.86 -1.36 -40.52
CA ILE F 18 20.36 -1.35 -39.11
C ILE F 18 21.15 -2.63 -38.87
N LYS F 19 22.41 -2.52 -38.46
CA LYS F 19 23.26 -3.71 -38.21
C LYS F 19 23.26 -4.04 -36.71
N CYS F 20 22.82 -5.25 -36.36
CA CYS F 20 22.79 -5.66 -34.92
C CYS F 20 23.32 -7.09 -34.79
N PRO F 21 23.96 -7.46 -33.67
CA PRO F 21 24.55 -8.79 -33.52
C PRO F 21 23.49 -9.88 -33.36
N LEU F 22 23.68 -11.03 -34.02
CA LEU F 22 22.72 -12.17 -33.89
C LEU F 22 23.28 -13.18 -32.89
N PRO F 23 22.78 -13.24 -31.63
CA PRO F 23 23.35 -14.14 -30.63
C PRO F 23 22.81 -15.57 -30.76
N GLU F 24 23.40 -16.52 -30.03
CA GLU F 24 22.96 -17.94 -30.08
C GLU F 24 22.29 -18.29 -28.74
N MET F 25 21.52 -19.38 -28.70
CA MET F 25 20.78 -19.77 -27.47
C MET F 25 19.74 -18.71 -27.11
N HIS F 26 19.31 -17.89 -28.07
CA HIS F 26 18.25 -16.86 -27.86
C HIS F 26 17.40 -16.88 -29.13
N VAL F 27 16.15 -17.31 -29.05
CA VAL F 27 15.38 -17.46 -30.33
C VAL F 27 14.72 -16.13 -30.69
N ARG F 28 13.95 -15.54 -29.77
CA ARG F 28 13.29 -14.23 -30.04
C ARG F 28 14.35 -13.15 -30.28
N ILE F 29 14.34 -12.55 -31.47
CA ILE F 29 15.30 -11.43 -31.78
C ILE F 29 14.44 -10.20 -32.13
N TYR F 30 14.66 -9.07 -31.46
CA TYR F 30 13.78 -7.90 -31.69
C TYR F 30 14.60 -6.62 -31.92
N LEU F 31 13.97 -5.59 -32.50
CA LEU F 31 14.64 -4.28 -32.67
C LEU F 31 13.77 -3.25 -31.95
N CYS F 32 13.73 -3.34 -30.62
CA CYS F 32 12.83 -2.46 -29.82
C CYS F 32 13.14 -0.98 -30.04
N ARG F 33 12.13 -0.11 -29.90
CA ARG F 33 12.35 1.36 -30.00
C ARG F 33 12.31 1.94 -28.59
N GLU F 34 13.39 2.63 -28.18
CA GLU F 34 13.46 3.18 -26.81
C GLU F 34 12.52 4.38 -26.70
N MET F 35 11.26 4.14 -26.29
CA MET F 35 10.28 5.23 -26.14
C MET F 35 10.81 6.23 -25.10
N ALA F 36 11.43 5.72 -24.03
CA ALA F 36 12.01 6.60 -22.98
C ALA F 36 10.95 7.57 -22.44
N GLY F 37 9.69 7.13 -22.39
CA GLY F 37 8.62 7.98 -21.83
C GLY F 37 8.43 7.68 -20.35
N SER F 38 7.82 6.54 -20.03
CA SER F 38 7.65 6.13 -18.61
C SER F 38 8.59 4.95 -18.34
N GLY F 39 9.78 4.96 -18.95
CA GLY F 39 10.73 3.84 -18.78
C GLY F 39 10.22 2.56 -19.43
N THR F 40 9.65 2.67 -20.63
CA THR F 40 9.08 1.48 -21.33
C THR F 40 9.57 1.46 -22.78
N CYS F 41 9.90 0.29 -23.30
CA CYS F 41 10.38 0.16 -24.70
C CYS F 41 9.38 -0.69 -25.49
N GLY F 42 8.90 -0.19 -26.63
CA GLY F 42 7.88 -0.92 -27.43
C GLY F 42 8.51 -1.69 -28.58
N THR F 43 8.21 -2.99 -28.69
CA THR F 43 8.80 -3.84 -29.76
C THR F 43 8.34 -3.34 -31.14
N VAL F 44 9.29 -2.99 -32.01
CA VAL F 44 8.93 -2.57 -33.41
C VAL F 44 8.76 -3.85 -34.25
N VAL F 45 9.70 -4.78 -34.16
CA VAL F 45 9.63 -6.05 -34.94
C VAL F 45 10.14 -7.20 -34.06
N SER F 46 9.77 -8.43 -34.38
CA SER F 46 10.26 -9.60 -33.62
C SER F 46 10.22 -10.84 -34.50
N THR F 47 10.89 -11.92 -34.08
CA THR F 47 10.84 -13.20 -34.85
C THR F 47 9.48 -13.85 -34.59
N THR F 48 8.80 -13.44 -33.52
CA THR F 48 7.45 -13.99 -33.19
C THR F 48 6.42 -13.41 -34.16
N ASN F 49 6.85 -12.51 -35.06
CA ASN F 49 5.96 -11.90 -36.07
C ASN F 49 5.07 -10.82 -35.44
N PHE F 50 5.63 -9.64 -35.16
CA PHE F 50 4.82 -8.50 -34.67
C PHE F 50 5.42 -7.22 -35.24
N ILE F 51 4.85 -6.67 -36.31
CA ILE F 51 5.35 -5.37 -36.85
C ILE F 51 4.38 -4.27 -36.42
N LYS F 52 4.84 -3.32 -35.62
CA LYS F 52 4.03 -2.22 -35.14
C LYS F 52 3.22 -1.61 -36.29
N ALA F 53 2.05 -1.09 -35.96
CA ALA F 53 1.15 -0.56 -36.98
C ALA F 53 1.79 0.61 -37.72
N GLU F 54 2.48 1.49 -37.01
CA GLU F 54 3.13 2.63 -37.65
C GLU F 54 4.23 2.20 -38.60
N TYR F 55 4.80 1.01 -38.41
CA TYR F 55 5.86 0.49 -39.26
C TYR F 55 5.40 -0.68 -40.13
N LYS F 56 4.09 -0.88 -40.26
CA LYS F 56 3.59 -2.01 -41.02
C LYS F 56 3.88 -1.84 -42.50
N GLY F 57 4.46 -2.87 -43.11
CA GLY F 57 4.76 -2.84 -44.52
C GLY F 57 5.97 -2.03 -44.91
N ARG F 58 6.76 -1.57 -43.95
CA ARG F 58 7.95 -0.76 -44.23
C ARG F 58 9.24 -1.35 -43.69
N VAL F 59 9.18 -2.40 -42.87
CA VAL F 59 10.36 -2.96 -42.22
C VAL F 59 10.38 -4.47 -42.41
N THR F 60 11.58 -5.04 -42.31
CA THR F 60 11.77 -6.47 -42.43
C THR F 60 12.97 -6.89 -41.61
N LEU F 61 13.00 -8.17 -41.23
CA LEU F 61 14.07 -8.73 -40.41
C LEU F 61 14.52 -10.04 -41.03
N LYS F 62 15.78 -10.10 -41.43
CA LYS F 62 16.36 -11.29 -42.05
C LYS F 62 17.54 -11.75 -41.20
N GLN F 63 17.54 -13.02 -40.81
CA GLN F 63 18.58 -13.60 -39.97
C GLN F 63 19.35 -14.65 -40.77
N TYR F 64 20.68 -14.58 -40.68
CA TYR F 64 21.55 -15.55 -41.35
C TYR F 64 22.83 -15.65 -40.54
N PRO F 65 23.07 -16.79 -39.87
CA PRO F 65 24.25 -16.90 -39.01
C PRO F 65 25.54 -17.10 -39.78
N ARG F 66 25.82 -16.22 -40.75
CA ARG F 66 27.09 -16.28 -41.48
C ARG F 66 28.19 -15.60 -40.68
N LYS F 67 28.02 -14.31 -40.38
CA LYS F 67 28.94 -13.56 -39.55
C LYS F 67 28.35 -13.26 -38.17
N ASN F 68 27.38 -14.06 -37.74
CA ASN F 68 26.65 -13.83 -36.50
C ASN F 68 26.02 -12.43 -36.49
N LEU F 69 25.27 -12.14 -37.55
CA LEU F 69 24.65 -10.85 -37.75
C LEU F 69 23.26 -11.02 -38.32
N PHE F 70 22.31 -10.24 -37.82
CA PHE F 70 20.98 -10.13 -38.42
C PHE F 70 20.76 -8.68 -38.82
N LEU F 71 20.27 -8.47 -40.04
CA LEU F 71 20.10 -7.14 -40.60
C LEU F 71 18.62 -6.80 -40.69
N VAL F 72 18.29 -5.57 -40.29
CA VAL F 72 16.93 -5.06 -40.35
C VAL F 72 16.92 -3.82 -41.22
N GLU F 73 16.04 -3.80 -42.21
CA GLU F 73 15.95 -2.69 -43.16
C GLU F 73 14.68 -1.90 -42.91
N VAL F 74 14.80 -0.57 -42.93
CA VAL F 74 13.66 0.32 -42.78
C VAL F 74 13.50 1.08 -44.09
N THR F 75 12.40 0.83 -44.79
CA THR F 75 12.12 1.51 -46.04
C THR F 75 11.35 2.80 -45.77
N GLN F 76 11.52 3.78 -46.67
CA GLN F 76 10.89 5.11 -46.46
C GLN F 76 11.53 5.75 -45.21
N LEU F 77 11.16 6.98 -44.89
CA LEU F 77 11.69 7.63 -43.65
C LEU F 77 10.78 8.80 -43.26
N THR F 78 10.61 9.02 -41.95
CA THR F 78 9.78 10.16 -41.47
C THR F 78 10.49 10.79 -40.27
N GLU F 79 10.18 12.05 -39.97
CA GLU F 79 10.79 12.70 -38.76
C GLU F 79 10.67 11.72 -37.59
N SER F 80 9.49 11.11 -37.41
CA SER F 80 9.29 10.13 -36.31
C SER F 80 10.46 9.15 -36.28
N ASP F 81 10.98 8.77 -37.45
CA ASP F 81 12.11 7.81 -37.53
C ASP F 81 13.42 8.57 -37.27
N SER F 82 13.63 9.02 -36.03
CA SER F 82 14.87 9.76 -35.67
C SER F 82 15.10 9.65 -34.16
N GLY F 83 15.29 8.42 -33.66
CA GLY F 83 15.48 8.22 -32.21
C GLY F 83 16.38 7.04 -31.91
N VAL F 84 16.11 6.31 -30.82
CA VAL F 84 16.98 5.16 -30.41
C VAL F 84 16.23 3.85 -30.65
N TYR F 85 16.89 2.87 -31.27
CA TYR F 85 16.25 1.55 -31.53
C TYR F 85 17.14 0.43 -30.96
N ALA F 86 17.16 0.29 -29.63
CA ALA F 86 17.98 -0.75 -28.97
C ALA F 86 17.53 -2.14 -29.45
N CYS F 87 18.46 -2.95 -29.96
CA CYS F 87 18.12 -4.32 -30.43
C CYS F 87 18.63 -5.34 -29.41
N GLY F 88 17.89 -6.45 -29.23
CA GLY F 88 18.27 -7.46 -28.22
C GLY F 88 17.56 -8.78 -28.42
N ALA F 89 17.51 -9.60 -27.36
CA ALA F 89 16.88 -10.94 -27.46
C ALA F 89 16.20 -11.28 -26.13
N GLY F 90 15.50 -12.42 -26.05
CA GLY F 90 14.87 -12.84 -24.79
C GLY F 90 13.42 -12.40 -24.71
N MET F 91 12.62 -13.05 -23.85
CA MET F 91 11.17 -12.74 -23.73
C MET F 91 11.00 -11.30 -23.20
N ASN F 92 11.72 -10.94 -22.15
CA ASN F 92 11.61 -9.56 -21.57
C ASN F 92 12.30 -8.59 -22.53
N THR F 93 11.54 -7.63 -23.08
CA THR F 93 12.11 -6.69 -24.08
C THR F 93 12.97 -5.64 -23.35
N ASP F 94 12.54 -5.19 -22.18
CA ASP F 94 13.27 -4.11 -21.46
C ASP F 94 14.56 -4.64 -20.83
N ARG F 95 14.68 -5.96 -20.68
CA ARG F 95 15.88 -6.54 -20.00
C ARG F 95 16.84 -7.12 -21.03
N GLY F 96 16.71 -6.72 -22.30
CA GLY F 96 17.64 -7.18 -23.35
C GLY F 96 18.44 -6.01 -23.89
N LYS F 97 18.03 -5.44 -25.03
CA LYS F 97 18.71 -4.24 -25.58
C LYS F 97 20.22 -4.45 -25.57
N THR F 98 20.70 -5.52 -26.22
CA THR F 98 22.15 -5.84 -26.24
C THR F 98 22.94 -4.66 -26.83
N GLN F 99 22.46 -4.09 -27.94
CA GLN F 99 23.18 -2.99 -28.62
C GLN F 99 22.25 -1.77 -28.75
N LYS F 100 22.79 -0.56 -28.62
CA LYS F 100 21.97 0.67 -28.76
C LYS F 100 22.36 1.38 -30.05
N VAL F 101 21.41 2.02 -30.73
CA VAL F 101 21.70 2.69 -31.99
C VAL F 101 20.87 3.96 -32.05
N THR F 102 21.30 4.92 -32.86
CA THR F 102 20.59 6.17 -33.04
C THR F 102 20.30 6.41 -34.52
N LEU F 103 19.21 7.13 -34.77
CA LEU F 103 18.77 7.41 -36.14
C LEU F 103 18.35 8.87 -36.24
N ASN F 104 18.45 9.41 -37.45
CA ASN F 104 18.09 10.80 -37.71
C ASN F 104 17.62 10.93 -39.14
N VAL F 105 17.42 12.16 -39.59
CA VAL F 105 16.98 12.46 -40.96
C VAL F 105 17.81 13.62 -41.49
N HIS F 106 18.19 13.53 -42.77
CA HIS F 106 18.98 14.56 -43.43
C HIS F 106 18.18 15.11 -44.59
N SER F 107 17.45 16.19 -44.33
CA SER F 107 16.63 16.83 -45.37
C SER F 107 16.33 18.28 -44.99
N ILE G 117 -20.20 -46.62 -49.66
CA ILE G 117 -19.14 -47.67 -49.53
C ILE G 117 -17.82 -47.01 -49.14
N ARG G 118 -17.66 -46.76 -47.85
CA ARG G 118 -16.42 -46.11 -47.36
C ARG G 118 -15.88 -46.85 -46.14
N VAL G 119 -14.58 -46.71 -45.92
CA VAL G 119 -13.94 -47.29 -44.71
C VAL G 119 -13.07 -46.19 -44.13
N PHE G 120 -13.51 -45.64 -43.00
CA PHE G 120 -12.78 -44.50 -42.40
C PHE G 120 -11.90 -44.98 -41.25
N ALA G 121 -10.65 -44.51 -41.26
CA ALA G 121 -9.67 -44.92 -40.22
C ALA G 121 -9.42 -43.80 -39.23
N ILE G 122 -8.86 -44.16 -38.08
CA ILE G 122 -8.52 -43.16 -37.04
C ILE G 122 -7.02 -43.27 -36.79
N PRO G 123 -6.21 -42.37 -37.35
CA PRO G 123 -4.78 -42.40 -37.06
C PRO G 123 -4.51 -42.00 -35.62
N PRO G 124 -3.42 -42.49 -35.01
CA PRO G 124 -3.09 -42.08 -33.68
C PRO G 124 -2.84 -40.58 -33.58
N SER G 125 -3.34 -39.98 -32.52
CA SER G 125 -3.14 -38.54 -32.27
C SER G 125 -2.02 -38.33 -31.25
N PHE G 126 -1.44 -37.14 -31.25
CA PHE G 126 -0.36 -36.86 -30.29
C PHE G 126 -0.90 -36.87 -28.87
N ALA G 127 -2.14 -36.44 -28.70
CA ALA G 127 -2.76 -36.48 -27.36
C ALA G 127 -2.86 -37.93 -26.88
N SER G 128 -3.31 -38.82 -27.74
CA SER G 128 -3.43 -40.25 -27.36
C SER G 128 -2.04 -40.85 -27.11
N ILE G 129 -1.08 -40.49 -27.95
CA ILE G 129 0.30 -41.02 -27.79
C ILE G 129 0.85 -40.59 -26.43
N PHE G 130 0.68 -39.33 -26.08
CA PHE G 130 1.23 -38.84 -24.79
C PHE G 130 0.39 -39.33 -23.63
N LEU G 131 -0.88 -39.66 -23.86
CA LEU G 131 -1.73 -40.13 -22.75
C LEU G 131 -1.47 -41.60 -22.44
N THR G 132 -1.19 -42.41 -23.46
CA THR G 132 -1.11 -43.87 -23.22
C THR G 132 0.27 -44.48 -23.47
N LYS G 133 1.17 -43.71 -24.08
CA LYS G 133 2.53 -44.21 -24.40
C LYS G 133 2.40 -45.45 -25.30
N SER G 134 1.42 -45.43 -26.20
CA SER G 134 1.22 -46.55 -27.15
C SER G 134 0.52 -46.06 -28.41
N THR G 135 1.26 -45.95 -29.52
CA THR G 135 0.63 -45.54 -30.81
C THR G 135 -0.14 -46.74 -31.39
N LYS G 136 -1.37 -46.51 -31.86
CA LYS G 136 -2.20 -47.63 -32.38
C LYS G 136 -2.81 -47.26 -33.74
N LEU G 137 -2.88 -48.21 -34.66
CA LEU G 137 -3.50 -47.97 -35.98
C LEU G 137 -4.90 -48.58 -35.94
N THR G 138 -5.93 -47.80 -36.24
CA THR G 138 -7.32 -48.32 -36.16
C THR G 138 -8.14 -47.82 -37.36
N CYS G 139 -8.98 -48.71 -37.91
CA CYS G 139 -9.85 -48.34 -39.04
C CYS G 139 -11.24 -48.94 -38.86
N LEU G 140 -12.24 -48.19 -39.30
CA LEU G 140 -13.64 -48.64 -39.17
C LEU G 140 -14.32 -48.63 -40.53
N VAL G 141 -15.29 -49.53 -40.69
CA VAL G 141 -16.07 -49.63 -41.95
C VAL G 141 -17.38 -48.87 -41.76
N THR G 142 -17.86 -48.30 -42.84
CA THR G 142 -19.16 -47.59 -42.79
C THR G 142 -19.88 -47.77 -44.12
N ASP G 143 -21.16 -47.37 -44.15
CA ASP G 143 -21.98 -47.46 -45.37
C ASP G 143 -22.12 -48.89 -45.87
N LEU G 144 -21.95 -49.87 -44.99
CA LEU G 144 -22.11 -51.28 -45.38
C LEU G 144 -23.17 -51.94 -44.51
N THR G 145 -24.05 -52.69 -45.15
CA THR G 145 -25.12 -53.38 -44.39
C THR G 145 -24.49 -54.41 -43.45
N THR G 146 -25.11 -54.59 -42.29
CA THR G 146 -24.56 -55.53 -41.29
C THR G 146 -24.46 -56.94 -41.87
N TYR G 147 -23.32 -57.57 -41.67
CA TYR G 147 -23.08 -58.93 -42.18
C TYR G 147 -22.09 -59.62 -41.25
N ASP G 148 -21.50 -60.70 -41.72
CA ASP G 148 -20.50 -61.43 -40.91
C ASP G 148 -19.43 -61.94 -41.87
N SER G 149 -18.54 -62.81 -41.38
CA SER G 149 -17.46 -63.39 -42.21
C SER G 149 -16.57 -62.26 -42.76
N VAL G 150 -16.16 -61.37 -41.87
CA VAL G 150 -15.29 -60.23 -42.28
C VAL G 150 -14.02 -60.29 -41.47
N THR G 151 -12.88 -60.24 -42.16
CA THR G 151 -11.57 -60.24 -41.47
C THR G 151 -10.84 -58.94 -41.81
N ILE G 152 -10.30 -58.31 -40.77
CA ILE G 152 -9.56 -57.03 -40.96
C ILE G 152 -8.11 -57.26 -40.56
N SER G 153 -7.22 -56.77 -41.42
CA SER G 153 -5.77 -56.90 -41.15
C SER G 153 -5.09 -55.58 -41.48
N TRP G 154 -3.96 -55.34 -40.83
CA TRP G 154 -3.19 -54.10 -41.05
C TRP G 154 -1.91 -54.43 -41.82
N THR G 155 -1.60 -53.63 -42.84
CA THR G 155 -0.38 -53.86 -43.65
C THR G 155 0.46 -52.57 -43.65
N ARG G 156 1.71 -52.66 -44.11
CA ARG G 156 2.60 -51.47 -44.11
C ARG G 156 3.21 -51.28 -45.51
N GLN G 157 3.91 -50.16 -45.72
CA GLN G 157 4.52 -49.85 -47.04
C GLN G 157 5.54 -50.96 -47.38
N ASN G 158 6.30 -51.41 -46.39
CA ASN G 158 7.32 -52.46 -46.64
C ASN G 158 6.63 -53.69 -47.24
N GLY G 159 5.44 -54.02 -46.76
CA GLY G 159 4.67 -55.14 -47.35
C GLY G 159 4.28 -56.20 -46.32
N GLU G 160 5.09 -56.37 -45.27
CA GLU G 160 4.82 -57.44 -44.28
C GLU G 160 3.59 -57.05 -43.44
N ALA G 161 2.89 -58.05 -42.89
CA ALA G 161 1.69 -57.78 -42.06
C ALA G 161 2.12 -57.48 -40.62
N VAL G 162 1.16 -57.18 -39.74
CA VAL G 162 1.48 -56.84 -38.33
C VAL G 162 0.59 -57.67 -37.40
N LYS G 163 0.62 -57.32 -36.13
CA LYS G 163 -0.12 -58.10 -35.12
C LYS G 163 -1.61 -58.13 -35.44
N THR G 164 -2.27 -59.15 -34.91
CA THR G 164 -3.69 -59.37 -35.21
C THR G 164 -4.57 -58.51 -34.33
N HIS G 165 -5.64 -57.99 -34.93
CA HIS G 165 -6.60 -57.20 -34.16
C HIS G 165 -7.41 -58.05 -33.19
N THR G 166 -8.03 -57.40 -32.23
CA THR G 166 -8.92 -58.09 -31.28
C THR G 166 -10.13 -57.19 -31.01
N ASN G 167 -11.01 -57.65 -30.12
CA ASN G 167 -12.15 -56.81 -29.65
C ASN G 167 -13.03 -56.40 -30.83
N ILE G 168 -13.66 -57.39 -31.44
CA ILE G 168 -14.61 -57.10 -32.54
C ILE G 168 -15.72 -56.19 -32.02
N SER G 169 -16.07 -55.20 -32.82
CA SER G 169 -17.12 -54.25 -32.44
C SER G 169 -18.49 -54.84 -32.75
N GLU G 170 -19.52 -54.00 -32.70
CA GLU G 170 -20.89 -54.49 -32.97
C GLU G 170 -21.44 -53.83 -34.22
N SER G 171 -22.71 -54.09 -34.49
CA SER G 171 -23.37 -53.53 -35.69
C SER G 171 -24.11 -52.25 -35.32
N HIS G 172 -23.87 -51.20 -36.09
CA HIS G 172 -24.59 -49.93 -35.84
C HIS G 172 -26.08 -50.12 -36.10
N PRO G 173 -26.96 -49.58 -35.25
CA PRO G 173 -28.39 -49.78 -35.42
C PRO G 173 -29.04 -48.94 -36.53
N ASN G 174 -28.23 -48.31 -37.38
CA ASN G 174 -28.77 -47.48 -38.49
C ASN G 174 -28.49 -48.18 -39.83
N ALA G 175 -28.62 -49.50 -39.86
CA ALA G 175 -28.43 -50.28 -41.12
C ALA G 175 -27.01 -50.09 -41.65
N THR G 176 -26.04 -49.98 -40.74
CA THR G 176 -24.63 -49.86 -41.16
C THR G 176 -23.79 -50.80 -40.30
N PHE G 177 -22.66 -51.22 -40.86
CA PHE G 177 -21.76 -52.14 -40.16
C PHE G 177 -20.39 -51.47 -39.99
N SER G 178 -19.71 -51.85 -38.92
CA SER G 178 -18.39 -51.27 -38.63
C SER G 178 -17.50 -52.33 -38.01
N ALA G 179 -16.26 -52.42 -38.51
CA ALA G 179 -15.29 -53.37 -37.95
C ALA G 179 -14.06 -52.59 -37.52
N VAL G 180 -13.54 -52.94 -36.35
CA VAL G 180 -12.40 -52.19 -35.76
C VAL G 180 -11.18 -53.09 -35.74
N GLY G 181 -10.05 -52.53 -36.12
CA GLY G 181 -8.80 -53.31 -36.12
C GLY G 181 -7.67 -52.58 -35.45
N GLU G 182 -7.11 -53.20 -34.42
CA GLU G 182 -6.03 -52.56 -33.65
C GLU G 182 -4.68 -53.14 -34.05
N ALA G 183 -3.69 -52.27 -34.11
CA ALA G 183 -2.33 -52.72 -34.44
C ALA G 183 -1.35 -51.79 -33.74
N SER G 184 -0.55 -52.36 -32.86
CA SER G 184 0.40 -51.54 -32.07
C SER G 184 1.76 -51.61 -32.75
N ILE G 185 2.28 -50.45 -33.14
CA ILE G 185 3.57 -50.41 -33.89
C ILE G 185 4.49 -49.36 -33.25
N CYS G 186 5.61 -49.03 -33.89
CA CYS G 186 6.57 -48.03 -33.35
C CYS G 186 6.10 -46.62 -33.72
N GLU G 187 6.15 -45.68 -32.78
CA GLU G 187 5.79 -44.27 -33.09
C GLU G 187 6.78 -43.72 -34.13
N ASP G 188 8.02 -44.20 -34.09
CA ASP G 188 9.05 -43.77 -35.06
C ASP G 188 8.53 -44.04 -36.47
N ASP G 189 7.99 -45.24 -36.70
CA ASP G 189 7.45 -45.60 -38.05
C ASP G 189 6.36 -44.61 -38.43
N TRP G 190 5.46 -44.30 -37.50
CA TRP G 190 4.36 -43.33 -37.77
C TRP G 190 4.96 -41.96 -38.07
N ASN G 191 5.86 -41.48 -37.21
CA ASN G 191 6.46 -40.12 -37.38
C ASN G 191 7.26 -40.12 -38.68
N SER G 192 8.06 -41.17 -38.91
CA SER G 192 8.86 -41.26 -40.15
C SER G 192 7.94 -41.09 -41.35
N GLY G 193 6.71 -41.61 -41.25
CA GLY G 193 5.73 -41.44 -42.34
C GLY G 193 5.44 -42.73 -43.08
N GLU G 194 5.84 -43.86 -42.50
CA GLU G 194 5.52 -45.16 -43.14
C GLU G 194 4.06 -45.18 -43.58
N ARG G 195 3.79 -45.78 -44.72
CA ARG G 195 2.41 -45.88 -45.25
C ARG G 195 1.75 -47.13 -44.69
N PHE G 196 0.67 -46.94 -43.93
CA PHE G 196 -0.04 -48.07 -43.31
C PHE G 196 -1.44 -48.17 -43.89
N THR G 197 -1.77 -49.35 -44.40
CA THR G 197 -3.09 -49.57 -45.03
C THR G 197 -3.75 -50.80 -44.43
N CYS G 198 -5.01 -50.66 -44.02
CA CYS G 198 -5.77 -51.80 -43.50
C CYS G 198 -6.65 -52.38 -44.59
N THR G 199 -6.64 -53.70 -44.71
CA THR G 199 -7.40 -54.37 -45.78
C THR G 199 -8.63 -55.06 -45.19
N VAL G 200 -9.80 -54.72 -45.72
CA VAL G 200 -11.06 -55.34 -45.24
C VAL G 200 -11.72 -56.07 -46.41
N THR G 201 -12.20 -57.28 -46.14
CA THR G 201 -12.85 -58.09 -47.20
C THR G 201 -14.32 -58.28 -46.85
N HIS G 202 -15.19 -57.99 -47.81
CA HIS G 202 -16.65 -58.17 -47.59
C HIS G 202 -17.23 -58.99 -48.74
N THR G 203 -18.51 -59.30 -48.62
CA THR G 203 -19.18 -60.14 -49.64
C THR G 203 -19.66 -59.33 -50.84
N ASP G 204 -20.32 -58.21 -50.59
CA ASP G 204 -20.89 -57.43 -51.71
C ASP G 204 -19.76 -56.89 -52.59
N LEU G 205 -18.70 -56.40 -51.98
CA LEU G 205 -17.55 -55.92 -52.78
C LEU G 205 -16.74 -57.12 -53.26
N PRO G 206 -16.38 -57.17 -54.55
CA PRO G 206 -15.57 -58.29 -55.05
C PRO G 206 -14.09 -58.14 -54.71
N SER G 207 -13.61 -56.88 -54.70
CA SER G 207 -12.18 -56.63 -54.44
C SER G 207 -12.05 -55.92 -53.09
N PRO G 208 -11.19 -56.40 -52.18
CA PRO G 208 -11.08 -55.77 -50.87
C PRO G 208 -10.66 -54.30 -50.98
N LEU G 209 -11.21 -53.49 -50.09
CA LEU G 209 -10.92 -52.04 -50.10
C LEU G 209 -9.60 -51.74 -49.39
N LYS G 210 -8.83 -50.78 -49.92
CA LYS G 210 -7.55 -50.40 -49.28
C LYS G 210 -7.63 -48.96 -48.74
N GLN G 211 -7.22 -48.75 -47.49
CA GLN G 211 -7.26 -47.39 -46.88
C GLN G 211 -5.88 -46.99 -46.38
N THR G 212 -5.13 -46.22 -47.19
CA THR G 212 -3.77 -45.77 -46.81
C THR G 212 -3.85 -44.68 -45.74
N ILE G 213 -3.00 -44.76 -44.71
CA ILE G 213 -3.00 -43.75 -43.60
C ILE G 213 -1.56 -43.31 -43.32
N SER G 214 -1.27 -42.01 -43.42
CA SER G 214 0.11 -41.53 -43.12
C SER G 214 0.05 -40.15 -42.45
N ARG G 215 1.08 -39.81 -41.68
CA ARG G 215 1.13 -38.47 -41.02
C ARG G 215 1.57 -37.43 -42.05
N PRO G 216 1.02 -36.19 -42.02
CA PRO G 216 1.49 -35.13 -42.92
C PRO G 216 2.96 -34.85 -42.60
N LYS G 217 3.85 -35.13 -43.54
CA LYS G 217 5.30 -34.96 -43.25
C LYS G 217 5.75 -33.56 -43.68
N GLY G 218 5.93 -32.65 -42.72
CA GLY G 218 6.37 -31.27 -43.02
C GLY G 218 5.36 -30.24 -42.55
N VAL G 219 5.51 -29.75 -41.31
CA VAL G 219 4.60 -28.71 -40.76
C VAL G 219 5.44 -27.69 -39.99
N ALA G 220 5.19 -26.39 -40.19
CA ALA G 220 5.90 -25.37 -39.41
C ALA G 220 5.68 -25.64 -37.92
N LEU G 221 6.75 -25.69 -37.13
CA LEU G 221 6.61 -26.05 -35.68
C LEU G 221 6.91 -24.82 -34.82
N HIS G 222 5.98 -24.45 -33.92
CA HIS G 222 6.23 -23.32 -32.98
C HIS G 222 5.73 -23.73 -31.60
N ARG G 223 6.57 -23.55 -30.57
CA ARG G 223 6.21 -23.99 -29.20
C ARG G 223 5.07 -23.12 -28.67
N PRO G 224 4.12 -23.67 -27.88
CA PRO G 224 3.03 -22.89 -27.30
C PRO G 224 3.46 -22.01 -26.11
N ASP G 225 2.73 -20.93 -25.84
CA ASP G 225 3.02 -20.06 -24.66
C ASP G 225 1.88 -20.23 -23.65
N VAL G 226 2.19 -20.49 -22.38
CA VAL G 226 1.10 -20.78 -21.40
C VAL G 226 0.92 -19.59 -20.45
N TYR G 227 -0.33 -19.31 -20.06
CA TYR G 227 -0.62 -18.21 -19.11
C TYR G 227 -1.73 -18.64 -18.15
N LEU G 228 -1.44 -18.70 -16.85
CA LEU G 228 -2.47 -19.07 -15.84
C LEU G 228 -3.09 -17.79 -15.28
N LEU G 229 -4.41 -17.80 -15.04
CA LEU G 229 -5.12 -16.58 -14.56
C LEU G 229 -5.84 -16.90 -13.24
N PRO G 230 -5.73 -16.06 -12.20
CA PRO G 230 -6.41 -16.28 -10.91
C PRO G 230 -7.87 -15.85 -10.96
N PRO G 231 -8.78 -16.48 -10.18
CA PRO G 231 -10.22 -16.16 -10.24
C PRO G 231 -10.49 -14.69 -9.95
N ALA G 232 -11.57 -14.20 -10.54
CA ALA G 232 -11.94 -12.81 -10.39
C ALA G 232 -12.40 -12.51 -8.97
N ARG G 233 -12.21 -11.26 -8.55
CA ARG G 233 -12.56 -10.86 -7.19
C ARG G 233 -14.06 -10.98 -6.96
N GLU G 234 -14.88 -10.55 -7.93
CA GLU G 234 -16.32 -10.63 -7.79
C GLU G 234 -16.82 -12.06 -7.69
N GLN G 235 -16.06 -13.02 -8.22
CA GLN G 235 -16.43 -14.42 -8.07
C GLN G 235 -16.12 -14.94 -6.68
N LEU G 236 -15.02 -14.47 -6.08
CA LEU G 236 -14.68 -14.86 -4.72
C LEU G 236 -15.38 -13.94 -3.73
N ASN G 237 -16.69 -13.76 -3.92
CA ASN G 237 -17.54 -13.07 -2.96
C ASN G 237 -18.81 -13.85 -2.64
N LEU G 238 -19.21 -14.76 -3.52
CA LEU G 238 -20.37 -15.64 -3.21
C LEU G 238 -19.88 -16.75 -2.27
N ARG G 239 -18.56 -16.87 -2.09
CA ARG G 239 -17.99 -17.90 -1.24
C ARG G 239 -18.50 -19.28 -1.62
N GLU G 240 -18.53 -19.55 -2.93
CA GLU G 240 -19.08 -20.86 -3.41
C GLU G 240 -18.02 -21.61 -4.24
N SER G 241 -17.45 -20.96 -5.26
CA SER G 241 -16.54 -21.67 -6.14
C SER G 241 -15.63 -20.66 -6.83
N ALA G 242 -14.67 -21.19 -7.60
CA ALA G 242 -13.72 -20.36 -8.33
C ALA G 242 -13.25 -21.11 -9.56
N THR G 243 -12.94 -20.34 -10.60
CA THR G 243 -12.54 -20.90 -11.89
C THR G 243 -11.18 -20.35 -12.27
N ILE G 244 -10.23 -21.25 -12.53
CA ILE G 244 -8.86 -20.89 -12.90
C ILE G 244 -8.66 -21.22 -14.37
N THR G 245 -8.04 -20.30 -15.10
CA THR G 245 -7.89 -20.43 -16.54
C THR G 245 -6.43 -20.66 -16.91
N CYS G 246 -6.18 -21.70 -17.71
CA CYS G 246 -4.88 -21.95 -18.31
C CYS G 246 -5.02 -21.69 -19.80
N LEU G 247 -4.23 -20.75 -20.31
CA LEU G 247 -4.44 -20.18 -21.64
C LEU G 247 -3.20 -20.42 -22.50
N VAL G 248 -3.38 -21.16 -23.59
CA VAL G 248 -2.29 -21.58 -24.46
C VAL G 248 -2.46 -20.88 -25.80
N THR G 249 -1.39 -20.22 -26.26
CA THR G 249 -1.45 -19.47 -27.51
C THR G 249 -0.16 -19.64 -28.31
N GLY G 250 -0.28 -19.56 -29.64
CA GLY G 250 0.91 -19.61 -30.50
C GLY G 250 1.50 -20.99 -30.63
N PHE G 251 0.85 -21.88 -31.40
CA PHE G 251 1.35 -23.26 -31.54
C PHE G 251 0.87 -23.88 -32.86
N SER G 252 1.79 -24.49 -33.61
CA SER G 252 1.39 -25.20 -34.81
C SER G 252 2.16 -26.51 -34.83
N PRO G 253 1.52 -27.64 -35.18
CA PRO G 253 0.13 -27.79 -35.59
C PRO G 253 -0.86 -27.79 -34.42
N ALA G 254 -2.05 -28.35 -34.64
CA ALA G 254 -3.15 -28.27 -33.69
C ALA G 254 -3.26 -29.51 -32.81
N ASP G 255 -2.13 -30.11 -32.44
CA ASP G 255 -2.11 -31.30 -31.59
C ASP G 255 -1.51 -30.90 -30.25
N VAL G 256 -2.37 -30.61 -29.27
CA VAL G 256 -1.94 -30.19 -27.95
C VAL G 256 -2.68 -30.99 -26.89
N PHE G 257 -2.03 -31.19 -25.75
CA PHE G 257 -2.59 -31.95 -24.64
C PHE G 257 -2.41 -31.15 -23.36
N VAL G 258 -3.49 -30.94 -22.62
CA VAL G 258 -3.49 -30.16 -21.38
C VAL G 258 -4.10 -30.99 -20.27
N GLN G 259 -3.47 -30.95 -19.09
CA GLN G 259 -4.05 -31.57 -17.91
C GLN G 259 -3.58 -30.81 -16.69
N TRP G 260 -4.32 -30.96 -15.59
CA TRP G 260 -4.12 -30.20 -14.36
C TRP G 260 -3.57 -31.10 -13.27
N MET G 261 -2.58 -30.60 -12.54
CA MET G 261 -1.96 -31.34 -11.45
C MET G 261 -2.09 -30.53 -10.15
N GLN G 262 -2.50 -31.20 -9.08
CA GLN G 262 -2.57 -30.60 -7.75
C GLN G 262 -1.68 -31.39 -6.80
N ARG G 263 -0.73 -30.71 -6.18
CA ARG G 263 0.18 -31.32 -5.20
C ARG G 263 0.91 -32.52 -5.77
N GLY G 264 1.34 -32.41 -7.02
CA GLY G 264 2.07 -33.48 -7.67
C GLY G 264 1.25 -34.68 -8.08
N GLN G 265 -0.06 -34.67 -7.86
CA GLN G 265 -0.93 -35.77 -8.22
C GLN G 265 -1.99 -35.27 -9.20
N PRO G 266 -2.12 -35.91 -10.36
CA PRO G 266 -3.09 -35.42 -11.35
C PRO G 266 -4.52 -35.53 -10.85
N LEU G 267 -5.34 -34.56 -11.25
CA LEU G 267 -6.75 -34.53 -10.90
C LEU G 267 -7.55 -35.36 -11.90
N SER G 268 -8.79 -35.68 -11.50
CA SER G 268 -9.66 -36.44 -12.39
C SER G 268 -10.10 -35.55 -13.56
N PRO G 269 -10.15 -36.10 -14.78
CA PRO G 269 -10.51 -35.28 -15.95
C PRO G 269 -11.97 -34.86 -15.97
N GLU G 270 -12.75 -35.18 -14.94
CA GLU G 270 -14.16 -34.81 -14.89
C GLU G 270 -14.39 -33.54 -14.07
N LYS G 271 -13.35 -32.71 -13.89
CA LYS G 271 -13.53 -31.44 -13.20
C LYS G 271 -12.82 -30.29 -13.91
N TYR G 272 -12.41 -30.48 -15.16
CA TYR G 272 -11.91 -29.38 -15.97
C TYR G 272 -12.31 -29.61 -17.42
N VAL G 273 -12.34 -28.52 -18.19
CA VAL G 273 -12.81 -28.55 -19.57
C VAL G 273 -11.75 -27.92 -20.46
N THR G 274 -11.47 -28.56 -21.59
CA THR G 274 -10.51 -28.06 -22.57
C THR G 274 -11.20 -27.90 -23.92
N SER G 275 -10.81 -26.86 -24.65
CA SER G 275 -11.42 -26.53 -25.93
C SER G 275 -10.60 -27.11 -27.07
N ALA G 276 -11.06 -26.90 -28.29
CA ALA G 276 -10.38 -27.32 -29.50
C ALA G 276 -9.56 -26.17 -30.07
N PRO G 277 -8.39 -26.43 -30.70
CA PRO G 277 -7.53 -25.35 -31.19
C PRO G 277 -8.26 -24.44 -32.18
N MET G 278 -8.48 -23.19 -31.79
CA MET G 278 -9.16 -22.21 -32.68
C MET G 278 -8.09 -21.34 -33.35
N PRO G 279 -8.09 -21.12 -34.69
CA PRO G 279 -7.01 -20.36 -35.34
C PRO G 279 -6.85 -18.94 -34.78
N GLU G 280 -5.60 -18.47 -34.66
CA GLU G 280 -5.35 -17.10 -34.17
C GLU G 280 -5.64 -16.10 -35.30
N PRO G 281 -6.41 -15.02 -35.05
CA PRO G 281 -6.67 -14.01 -36.07
C PRO G 281 -5.38 -13.29 -36.49
N GLN G 282 -4.58 -12.84 -35.53
CA GLN G 282 -3.34 -12.08 -35.83
C GLN G 282 -2.38 -12.94 -36.66
N ALA G 283 -1.84 -14.01 -36.06
CA ALA G 283 -0.84 -14.84 -36.77
C ALA G 283 -1.54 -16.01 -37.48
N PRO G 284 -1.58 -16.08 -38.83
CA PRO G 284 -2.17 -17.22 -39.52
C PRO G 284 -1.34 -18.50 -39.28
N GLY G 285 -2.01 -19.65 -39.17
CA GLY G 285 -1.31 -20.92 -38.92
C GLY G 285 -1.19 -21.21 -37.44
N ARG G 286 -0.95 -20.17 -36.63
CA ARG G 286 -0.87 -20.34 -35.16
C ARG G 286 -2.28 -20.57 -34.61
N TYR G 287 -2.41 -21.40 -33.57
CA TYR G 287 -3.73 -21.71 -32.99
C TYR G 287 -3.72 -21.32 -31.50
N PHE G 288 -4.87 -21.45 -30.83
CA PHE G 288 -4.95 -21.16 -29.38
C PHE G 288 -5.98 -22.08 -28.73
N ALA G 289 -5.85 -22.34 -27.43
CA ALA G 289 -6.78 -23.23 -26.72
C ALA G 289 -6.97 -22.72 -25.29
N HIS G 290 -8.01 -23.17 -24.60
CA HIS G 290 -8.31 -22.67 -23.23
C HIS G 290 -8.73 -23.85 -22.34
N SER G 291 -8.23 -23.88 -21.10
CA SER G 291 -8.65 -24.93 -20.14
C SER G 291 -9.09 -24.27 -18.83
N ILE G 292 -10.24 -24.66 -18.30
CA ILE G 292 -10.78 -24.03 -17.05
C ILE G 292 -10.89 -25.09 -15.95
N LEU G 293 -10.36 -24.81 -14.77
CA LEU G 293 -10.48 -25.75 -13.63
C LEU G 293 -11.38 -25.12 -12.57
N THR G 294 -12.48 -25.80 -12.22
CA THR G 294 -13.42 -25.27 -11.19
C THR G 294 -13.03 -25.81 -9.81
N VAL G 295 -12.58 -24.94 -8.91
CA VAL G 295 -12.19 -25.36 -7.53
C VAL G 295 -13.14 -24.68 -6.54
N SER G 296 -12.87 -24.80 -5.23
CA SER G 296 -13.70 -24.12 -4.21
C SER G 296 -13.01 -22.84 -3.74
N GLU G 297 -13.78 -21.81 -3.39
CA GLU G 297 -13.19 -20.56 -2.86
C GLU G 297 -12.40 -20.91 -1.59
N GLU G 298 -12.92 -21.84 -0.78
CA GLU G 298 -12.20 -22.28 0.43
C GLU G 298 -10.81 -22.79 0.01
N GLU G 299 -10.75 -23.88 -0.76
CA GLU G 299 -9.48 -24.44 -1.16
C GLU G 299 -8.54 -23.37 -1.69
N TRP G 300 -9.04 -22.45 -2.51
CA TRP G 300 -8.12 -21.45 -3.12
C TRP G 300 -7.57 -20.52 -2.03
N ASN G 301 -8.39 -20.19 -1.02
CA ASN G 301 -7.97 -19.25 0.05
C ASN G 301 -7.15 -20.00 1.10
N THR G 302 -6.98 -21.31 0.94
CA THR G 302 -6.13 -22.10 1.87
C THR G 302 -4.89 -22.57 1.11
N GLY G 303 -4.14 -21.63 0.52
CA GLY G 303 -2.96 -22.00 -0.28
C GLY G 303 -3.34 -22.88 -1.47
N GLU G 304 -2.89 -24.14 -1.47
CA GLU G 304 -3.24 -25.10 -2.56
C GLU G 304 -2.76 -24.55 -3.91
N THR G 305 -1.49 -24.77 -4.26
CA THR G 305 -0.95 -24.32 -5.56
C THR G 305 -1.48 -25.22 -6.67
N TYR G 306 -1.90 -24.63 -7.80
CA TYR G 306 -2.48 -25.42 -8.92
C TYR G 306 -1.55 -25.33 -10.13
N THR G 307 -1.33 -26.44 -10.84
CA THR G 307 -0.37 -26.46 -11.97
C THR G 307 -1.04 -26.94 -13.26
N CYS G 308 -0.89 -26.20 -14.36
CA CYS G 308 -1.42 -26.71 -15.66
C CYS G 308 -0.23 -27.12 -16.53
N VAL G 309 -0.25 -28.33 -17.07
CA VAL G 309 0.87 -28.87 -17.84
C VAL G 309 0.43 -29.09 -19.28
N VAL G 310 1.26 -28.65 -20.21
CA VAL G 310 0.94 -28.65 -21.64
C VAL G 310 1.98 -29.47 -22.37
N ALA G 311 1.53 -30.38 -23.23
CA ALA G 311 2.45 -31.25 -24.01
C ALA G 311 2.29 -30.96 -25.51
N HIS G 312 3.38 -30.57 -26.17
CA HIS G 312 3.34 -30.29 -27.63
C HIS G 312 4.65 -30.80 -28.25
N GLU G 313 4.61 -31.15 -29.54
CA GLU G 313 5.82 -31.73 -30.21
C GLU G 313 6.94 -30.69 -30.28
N ALA G 314 6.61 -29.41 -30.47
CA ALA G 314 7.65 -28.37 -30.63
C ALA G 314 8.33 -28.07 -29.28
N LEU G 315 7.72 -28.51 -28.17
CA LEU G 315 8.33 -28.31 -26.82
C LEU G 315 9.60 -29.16 -26.72
N PRO G 316 10.63 -28.73 -25.96
CA PRO G 316 11.90 -29.48 -25.89
C PRO G 316 11.74 -30.89 -25.32
N ASN G 317 11.07 -31.03 -24.18
CA ASN G 317 10.83 -32.36 -23.58
C ASN G 317 9.35 -32.72 -23.76
N ARG G 318 8.63 -31.94 -24.56
CA ARG G 318 7.17 -32.18 -24.79
C ARG G 318 6.41 -32.01 -23.49
N VAL G 319 6.94 -31.20 -22.55
CA VAL G 319 6.26 -30.95 -21.24
C VAL G 319 6.52 -29.50 -20.83
N THR G 320 5.52 -28.84 -20.22
CA THR G 320 5.69 -27.45 -19.73
C THR G 320 4.75 -27.23 -18.53
N GLU G 321 5.29 -26.78 -17.40
CA GLU G 321 4.48 -26.62 -16.20
C GLU G 321 4.52 -25.19 -15.69
N ARG G 322 3.37 -24.69 -15.23
CA ARG G 322 3.26 -23.40 -14.56
C ARG G 322 2.29 -23.54 -13.39
N THR G 323 2.53 -22.74 -12.35
CA THR G 323 1.71 -22.78 -11.13
C THR G 323 1.27 -21.37 -10.77
N VAL G 324 0.10 -21.27 -10.12
CA VAL G 324 -0.37 -20.04 -9.51
C VAL G 324 -0.99 -20.36 -8.17
N ASP G 325 -0.73 -19.52 -7.17
CA ASP G 325 -1.39 -19.71 -5.84
C ASP G 325 -2.12 -18.40 -5.47
N LYS G 326 -2.70 -18.34 -4.28
CA LYS G 326 -3.44 -17.12 -3.85
C LYS G 326 -2.48 -15.94 -3.80
N SER G 327 -1.24 -16.17 -3.35
CA SER G 327 -0.23 -15.07 -3.24
C SER G 327 0.82 -15.20 -4.35
N THR G 328 0.58 -14.58 -5.51
CA THR G 328 1.50 -14.68 -6.63
C THR G 328 1.95 -13.32 -7.17
N GLY G 329 1.09 -12.32 -7.18
CA GLY G 329 1.43 -11.00 -7.65
C GLY G 329 1.88 -10.02 -6.59
N LYS G 330 2.14 -10.52 -5.38
CA LYS G 330 2.52 -9.64 -4.24
C LYS G 330 3.96 -9.14 -4.42
N PRO G 331 4.33 -7.95 -3.92
CA PRO G 331 5.71 -7.46 -4.01
C PRO G 331 6.67 -8.33 -3.20
N THR G 332 6.19 -8.95 -2.11
CA THR G 332 7.02 -9.85 -1.25
C THR G 332 8.20 -9.08 -0.65
N LEU G 333 8.23 -7.76 -0.79
CA LEU G 333 9.31 -6.95 -0.15
C LEU G 333 8.70 -6.14 1.00
N TYR G 334 7.48 -5.62 0.81
CA TYR G 334 6.79 -4.87 1.90
C TYR G 334 5.43 -5.52 2.17
N ASN G 335 4.68 -4.99 3.16
CA ASN G 335 3.40 -5.59 3.52
C ASN G 335 2.58 -4.50 4.21
N VAL G 336 1.66 -3.88 3.46
CA VAL G 336 0.85 -2.77 3.95
C VAL G 336 -0.50 -3.32 4.40
N SER G 337 -0.94 -2.92 5.58
CA SER G 337 -2.19 -3.40 6.14
C SER G 337 -2.97 -2.20 6.70
N LEU G 338 -4.11 -1.90 6.10
CA LEU G 338 -4.97 -0.83 6.59
C LEU G 338 -5.92 -1.40 7.64
N VAL G 339 -5.79 -0.94 8.88
CA VAL G 339 -6.60 -1.42 9.99
C VAL G 339 -7.30 -0.24 10.64
N MET G 340 -8.59 -0.41 10.92
CA MET G 340 -9.38 0.65 11.54
C MET G 340 -9.96 0.18 12.87
N ILE H 117 39.00 -64.30 -23.82
CA ILE H 117 37.73 -63.95 -24.45
C ILE H 117 36.85 -63.14 -23.50
N ARG H 118 36.60 -61.89 -23.88
CA ARG H 118 35.77 -60.98 -23.08
C ARG H 118 34.96 -60.13 -24.04
N VAL H 119 33.64 -60.32 -24.04
CA VAL H 119 32.73 -59.55 -24.87
C VAL H 119 31.74 -58.84 -23.94
N PHE H 120 31.63 -57.53 -24.10
CA PHE H 120 30.81 -56.70 -23.22
C PHE H 120 29.52 -56.29 -23.92
N ALA H 121 28.39 -56.46 -23.24
CA ALA H 121 27.09 -56.00 -23.71
C ALA H 121 26.62 -54.88 -22.78
N ILE H 122 26.29 -53.73 -23.35
CA ILE H 122 25.88 -52.56 -22.59
C ILE H 122 24.39 -52.35 -22.81
N PRO H 123 23.54 -52.64 -21.83
CA PRO H 123 22.12 -52.32 -21.97
C PRO H 123 21.93 -50.83 -22.05
N PRO H 124 20.90 -50.37 -22.77
CA PRO H 124 20.66 -48.94 -22.88
C PRO H 124 20.39 -48.30 -21.52
N SER H 125 20.90 -47.09 -21.35
CA SER H 125 20.71 -46.31 -20.13
C SER H 125 19.62 -45.27 -20.36
N PHE H 126 18.86 -44.98 -19.30
CA PHE H 126 17.79 -44.00 -19.42
C PHE H 126 18.32 -42.61 -19.75
N ALA H 127 19.49 -42.26 -19.23
CA ALA H 127 20.09 -40.98 -19.56
C ALA H 127 20.35 -40.86 -21.06
N SER H 128 20.95 -41.90 -21.65
CA SER H 128 21.22 -41.89 -23.09
C SER H 128 19.92 -41.90 -23.89
N ILE H 129 18.93 -42.67 -23.44
CA ILE H 129 17.65 -42.75 -24.15
C ILE H 129 16.99 -41.36 -24.17
N PHE H 130 16.96 -40.69 -23.03
CA PHE H 130 16.35 -39.36 -22.99
C PHE H 130 17.18 -38.33 -23.73
N LEU H 131 18.51 -38.51 -23.77
CA LEU H 131 19.36 -37.52 -24.42
C LEU H 131 19.29 -37.61 -25.93
N THR H 132 19.18 -38.83 -26.49
CA THR H 132 19.25 -39.01 -27.93
C THR H 132 17.93 -39.36 -28.61
N LYS H 133 16.92 -39.83 -27.85
CA LYS H 133 15.64 -40.27 -28.39
C LYS H 133 15.81 -41.36 -29.45
N SER H 134 16.96 -42.04 -29.45
CA SER H 134 17.31 -43.01 -30.48
C SER H 134 17.89 -44.27 -29.82
N THR H 135 17.16 -44.81 -28.85
CA THR H 135 17.62 -45.93 -28.03
C THR H 135 18.43 -46.95 -28.81
N LYS H 136 19.59 -47.31 -28.24
CA LYS H 136 20.56 -48.17 -28.90
C LYS H 136 21.23 -49.07 -27.87
N LEU H 137 21.69 -50.23 -28.31
CA LEU H 137 22.44 -51.15 -27.46
C LEU H 137 23.67 -51.62 -28.21
N THR H 138 24.74 -51.88 -27.45
CA THR H 138 26.06 -52.15 -28.02
C THR H 138 26.57 -53.48 -27.51
N CYS H 139 27.09 -54.30 -28.42
CA CYS H 139 27.77 -55.54 -28.11
C CYS H 139 29.25 -55.33 -28.39
N LEU H 140 30.03 -55.05 -27.34
CA LEU H 140 31.43 -54.71 -27.49
C LEU H 140 32.28 -55.98 -27.35
N VAL H 141 33.10 -56.26 -28.35
CA VAL H 141 33.96 -57.44 -28.38
C VAL H 141 35.39 -56.98 -28.13
N THR H 142 36.01 -57.51 -27.07
CA THR H 142 37.39 -57.18 -26.75
C THR H 142 38.18 -58.45 -26.42
N ASP H 143 39.40 -58.29 -25.92
CA ASP H 143 40.26 -59.40 -25.53
C ASP H 143 40.56 -60.31 -26.72
N LEU H 144 40.63 -59.73 -27.92
CA LEU H 144 40.96 -60.44 -29.14
C LEU H 144 42.00 -59.66 -29.93
N THR H 145 42.63 -60.34 -30.88
CA THR H 145 43.61 -59.70 -31.75
C THR H 145 42.93 -58.89 -32.84
N THR H 146 43.67 -57.97 -33.42
CA THR H 146 43.15 -57.07 -34.46
C THR H 146 42.99 -57.86 -35.75
N TYR H 147 41.86 -58.53 -35.88
CA TYR H 147 41.54 -59.34 -37.05
C TYR H 147 40.33 -58.73 -37.75
N ASP H 148 40.41 -58.62 -39.07
CA ASP H 148 39.35 -58.02 -39.86
C ASP H 148 38.38 -59.10 -40.34
N SER H 149 37.37 -58.67 -41.11
CA SER H 149 36.36 -59.56 -41.67
C SER H 149 35.64 -60.36 -40.58
N VAL H 150 35.23 -59.66 -39.53
CA VAL H 150 34.51 -60.27 -38.42
C VAL H 150 33.02 -60.24 -38.74
N THR H 151 32.27 -61.10 -38.04
CA THR H 151 30.83 -61.21 -38.22
C THR H 151 30.17 -61.03 -36.85
N ILE H 152 29.36 -59.98 -36.73
CA ILE H 152 28.63 -59.68 -35.50
C ILE H 152 27.20 -59.35 -35.87
N SER H 153 26.25 -59.87 -35.09
CA SER H 153 24.84 -59.65 -35.36
C SER H 153 24.06 -59.74 -34.05
N TRP H 154 22.94 -59.02 -34.00
CA TRP H 154 22.04 -59.04 -32.87
C TRP H 154 20.77 -59.79 -33.23
N THR H 155 20.29 -60.62 -32.32
CA THR H 155 19.09 -61.42 -32.54
C THR H 155 18.19 -61.34 -31.31
N ARG H 156 16.90 -61.57 -31.54
CA ARG H 156 15.90 -61.47 -30.49
C ARG H 156 15.81 -62.79 -29.74
N GLN H 157 14.80 -62.91 -28.87
CA GLN H 157 14.60 -64.15 -28.11
C GLN H 157 14.25 -65.30 -29.03
N ASN H 158 13.43 -65.06 -30.05
CA ASN H 158 12.97 -66.10 -30.95
C ASN H 158 13.89 -66.32 -32.14
N GLY H 159 15.01 -65.61 -32.20
CA GLY H 159 15.99 -65.84 -33.26
C GLY H 159 15.81 -65.02 -34.51
N GLU H 160 15.06 -63.93 -34.46
CA GLU H 160 14.88 -63.09 -35.63
C GLU H 160 16.15 -62.28 -35.91
N ALA H 161 16.07 -61.42 -36.93
CA ALA H 161 17.19 -60.59 -37.33
C ALA H 161 16.89 -59.12 -37.07
N VAL H 162 17.93 -58.30 -37.11
CA VAL H 162 17.84 -56.87 -36.87
C VAL H 162 18.50 -56.14 -38.04
N LYS H 163 18.56 -54.81 -37.93
CA LYS H 163 19.13 -53.99 -38.97
C LYS H 163 20.66 -54.16 -39.02
N THR H 164 21.26 -53.54 -40.02
CA THR H 164 22.71 -53.65 -40.23
C THR H 164 23.47 -52.94 -39.11
N HIS H 165 24.63 -53.49 -38.77
CA HIS H 165 25.47 -52.97 -37.69
C HIS H 165 26.57 -52.11 -38.30
N THR H 166 26.20 -50.87 -38.64
CA THR H 166 27.15 -49.95 -39.24
C THR H 166 28.03 -49.32 -38.17
N ASN H 167 29.03 -48.56 -38.63
CA ASN H 167 29.96 -47.82 -37.77
C ASN H 167 30.69 -48.76 -36.81
N ILE H 168 31.47 -49.67 -37.41
CA ILE H 168 32.27 -50.60 -36.62
C ILE H 168 33.46 -49.86 -36.03
N SER H 169 33.70 -50.08 -34.73
CA SER H 169 34.78 -49.39 -34.05
C SER H 169 36.15 -49.80 -34.61
N GLU H 170 37.05 -48.83 -34.66
CA GLU H 170 38.39 -49.07 -35.18
C GLU H 170 39.22 -49.89 -34.18
N SER H 171 40.18 -50.64 -34.72
CA SER H 171 41.08 -51.43 -33.88
C SER H 171 42.00 -50.51 -33.09
N HIS H 172 42.42 -50.99 -31.90
CA HIS H 172 43.27 -50.18 -31.05
C HIS H 172 44.73 -50.55 -31.24
N PRO H 173 45.64 -49.57 -31.14
CA PRO H 173 47.06 -49.85 -31.38
C PRO H 173 47.75 -50.62 -30.25
N ASN H 174 47.05 -50.92 -29.16
CA ASN H 174 47.65 -51.62 -28.02
C ASN H 174 47.37 -53.12 -28.05
N ALA H 175 47.32 -53.71 -29.25
CA ALA H 175 47.09 -55.15 -29.43
C ALA H 175 45.75 -55.59 -28.85
N THR H 176 44.72 -54.78 -29.07
CA THR H 176 43.36 -55.11 -28.65
C THR H 176 42.41 -54.84 -29.81
N PHE H 177 41.33 -55.61 -29.85
CA PHE H 177 40.32 -55.51 -30.90
C PHE H 177 39.03 -54.93 -30.34
N SER H 178 38.38 -54.07 -31.11
CA SER H 178 37.14 -53.42 -30.71
C SER H 178 36.11 -53.57 -31.81
N ALA H 179 34.91 -54.01 -31.46
CA ALA H 179 33.81 -54.12 -32.39
C ALA H 179 32.51 -53.83 -31.65
N VAL H 180 31.57 -53.20 -32.33
CA VAL H 180 30.30 -52.79 -31.75
C VAL H 180 29.16 -53.25 -32.65
N GLY H 181 28.10 -53.75 -32.05
CA GLY H 181 26.91 -54.15 -32.77
C GLY H 181 25.69 -53.39 -32.31
N GLU H 182 25.06 -52.65 -33.22
CA GLU H 182 23.94 -51.77 -32.89
C GLU H 182 22.66 -52.31 -33.50
N ALA H 183 21.62 -52.42 -32.69
CA ALA H 183 20.32 -52.93 -33.13
C ALA H 183 19.26 -51.87 -32.84
N SER H 184 18.71 -51.27 -33.89
CA SER H 184 17.71 -50.22 -33.76
C SER H 184 16.38 -50.87 -33.36
N ILE H 185 15.89 -50.54 -32.18
CA ILE H 185 14.61 -51.04 -31.69
C ILE H 185 13.83 -49.89 -31.09
N CYS H 186 12.60 -50.19 -30.68
CA CYS H 186 11.78 -49.18 -29.99
C CYS H 186 11.91 -49.44 -28.49
N GLU H 187 11.30 -48.60 -27.66
CA GLU H 187 11.48 -48.76 -26.23
C GLU H 187 10.51 -49.77 -25.61
N ASP H 188 9.30 -49.90 -26.15
CA ASP H 188 8.32 -50.80 -25.55
C ASP H 188 8.78 -52.25 -25.62
N ASP H 189 9.43 -52.63 -26.72
CA ASP H 189 9.94 -53.99 -26.86
C ASP H 189 11.02 -54.27 -25.81
N TRP H 190 11.93 -53.31 -25.60
CA TRP H 190 12.99 -53.49 -24.62
C TRP H 190 12.44 -53.54 -23.20
N ASN H 191 11.47 -52.69 -22.89
CA ASN H 191 10.95 -52.57 -21.53
C ASN H 191 9.77 -53.50 -21.25
N SER H 192 9.35 -54.31 -22.22
CA SER H 192 8.24 -55.24 -22.02
C SER H 192 8.69 -56.56 -21.42
N GLY H 193 9.99 -56.74 -21.17
CA GLY H 193 10.51 -57.99 -20.66
C GLY H 193 11.16 -58.88 -21.68
N GLU H 194 11.13 -58.50 -22.96
CA GLU H 194 11.77 -59.30 -24.00
C GLU H 194 13.28 -59.26 -23.85
N ARG H 195 13.93 -60.40 -24.09
CA ARG H 195 15.35 -60.56 -23.88
C ARG H 195 16.08 -60.61 -25.22
N PHE H 196 17.24 -59.97 -25.27
CA PHE H 196 18.05 -59.92 -26.47
C PHE H 196 19.23 -60.88 -26.39
N THR H 197 19.76 -61.24 -27.56
CA THR H 197 20.90 -62.14 -27.65
C THR H 197 21.88 -61.63 -28.69
N CYS H 198 23.16 -61.59 -28.34
CA CYS H 198 24.22 -61.14 -29.23
C CYS H 198 24.95 -62.34 -29.81
N THR H 199 25.24 -62.28 -31.10
CA THR H 199 25.94 -63.36 -31.80
C THR H 199 27.32 -62.86 -32.24
N VAL H 200 28.37 -63.56 -31.82
CA VAL H 200 29.74 -63.20 -32.14
C VAL H 200 30.45 -64.44 -32.69
N THR H 201 31.06 -64.30 -33.86
CA THR H 201 31.83 -65.36 -34.49
C THR H 201 33.20 -64.83 -34.88
N HIS H 202 34.23 -65.64 -34.66
CA HIS H 202 35.60 -65.24 -34.96
C HIS H 202 36.42 -66.48 -35.29
N THR H 203 37.53 -66.24 -35.99
CA THR H 203 38.44 -67.34 -36.32
C THR H 203 39.10 -67.89 -35.06
N ASP H 204 39.50 -67.01 -34.14
CA ASP H 204 40.14 -67.47 -32.90
C ASP H 204 39.16 -68.27 -32.04
N LEU H 205 37.89 -67.84 -32.00
CA LEU H 205 36.85 -68.50 -31.22
C LEU H 205 35.71 -68.87 -32.15
N PRO H 206 35.85 -69.97 -32.91
CA PRO H 206 34.77 -70.37 -33.82
C PRO H 206 33.47 -70.73 -33.12
N SER H 207 33.52 -71.08 -31.84
CA SER H 207 32.29 -71.40 -31.12
C SER H 207 31.43 -70.14 -30.97
N PRO H 208 30.13 -70.23 -31.27
CA PRO H 208 29.27 -69.04 -31.14
C PRO H 208 29.20 -68.56 -29.70
N LEU H 209 29.08 -67.24 -29.54
CA LEU H 209 28.98 -66.60 -28.25
C LEU H 209 27.61 -65.96 -28.10
N LYS H 210 27.00 -66.14 -26.94
CA LYS H 210 25.68 -65.60 -26.66
C LYS H 210 25.69 -64.82 -25.36
N GLN H 211 25.02 -63.68 -25.35
CA GLN H 211 24.90 -62.83 -24.17
C GLN H 211 23.46 -62.33 -24.04
N THR H 212 22.96 -62.30 -22.81
CA THR H 212 21.59 -61.90 -22.52
C THR H 212 21.60 -60.67 -21.63
N ILE H 213 20.88 -59.63 -22.06
CA ILE H 213 20.74 -58.39 -21.30
C ILE H 213 19.29 -57.93 -21.38
N SER H 214 18.77 -57.45 -20.26
CA SER H 214 17.40 -56.98 -20.19
C SER H 214 17.25 -56.10 -18.95
N ARG H 215 16.02 -55.65 -18.70
CA ARG H 215 15.75 -54.84 -17.54
C ARG H 215 15.82 -55.68 -16.27
N PRO H 216 16.46 -55.20 -15.21
CA PRO H 216 16.50 -55.93 -13.91
C PRO H 216 15.20 -55.79 -13.13
N LYS H 217 14.22 -56.61 -13.47
CA LYS H 217 12.93 -56.57 -12.81
C LYS H 217 13.04 -56.97 -11.35
N GLY H 218 12.19 -56.36 -10.52
CA GLY H 218 12.16 -56.69 -9.11
C GLY H 218 12.74 -55.61 -8.22
N VAL H 219 12.51 -54.35 -8.57
CA VAL H 219 13.01 -53.21 -7.81
C VAL H 219 11.88 -52.21 -7.62
N ALA H 220 11.80 -51.63 -6.43
CA ALA H 220 10.80 -50.62 -6.15
C ALA H 220 11.17 -49.30 -6.84
N LEU H 221 10.15 -48.49 -7.09
CA LEU H 221 10.30 -47.22 -7.78
C LEU H 221 9.85 -46.07 -6.88
N HIS H 222 10.68 -45.04 -6.77
CA HIS H 222 10.34 -43.85 -6.00
C HIS H 222 10.75 -42.62 -6.79
N ARG H 223 10.05 -41.51 -6.53
CA ARG H 223 10.24 -40.25 -7.24
C ARG H 223 11.23 -39.36 -6.49
N PRO H 224 12.14 -38.72 -7.21
CA PRO H 224 13.11 -37.83 -6.56
C PRO H 224 12.48 -36.53 -6.08
N ASP H 225 13.20 -35.85 -5.19
CA ASP H 225 12.84 -34.52 -4.71
C ASP H 225 13.96 -33.57 -5.09
N VAL H 226 13.60 -32.45 -5.73
CA VAL H 226 14.57 -31.53 -6.30
C VAL H 226 14.56 -30.24 -5.47
N TYR H 227 15.75 -29.84 -5.02
CA TYR H 227 15.94 -28.58 -4.30
C TYR H 227 17.04 -27.79 -4.97
N LEU H 228 16.73 -26.56 -5.36
CA LEU H 228 17.66 -25.68 -6.06
C LEU H 228 18.13 -24.58 -5.12
N LEU H 229 19.44 -24.39 -5.01
CA LEU H 229 20.00 -23.49 -4.02
C LEU H 229 20.73 -22.33 -4.68
N PRO H 230 20.62 -21.13 -4.15
CA PRO H 230 21.30 -19.97 -4.73
C PRO H 230 22.76 -19.92 -4.31
N PRO H 231 23.62 -19.13 -5.00
CA PRO H 231 25.04 -19.01 -4.63
C PRO H 231 25.25 -18.41 -3.24
N ALA H 232 26.41 -18.68 -2.62
CA ALA H 232 26.71 -18.15 -1.27
C ALA H 232 26.98 -16.64 -1.36
N ARG H 233 26.56 -15.89 -0.33
CA ARG H 233 26.76 -14.41 -0.33
C ARG H 233 28.25 -14.11 -0.40
N GLU H 234 29.08 -14.86 0.33
CA GLU H 234 30.54 -14.64 0.34
C GLU H 234 31.10 -14.83 -1.08
N GLN H 235 30.60 -15.84 -1.81
CA GLN H 235 31.04 -16.09 -3.20
C GLN H 235 30.64 -14.88 -4.05
N LEU H 236 29.48 -14.29 -3.78
CA LEU H 236 29.02 -13.10 -4.54
C LEU H 236 29.88 -11.88 -4.17
N ASN H 237 30.39 -11.83 -2.93
CA ASN H 237 31.18 -10.65 -2.48
C ASN H 237 32.44 -10.51 -3.35
N LEU H 238 32.95 -11.62 -3.88
CA LEU H 238 34.15 -11.60 -4.75
C LEU H 238 33.86 -10.78 -6.01
N ARG H 239 32.57 -10.64 -6.37
CA ARG H 239 32.17 -9.87 -7.57
C ARG H 239 32.89 -10.45 -8.79
N GLU H 240 32.80 -11.76 -8.99
CA GLU H 240 33.49 -12.43 -10.14
C GLU H 240 32.56 -13.46 -10.77
N SER H 241 32.26 -14.54 -10.05
CA SER H 241 31.41 -15.63 -10.62
C SER H 241 30.39 -16.10 -9.58
N ALA H 242 29.68 -17.19 -9.89
CA ALA H 242 28.65 -17.73 -8.98
C ALA H 242 28.28 -19.16 -9.40
N THR H 243 27.91 -20.02 -8.44
CA THR H 243 27.59 -21.44 -8.76
C THR H 243 26.20 -21.79 -8.23
N ILE H 244 25.29 -22.20 -9.12
CA ILE H 244 23.93 -22.65 -8.67
C ILE H 244 24.01 -24.17 -8.43
N THR H 245 23.42 -24.65 -7.34
CA THR H 245 23.53 -26.09 -7.01
C THR H 245 22.15 -26.76 -7.06
N CYS H 246 22.07 -27.92 -7.72
CA CYS H 246 20.84 -28.68 -7.81
C CYS H 246 21.02 -29.98 -7.04
N LEU H 247 20.15 -30.24 -6.07
CA LEU H 247 20.26 -31.41 -5.21
C LEU H 247 19.07 -32.32 -5.45
N VAL H 248 19.32 -33.46 -6.08
CA VAL H 248 18.31 -34.47 -6.36
C VAL H 248 18.50 -35.61 -5.38
N THR H 249 17.49 -35.88 -4.56
CA THR H 249 17.62 -36.85 -3.48
C THR H 249 16.41 -37.77 -3.43
N GLY H 250 16.63 -38.97 -2.92
CA GLY H 250 15.56 -39.89 -2.61
C GLY H 250 15.02 -40.71 -3.76
N PHE H 251 15.72 -40.77 -4.88
CA PHE H 251 15.22 -41.49 -6.05
C PHE H 251 15.80 -42.90 -6.09
N SER H 252 14.96 -43.86 -6.49
CA SER H 252 15.38 -45.23 -6.74
C SER H 252 14.64 -45.72 -7.97
N PRO H 253 15.33 -46.39 -8.90
CA PRO H 253 16.75 -46.74 -8.89
C PRO H 253 17.66 -45.61 -9.34
N ALA H 254 18.91 -45.96 -9.70
CA ALA H 254 19.90 -44.91 -10.03
C ALA H 254 19.98 -44.70 -11.54
N ASP H 255 19.03 -43.97 -12.11
CA ASP H 255 19.08 -43.65 -13.57
C ASP H 255 18.45 -42.27 -13.77
N VAL H 256 19.11 -41.22 -13.27
CA VAL H 256 18.54 -39.84 -13.37
C VAL H 256 19.31 -39.05 -14.43
N PHE H 257 18.59 -38.28 -15.26
CA PHE H 257 19.24 -37.42 -16.28
C PHE H 257 18.99 -35.96 -15.92
N VAL H 258 20.05 -35.20 -15.60
CA VAL H 258 19.89 -33.77 -15.19
C VAL H 258 20.35 -32.87 -16.33
N GLN H 259 19.61 -31.81 -16.62
CA GLN H 259 20.00 -30.84 -17.68
C GLN H 259 19.70 -29.42 -17.22
N TRP H 260 20.42 -28.43 -17.74
CA TRP H 260 20.16 -27.00 -17.37
C TRP H 260 19.69 -26.22 -18.61
N MET H 261 18.58 -25.49 -18.49
CA MET H 261 18.06 -24.67 -19.61
C MET H 261 17.91 -23.22 -19.14
N GLN H 262 18.61 -22.29 -19.77
CA GLN H 262 18.58 -20.87 -19.31
C GLN H 262 17.25 -20.23 -19.76
N ARG H 263 17.02 -20.17 -21.08
CA ARG H 263 15.79 -19.52 -21.62
C ARG H 263 15.10 -20.49 -22.58
N GLY H 264 14.97 -21.76 -22.20
CA GLY H 264 14.37 -22.77 -23.09
C GLY H 264 15.43 -23.40 -23.98
N GLN H 265 16.63 -22.80 -24.00
CA GLN H 265 17.74 -23.35 -24.82
C GLN H 265 18.78 -23.97 -23.87
N PRO H 266 19.06 -25.28 -23.95
CA PRO H 266 20.01 -25.93 -23.03
C PRO H 266 21.40 -25.31 -23.11
N LEU H 267 22.04 -25.08 -21.97
CA LEU H 267 23.42 -24.52 -21.95
C LEU H 267 24.41 -25.60 -22.41
N SER H 268 25.59 -25.19 -22.84
CA SER H 268 26.60 -26.16 -23.33
C SER H 268 26.83 -27.24 -22.27
N PRO H 269 26.84 -28.54 -22.64
CA PRO H 269 26.98 -29.63 -21.66
C PRO H 269 28.31 -29.55 -20.89
N GLU H 270 29.26 -28.75 -21.39
CA GLU H 270 30.59 -28.64 -20.75
C GLU H 270 30.58 -27.54 -19.69
N LYS H 271 29.42 -26.91 -19.45
CA LYS H 271 29.35 -25.78 -18.48
C LYS H 271 29.04 -26.31 -17.08
N TYR H 272 28.37 -27.46 -16.97
CA TYR H 272 27.99 -27.96 -15.65
C TYR H 272 28.55 -29.36 -15.44
N VAL H 273 28.57 -29.78 -14.18
CA VAL H 273 29.10 -31.07 -13.78
C VAL H 273 28.05 -31.78 -12.93
N THR H 274 27.79 -33.05 -13.24
CA THR H 274 26.82 -33.85 -12.51
C THR H 274 27.52 -35.03 -11.84
N SER H 275 27.01 -35.41 -10.67
CA SER H 275 27.61 -36.47 -9.87
C SER H 275 26.88 -37.79 -10.06
N ALA H 276 27.62 -38.87 -9.92
CA ALA H 276 27.03 -40.19 -9.99
C ALA H 276 26.15 -40.44 -8.76
N PRO H 277 25.09 -41.23 -8.89
CA PRO H 277 24.16 -41.41 -7.77
C PRO H 277 24.77 -42.23 -6.65
N MET H 278 25.12 -41.57 -5.55
CA MET H 278 25.65 -42.30 -4.41
C MET H 278 24.52 -42.69 -3.46
N PRO H 279 24.55 -43.89 -2.83
CA PRO H 279 23.44 -44.33 -1.98
C PRO H 279 23.15 -43.33 -0.86
N GLU H 280 21.86 -43.08 -0.58
CA GLU H 280 21.49 -42.15 0.52
C GLU H 280 22.00 -42.74 1.84
N PRO H 281 22.67 -41.96 2.71
CA PRO H 281 23.27 -42.49 3.93
C PRO H 281 22.26 -43.13 4.90
N GLN H 282 21.08 -42.52 5.07
CA GLN H 282 20.11 -43.03 6.08
C GLN H 282 19.03 -43.88 5.39
N ALA H 283 18.77 -43.66 4.09
CA ALA H 283 17.68 -44.39 3.41
C ALA H 283 18.26 -45.49 2.52
N PRO H 284 18.09 -46.78 2.87
CA PRO H 284 18.63 -47.89 2.09
C PRO H 284 17.86 -48.10 0.78
N GLY H 285 18.56 -48.24 -0.34
CA GLY H 285 17.90 -48.47 -1.64
C GLY H 285 17.67 -47.19 -2.41
N ARG H 286 17.53 -46.06 -1.69
CA ARG H 286 17.31 -44.75 -2.35
C ARG H 286 18.67 -44.08 -2.60
N TYR H 287 18.74 -43.14 -3.54
CA TYR H 287 20.04 -42.51 -3.88
C TYR H 287 19.90 -40.98 -3.95
N PHE H 288 21.02 -40.28 -4.15
CA PHE H 288 21.01 -38.83 -4.30
C PHE H 288 22.12 -38.44 -5.26
N ALA H 289 21.98 -37.25 -5.84
CA ALA H 289 22.94 -36.76 -6.82
C ALA H 289 23.01 -35.24 -6.75
N HIS H 290 24.08 -34.68 -7.32
CA HIS H 290 24.27 -33.21 -7.29
C HIS H 290 24.59 -32.69 -8.70
N SER H 291 24.20 -31.45 -8.99
CA SER H 291 24.55 -30.83 -10.30
C SER H 291 24.87 -29.36 -10.09
N ILE H 292 26.09 -28.93 -10.44
CA ILE H 292 26.50 -27.51 -10.19
C ILE H 292 26.70 -26.80 -11.52
N LEU H 293 26.17 -25.57 -11.64
CA LEU H 293 26.33 -24.78 -12.88
C LEU H 293 27.12 -23.50 -12.55
N THR H 294 28.30 -23.33 -13.15
CA THR H 294 29.15 -22.14 -12.88
C THR H 294 28.80 -21.04 -13.90
N VAL H 295 28.25 -19.92 -13.43
CA VAL H 295 27.86 -18.81 -14.34
C VAL H 295 28.62 -17.54 -13.91
N SER H 296 28.53 -16.47 -14.70
CA SER H 296 29.19 -15.19 -14.33
C SER H 296 28.26 -14.41 -13.39
N GLU H 297 28.83 -13.76 -12.37
CA GLU H 297 28.00 -13.03 -11.37
C GLU H 297 27.19 -11.94 -12.08
N GLU H 298 27.81 -11.22 -13.03
CA GLU H 298 27.11 -10.11 -13.73
C GLU H 298 25.78 -10.63 -14.28
N GLU H 299 25.80 -11.77 -14.96
CA GLU H 299 24.55 -12.35 -15.54
C GLU H 299 23.55 -12.62 -14.42
N TRP H 300 24.00 -13.24 -13.34
CA TRP H 300 23.06 -13.60 -12.24
C TRP H 300 22.43 -12.34 -11.65
N ASN H 301 23.18 -11.23 -11.61
CA ASN H 301 22.66 -10.01 -10.93
C ASN H 301 21.68 -9.27 -11.85
N THR H 302 21.60 -9.64 -13.14
CA THR H 302 20.71 -8.92 -14.08
C THR H 302 19.35 -9.61 -14.16
N GLY H 303 19.09 -10.57 -13.28
CA GLY H 303 17.78 -11.24 -13.22
C GLY H 303 17.71 -12.46 -14.12
N GLU H 304 18.84 -12.85 -14.74
CA GLU H 304 18.85 -14.09 -15.58
C GLU H 304 18.23 -15.23 -14.78
N THR H 305 17.33 -15.99 -15.40
CA THR H 305 16.64 -17.10 -14.69
C THR H 305 17.23 -18.44 -15.11
N TYR H 306 17.49 -19.33 -14.16
CA TYR H 306 18.04 -20.65 -14.46
C TYR H 306 17.13 -21.72 -13.87
N THR H 307 17.02 -22.84 -14.58
CA THR H 307 16.18 -23.93 -14.10
C THR H 307 16.91 -25.25 -14.27
N CYS H 308 16.51 -26.22 -13.46
CA CYS H 308 17.17 -27.53 -13.35
C CYS H 308 16.13 -28.59 -13.67
N VAL H 309 16.08 -29.01 -14.94
CA VAL H 309 15.16 -30.03 -15.39
C VAL H 309 15.80 -31.40 -15.20
N VAL H 310 15.08 -32.30 -14.53
CA VAL H 310 15.58 -33.61 -14.17
C VAL H 310 14.61 -34.67 -14.69
N ALA H 311 15.14 -35.71 -15.31
CA ALA H 311 14.33 -36.76 -15.93
C ALA H 311 14.56 -38.07 -15.21
N HIS H 312 13.47 -38.68 -14.74
CA HIS H 312 13.54 -39.97 -14.07
C HIS H 312 12.35 -40.81 -14.54
N GLU H 313 12.53 -42.13 -14.55
CA GLU H 313 11.47 -43.04 -15.07
C GLU H 313 10.45 -43.37 -13.97
N ALA H 314 10.31 -42.50 -12.97
CA ALA H 314 9.30 -42.70 -11.91
C ALA H 314 8.46 -41.43 -11.76
N LEU H 315 8.88 -40.35 -12.42
CA LEU H 315 8.09 -39.08 -12.38
C LEU H 315 6.81 -39.27 -13.19
N PRO H 316 5.70 -38.56 -12.89
CA PRO H 316 4.43 -38.77 -13.59
C PRO H 316 4.58 -38.61 -15.11
N ASN H 317 5.17 -37.50 -15.55
CA ASN H 317 5.42 -37.28 -17.00
C ASN H 317 6.90 -37.57 -17.26
N ARG H 318 7.59 -38.18 -16.30
CA ARG H 318 9.03 -38.51 -16.44
C ARG H 318 9.83 -37.21 -16.64
N VAL H 319 9.24 -36.06 -16.31
CA VAL H 319 9.99 -34.76 -16.41
C VAL H 319 9.60 -33.88 -15.21
N THR H 320 10.54 -33.08 -14.70
CA THR H 320 10.28 -32.19 -13.54
C THR H 320 11.28 -31.02 -13.60
N GLU H 321 10.80 -29.78 -13.48
CA GLU H 321 11.71 -28.61 -13.63
C GLU H 321 11.59 -27.68 -12.42
N ARG H 322 12.72 -27.27 -11.85
CA ARG H 322 12.71 -26.29 -10.72
C ARG H 322 13.57 -25.10 -11.12
N THR H 323 13.14 -23.86 -10.85
CA THR H 323 13.90 -22.68 -11.32
C THR H 323 14.39 -21.82 -10.15
N VAL H 324 15.26 -20.84 -10.41
CA VAL H 324 15.80 -19.97 -9.34
C VAL H 324 16.25 -18.63 -9.96
N ASP H 325 15.99 -17.51 -9.27
CA ASP H 325 16.45 -16.18 -9.75
C ASP H 325 16.98 -15.40 -8.53
N LYS H 326 17.58 -14.23 -8.74
CA LYS H 326 18.19 -13.45 -7.64
C LYS H 326 17.13 -13.07 -6.59
N SER H 327 15.86 -13.01 -6.97
CA SER H 327 14.80 -12.55 -6.04
C SER H 327 14.12 -13.74 -5.35
N THR H 328 14.58 -14.96 -5.62
CA THR H 328 13.89 -16.16 -5.08
C THR H 328 14.33 -16.41 -3.63
N GLY H 329 13.42 -16.28 -2.67
CA GLY H 329 13.78 -16.60 -1.27
C GLY H 329 14.02 -15.37 -0.43
N LYS H 330 14.33 -14.23 -1.06
CA LYS H 330 14.58 -12.96 -0.32
C LYS H 330 13.37 -12.68 0.58
N PRO H 331 13.55 -12.28 1.88
CA PRO H 331 12.40 -12.09 2.77
C PRO H 331 11.84 -10.66 2.74
N THR H 332 10.70 -10.44 3.42
CA THR H 332 10.09 -9.08 3.47
C THR H 332 10.83 -8.23 4.51
N LEU H 333 11.07 -6.95 4.20
CA LEU H 333 11.83 -6.07 5.13
C LEU H 333 10.87 -5.10 5.82
N TYR H 334 9.97 -4.46 5.05
CA TYR H 334 9.07 -3.43 5.61
C TYR H 334 7.69 -4.00 5.95
N ASN H 335 7.15 -3.61 7.11
CA ASN H 335 5.77 -4.06 7.48
C ASN H 335 4.91 -2.82 7.78
N VAL H 336 4.61 -2.03 6.75
CA VAL H 336 3.83 -0.76 6.94
C VAL H 336 2.42 -1.10 7.44
N SER H 337 1.92 -0.36 8.43
CA SER H 337 0.54 -0.58 8.94
C SER H 337 -0.18 0.76 9.05
N LEU H 338 -1.21 0.99 8.24
CA LEU H 338 -1.95 2.28 8.25
C LEU H 338 -3.13 2.15 9.21
N VAL H 339 -2.98 2.70 10.43
CA VAL H 339 -4.05 2.58 11.46
C VAL H 339 -4.82 3.91 11.54
N MET H 340 -6.15 3.84 11.45
CA MET H 340 -6.98 5.08 11.44
C MET H 340 -8.16 4.90 12.42
N ILE I 117 -33.61 -36.83 -50.25
CA ILE I 117 -34.74 -35.88 -50.53
C ILE I 117 -35.12 -35.17 -49.24
N ARG I 118 -34.38 -34.11 -48.91
CA ARG I 118 -34.64 -33.35 -47.68
C ARG I 118 -34.66 -31.85 -47.98
N VAL I 119 -35.36 -31.11 -47.11
CA VAL I 119 -35.38 -29.63 -47.23
C VAL I 119 -35.13 -29.11 -45.82
N PHE I 120 -33.94 -28.56 -45.61
CA PHE I 120 -33.56 -28.10 -44.25
C PHE I 120 -33.73 -26.59 -44.14
N ALA I 121 -34.36 -26.16 -43.05
CA ALA I 121 -34.63 -24.73 -42.83
C ALA I 121 -33.72 -24.16 -41.75
N ILE I 122 -33.62 -22.83 -41.72
CA ILE I 122 -32.79 -22.15 -40.70
C ILE I 122 -33.72 -21.21 -39.93
N PRO I 123 -34.19 -21.58 -38.74
CA PRO I 123 -35.01 -20.68 -37.96
C PRO I 123 -34.19 -19.50 -37.46
N PRO I 124 -34.81 -18.33 -37.24
CA PRO I 124 -34.09 -17.21 -36.72
C PRO I 124 -33.52 -17.50 -35.33
N SER I 125 -32.28 -17.06 -35.11
CA SER I 125 -31.61 -17.23 -33.81
C SER I 125 -31.70 -15.94 -32.99
N PHE I 126 -31.55 -16.06 -31.68
CA PHE I 126 -31.61 -14.86 -30.83
C PHE I 126 -30.44 -13.94 -31.14
N ALA I 127 -29.30 -14.52 -31.47
CA ALA I 127 -28.13 -13.69 -31.86
C ALA I 127 -28.46 -12.87 -33.10
N SER I 128 -29.05 -13.49 -34.10
CA SER I 128 -29.41 -12.77 -35.33
C SER I 128 -30.49 -11.73 -35.05
N ILE I 129 -31.46 -12.09 -34.22
CA ILE I 129 -32.54 -11.13 -33.87
C ILE I 129 -31.95 -9.90 -33.20
N PHE I 130 -31.06 -10.10 -32.25
CA PHE I 130 -30.48 -8.95 -31.53
C PHE I 130 -29.46 -8.23 -32.40
N LEU I 131 -28.89 -8.90 -33.39
CA LEU I 131 -27.89 -8.22 -34.23
C LEU I 131 -28.56 -7.38 -35.31
N THR I 132 -29.71 -7.81 -35.82
CA THR I 132 -30.30 -7.10 -36.98
C THR I 132 -31.67 -6.47 -36.70
N LYS I 133 -32.28 -6.79 -35.58
CA LYS I 133 -33.61 -6.26 -35.22
C LYS I 133 -34.60 -6.66 -36.31
N SER I 134 -34.44 -7.87 -36.86
CA SER I 134 -35.36 -8.37 -37.92
C SER I 134 -35.38 -9.89 -37.91
N THR I 135 -36.46 -10.51 -37.43
CA THR I 135 -36.57 -12.00 -37.46
C THR I 135 -36.92 -12.43 -38.86
N LYS I 136 -36.26 -13.46 -39.38
CA LYS I 136 -36.50 -13.91 -40.77
C LYS I 136 -36.69 -15.43 -40.82
N LEU I 137 -37.61 -15.90 -41.66
CA LEU I 137 -37.82 -17.36 -41.83
C LEU I 137 -37.14 -17.78 -43.12
N THR I 138 -36.24 -18.77 -43.06
CA THR I 138 -35.48 -19.18 -44.26
C THR I 138 -35.38 -20.71 -44.34
N CYS I 139 -35.53 -21.26 -45.54
CA CYS I 139 -35.42 -22.72 -45.74
C CYS I 139 -34.64 -23.01 -47.02
N LEU I 140 -33.86 -24.09 -46.97
CA LEU I 140 -33.04 -24.49 -48.13
C LEU I 140 -33.34 -25.94 -48.51
N VAL I 141 -33.20 -26.22 -49.80
CA VAL I 141 -33.42 -27.58 -50.33
C VAL I 141 -32.07 -28.28 -50.45
N THR I 142 -32.11 -29.60 -50.26
CA THR I 142 -30.87 -30.38 -50.41
C THR I 142 -31.21 -31.75 -50.98
N ASP I 143 -30.18 -32.49 -51.37
CA ASP I 143 -30.34 -33.87 -51.92
C ASP I 143 -31.20 -33.87 -53.18
N LEU I 144 -31.26 -32.74 -53.88
CA LEU I 144 -32.04 -32.68 -55.14
C LEU I 144 -31.11 -32.24 -56.27
N THR I 145 -31.21 -32.93 -57.40
CA THR I 145 -30.39 -32.57 -58.57
C THR I 145 -30.76 -31.17 -59.05
N THR I 146 -29.76 -30.45 -59.54
CA THR I 146 -29.99 -29.06 -59.99
C THR I 146 -31.03 -29.04 -61.11
N TYR I 147 -31.99 -28.12 -60.99
CA TYR I 147 -33.07 -28.00 -61.99
C TYR I 147 -33.53 -26.54 -61.97
N ASP I 148 -34.71 -26.30 -62.54
CA ASP I 148 -35.26 -24.93 -62.57
C ASP I 148 -36.77 -25.06 -62.39
N SER I 149 -37.49 -23.95 -62.60
CA SER I 149 -38.97 -23.94 -62.48
C SER I 149 -39.37 -24.35 -61.06
N VAL I 150 -38.72 -23.72 -60.07
CA VAL I 150 -39.03 -24.03 -58.65
C VAL I 150 -39.47 -22.74 -57.98
N THR I 151 -40.61 -22.80 -57.29
CA THR I 151 -41.11 -21.62 -56.55
C THR I 151 -41.20 -21.97 -55.07
N ILE I 152 -40.68 -21.09 -54.23
CA ILE I 152 -40.70 -21.31 -52.76
C ILE I 152 -41.57 -20.24 -52.13
N SER I 153 -42.45 -20.69 -51.23
CA SER I 153 -43.33 -19.75 -50.51
C SER I 153 -43.38 -20.13 -49.03
N TRP I 154 -43.67 -19.15 -48.20
CA TRP I 154 -43.74 -19.39 -46.75
C TRP I 154 -45.20 -19.32 -46.30
N THR I 155 -45.62 -20.27 -45.47
CA THR I 155 -47.03 -20.29 -44.97
C THR I 155 -47.01 -20.32 -43.44
N ARG I 156 -48.16 -20.09 -42.80
CA ARG I 156 -48.23 -20.06 -41.32
C ARG I 156 -49.34 -20.99 -40.83
N GLN I 157 -49.42 -21.21 -39.52
CA GLN I 157 -50.46 -22.10 -38.94
C GLN I 157 -51.84 -21.55 -39.27
N ASN I 158 -52.01 -20.24 -39.21
CA ASN I 158 -53.33 -19.61 -39.50
C ASN I 158 -53.77 -20.03 -40.91
N GLY I 159 -52.83 -20.08 -41.86
CA GLY I 159 -53.17 -20.57 -43.21
C GLY I 159 -52.80 -19.56 -44.29
N GLU I 160 -52.84 -18.26 -43.97
CA GLU I 160 -52.57 -17.22 -45.01
C GLU I 160 -51.09 -17.23 -45.37
N ALA I 161 -50.75 -16.78 -46.58
CA ALA I 161 -49.34 -16.73 -47.02
C ALA I 161 -48.68 -15.45 -46.53
N VAL I 162 -47.38 -15.27 -46.82
CA VAL I 162 -46.64 -14.08 -46.35
C VAL I 162 -45.89 -13.46 -47.51
N LYS I 163 -45.02 -12.50 -47.21
CA LYS I 163 -44.31 -11.77 -48.26
C LYS I 163 -43.49 -12.72 -49.14
N THR I 164 -43.21 -12.25 -50.34
CA THR I 164 -42.51 -13.09 -51.33
C THR I 164 -41.01 -13.06 -51.10
N HIS I 165 -40.39 -14.21 -51.28
CA HIS I 165 -38.92 -14.29 -51.17
C HIS I 165 -38.22 -13.59 -52.32
N THR I 166 -36.95 -13.31 -52.13
CA THR I 166 -36.12 -12.72 -53.19
C THR I 166 -34.74 -13.34 -53.14
N ASN I 167 -33.84 -12.87 -54.00
CA ASN I 167 -32.42 -13.30 -53.95
C ASN I 167 -32.28 -14.81 -54.12
N ILE I 168 -32.66 -15.28 -55.30
CA ILE I 168 -32.51 -16.72 -55.61
C ILE I 168 -31.04 -17.11 -55.48
N SER I 169 -30.81 -18.26 -54.86
CA SER I 169 -29.43 -18.75 -54.67
C SER I 169 -28.94 -19.43 -55.94
N GLU I 170 -27.83 -20.15 -55.82
CA GLU I 170 -27.28 -20.85 -57.00
C GLU I 170 -27.31 -22.35 -56.76
N SER I 171 -26.71 -23.08 -57.72
CA SER I 171 -26.69 -24.55 -57.63
C SER I 171 -25.38 -25.02 -56.99
N HIS I 172 -25.51 -25.88 -55.99
CA HIS I 172 -24.29 -26.42 -55.35
C HIS I 172 -23.51 -27.28 -56.35
N PRO I 173 -22.18 -27.16 -56.39
CA PRO I 173 -21.38 -27.91 -57.38
C PRO I 173 -21.19 -29.39 -57.05
N ASN I 174 -21.94 -29.92 -56.07
CA ASN I 174 -21.82 -31.36 -55.71
C ASN I 174 -23.09 -32.10 -56.14
N ALA I 175 -23.63 -31.75 -57.31
CA ALA I 175 -24.84 -32.43 -57.85
C ALA I 175 -26.02 -32.28 -56.89
N THR I 176 -26.11 -31.11 -56.25
CA THR I 176 -27.25 -30.84 -55.36
C THR I 176 -27.77 -29.44 -55.65
N PHE I 177 -29.05 -29.24 -55.36
CA PHE I 177 -29.69 -27.93 -55.60
C PHE I 177 -30.22 -27.38 -54.28
N SER I 178 -30.24 -26.06 -54.20
CA SER I 178 -30.71 -25.40 -52.97
C SER I 178 -31.46 -24.13 -53.35
N ALA I 179 -32.62 -23.94 -52.73
CA ALA I 179 -33.41 -22.71 -52.95
C ALA I 179 -33.64 -22.03 -51.61
N VAL I 180 -33.48 -20.72 -51.59
CA VAL I 180 -33.58 -19.95 -50.33
C VAL I 180 -34.81 -19.07 -50.39
N GLY I 181 -35.55 -19.04 -49.28
CA GLY I 181 -36.76 -18.21 -49.23
C GLY I 181 -36.81 -17.36 -47.98
N GLU I 182 -36.89 -16.05 -48.16
CA GLU I 182 -36.89 -15.13 -47.01
C GLU I 182 -38.30 -14.63 -46.74
N ALA I 183 -38.62 -14.50 -45.46
CA ALA I 183 -39.94 -14.00 -45.06
C ALA I 183 -39.77 -13.28 -43.74
N SER I 184 -40.08 -11.98 -43.75
CA SER I 184 -39.90 -11.17 -42.53
C SER I 184 -41.25 -11.06 -41.83
N ILE I 185 -41.27 -11.50 -40.57
CA ILE I 185 -42.52 -11.42 -39.78
C ILE I 185 -42.21 -10.93 -38.36
N CYS I 186 -43.24 -10.61 -37.58
CA CYS I 186 -43.06 -10.09 -36.21
C CYS I 186 -42.42 -11.19 -35.36
N GLU I 187 -41.47 -10.82 -34.50
CA GLU I 187 -40.78 -11.83 -33.65
C GLU I 187 -41.76 -12.37 -32.61
N ASP I 188 -42.80 -11.60 -32.29
CA ASP I 188 -43.77 -12.03 -31.24
C ASP I 188 -44.38 -13.37 -31.63
N ASP I 189 -44.76 -13.55 -32.89
CA ASP I 189 -45.40 -14.81 -33.35
C ASP I 189 -44.38 -15.94 -33.25
N TRP I 190 -43.12 -15.67 -33.63
CA TRP I 190 -42.07 -16.71 -33.55
C TRP I 190 -41.91 -17.11 -32.09
N ASN I 191 -41.91 -16.14 -31.18
CA ASN I 191 -41.80 -16.45 -29.73
C ASN I 191 -43.08 -17.15 -29.28
N SER I 192 -44.23 -16.62 -29.70
CA SER I 192 -45.53 -17.23 -29.33
C SER I 192 -45.50 -18.71 -29.73
N GLY I 193 -44.85 -19.02 -30.85
CA GLY I 193 -44.72 -20.44 -31.27
C GLY I 193 -45.54 -20.75 -32.51
N GLU I 194 -46.01 -19.73 -33.21
CA GLU I 194 -46.75 -19.97 -34.46
C GLU I 194 -46.01 -21.01 -35.31
N ARG I 195 -46.76 -21.88 -35.97
CA ARG I 195 -46.16 -22.92 -36.83
C ARG I 195 -45.97 -22.35 -38.24
N PHE I 196 -44.72 -22.29 -38.67
CA PHE I 196 -44.40 -21.75 -40.01
C PHE I 196 -43.83 -22.85 -40.88
N THR I 197 -44.44 -23.03 -42.05
CA THR I 197 -43.99 -24.09 -42.99
C THR I 197 -43.76 -23.50 -44.37
N CYS I 198 -42.61 -23.80 -44.96
CA CYS I 198 -42.32 -23.35 -46.33
C CYS I 198 -42.61 -24.47 -47.31
N THR I 199 -43.29 -24.13 -48.40
CA THR I 199 -43.69 -25.15 -49.39
C THR I 199 -42.84 -25.00 -50.64
N VAL I 200 -42.19 -26.10 -51.04
CA VAL I 200 -41.35 -26.09 -52.26
C VAL I 200 -41.91 -27.12 -53.23
N THR I 201 -41.99 -26.72 -54.50
CA THR I 201 -42.50 -27.63 -55.54
C THR I 201 -41.39 -27.97 -56.53
N HIS I 202 -41.21 -29.26 -56.79
CA HIS I 202 -40.18 -29.71 -57.76
C HIS I 202 -40.82 -30.65 -58.77
N THR I 203 -40.02 -31.05 -59.75
CA THR I 203 -40.53 -31.92 -60.84
C THR I 203 -40.51 -33.39 -60.44
N ASP I 204 -39.40 -33.86 -59.89
CA ASP I 204 -39.28 -35.30 -59.57
C ASP I 204 -40.31 -35.68 -58.50
N LEU I 205 -40.47 -34.83 -57.50
CA LEU I 205 -41.48 -35.12 -56.45
C LEU I 205 -42.86 -34.75 -56.99
N PRO I 206 -43.86 -35.63 -56.85
CA PRO I 206 -45.20 -35.29 -57.31
C PRO I 206 -45.96 -34.37 -56.34
N SER I 207 -45.71 -34.55 -55.05
CA SER I 207 -46.41 -33.75 -54.02
C SER I 207 -45.40 -32.81 -53.35
N PRO I 208 -45.69 -31.50 -53.26
CA PRO I 208 -44.73 -30.58 -52.66
C PRO I 208 -44.41 -30.96 -51.21
N LEU I 209 -43.14 -30.74 -50.84
CA LEU I 209 -42.68 -31.10 -49.48
C LEU I 209 -43.04 -30.00 -48.49
N LYS I 210 -43.42 -30.39 -47.27
CA LYS I 210 -43.76 -29.40 -46.22
C LYS I 210 -42.73 -29.46 -45.08
N GLN I 211 -42.20 -28.30 -44.67
CA GLN I 211 -41.20 -28.27 -43.56
C GLN I 211 -41.68 -27.35 -42.43
N THR I 212 -42.29 -27.91 -41.39
CA THR I 212 -42.79 -27.11 -40.24
C THR I 212 -41.62 -26.62 -39.39
N ILE I 213 -41.66 -25.36 -38.96
CA ILE I 213 -40.56 -24.78 -38.12
C ILE I 213 -41.18 -24.02 -36.94
N SER I 214 -40.84 -24.39 -35.71
CA SER I 214 -41.38 -23.67 -34.53
C SER I 214 -40.32 -23.59 -33.42
N ARG I 215 -40.43 -22.59 -32.54
CA ARG I 215 -39.47 -22.46 -31.41
C ARG I 215 -39.87 -23.44 -30.30
N PRO I 216 -38.91 -24.08 -29.59
CA PRO I 216 -39.26 -24.95 -28.47
C PRO I 216 -39.94 -24.09 -27.40
N LYS I 217 -41.22 -24.36 -27.13
CA LYS I 217 -41.96 -23.50 -26.18
C LYS I 217 -41.87 -24.10 -24.76
N GLY I 218 -41.03 -23.53 -23.91
CA GLY I 218 -40.86 -24.03 -22.53
C GLY I 218 -39.43 -24.44 -22.24
N VAL I 219 -38.60 -23.51 -21.74
CA VAL I 219 -37.18 -23.82 -21.40
C VAL I 219 -36.85 -23.13 -20.07
N ALA I 220 -36.20 -23.84 -19.14
CA ALA I 220 -35.77 -23.20 -17.88
C ALA I 220 -34.90 -21.98 -18.23
N LEU I 221 -35.19 -20.82 -17.65
CA LEU I 221 -34.44 -19.59 -18.02
C LEU I 221 -33.59 -19.14 -16.83
N HIS I 222 -32.28 -18.93 -17.05
CA HIS I 222 -31.38 -18.44 -15.97
C HIS I 222 -30.46 -17.36 -16.54
N ARG I 223 -30.33 -16.23 -15.85
CA ARG I 223 -29.51 -15.09 -16.36
C ARG I 223 -28.02 -15.45 -16.30
N PRO I 224 -27.22 -15.12 -17.33
CA PRO I 224 -25.78 -15.40 -17.34
C PRO I 224 -24.98 -14.49 -16.39
N ASP I 225 -23.84 -14.97 -15.90
CA ASP I 225 -22.97 -14.15 -15.01
C ASP I 225 -21.70 -13.80 -15.78
N VAL I 226 -21.31 -12.52 -15.82
CA VAL I 226 -20.13 -12.13 -16.67
C VAL I 226 -18.93 -11.82 -15.78
N TYR I 227 -17.72 -12.17 -16.26
CA TYR I 227 -16.48 -11.89 -15.50
C TYR I 227 -15.38 -11.48 -16.48
N LEU I 228 -14.86 -10.25 -16.35
CA LEU I 228 -13.75 -9.77 -17.23
C LEU I 228 -12.41 -10.03 -16.52
N LEU I 229 -11.38 -10.43 -17.27
CA LEU I 229 -10.07 -10.77 -16.67
C LEU I 229 -8.97 -9.92 -17.33
N PRO I 230 -8.07 -9.28 -16.55
CA PRO I 230 -6.99 -8.47 -17.11
C PRO I 230 -5.81 -9.34 -17.59
N PRO I 231 -5.03 -8.91 -18.61
CA PRO I 231 -3.95 -9.73 -19.17
C PRO I 231 -2.92 -10.10 -18.10
N ALA I 232 -2.30 -11.25 -18.31
CA ALA I 232 -1.32 -11.75 -17.37
C ALA I 232 -0.05 -10.89 -17.37
N ARG I 233 0.62 -10.87 -16.22
CA ARG I 233 1.83 -10.06 -16.09
C ARG I 233 2.92 -10.52 -17.03
N GLU I 234 3.13 -11.84 -17.14
CA GLU I 234 4.16 -12.37 -18.02
C GLU I 234 3.88 -12.06 -19.49
N GLN I 235 2.63 -11.82 -19.85
CA GLN I 235 2.32 -11.42 -21.22
C GLN I 235 2.67 -9.95 -21.45
N LEU I 236 2.47 -9.10 -20.44
CA LEU I 236 2.83 -7.70 -20.56
C LEU I 236 4.30 -7.51 -20.20
N ASN I 237 5.17 -8.33 -20.77
CA ASN I 237 6.61 -8.17 -20.69
C ASN I 237 7.30 -8.24 -22.04
N LEU I 238 6.64 -8.86 -23.03
CA LEU I 238 7.21 -8.84 -24.40
C LEU I 238 6.90 -7.48 -25.03
N ARG I 239 6.05 -6.68 -24.38
CA ARG I 239 5.66 -5.37 -24.91
C ARG I 239 5.16 -5.49 -26.35
N GLU I 240 4.32 -6.49 -26.60
CA GLU I 240 3.81 -6.71 -27.99
C GLU I 240 2.27 -6.65 -28.01
N SER I 241 1.61 -7.44 -27.17
CA SER I 241 0.15 -7.51 -27.25
C SER I 241 -0.40 -7.97 -25.90
N ALA I 242 -1.73 -7.99 -25.80
CA ALA I 242 -2.41 -8.42 -24.59
C ALA I 242 -3.78 -8.98 -24.95
N THR I 243 -4.23 -9.93 -24.15
CA THR I 243 -5.49 -10.62 -24.40
C THR I 243 -6.37 -10.48 -23.18
N ILE I 244 -7.58 -9.96 -23.38
CA ILE I 244 -8.56 -9.74 -22.32
C ILE I 244 -9.69 -10.75 -22.49
N THR I 245 -10.11 -11.36 -21.39
CA THR I 245 -11.09 -12.44 -21.42
C THR I 245 -12.40 -11.98 -20.79
N CYS I 246 -13.49 -12.18 -21.51
CA CYS I 246 -14.85 -11.99 -20.99
C CYS I 246 -15.47 -13.36 -20.86
N LEU I 247 -15.88 -13.72 -19.64
CA LEU I 247 -16.22 -15.10 -19.31
C LEU I 247 -17.66 -15.15 -18.80
N VAL I 248 -18.50 -15.89 -19.53
CA VAL I 248 -19.93 -15.96 -19.28
C VAL I 248 -20.26 -17.37 -18.79
N THR I 249 -20.95 -17.47 -17.66
CA THR I 249 -21.28 -18.76 -17.07
C THR I 249 -22.68 -18.76 -16.50
N GLY I 250 -23.32 -19.95 -16.52
CA GLY I 250 -24.65 -20.09 -15.89
C GLY I 250 -25.76 -19.46 -16.69
N PHE I 251 -26.15 -20.11 -17.79
CA PHE I 251 -27.22 -19.54 -18.66
C PHE I 251 -27.92 -20.64 -19.45
N SER I 252 -29.26 -20.64 -19.44
CA SER I 252 -30.01 -21.58 -20.26
C SER I 252 -31.15 -20.80 -20.91
N PRO I 253 -31.43 -21.02 -22.19
CA PRO I 253 -30.78 -21.95 -23.12
C PRO I 253 -29.44 -21.45 -23.67
N ALA I 254 -29.01 -22.01 -24.80
CA ALA I 254 -27.68 -21.76 -25.35
C ALA I 254 -27.68 -20.69 -26.42
N ASP I 255 -28.52 -19.67 -26.28
CA ASP I 255 -28.59 -18.56 -27.25
C ASP I 255 -28.05 -17.31 -26.56
N VAL I 256 -26.78 -17.00 -26.81
CA VAL I 256 -26.13 -15.85 -26.19
C VAL I 256 -25.39 -15.06 -27.27
N PHE I 257 -25.27 -13.76 -27.06
CA PHE I 257 -24.61 -12.86 -28.00
C PHE I 257 -23.64 -11.98 -27.22
N VAL I 258 -22.38 -11.94 -27.67
CA VAL I 258 -21.33 -11.18 -27.00
C VAL I 258 -20.66 -10.28 -28.02
N GLN I 259 -20.39 -9.03 -27.62
CA GLN I 259 -19.62 -8.12 -28.45
C GLN I 259 -18.88 -7.14 -27.54
N TRP I 260 -17.83 -6.54 -28.09
CA TRP I 260 -16.92 -5.70 -27.33
C TRP I 260 -17.09 -4.24 -27.76
N MET I 261 -17.11 -3.34 -26.78
CA MET I 261 -17.26 -1.91 -27.02
C MET I 261 -16.06 -1.18 -26.43
N GLN I 262 -15.47 -0.26 -27.20
CA GLN I 262 -14.40 0.60 -26.73
C GLN I 262 -14.83 2.05 -26.88
N ARG I 263 -14.81 2.79 -25.77
CA ARG I 263 -15.14 4.21 -25.75
C ARG I 263 -16.53 4.48 -26.33
N GLY I 264 -17.48 3.61 -26.01
CA GLY I 264 -18.84 3.76 -26.48
C GLY I 264 -19.07 3.44 -27.94
N GLN I 265 -18.04 3.01 -28.66
CA GLN I 265 -18.17 2.67 -30.07
C GLN I 265 -17.77 1.21 -30.27
N PRO I 266 -18.63 0.40 -30.88
CA PRO I 266 -18.30 -1.03 -31.04
C PRO I 266 -17.10 -1.25 -31.92
N LEU I 267 -16.32 -2.27 -31.59
CA LEU I 267 -15.15 -2.65 -32.36
C LEU I 267 -15.55 -3.57 -33.51
N SER I 268 -14.64 -3.72 -34.47
CA SER I 268 -14.90 -4.60 -35.59
C SER I 268 -14.86 -6.06 -35.12
N PRO I 269 -15.76 -6.90 -35.61
CA PRO I 269 -15.81 -8.31 -35.15
C PRO I 269 -14.63 -9.14 -35.62
N GLU I 270 -13.65 -8.56 -36.32
CA GLU I 270 -12.50 -9.29 -36.81
C GLU I 270 -11.29 -9.13 -35.89
N LYS I 271 -11.51 -8.78 -34.62
CA LYS I 271 -10.41 -8.72 -33.66
C LYS I 271 -10.78 -9.33 -32.32
N TYR I 272 -11.85 -10.12 -32.25
CA TYR I 272 -12.14 -10.92 -31.06
C TYR I 272 -12.80 -12.21 -31.50
N VAL I 273 -12.73 -13.21 -30.63
CA VAL I 273 -13.20 -14.56 -30.92
C VAL I 273 -14.14 -15.01 -29.81
N THR I 274 -15.27 -15.59 -30.19
CA THR I 274 -16.25 -16.12 -29.25
C THR I 274 -16.47 -17.61 -29.51
N SER I 275 -16.67 -18.36 -28.44
CA SER I 275 -16.84 -19.80 -28.52
C SER I 275 -18.32 -20.17 -28.54
N ALA I 276 -18.59 -21.45 -28.65
CA ALA I 276 -19.94 -21.99 -28.62
C ALA I 276 -20.29 -22.45 -27.21
N PRO I 277 -21.57 -22.34 -26.77
CA PRO I 277 -21.94 -22.70 -25.39
C PRO I 277 -21.58 -24.16 -25.07
N MET I 278 -20.63 -24.35 -24.16
CA MET I 278 -20.23 -25.72 -23.74
C MET I 278 -20.94 -26.05 -22.42
N PRO I 279 -21.59 -27.22 -22.25
CA PRO I 279 -22.35 -27.50 -21.02
C PRO I 279 -21.49 -27.43 -19.76
N GLU I 280 -22.05 -26.91 -18.66
CA GLU I 280 -21.31 -26.83 -17.37
C GLU I 280 -21.29 -28.23 -16.73
N PRO I 281 -20.13 -28.73 -16.27
CA PRO I 281 -20.07 -30.03 -15.59
C PRO I 281 -20.87 -30.00 -14.28
N GLN I 282 -20.65 -28.98 -13.44
CA GLN I 282 -21.31 -28.92 -12.12
C GLN I 282 -22.84 -28.86 -12.29
N ALA I 283 -23.35 -27.77 -12.86
CA ALA I 283 -24.82 -27.62 -13.00
C ALA I 283 -25.29 -28.14 -14.36
N PRO I 284 -26.05 -29.25 -14.44
CA PRO I 284 -26.59 -29.71 -15.74
C PRO I 284 -27.61 -28.73 -16.30
N GLY I 285 -27.65 -28.58 -17.63
CA GLY I 285 -28.59 -27.65 -18.28
C GLY I 285 -28.00 -26.26 -18.39
N ARG I 286 -27.05 -25.93 -17.51
CA ARG I 286 -26.37 -24.61 -17.57
C ARG I 286 -25.22 -24.69 -18.57
N TYR I 287 -24.95 -23.59 -19.28
CA TYR I 287 -23.88 -23.58 -20.30
C TYR I 287 -22.87 -22.48 -19.97
N PHE I 288 -21.75 -22.46 -20.68
CA PHE I 288 -20.72 -21.39 -20.46
C PHE I 288 -20.09 -21.03 -21.80
N ALA I 289 -19.56 -19.81 -21.93
CA ALA I 289 -18.92 -19.37 -23.19
C ALA I 289 -17.74 -18.44 -22.86
N HIS I 290 -16.85 -18.22 -23.82
CA HIS I 290 -15.65 -17.39 -23.57
C HIS I 290 -15.38 -16.48 -24.76
N SER I 291 -15.04 -15.21 -24.50
CA SER I 291 -14.69 -14.27 -25.59
C SER I 291 -13.34 -13.62 -25.27
N ILE I 292 -12.43 -13.59 -26.26
CA ILE I 292 -11.07 -13.02 -26.02
C ILE I 292 -10.86 -11.83 -26.96
N LEU I 293 -10.41 -10.69 -26.41
CA LEU I 293 -10.12 -9.50 -27.24
C LEU I 293 -8.60 -9.26 -27.22
N THR I 294 -7.97 -9.25 -28.40
CA THR I 294 -6.51 -9.03 -28.48
C THR I 294 -6.24 -7.53 -28.71
N VAL I 295 -5.63 -6.86 -27.73
CA VAL I 295 -5.30 -5.42 -27.84
C VAL I 295 -3.78 -5.26 -27.80
N SER I 296 -3.27 -4.02 -27.74
CA SER I 296 -1.81 -3.80 -27.64
C SER I 296 -1.43 -3.50 -26.19
N GLU I 297 -0.23 -3.91 -25.78
CA GLU I 297 0.25 -3.61 -24.41
C GLU I 297 0.27 -2.09 -24.24
N GLU I 298 0.66 -1.37 -25.29
CA GLU I 298 0.65 0.13 -25.24
C GLU I 298 -0.76 0.59 -24.88
N GLU I 299 -1.74 0.34 -25.75
CA GLU I 299 -3.11 0.79 -25.50
C GLU I 299 -3.54 0.44 -24.08
N TRP I 300 -3.25 -0.77 -23.62
CA TRP I 300 -3.76 -1.17 -22.28
C TRP I 300 -3.09 -0.33 -21.19
N ASN I 301 -1.81 0.01 -21.37
CA ASN I 301 -1.05 0.78 -20.35
C ASN I 301 -1.35 2.28 -20.50
N THR I 302 -2.17 2.65 -21.49
CA THR I 302 -2.57 4.07 -21.66
C THR I 302 -4.07 4.18 -21.35
N GLY I 303 -4.49 3.75 -20.15
CA GLY I 303 -5.91 3.75 -19.79
C GLY I 303 -6.74 2.89 -20.75
N GLU I 304 -7.62 3.50 -21.53
CA GLU I 304 -8.46 2.75 -22.52
C GLU I 304 -9.28 1.69 -21.81
N THR I 305 -10.45 2.07 -21.28
CA THR I 305 -11.35 1.10 -20.61
C THR I 305 -12.05 0.23 -21.67
N TYR I 306 -12.13 -1.09 -21.43
CA TYR I 306 -12.74 -2.01 -22.42
C TYR I 306 -14.02 -2.60 -21.82
N THR I 307 -15.07 -2.72 -22.62
CA THR I 307 -16.39 -3.20 -22.10
C THR I 307 -16.88 -4.42 -22.89
N CYS I 308 -17.27 -5.49 -22.20
CA CYS I 308 -17.88 -6.64 -22.93
C CYS I 308 -19.38 -6.67 -22.60
N VAL I 309 -20.23 -6.73 -23.63
CA VAL I 309 -21.67 -6.66 -23.45
C VAL I 309 -22.30 -7.98 -23.88
N VAL I 310 -23.19 -8.51 -23.06
CA VAL I 310 -23.78 -9.82 -23.25
C VAL I 310 -25.29 -9.68 -23.34
N ALA I 311 -25.89 -10.29 -24.36
CA ALA I 311 -27.36 -10.23 -24.56
C ALA I 311 -27.97 -11.62 -24.43
N HIS I 312 -28.91 -11.79 -23.50
CA HIS I 312 -29.60 -13.09 -23.30
C HIS I 312 -31.07 -12.83 -22.99
N GLU I 313 -31.95 -13.79 -23.31
CA GLU I 313 -33.41 -13.60 -23.10
C GLU I 313 -33.73 -13.47 -21.61
N ALA I 314 -33.02 -14.19 -20.75
CA ALA I 314 -33.34 -14.18 -19.30
C ALA I 314 -32.89 -12.86 -18.66
N LEU I 315 -32.07 -12.08 -19.36
CA LEU I 315 -31.62 -10.76 -18.84
C LEU I 315 -32.80 -9.80 -18.82
N PRO I 316 -32.89 -8.83 -17.88
CA PRO I 316 -34.06 -7.95 -17.77
C PRO I 316 -34.28 -7.09 -19.03
N ASN I 317 -33.22 -6.43 -19.51
CA ASN I 317 -33.33 -5.60 -20.74
C ASN I 317 -32.60 -6.31 -21.88
N ARG I 318 -32.21 -7.58 -21.65
CA ARG I 318 -31.46 -8.37 -22.68
C ARG I 318 -30.11 -7.69 -22.95
N VAL I 319 -29.57 -6.96 -21.98
CA VAL I 319 -28.25 -6.26 -22.14
C VAL I 319 -27.51 -6.28 -20.80
N THR I 320 -26.19 -6.46 -20.81
CA THR I 320 -25.38 -6.44 -19.57
C THR I 320 -23.97 -5.96 -19.90
N GLU I 321 -23.47 -4.92 -19.21
CA GLU I 321 -22.17 -4.37 -19.54
C GLU I 321 -21.25 -4.41 -18.32
N ARG I 322 -19.97 -4.71 -18.57
CA ARG I 322 -18.92 -4.64 -17.56
C ARG I 322 -17.66 -4.09 -18.21
N THR I 323 -16.86 -3.38 -17.41
CA THR I 323 -15.64 -2.75 -17.88
C THR I 323 -14.47 -3.11 -16.97
N VAL I 324 -13.27 -3.16 -17.54
CA VAL I 324 -12.04 -3.28 -16.78
C VAL I 324 -10.99 -2.35 -17.39
N ASP I 325 -10.20 -1.69 -16.54
CA ASP I 325 -9.09 -0.84 -17.05
C ASP I 325 -7.78 -1.31 -16.39
N LYS I 326 -6.67 -0.62 -16.66
CA LYS I 326 -5.36 -1.01 -16.07
C LYS I 326 -5.45 -0.91 -14.54
N SER I 327 -6.14 0.11 -14.03
CA SER I 327 -6.26 0.31 -12.56
C SER I 327 -7.67 -0.07 -12.09
N THR I 328 -7.88 -1.34 -11.70
CA THR I 328 -9.19 -1.79 -11.28
C THR I 328 -9.18 -2.47 -9.91
N GLY I 329 -8.13 -3.21 -9.58
CA GLY I 329 -8.03 -3.88 -8.29
C GLY I 329 -7.28 -3.11 -7.23
N LYS I 330 -7.00 -1.83 -7.48
CA LYS I 330 -6.20 -1.00 -6.53
C LYS I 330 -7.07 -0.65 -5.31
N PRO I 331 -6.48 -0.45 -4.11
CA PRO I 331 -7.24 -0.04 -2.93
C PRO I 331 -7.84 1.37 -3.09
N THR I 332 -7.18 2.23 -3.87
CA THR I 332 -7.67 3.61 -4.13
C THR I 332 -7.78 4.42 -2.83
N LEU I 333 -7.26 3.88 -1.72
CA LEU I 333 -7.26 4.65 -0.45
C LEU I 333 -5.82 5.04 -0.11
N TYR I 334 -4.85 4.15 -0.37
CA TYR I 334 -3.43 4.48 -0.14
C TYR I 334 -2.63 4.28 -1.44
N ASN I 335 -1.33 4.56 -1.42
CA ASN I 335 -0.51 4.46 -2.62
C ASN I 335 0.94 4.29 -2.18
N VAL I 336 1.41 3.04 -2.16
CA VAL I 336 2.80 2.76 -1.67
C VAL I 336 3.76 2.71 -2.86
N SER I 337 4.83 3.50 -2.82
CA SER I 337 5.84 3.50 -3.91
C SER I 337 7.23 3.17 -3.35
N LEU I 338 7.77 2.01 -3.69
CA LEU I 338 9.14 1.64 -3.22
C LEU I 338 10.16 2.37 -4.10
N VAL I 339 11.03 3.18 -3.50
CA VAL I 339 12.02 3.98 -4.28
C VAL I 339 13.43 3.53 -3.90
N MET I 340 14.32 3.41 -4.89
CA MET I 340 15.71 2.97 -4.62
C MET I 340 16.69 3.94 -5.29
N LEU J 3 1.33 14.97 -32.08
CA LEU J 3 2.74 14.81 -32.53
C LEU J 3 3.07 15.81 -33.65
N PRO J 4 2.36 15.82 -34.79
CA PRO J 4 2.71 16.72 -35.90
C PRO J 4 2.38 18.18 -35.56
N GLU J 5 3.16 19.13 -36.09
CA GLU J 5 2.87 20.57 -35.85
C GLU J 5 2.70 21.28 -37.19
N VAL J 6 1.52 21.85 -37.44
CA VAL J 6 1.25 22.60 -38.70
C VAL J 6 2.04 23.92 -38.66
N LYS J 7 2.30 24.44 -37.45
CA LYS J 7 2.99 25.75 -37.33
C LYS J 7 2.29 26.73 -38.27
N VAL J 8 0.96 26.62 -38.38
CA VAL J 8 0.15 27.52 -39.27
C VAL J 8 0.52 28.98 -38.97
N GLU J 9 0.53 29.83 -40.00
CA GLU J 9 0.81 31.27 -39.78
C GLU J 9 -0.28 32.09 -40.47
N GLY J 10 -0.45 33.35 -40.03
CA GLY J 10 -1.48 34.21 -40.60
C GLY J 10 -1.18 35.68 -40.42
N GLU J 11 -2.18 36.52 -40.67
CA GLU J 11 -2.04 37.97 -40.55
C GLU J 11 -3.14 38.52 -39.66
N LEU J 12 -2.88 39.69 -39.08
CA LEU J 12 -3.90 40.35 -38.27
C LEU J 12 -5.12 40.67 -39.11
N GLY J 13 -6.30 40.38 -38.58
CA GLY J 13 -7.50 40.49 -39.37
C GLY J 13 -7.63 39.30 -40.32
N GLY J 14 -8.58 39.41 -41.24
CA GLY J 14 -8.80 38.33 -42.17
C GLY J 14 -9.24 37.06 -41.47
N SER J 15 -8.72 35.93 -41.95
CA SER J 15 -9.05 34.64 -41.36
C SER J 15 -7.92 33.66 -41.62
N VAL J 16 -7.86 32.61 -40.79
CA VAL J 16 -6.82 31.55 -40.96
C VAL J 16 -7.49 30.20 -40.75
N THR J 17 -7.11 29.19 -41.56
CA THR J 17 -7.74 27.85 -41.46
C THR J 17 -6.80 26.89 -40.73
N ILE J 18 -7.29 26.20 -39.70
CA ILE J 18 -6.47 25.21 -38.95
C ILE J 18 -6.77 23.82 -39.51
N LYS J 19 -5.74 23.11 -39.97
CA LYS J 19 -5.93 21.75 -40.56
C LYS J 19 -5.62 20.70 -39.49
N CYS J 20 -6.59 19.84 -39.17
CA CYS J 20 -6.39 18.78 -38.16
C CYS J 20 -6.99 17.45 -38.67
N PRO J 21 -6.42 16.28 -38.29
CA PRO J 21 -6.91 15.00 -38.80
C PRO J 21 -8.28 14.62 -38.23
N LEU J 22 -9.16 14.09 -39.07
CA LEU J 22 -10.51 13.66 -38.59
C LEU J 22 -10.51 12.14 -38.39
N PRO J 23 -10.41 11.62 -37.13
CA PRO J 23 -10.31 10.18 -36.91
C PRO J 23 -11.68 9.48 -36.95
N GLU J 24 -11.68 8.15 -36.96
CA GLU J 24 -12.96 7.38 -36.99
C GLU J 24 -13.15 6.69 -35.63
N MET J 25 -14.37 6.25 -35.32
CA MET J 25 -14.67 5.62 -34.01
C MET J 25 -14.48 6.63 -32.88
N HIS J 26 -14.55 7.93 -33.17
CA HIS J 26 -14.44 9.02 -32.15
C HIS J 26 -15.44 10.09 -32.58
N VAL J 27 -16.51 10.29 -31.82
CA VAL J 27 -17.55 11.23 -32.33
C VAL J 27 -17.19 12.67 -31.93
N ARG J 28 -16.96 12.92 -30.64
CA ARG J 28 -16.57 14.29 -30.17
C ARG J 28 -15.25 14.70 -30.81
N ILE J 29 -15.26 15.79 -31.59
CA ILE J 29 -14.01 16.33 -32.20
C ILE J 29 -13.83 17.76 -31.69
N TYR J 30 -12.68 18.09 -31.10
CA TYR J 30 -12.52 19.44 -30.50
C TYR J 30 -11.21 20.09 -30.94
N LEU J 31 -11.11 21.42 -30.79
CA LEU J 31 -9.84 22.14 -31.08
C LEU J 31 -9.44 22.85 -29.79
N CYS J 32 -9.05 22.08 -28.77
CA CYS J 32 -8.75 22.66 -27.43
C CYS J 32 -7.61 23.68 -27.51
N ARG J 33 -7.61 24.66 -26.60
CA ARG J 33 -6.50 25.65 -26.54
C ARG J 33 -5.62 25.30 -25.33
N GLU J 34 -4.33 25.08 -25.57
CA GLU J 34 -3.41 24.67 -24.47
C GLU J 34 -3.16 25.88 -23.56
N MET J 35 -3.97 26.04 -22.51
CA MET J 35 -3.80 27.19 -21.56
C MET J 35 -2.44 27.05 -20.86
N ALA J 36 -1.97 25.82 -20.64
CA ALA J 36 -0.65 25.60 -20.01
C ALA J 36 -0.48 26.46 -18.76
N GLY J 37 -1.55 26.69 -18.01
CA GLY J 37 -1.45 27.46 -16.74
C GLY J 37 -1.26 26.52 -15.57
N SER J 38 -2.32 25.79 -15.19
CA SER J 38 -2.20 24.79 -14.10
C SER J 38 -2.43 23.39 -14.69
N GLY J 39 -1.73 23.07 -15.79
CA GLY J 39 -1.91 21.77 -16.46
C GLY J 39 -3.35 21.55 -16.87
N THR J 40 -3.97 22.55 -17.49
CA THR J 40 -5.40 22.45 -17.89
C THR J 40 -5.58 22.88 -19.35
N CYS J 41 -6.51 22.26 -20.07
CA CYS J 41 -6.78 22.67 -21.49
C CYS J 41 -8.27 23.01 -21.61
N GLY J 42 -8.60 24.20 -22.11
CA GLY J 42 -10.00 24.63 -22.24
C GLY J 42 -10.54 24.44 -23.65
N THR J 43 -11.65 23.71 -23.79
CA THR J 43 -12.24 23.45 -25.13
C THR J 43 -12.68 24.77 -25.79
N VAL J 44 -12.13 25.08 -26.97
CA VAL J 44 -12.58 26.30 -27.71
C VAL J 44 -13.85 25.95 -28.49
N VAL J 45 -13.86 24.82 -29.20
CA VAL J 45 -15.06 24.39 -29.99
C VAL J 45 -15.21 22.86 -29.87
N SER J 46 -16.40 22.34 -30.12
CA SER J 46 -16.61 20.88 -30.07
C SER J 46 -17.80 20.51 -30.96
N THR J 47 -17.97 19.22 -31.26
CA THR J 47 -19.13 18.77 -32.05
C THR J 47 -20.36 18.78 -31.14
N THR J 48 -20.13 18.77 -29.83
CA THR J 48 -21.25 18.81 -28.85
C THR J 48 -21.86 20.21 -28.82
N ASN J 49 -21.29 21.14 -29.58
CA ASN J 49 -21.80 22.54 -29.67
C ASN J 49 -21.39 23.35 -28.42
N PHE J 50 -20.13 23.77 -28.35
CA PHE J 50 -19.70 24.66 -27.24
C PHE J 50 -18.64 25.61 -27.80
N ILE J 51 -19.03 26.85 -28.14
CA ILE J 51 -18.00 27.83 -28.60
C ILE J 51 -17.71 28.80 -27.46
N LYS J 52 -16.47 28.82 -26.97
CA LYS J 52 -16.08 29.69 -25.87
C LYS J 52 -16.58 31.12 -26.13
N ALA J 53 -16.87 31.83 -25.04
CA ALA J 53 -17.43 33.17 -25.14
C ALA J 53 -16.49 34.11 -25.87
N GLU J 54 -15.19 34.03 -25.59
CA GLU J 54 -14.22 34.90 -26.26
C GLU J 54 -14.15 34.63 -27.76
N TYR J 55 -14.54 33.43 -28.20
CA TYR J 55 -14.52 33.06 -29.61
C TYR J 55 -15.91 32.92 -30.20
N LYS J 56 -16.94 33.44 -29.52
CA LYS J 56 -18.31 33.28 -29.99
C LYS J 56 -18.53 34.10 -31.26
N GLY J 57 -19.08 33.45 -32.28
CA GLY J 57 -19.37 34.11 -33.54
C GLY J 57 -18.17 34.36 -34.43
N ARG J 58 -17.01 33.79 -34.11
CA ARG J 58 -15.81 33.99 -34.91
C ARG J 58 -15.19 32.70 -35.43
N VAL J 59 -15.65 31.53 -34.98
CA VAL J 59 -15.05 30.26 -35.34
C VAL J 59 -16.14 29.29 -35.79
N THR J 60 -15.73 28.30 -36.58
CA THR J 60 -16.64 27.27 -37.06
C THR J 60 -15.87 25.98 -37.27
N LEU J 61 -16.58 24.86 -37.25
CA LEU J 61 -16.00 23.54 -37.41
C LEU J 61 -16.82 22.75 -38.41
N LYS J 62 -16.21 22.37 -39.53
CA LYS J 62 -16.87 21.62 -40.58
C LYS J 62 -16.13 20.30 -40.77
N GLN J 63 -16.86 19.20 -40.73
CA GLN J 63 -16.30 17.86 -40.86
C GLN J 63 -16.80 17.22 -42.14
N TYR J 64 -15.87 16.59 -42.88
CA TYR J 64 -16.21 15.89 -44.14
C TYR J 64 -15.36 14.63 -44.21
N PRO J 65 -15.94 13.44 -44.55
CA PRO J 65 -15.17 12.19 -44.54
C PRO J 65 -14.38 12.03 -45.85
N ARG J 66 -14.32 13.08 -46.66
CA ARG J 66 -13.64 12.99 -47.99
C ARG J 66 -12.14 12.72 -47.79
N LYS J 67 -11.50 13.40 -46.85
CA LYS J 67 -10.02 13.24 -46.69
C LYS J 67 -9.66 13.00 -45.22
N ASN J 68 -10.53 12.31 -44.46
CA ASN J 68 -10.28 12.10 -43.02
C ASN J 68 -9.73 13.41 -42.44
N LEU J 69 -10.17 14.55 -42.95
CA LEU J 69 -9.74 15.85 -42.46
C LEU J 69 -10.97 16.67 -42.05
N PHE J 70 -10.86 17.36 -40.93
CA PHE J 70 -11.84 18.36 -40.52
C PHE J 70 -11.13 19.71 -40.40
N LEU J 71 -11.73 20.75 -40.97
CA LEU J 71 -11.13 22.07 -41.04
C LEU J 71 -11.87 23.03 -40.11
N VAL J 72 -11.10 23.81 -39.36
CA VAL J 72 -11.64 24.81 -38.44
C VAL J 72 -11.10 26.17 -38.87
N GLU J 73 -12.00 27.13 -39.06
CA GLU J 73 -11.64 28.47 -39.50
C GLU J 73 -11.83 29.45 -38.36
N VAL J 74 -10.85 30.35 -38.19
CA VAL J 74 -10.91 31.40 -37.19
C VAL J 74 -10.96 32.73 -37.93
N THR J 75 -12.08 33.43 -37.82
CA THR J 75 -12.24 34.73 -38.45
C THR J 75 -11.74 35.83 -37.52
N GLN J 76 -11.29 36.95 -38.11
CA GLN J 76 -10.70 38.04 -37.30
C GLN J 76 -9.42 37.51 -36.63
N LEU J 77 -8.69 38.37 -35.92
CA LEU J 77 -7.47 37.91 -35.20
C LEU J 77 -7.12 38.92 -34.10
N THR J 78 -6.63 38.43 -32.96
CA THR J 78 -6.19 39.32 -31.86
C THR J 78 -4.88 38.79 -31.29
N GLU J 79 -4.10 39.65 -30.61
CA GLU J 79 -2.86 39.17 -29.96
C GLU J 79 -3.18 37.88 -29.19
N SER J 80 -4.28 37.88 -28.43
CA SER J 80 -4.68 36.68 -27.66
C SER J 80 -4.61 35.45 -28.57
N ASP J 81 -4.96 35.60 -29.85
CA ASP J 81 -4.92 34.46 -30.81
C ASP J 81 -3.47 34.26 -31.29
N SER J 82 -2.59 33.82 -30.39
CA SER J 82 -1.17 33.57 -30.76
C SER J 82 -0.56 32.55 -29.78
N GLY J 83 -1.10 31.32 -29.76
CA GLY J 83 -0.60 30.29 -28.82
C GLY J 83 -0.72 28.89 -29.40
N VAL J 84 -1.01 27.91 -28.54
CA VAL J 84 -1.09 26.49 -29.01
C VAL J 84 -2.55 26.03 -28.97
N TYR J 85 -3.03 25.39 -30.04
CA TYR J 85 -4.43 24.88 -30.09
C TYR J 85 -4.42 23.39 -30.42
N ALA J 86 -4.02 22.54 -29.47
CA ALA J 86 -4.00 21.08 -29.69
C ALA J 86 -5.40 20.58 -30.05
N CYS J 87 -5.54 19.87 -31.17
CA CYS J 87 -6.85 19.31 -31.58
C CYS J 87 -6.87 17.81 -31.32
N GLY J 88 -8.03 17.26 -30.94
CA GLY J 88 -8.12 15.82 -30.61
C GLY J 88 -9.55 15.31 -30.57
N ALA J 89 -9.77 14.17 -29.90
CA ALA J 89 -11.13 13.58 -29.84
C ALA J 89 -11.31 12.90 -28.47
N GLY J 90 -12.51 12.36 -28.21
CA GLY J 90 -12.76 11.66 -26.93
C GLY J 90 -13.35 12.56 -25.88
N MET J 91 -14.00 11.99 -24.85
CA MET J 91 -14.66 12.79 -23.79
C MET J 91 -13.62 13.59 -23.02
N ASN J 92 -12.53 12.95 -22.58
CA ASN J 92 -11.44 13.65 -21.83
C ASN J 92 -10.68 14.55 -22.80
N THR J 93 -10.71 15.86 -22.55
CA THR J 93 -10.05 16.82 -23.48
C THR J 93 -8.54 16.78 -23.26
N ASP J 94 -8.08 16.63 -22.02
CA ASP J 94 -6.63 16.68 -21.73
C ASP J 94 -5.95 15.38 -22.17
N ARG J 95 -6.71 14.31 -22.38
CA ARG J 95 -6.10 13.00 -22.73
C ARG J 95 -6.25 12.72 -24.24
N GLY J 96 -6.52 13.77 -25.03
CA GLY J 96 -6.60 13.60 -26.49
C GLY J 96 -5.48 14.37 -27.18
N LYS J 97 -5.77 15.58 -27.66
CA LYS J 97 -4.70 16.43 -28.27
C LYS J 97 -3.88 15.60 -29.26
N THR J 98 -4.54 15.00 -30.26
CA THR J 98 -3.84 14.13 -31.23
C THR J 98 -2.74 14.93 -31.96
N GLN J 99 -3.06 16.17 -32.38
CA GLN J 99 -2.07 17.00 -33.12
C GLN J 99 -1.89 18.33 -32.39
N LYS J 100 -0.66 18.88 -32.41
CA LYS J 100 -0.39 20.19 -31.76
C LYS J 100 -0.12 21.22 -32.85
N VAL J 101 -0.53 22.48 -32.64
CA VAL J 101 -0.33 23.51 -33.64
C VAL J 101 -0.02 24.81 -32.92
N THR J 102 0.62 25.74 -33.62
CA THR J 102 0.97 27.04 -33.06
C THR J 102 0.42 28.15 -33.94
N LEU J 103 0.13 29.29 -33.32
CA LEU J 103 -0.45 30.43 -34.01
C LEU J 103 0.24 31.70 -33.54
N ASN J 104 0.25 32.71 -34.41
CA ASN J 104 0.89 33.98 -34.11
C ASN J 104 0.16 35.08 -34.87
N VAL J 105 0.72 36.29 -34.85
CA VAL J 105 0.15 37.44 -35.54
C VAL J 105 1.28 38.20 -36.24
N HIS J 106 1.02 38.66 -37.46
CA HIS J 106 1.99 39.39 -38.26
C HIS J 106 1.44 40.79 -38.52
N SER J 107 1.80 41.73 -37.66
CA SER J 107 1.37 43.12 -37.80
C SER J 107 2.30 44.07 -37.05
N LEU K 3 -28.22 10.66 30.25
CA LEU K 3 -27.69 10.36 31.60
C LEU K 3 -28.66 9.45 32.36
N PRO K 4 -29.93 9.84 32.60
CA PRO K 4 -30.85 9.02 33.39
C PRO K 4 -31.26 7.75 32.63
N GLU K 5 -31.52 6.66 33.34
CA GLU K 5 -31.98 5.40 32.68
C GLU K 5 -33.32 4.97 33.29
N VAL K 6 -34.37 4.91 32.46
CA VAL K 6 -35.71 4.46 32.95
C VAL K 6 -35.65 2.95 33.22
N LYS K 7 -34.79 2.22 32.52
CA LYS K 7 -34.72 0.75 32.67
C LYS K 7 -36.15 0.21 32.57
N VAL K 8 -36.96 0.82 31.69
CA VAL K 8 -38.39 0.40 31.51
C VAL K 8 -38.43 -1.12 31.28
N GLU K 9 -39.47 -1.79 31.79
CA GLU K 9 -39.62 -3.25 31.56
C GLU K 9 -41.03 -3.53 31.03
N GLY K 10 -41.22 -4.67 30.36
CA GLY K 10 -42.52 -5.02 29.81
C GLY K 10 -42.69 -6.51 29.61
N GLU K 11 -43.73 -6.89 28.87
CA GLU K 11 -44.04 -8.29 28.60
C GLU K 11 -44.17 -8.50 27.10
N LEU K 12 -43.98 -9.75 26.67
CA LEU K 12 -44.16 -10.08 25.26
C LEU K 12 -45.62 -9.83 24.86
N GLY K 13 -45.78 -9.19 23.70
CA GLY K 13 -47.12 -8.75 23.33
C GLY K 13 -47.50 -7.50 24.09
N GLY K 14 -48.78 -7.14 23.97
CA GLY K 14 -49.26 -5.95 24.64
C GLY K 14 -48.57 -4.70 24.12
N SER K 15 -48.26 -3.79 25.04
CA SER K 15 -47.58 -2.55 24.67
C SER K 15 -46.81 -2.03 25.88
N VAL K 16 -45.82 -1.18 25.60
CA VAL K 16 -44.99 -0.57 26.69
C VAL K 16 -44.78 0.91 26.34
N THR K 17 -44.82 1.79 27.34
CA THR K 17 -44.68 3.25 27.09
C THR K 17 -43.27 3.70 27.50
N ILE K 18 -42.57 4.40 26.61
CA ILE K 18 -41.21 4.91 26.92
C ILE K 18 -41.34 6.38 27.35
N LYS K 19 -40.86 6.71 28.56
CA LYS K 19 -40.96 8.10 29.08
C LYS K 19 -39.64 8.82 28.82
N CYS K 20 -39.69 9.94 28.08
CA CYS K 20 -38.46 10.73 27.78
C CYS K 20 -38.75 12.22 27.95
N PRO K 21 -37.77 13.05 28.35
CA PRO K 21 -38.01 14.47 28.60
C PRO K 21 -38.24 15.26 27.29
N LEU K 22 -39.21 16.17 27.31
CA LEU K 22 -39.49 17.01 26.10
C LEU K 22 -38.83 18.37 26.28
N PRO K 23 -37.67 18.67 25.63
CA PRO K 23 -36.96 19.94 25.86
C PRO K 23 -37.56 21.09 25.03
N GLU K 24 -37.13 22.32 25.31
CA GLU K 24 -37.64 23.50 24.55
C GLU K 24 -36.51 24.04 23.67
N MET K 25 -36.84 24.86 22.66
CA MET K 25 -35.82 25.40 21.71
C MET K 25 -35.20 24.25 20.91
N HIS K 26 -35.88 23.11 20.79
CA HIS K 26 -35.41 21.94 19.99
C HIS K 26 -36.65 21.38 19.32
N VAL K 27 -36.74 21.51 17.99
CA VAL K 27 -37.96 21.06 17.26
C VAL K 27 -37.91 19.53 17.06
N ARG K 28 -36.90 19.04 16.33
CA ARG K 28 -36.84 17.58 16.04
C ARG K 28 -36.72 16.79 17.34
N ILE K 29 -37.68 15.91 17.63
CA ILE K 29 -37.60 15.05 18.84
C ILE K 29 -37.59 13.59 18.35
N TYR K 30 -36.58 12.80 18.74
CA TYR K 30 -36.47 11.43 18.18
C TYR K 30 -36.26 10.39 19.30
N LEU K 31 -36.52 9.12 19.00
CA LEU K 31 -36.25 8.03 19.96
C LEU K 31 -35.27 7.07 19.27
N CYS K 32 -34.04 7.51 19.05
CA CYS K 32 -33.06 6.70 18.28
C CYS K 32 -32.80 5.35 18.96
N ARG K 33 -32.43 4.34 18.16
CA ARG K 33 -32.07 3.01 18.73
C ARG K 33 -30.55 2.86 18.66
N GLU K 34 -29.90 2.62 19.80
CA GLU K 34 -28.42 2.53 19.83
C GLU K 34 -27.99 1.21 19.18
N MET K 35 -27.73 1.24 17.87
CA MET K 35 -27.29 0.02 17.15
C MET K 35 -25.98 -0.47 17.76
N ALA K 36 -25.08 0.47 18.12
CA ALA K 36 -23.80 0.11 18.77
C ALA K 36 -23.03 -0.90 17.90
N GLY K 37 -23.16 -0.80 16.57
CA GLY K 37 -22.42 -1.69 15.67
C GLY K 37 -21.11 -1.04 15.24
N SER K 38 -21.19 -0.05 14.35
CA SER K 38 -19.98 0.70 13.93
C SER K 38 -20.04 2.10 14.53
N GLY K 39 -20.57 2.22 15.76
CA GLY K 39 -20.71 3.54 16.40
C GLY K 39 -21.74 4.41 15.69
N THR K 40 -22.87 3.82 15.30
CA THR K 40 -23.93 4.57 14.57
C THR K 40 -25.30 4.28 15.20
N CYS K 41 -26.14 5.31 15.32
CA CYS K 41 -27.49 5.14 15.92
C CYS K 41 -28.55 5.44 14.85
N GLY K 42 -29.48 4.51 14.63
CA GLY K 42 -30.54 4.71 13.62
C GLY K 42 -31.83 5.21 14.25
N THR K 43 -32.35 6.34 13.76
CA THR K 43 -33.59 6.94 14.34
C THR K 43 -34.76 5.99 14.12
N VAL K 44 -35.55 5.74 15.16
CA VAL K 44 -36.78 4.89 15.02
C VAL K 44 -37.95 5.79 14.64
N VAL K 45 -38.15 6.90 15.36
CA VAL K 45 -39.25 7.85 15.05
C VAL K 45 -38.75 9.28 15.25
N SER K 46 -39.27 10.24 14.47
CA SER K 46 -38.86 11.66 14.63
C SER K 46 -40.01 12.58 14.21
N THR K 47 -39.87 13.88 14.49
CA THR K 47 -40.91 14.87 14.08
C THR K 47 -40.93 14.95 12.55
N THR K 48 -39.87 14.44 11.90
CA THR K 48 -39.81 14.43 10.41
C THR K 48 -40.68 13.28 9.88
N ASN K 49 -41.45 12.64 10.76
CA ASN K 49 -42.35 11.53 10.35
C ASN K 49 -41.49 10.37 9.81
N PHE K 50 -40.30 10.18 10.37
CA PHE K 50 -39.41 9.08 9.93
C PHE K 50 -39.66 7.84 10.79
N ILE K 51 -40.50 6.92 10.31
CA ILE K 51 -40.77 5.65 11.05
C ILE K 51 -40.05 4.51 10.35
N LYS K 52 -39.18 3.79 11.07
CA LYS K 52 -38.41 2.71 10.48
C LYS K 52 -39.36 1.62 9.97
N ALA K 53 -38.93 0.93 8.92
CA ALA K 53 -39.77 -0.09 8.29
C ALA K 53 -40.10 -1.22 9.27
N GLU K 54 -39.11 -1.66 10.05
CA GLU K 54 -39.33 -2.72 11.02
C GLU K 54 -40.33 -2.31 12.10
N TYR K 55 -40.48 -1.02 12.35
CA TYR K 55 -41.41 -0.51 13.36
C TYR K 55 -42.62 0.19 12.75
N LYS K 56 -42.86 0.00 11.45
CA LYS K 56 -43.95 0.72 10.79
C LYS K 56 -45.31 0.20 11.29
N GLY K 57 -46.17 1.12 11.68
CA GLY K 57 -47.50 0.77 12.15
C GLY K 57 -47.56 0.22 13.56
N ARG K 58 -46.47 0.27 14.32
CA ARG K 58 -46.42 -0.25 15.67
C ARG K 58 -46.04 0.77 16.72
N VAL K 59 -45.59 1.96 16.33
CA VAL K 59 -45.10 2.96 17.26
C VAL K 59 -45.75 4.30 16.96
N THR K 60 -45.77 5.16 17.97
CA THR K 60 -46.32 6.51 17.84
C THR K 60 -45.61 7.44 18.81
N LEU K 61 -45.64 8.73 18.50
CA LEU K 61 -44.99 9.76 19.30
C LEU K 61 -45.96 10.91 19.51
N LYS K 62 -46.32 11.17 20.77
CA LYS K 62 -47.24 12.23 21.13
C LYS K 62 -46.53 13.20 22.06
N GLN K 63 -46.56 14.48 21.72
CA GLN K 63 -45.89 15.53 22.48
C GLN K 63 -46.93 16.46 23.09
N TYR K 64 -46.77 16.77 24.37
CA TYR K 64 -47.67 17.69 25.07
C TYR K 64 -46.87 18.34 26.19
N PRO K 65 -46.58 19.64 26.09
CA PRO K 65 -45.75 20.30 27.10
C PRO K 65 -46.49 20.59 28.39
N ARG K 66 -47.13 19.57 28.98
CA ARG K 66 -47.77 19.73 30.27
C ARG K 66 -46.77 19.62 31.40
N LYS K 67 -46.09 18.46 31.50
CA LYS K 67 -45.02 18.25 32.47
C LYS K 67 -43.66 18.22 31.80
N ASN K 68 -43.53 18.83 30.62
CA ASN K 68 -42.30 18.79 29.82
C ASN K 68 -41.89 17.34 29.54
N LEU K 69 -42.85 16.59 29.01
CA LEU K 69 -42.65 15.18 28.73
C LEU K 69 -43.32 14.82 27.41
N PHE K 70 -42.65 13.99 26.62
CA PHE K 70 -43.24 13.38 25.43
C PHE K 70 -43.17 11.88 25.59
N LEU K 71 -44.29 11.20 25.31
CA LEU K 71 -44.42 9.77 25.52
C LEU K 71 -44.47 9.04 24.19
N VAL K 72 -43.73 7.95 24.09
CA VAL K 72 -43.67 7.11 22.91
C VAL K 72 -44.13 5.71 23.29
N GLU K 73 -45.10 5.18 22.56
CA GLU K 73 -45.66 3.87 22.84
C GLU K 73 -45.24 2.88 21.75
N VAL K 74 -44.84 1.69 22.18
CA VAL K 74 -44.47 0.61 21.27
C VAL K 74 -45.48 -0.51 21.45
N THR K 75 -46.28 -0.75 20.41
CA THR K 75 -47.27 -1.82 20.45
C THR K 75 -46.65 -3.13 19.97
N GLN K 76 -47.20 -4.24 20.46
CA GLN K 76 -46.60 -5.57 20.14
C GLN K 76 -45.20 -5.63 20.75
N LEU K 77 -44.53 -6.78 20.64
CA LEU K 77 -43.13 -6.89 21.15
C LEU K 77 -42.43 -8.08 20.49
N THR K 78 -41.14 -7.95 20.21
CA THR K 78 -40.36 -9.07 19.63
C THR K 78 -38.99 -9.13 20.32
N GLU K 79 -38.32 -10.29 20.28
CA GLU K 79 -36.97 -10.38 20.86
C GLU K 79 -36.14 -9.17 20.38
N SER K 80 -36.22 -8.85 19.08
CA SER K 80 -35.48 -7.69 18.54
C SER K 80 -35.71 -6.47 19.43
N ASP K 81 -36.91 -6.33 19.98
CA ASP K 81 -37.24 -5.19 20.87
C ASP K 81 -36.70 -5.46 22.27
N SER K 82 -35.37 -5.48 22.43
CA SER K 82 -34.75 -5.73 23.76
C SER K 82 -33.34 -5.14 23.77
N GLY K 83 -33.23 -3.82 23.62
CA GLY K 83 -31.91 -3.16 23.58
C GLY K 83 -31.95 -1.75 24.15
N VAL K 84 -31.16 -0.84 23.59
CA VAL K 84 -31.07 0.56 24.12
C VAL K 84 -31.74 1.51 23.12
N TYR K 85 -32.60 2.40 23.61
CA TYR K 85 -33.28 3.39 22.72
C TYR K 85 -33.05 4.80 23.25
N ALA K 86 -31.83 5.33 23.08
CA ALA K 86 -31.49 6.69 23.55
C ALA K 86 -32.40 7.72 22.86
N CYS K 87 -33.11 8.54 23.63
CA CYS K 87 -33.99 9.59 23.06
C CYS K 87 -33.31 10.95 23.21
N GLY K 88 -33.37 11.78 22.18
CA GLY K 88 -32.73 13.11 22.22
C GLY K 88 -33.28 14.04 21.15
N ALA K 89 -32.60 15.17 20.93
CA ALA K 89 -33.05 16.16 19.93
C ALA K 89 -31.85 16.64 19.11
N GLY K 90 -32.08 17.55 18.16
CA GLY K 90 -30.97 18.10 17.33
C GLY K 90 -30.95 17.49 15.94
N MET K 91 -30.39 18.21 14.97
CA MET K 91 -30.36 17.72 13.56
C MET K 91 -29.55 16.42 13.50
N ASN K 92 -28.33 16.43 14.06
CA ASN K 92 -27.51 15.18 14.09
C ASN K 92 -28.05 14.27 15.19
N THR K 93 -28.55 13.09 14.82
CA THR K 93 -29.15 12.17 15.82
C THR K 93 -28.09 11.72 16.83
N ASP K 94 -26.92 11.28 16.35
CA ASP K 94 -25.88 10.73 17.25
C ASP K 94 -25.44 11.78 18.28
N ARG K 95 -25.35 13.06 17.87
CA ARG K 95 -24.84 14.12 18.79
C ARG K 95 -25.82 14.32 19.95
N GLY K 96 -27.11 14.02 19.75
CA GLY K 96 -28.11 14.23 20.81
C GLY K 96 -28.29 13.01 21.69
N LYS K 97 -29.47 12.40 21.68
CA LYS K 97 -29.74 11.19 22.50
C LYS K 97 -29.40 11.48 23.96
N THR K 98 -30.06 12.47 24.57
CA THR K 98 -29.73 12.89 25.97
C THR K 98 -30.00 11.77 26.96
N GLN K 99 -31.22 11.21 26.99
CA GLN K 99 -31.58 10.18 28.00
C GLN K 99 -31.38 8.79 27.40
N LYS K 100 -30.88 7.84 28.20
CA LYS K 100 -30.67 6.45 27.71
C LYS K 100 -31.67 5.52 28.41
N VAL K 101 -32.16 4.49 27.72
CA VAL K 101 -33.14 3.58 28.30
C VAL K 101 -32.83 2.18 27.80
N THR K 102 -33.30 1.18 28.53
CA THR K 102 -33.11 -0.21 28.14
C THR K 102 -34.45 -0.93 28.10
N LEU K 103 -34.52 -1.95 27.25
CA LEU K 103 -35.75 -2.71 27.05
C LEU K 103 -35.42 -4.19 26.98
N ASN K 104 -36.39 -5.02 27.35
CA ASN K 104 -36.22 -6.47 27.36
C ASN K 104 -37.57 -7.12 27.10
N VAL K 105 -37.62 -8.44 27.24
CA VAL K 105 -38.84 -9.22 27.05
C VAL K 105 -38.96 -10.24 28.18
N HIS K 106 -40.17 -10.42 28.68
CA HIS K 106 -40.46 -11.35 29.77
C HIS K 106 -41.43 -12.41 29.24
N SER K 107 -40.88 -13.52 28.75
CA SER K 107 -41.69 -14.62 28.25
C SER K 107 -40.90 -15.92 28.23
N LEU L 3 -10.51 -32.77 12.58
CA LEU L 3 -11.80 -32.43 13.22
C LEU L 3 -12.20 -33.54 14.21
N PRO L 4 -12.36 -34.82 13.80
CA PRO L 4 -12.82 -35.85 14.73
C PRO L 4 -11.74 -36.20 15.76
N GLU L 5 -12.14 -36.59 16.97
CA GLU L 5 -11.15 -37.00 18.01
C GLU L 5 -11.47 -38.42 18.48
N VAL L 6 -10.53 -39.36 18.28
CA VAL L 6 -10.72 -40.76 18.75
C VAL L 6 -10.65 -40.79 20.28
N LYS L 7 -9.91 -39.85 20.88
CA LYS L 7 -9.72 -39.86 22.35
C LYS L 7 -9.32 -41.29 22.76
N VAL L 8 -8.51 -41.95 21.92
CA VAL L 8 -8.05 -43.34 22.20
C VAL L 8 -7.46 -43.40 23.61
N GLU L 9 -7.68 -44.52 24.32
CA GLU L 9 -7.10 -44.69 25.67
C GLU L 9 -6.35 -46.03 25.74
N GLY L 10 -5.41 -46.16 26.68
CA GLY L 10 -4.64 -47.38 26.82
C GLY L 10 -4.07 -47.57 28.21
N GLU L 11 -3.14 -48.51 28.35
CA GLU L 11 -2.51 -48.82 29.62
C GLU L 11 -1.01 -48.76 29.48
N LEU L 12 -0.32 -48.55 30.60
CA LEU L 12 1.13 -48.55 30.60
C LEU L 12 1.65 -49.92 30.17
N GLY L 13 2.64 -49.92 29.28
CA GLY L 13 3.06 -51.17 28.69
C GLY L 13 2.08 -51.62 27.61
N GLY L 14 2.28 -52.85 27.16
CA GLY L 14 1.41 -53.38 26.11
C GLY L 14 1.53 -52.59 24.83
N SER L 15 0.39 -52.37 24.18
CA SER L 15 0.37 -51.62 22.93
C SER L 15 -1.00 -50.99 22.74
N VAL L 16 -1.06 -49.94 21.92
CA VAL L 16 -2.35 -49.26 21.63
C VAL L 16 -2.39 -48.95 20.13
N THR L 17 -3.55 -49.11 19.49
CA THR L 17 -3.68 -48.88 18.03
C THR L 17 -4.35 -47.53 17.77
N ILE L 18 -3.75 -46.69 16.93
CA ILE L 18 -4.33 -45.37 16.59
C ILE L 18 -5.08 -45.51 15.26
N LYS L 19 -6.37 -45.18 15.24
CA LYS L 19 -7.18 -45.31 14.00
C LYS L 19 -7.27 -43.94 13.31
N CYS L 20 -6.82 -43.85 12.07
CA CYS L 20 -6.86 -42.57 11.32
C CYS L 20 -7.34 -42.83 9.88
N PRO L 21 -8.04 -41.88 9.22
CA PRO L 21 -8.58 -42.11 7.88
C PRO L 21 -7.48 -42.14 6.81
N LEU L 22 -7.58 -43.07 5.86
CA LEU L 22 -6.58 -43.16 4.76
C LEU L 22 -7.15 -42.48 3.51
N PRO L 23 -6.74 -41.24 3.15
CA PRO L 23 -7.35 -40.53 2.02
C PRO L 23 -6.74 -40.97 0.68
N GLU L 24 -7.34 -40.54 -0.43
CA GLU L 24 -6.82 -40.90 -1.78
C GLU L 24 -6.24 -39.64 -2.43
N MET L 25 -5.43 -39.80 -3.48
CA MET L 25 -4.76 -38.65 -4.16
C MET L 25 -3.80 -37.96 -3.19
N HIS L 26 -3.33 -38.65 -2.14
CA HIS L 26 -2.35 -38.12 -1.17
C HIS L 26 -1.41 -39.28 -0.85
N VAL L 27 -0.15 -39.21 -1.26
CA VAL L 27 0.72 -40.42 -1.07
C VAL L 27 1.34 -40.39 0.33
N ARG L 28 2.02 -39.29 0.69
CA ARG L 28 2.64 -39.18 2.05
C ARG L 28 1.55 -39.24 3.12
N ILE L 29 1.61 -40.24 4.00
CA ILE L 29 0.65 -40.34 5.13
C ILE L 29 1.46 -40.31 6.43
N TYR L 30 1.14 -39.40 7.36
CA TYR L 30 1.98 -39.27 8.57
C TYR L 30 1.13 -39.25 9.84
N LEU L 31 1.74 -39.51 11.00
CA LEU L 31 1.03 -39.40 12.30
C LEU L 31 1.80 -38.38 13.14
N CYS L 32 1.76 -37.11 12.73
CA CYS L 32 2.55 -36.06 13.40
C CYS L 32 2.20 -35.93 14.89
N ARG L 33 3.15 -35.50 15.71
CA ARG L 33 2.88 -35.26 17.16
C ARG L 33 2.79 -33.75 17.39
N GLU L 34 1.65 -33.28 17.92
CA GLU L 34 1.46 -31.82 18.11
C GLU L 34 2.34 -31.34 19.26
N MET L 35 3.57 -30.90 18.96
CA MET L 35 4.49 -30.41 20.02
C MET L 35 3.84 -29.21 20.70
N ALA L 36 3.17 -28.34 19.94
CA ALA L 36 2.48 -27.17 20.51
C ALA L 36 3.45 -26.33 21.34
N GLY L 37 4.72 -26.28 20.94
CA GLY L 37 5.71 -25.44 21.64
C GLY L 37 5.82 -24.08 21.00
N SER L 38 6.45 -24.00 19.83
CA SER L 38 6.52 -22.71 19.09
C SER L 38 5.63 -22.81 17.85
N GLY L 39 4.49 -23.49 17.98
CA GLY L 39 3.57 -23.68 16.84
C GLY L 39 4.19 -24.57 15.77
N THR L 40 4.84 -25.67 16.18
CA THR L 40 5.51 -26.58 15.22
C THR L 40 5.13 -28.03 15.55
N CYS L 41 4.88 -28.85 14.53
CA CYS L 41 4.51 -30.27 14.74
C CYS L 41 5.60 -31.17 14.14
N GLY L 42 6.15 -32.10 14.92
CA GLY L 42 7.24 -32.97 14.42
C GLY L 42 6.74 -34.32 13.95
N THR L 43 7.11 -34.72 12.73
CA THR L 43 6.63 -36.01 12.15
C THR L 43 7.15 -37.19 12.98
N VAL L 44 6.26 -38.02 13.53
CA VAL L 44 6.70 -39.24 14.27
C VAL L 44 6.99 -40.35 13.27
N VAL L 45 6.09 -40.57 12.30
CA VAL L 45 6.27 -41.62 11.27
C VAL L 45 5.75 -41.09 9.93
N SER L 46 6.20 -41.68 8.82
CA SER L 46 5.70 -41.26 7.49
C SER L 46 5.86 -42.42 6.50
N THR L 47 5.22 -42.33 5.34
CA THR L 47 5.38 -43.37 4.30
C THR L 47 6.74 -43.18 3.64
N THR L 48 7.33 -41.99 3.79
CA THR L 48 8.67 -41.70 3.20
C THR L 48 9.73 -42.42 4.03
N ASN L 49 9.33 -43.09 5.12
CA ASN L 49 10.27 -43.85 5.99
C ASN L 49 11.06 -42.90 6.90
N PHE L 50 10.43 -42.40 7.96
CA PHE L 50 11.16 -41.58 8.96
C PHE L 50 10.53 -41.87 10.32
N ILE L 51 11.16 -42.72 11.13
CA ILE L 51 10.64 -42.95 12.51
C ILE L 51 11.53 -42.20 13.50
N LYS L 52 10.95 -41.23 14.22
CA LYS L 52 11.70 -40.43 15.18
C LYS L 52 12.55 -41.33 16.07
N ALA L 53 13.68 -40.78 16.52
CA ALA L 53 14.62 -41.57 17.31
C ALA L 53 13.99 -42.07 18.61
N GLU L 54 13.21 -41.21 19.28
CA GLU L 54 12.55 -41.59 20.52
C GLU L 54 11.53 -42.71 20.30
N TYR L 55 11.02 -42.86 19.09
CA TYR L 55 10.03 -43.90 18.77
C TYR L 55 10.61 -44.98 17.87
N LYS L 56 11.93 -45.05 17.74
CA LYS L 56 12.54 -46.02 16.84
C LYS L 56 12.35 -47.45 17.37
N GLY L 57 11.87 -48.33 16.50
CA GLY L 57 11.66 -49.72 16.87
C GLY L 57 10.44 -49.98 17.72
N ARG L 58 9.57 -49.00 17.91
CA ARG L 58 8.38 -49.18 18.73
C ARG L 58 7.07 -48.90 17.99
N VAL L 59 7.12 -48.36 16.78
CA VAL L 59 5.92 -47.96 16.05
C VAL L 59 5.98 -48.52 14.64
N THR L 60 4.80 -48.66 14.03
CA THR L 60 4.69 -49.14 12.66
C THR L 60 3.45 -48.54 12.02
N LEU L 61 3.46 -48.49 10.69
CA LEU L 61 2.36 -47.92 9.91
C LEU L 61 2.01 -48.87 8.78
N LYS L 62 0.78 -49.38 8.79
CA LYS L 62 0.30 -50.31 7.78
C LYS L 62 -0.91 -49.69 7.10
N GLN L 63 -0.88 -49.63 5.77
CA GLN L 63 -1.95 -49.06 4.97
C GLN L 63 -2.62 -50.14 4.14
N TYR L 64 -3.94 -50.15 4.14
CA TYR L 64 -4.72 -51.09 3.34
C TYR L 64 -6.06 -50.43 3.01
N PRO L 65 -6.29 -50.09 1.75
CA PRO L 65 -7.53 -49.39 1.39
C PRO L 65 -8.75 -50.28 1.35
N ARG L 66 -8.99 -51.03 2.44
CA ARG L 66 -10.20 -51.84 2.53
C ARG L 66 -11.39 -50.99 2.97
N LYS L 67 -11.30 -50.38 4.14
CA LYS L 67 -12.31 -49.46 4.64
C LYS L 67 -11.83 -48.02 4.62
N ASN L 68 -10.86 -47.71 3.76
CA ASN L 68 -10.23 -46.39 3.69
C ASN L 68 -9.67 -45.99 5.06
N LEU L 69 -8.86 -46.89 5.61
CA LEU L 69 -8.29 -46.71 6.93
C LEU L 69 -6.85 -47.20 6.94
N PHE L 70 -5.97 -46.45 7.61
CA PHE L 70 -4.61 -46.89 7.89
C PHE L 70 -4.43 -46.91 9.40
N LEU L 71 -3.86 -47.99 9.92
CA LEU L 71 -3.72 -48.20 11.35
C LEU L 71 -2.25 -48.09 11.75
N VAL L 72 -2.00 -47.37 12.84
CA VAL L 72 -0.66 -47.19 13.38
C VAL L 72 -0.65 -47.73 14.81
N GLU L 73 0.30 -48.62 15.10
CA GLU L 73 0.41 -49.25 16.39
C GLU L 73 1.63 -48.72 17.13
N VAL L 74 1.45 -48.43 18.42
CA VAL L 74 2.53 -47.96 19.28
C VAL L 74 2.75 -49.02 20.34
N THR L 75 3.89 -49.68 20.30
CA THR L 75 4.25 -50.70 21.27
C THR L 75 4.92 -50.07 22.48
N GLN L 76 4.79 -50.71 23.65
CA GLN L 76 5.33 -50.12 24.90
C GLN L 76 4.58 -48.82 25.19
N LEU L 77 4.87 -48.17 26.33
CA LEU L 77 4.22 -46.86 26.62
C LEU L 77 5.05 -46.12 27.69
N THR L 78 5.13 -44.80 27.57
CA THR L 78 5.86 -43.98 28.58
C THR L 78 5.03 -42.73 28.88
N GLU L 79 5.27 -42.10 30.03
CA GLU L 79 4.55 -40.83 30.35
C GLU L 79 4.63 -39.91 29.12
N SER L 80 5.81 -39.81 28.51
CA SER L 80 5.98 -38.96 27.30
C SER L 80 4.86 -39.27 26.29
N ASP L 81 4.44 -40.53 26.22
CA ASP L 81 3.36 -40.94 25.28
C ASP L 81 2.01 -40.61 25.91
N SER L 82 1.70 -39.32 26.04
CA SER L 82 0.39 -38.89 26.63
C SER L 82 0.07 -37.47 26.15
N GLY L 83 -0.10 -37.30 24.83
CA GLY L 83 -0.39 -35.96 24.27
C GLY L 83 -1.27 -36.03 23.02
N VAL L 84 -1.04 -35.14 22.06
CA VAL L 84 -1.88 -35.10 20.83
C VAL L 84 -1.05 -35.58 19.63
N TYR L 85 -1.63 -36.47 18.81
CA TYR L 85 -0.91 -36.99 17.62
C TYR L 85 -1.78 -36.79 16.37
N ALA L 86 -1.90 -35.54 15.91
CA ALA L 86 -2.71 -35.23 14.71
C ALA L 86 -2.16 -35.99 13.50
N CYS L 87 -3.02 -36.76 12.82
CA CYS L 87 -2.60 -37.52 11.62
C CYS L 87 -3.12 -36.82 10.36
N GLY L 88 -2.36 -36.86 9.27
CA GLY L 88 -2.76 -36.16 8.03
C GLY L 88 -1.99 -36.62 6.81
N ALA L 89 -1.96 -35.81 5.75
CA ALA L 89 -1.26 -36.17 4.50
C ALA L 89 -0.68 -34.91 3.86
N GLY L 90 0.06 -35.06 2.76
CA GLY L 90 0.63 -33.90 2.05
C GLY L 90 2.05 -33.60 2.49
N MET L 91 2.80 -32.86 1.67
CA MET L 91 4.22 -32.54 1.98
C MET L 91 4.31 -31.68 3.25
N ASN L 92 3.50 -30.61 3.32
CA ASN L 92 3.49 -29.72 4.52
C ASN L 92 2.84 -30.47 5.68
N THR L 93 3.59 -30.71 6.76
CA THR L 93 3.04 -31.48 7.91
C THR L 93 2.10 -30.60 8.72
N ASP L 94 2.42 -29.31 8.87
CA ASP L 94 1.60 -28.42 9.73
C ASP L 94 0.29 -28.04 9.02
N ARG L 95 0.22 -28.22 7.70
CA ARG L 95 -1.00 -27.80 6.95
C ARG L 95 -1.87 -29.03 6.62
N GLY L 96 -1.66 -30.14 7.32
CA GLY L 96 -2.49 -31.34 7.12
C GLY L 96 -3.30 -31.64 8.36
N LYS L 97 -2.84 -32.58 9.20
CA LYS L 97 -3.53 -32.87 10.48
C LYS L 97 -5.02 -33.03 10.23
N THR L 98 -5.40 -33.95 9.35
CA THR L 98 -6.84 -34.17 9.01
C THR L 98 -7.64 -34.52 10.26
N GLN L 99 -7.10 -35.41 11.11
CA GLN L 99 -7.82 -35.85 12.34
C GLN L 99 -6.93 -35.60 13.56
N LYS L 100 -7.54 -35.22 14.69
CA LYS L 100 -6.77 -34.99 15.94
C LYS L 100 -7.11 -36.11 16.94
N VAL L 101 -6.13 -36.53 17.75
CA VAL L 101 -6.37 -37.60 18.70
C VAL L 101 -5.59 -37.28 19.97
N THR L 102 -5.99 -37.87 21.08
CA THR L 102 -5.33 -37.68 22.36
C THR L 102 -4.95 -39.03 22.96
N LEU L 103 -3.87 -39.01 23.76
CA LEU L 103 -3.35 -40.23 24.37
C LEU L 103 -2.99 -39.93 25.82
N ASN L 104 -3.03 -40.97 26.64
CA ASN L 104 -2.71 -40.85 28.07
C ASN L 104 -2.14 -42.18 28.56
N VAL L 105 -1.98 -42.30 29.87
CA VAL L 105 -1.45 -43.50 30.50
C VAL L 105 -2.29 -43.80 31.74
N HIS L 106 -2.58 -45.08 31.96
CA HIS L 106 -3.37 -45.54 33.09
C HIS L 106 -2.50 -46.46 33.94
N SER L 107 -1.84 -45.89 34.94
CA SER L 107 -0.99 -46.66 35.84
C SER L 107 -0.78 -45.92 37.16
N LEU M 3 43.20 6.20 -4.84
CA LEU M 3 43.24 7.66 -4.55
C LEU M 3 44.01 8.41 -5.65
N PRO M 4 45.26 8.03 -6.00
CA PRO M 4 45.97 8.69 -7.10
C PRO M 4 45.33 8.31 -8.45
N GLU M 5 45.49 9.18 -9.46
CA GLU M 5 44.84 8.92 -10.78
C GLU M 5 45.90 8.96 -11.89
N VAL M 6 46.41 7.80 -12.28
CA VAL M 6 47.40 7.73 -13.40
C VAL M 6 46.70 8.23 -14.66
N LYS M 7 45.40 7.94 -14.81
CA LYS M 7 44.62 8.36 -16.01
C LYS M 7 45.51 8.24 -17.25
N VAL M 8 46.18 7.09 -17.40
CA VAL M 8 47.08 6.87 -18.57
C VAL M 8 46.22 6.86 -19.84
N GLU M 9 46.69 7.52 -20.90
CA GLU M 9 45.90 7.59 -22.16
C GLU M 9 46.51 6.65 -23.21
N GLY M 10 46.07 6.77 -24.46
CA GLY M 10 46.56 5.91 -25.52
C GLY M 10 45.93 6.21 -26.87
N GLU M 11 46.11 5.30 -27.83
CA GLU M 11 45.60 5.45 -29.18
C GLU M 11 44.79 4.22 -29.55
N LEU M 12 43.89 4.40 -30.51
CA LEU M 12 43.12 3.28 -31.02
C LEU M 12 44.04 2.24 -31.64
N GLY M 13 43.80 0.97 -31.31
CA GLY M 13 44.74 -0.05 -31.72
C GLY M 13 45.97 -0.04 -30.83
N GLY M 14 46.99 -0.80 -31.25
CA GLY M 14 48.20 -0.88 -30.46
C GLY M 14 47.95 -1.48 -29.10
N SER M 15 48.62 -0.91 -28.09
CA SER M 15 48.45 -1.39 -26.72
C SER M 15 48.77 -0.25 -25.76
N VAL M 16 48.25 -0.38 -24.53
CA VAL M 16 48.52 0.66 -23.47
C VAL M 16 48.81 -0.09 -22.16
N THR M 17 49.76 0.41 -21.37
CA THR M 17 50.15 -0.27 -20.10
C THR M 17 49.55 0.49 -18.91
N ILE M 18 48.84 -0.22 -18.02
CA ILE M 18 48.26 0.42 -16.81
C ILE M 18 49.21 0.19 -15.64
N LYS M 19 49.66 1.28 -15.00
CA LYS M 19 50.61 1.16 -13.85
C LYS M 19 49.83 1.23 -12.54
N CYS M 20 49.93 0.19 -11.71
CA CYS M 20 49.21 0.17 -10.41
C CYS M 20 50.15 -0.37 -9.31
N PRO M 21 50.01 0.08 -8.05
CA PRO M 21 50.93 -0.34 -6.98
C PRO M 21 50.72 -1.80 -6.57
N LEU M 22 51.81 -2.53 -6.35
CA LEU M 22 51.71 -3.95 -5.92
C LEU M 22 51.91 -4.03 -4.40
N PRO M 23 50.85 -4.19 -3.57
CA PRO M 23 51.01 -4.17 -2.12
C PRO M 23 51.47 -5.53 -1.57
N GLU M 24 51.83 -5.57 -0.28
CA GLU M 24 52.28 -6.84 0.35
C GLU M 24 51.22 -7.29 1.35
N MET M 25 51.25 -8.57 1.76
CA MET M 25 50.22 -9.14 2.69
C MET M 25 48.85 -9.12 2.02
N HIS M 26 48.79 -9.10 0.68
CA HIS M 26 47.52 -9.14 -0.09
C HIS M 26 47.81 -10.02 -1.30
N VAL M 27 47.22 -11.21 -1.40
CA VAL M 27 47.62 -12.10 -2.52
C VAL M 27 46.80 -11.78 -3.77
N ARG M 28 45.46 -11.79 -3.66
CA ARG M 28 44.59 -11.45 -4.82
C ARG M 28 44.86 -10.03 -5.29
N ILE M 29 45.31 -9.86 -6.53
CA ILE M 29 45.53 -8.50 -7.10
C ILE M 29 44.63 -8.39 -8.34
N TYR M 30 43.80 -7.34 -8.42
CA TYR M 30 42.83 -7.26 -9.55
C TYR M 30 42.84 -5.87 -10.20
N LEU M 31 42.33 -5.76 -11.42
CA LEU M 31 42.20 -4.45 -12.09
C LEU M 31 40.71 -4.27 -12.40
N CYS M 32 39.89 -4.10 -11.37
CA CYS M 32 38.42 -4.03 -11.56
C CYS M 32 38.02 -2.87 -12.49
N ARG M 33 36.89 -3.01 -13.19
CA ARG M 33 36.37 -1.91 -14.04
C ARG M 33 35.18 -1.28 -13.33
N GLU M 34 35.24 0.03 -13.07
CA GLU M 34 34.14 0.71 -12.32
C GLU M 34 32.92 0.82 -13.24
N MET M 35 32.02 -0.16 -13.18
CA MET M 35 30.79 -0.14 -14.01
C MET M 35 29.97 1.10 -13.63
N ALA M 36 29.92 1.43 -12.34
CA ALA M 36 29.19 2.62 -11.86
C ALA M 36 27.74 2.59 -12.35
N GLY M 37 27.16 1.39 -12.46
CA GLY M 37 25.74 1.27 -12.86
C GLY M 37 24.84 1.23 -11.64
N SER M 38 24.83 0.09 -10.94
CA SER M 38 24.05 -0.02 -9.68
C SER M 38 25.02 -0.07 -8.50
N GLY M 39 26.12 0.69 -8.59
CA GLY M 39 27.13 0.69 -7.52
C GLY M 39 27.85 -0.65 -7.43
N THR M 40 28.21 -1.22 -8.58
CA THR M 40 28.88 -2.55 -8.60
C THR M 40 30.10 -2.49 -9.54
N CYS M 41 31.21 -3.12 -9.15
CA CYS M 41 32.44 -3.11 -9.99
C CYS M 41 32.75 -4.56 -10.42
N GLY M 42 32.93 -4.80 -11.71
CA GLY M 42 33.18 -6.17 -12.21
C GLY M 42 34.65 -6.44 -12.44
N THR M 43 35.17 -7.54 -11.87
CA THR M 43 36.61 -7.87 -12.01
C THR M 43 36.97 -8.13 -13.48
N VAL M 44 37.91 -7.38 -14.04
CA VAL M 44 38.36 -7.64 -15.44
C VAL M 44 39.41 -8.76 -15.41
N VAL M 45 40.39 -8.67 -14.49
CA VAL M 45 41.46 -9.70 -14.38
C VAL M 45 41.77 -9.91 -12.89
N SER M 46 42.35 -11.06 -12.54
CA SER M 46 42.74 -11.31 -11.14
C SER M 46 43.88 -12.33 -11.11
N THR M 47 44.55 -12.47 -9.96
CA THR M 47 45.63 -13.49 -9.83
C THR M 47 44.97 -14.86 -9.69
N THR M 48 43.68 -14.89 -9.33
CA THR M 48 42.93 -16.16 -9.20
C THR M 48 42.64 -16.72 -10.58
N ASN M 49 43.02 -15.99 -11.64
CA ASN M 49 42.81 -16.43 -13.05
C ASN M 49 41.35 -16.25 -13.47
N PHE M 50 40.94 -15.01 -13.76
CA PHE M 50 39.58 -14.77 -14.30
C PHE M 50 39.67 -13.59 -15.28
N ILE M 51 39.73 -13.87 -16.58
CA ILE M 51 39.73 -12.75 -17.57
C ILE M 51 38.35 -12.65 -18.19
N LYS M 52 37.66 -11.53 -17.98
CA LYS M 52 36.32 -11.32 -18.51
C LYS M 52 36.25 -11.72 -19.99
N ALA M 53 35.08 -12.18 -20.40
CA ALA M 53 34.92 -12.68 -21.77
C ALA M 53 35.20 -11.59 -22.80
N GLU M 54 34.73 -10.37 -22.55
CA GLU M 54 34.96 -9.27 -23.48
C GLU M 54 36.45 -8.93 -23.59
N TYR M 55 37.26 -9.26 -22.59
CA TYR M 55 38.68 -8.99 -22.59
C TYR M 55 39.51 -10.25 -22.72
N LYS M 56 38.91 -11.37 -23.12
CA LYS M 56 39.63 -12.63 -23.20
C LYS M 56 40.66 -12.58 -24.34
N GLY M 57 41.90 -12.96 -24.01
CA GLY M 57 42.96 -12.99 -25.00
C GLY M 57 43.54 -11.64 -25.36
N ARG M 58 43.18 -10.58 -24.65
CA ARG M 58 43.68 -9.24 -24.95
C ARG M 58 44.41 -8.57 -23.80
N VAL M 59 44.37 -9.15 -22.60
CA VAL M 59 44.95 -8.53 -21.42
C VAL M 59 45.83 -9.54 -20.68
N THR M 60 46.77 -9.02 -19.90
CA THR M 60 47.66 -9.85 -19.11
C THR M 60 48.07 -9.09 -17.86
N LEU M 61 48.48 -9.83 -16.84
CA LEU M 61 48.88 -9.27 -15.56
C LEU M 61 50.19 -9.92 -15.12
N LYS M 62 51.24 -9.11 -14.99
CA LYS M 62 52.56 -9.58 -14.58
C LYS M 62 52.96 -8.86 -13.30
N GLN M 63 53.33 -9.63 -12.29
CA GLN M 63 53.72 -9.08 -10.99
C GLN M 63 55.20 -9.36 -10.75
N TYR M 64 55.92 -8.34 -10.29
CA TYR M 64 57.34 -8.46 -9.96
C TYR M 64 57.66 -7.43 -8.89
N PRO M 65 57.94 -7.88 -7.66
CA PRO M 65 58.17 -6.92 -6.57
C PRO M 65 59.54 -6.26 -6.63
N ARG M 66 59.88 -5.67 -7.77
CA ARG M 66 61.12 -4.92 -7.89
C ARG M 66 60.97 -3.51 -7.32
N LYS M 67 60.04 -2.74 -7.89
CA LYS M 67 59.72 -1.41 -7.40
C LYS M 67 58.35 -1.38 -6.73
N ASN M 68 57.87 -2.53 -6.24
CA ASN M 68 56.53 -2.68 -5.67
C ASN M 68 55.46 -2.21 -6.67
N LEU M 69 55.54 -2.78 -7.87
CA LEU M 69 54.65 -2.41 -8.96
C LEU M 69 54.26 -3.66 -9.74
N PHE M 70 52.99 -3.74 -10.12
CA PHE M 70 52.51 -4.75 -11.05
C PHE M 70 51.91 -4.04 -12.25
N LEU M 71 52.28 -4.50 -13.45
CA LEU M 71 51.88 -3.85 -14.69
C LEU M 71 50.88 -4.72 -15.43
N VAL M 72 49.82 -4.09 -15.94
CA VAL M 72 48.78 -4.75 -16.71
C VAL M 72 48.71 -4.10 -18.09
N GLU M 73 48.79 -4.92 -19.12
CA GLU M 73 48.79 -4.46 -20.50
C GLU M 73 47.48 -4.82 -21.17
N VAL M 74 46.92 -3.86 -21.91
CA VAL M 74 45.69 -4.07 -22.67
C VAL M 74 46.05 -3.94 -24.15
N THR M 75 45.95 -5.05 -24.88
CA THR M 75 46.23 -5.05 -26.30
C THR M 75 44.97 -4.70 -27.08
N GLN M 76 45.15 -4.11 -28.27
CA GLN M 76 43.98 -3.65 -29.07
C GLN M 76 43.28 -2.54 -28.29
N LEU M 77 42.24 -1.92 -28.89
CA LEU M 77 41.47 -0.89 -28.15
C LEU M 77 40.10 -0.71 -28.82
N THR M 78 39.07 -0.45 -28.01
CA THR M 78 37.71 -0.20 -28.55
C THR M 78 37.08 0.97 -27.79
N GLU M 79 36.09 1.62 -28.38
CA GLU M 79 35.37 2.71 -27.66
C GLU M 79 35.04 2.21 -26.25
N SER M 80 34.52 0.98 -26.14
CA SER M 80 34.18 0.41 -24.81
C SER M 80 35.36 0.62 -23.85
N ASP M 81 36.59 0.53 -24.36
CA ASP M 81 37.80 0.71 -23.51
C ASP M 81 38.05 2.21 -23.33
N SER M 82 37.17 2.90 -22.60
CA SER M 82 37.34 4.35 -22.34
C SER M 82 36.59 4.74 -21.07
N GLY M 83 36.98 4.17 -19.92
CA GLY M 83 36.28 4.45 -18.64
C GLY M 83 37.23 4.39 -17.46
N VAL M 84 36.74 3.93 -16.30
CA VAL M 84 37.57 3.89 -15.06
C VAL M 84 37.90 2.44 -14.73
N TYR M 85 39.16 2.15 -14.42
CA TYR M 85 39.59 0.77 -14.06
C TYR M 85 40.32 0.79 -12.71
N ALA M 86 39.57 0.97 -11.62
CA ALA M 86 40.16 1.00 -10.26
C ALA M 86 40.87 -0.32 -9.98
N CYS M 87 42.15 -0.27 -9.59
CA CYS M 87 42.92 -1.50 -9.27
C CYS M 87 43.08 -1.61 -7.75
N GLY M 88 43.06 -2.83 -7.21
CA GLY M 88 43.15 -3.02 -5.75
C GLY M 88 43.50 -4.45 -5.36
N ALA M 89 43.20 -4.83 -4.12
CA ALA M 89 43.54 -6.19 -3.62
C ALA M 89 42.45 -6.64 -2.63
N GLY M 90 42.55 -7.88 -2.15
CA GLY M 90 41.58 -8.39 -1.16
C GLY M 90 40.44 -9.15 -1.80
N MET M 91 39.74 -9.99 -1.04
CA MET M 91 38.62 -10.81 -1.59
C MET M 91 37.48 -9.90 -2.07
N ASN M 92 37.07 -8.93 -1.26
CA ASN M 92 35.98 -8.00 -1.65
C ASN M 92 36.52 -7.05 -2.71
N THR M 93 35.94 -7.07 -3.92
CA THR M 93 36.44 -6.22 -5.03
C THR M 93 36.00 -4.78 -4.81
N ASP M 94 34.78 -4.58 -4.31
CA ASP M 94 34.24 -3.20 -4.17
C ASP M 94 34.89 -2.48 -2.98
N ARG M 95 35.51 -3.22 -2.06
CA ARG M 95 36.08 -2.60 -0.84
C ARG M 95 37.61 -2.47 -0.98
N GLY M 96 38.13 -2.55 -2.20
CA GLY M 96 39.58 -2.37 -2.44
C GLY M 96 39.83 -1.12 -3.26
N LYS M 97 40.01 -1.28 -4.58
CA LYS M 97 40.18 -0.09 -5.47
C LYS M 97 41.19 0.87 -4.86
N THR M 98 42.42 0.40 -4.58
CA THR M 98 43.46 1.25 -3.95
C THR M 98 43.73 2.47 -4.82
N GLN M 99 43.86 2.29 -6.14
CA GLN M 99 44.17 3.41 -7.06
C GLN M 99 43.10 3.50 -8.15
N LYS M 100 42.75 4.71 -8.58
CA LYS M 100 41.73 4.90 -9.65
C LYS M 100 42.45 5.41 -10.91
N VAL M 101 42.00 5.00 -12.09
CA VAL M 101 42.62 5.42 -13.33
C VAL M 101 41.53 5.63 -14.37
N THR M 102 41.84 6.41 -15.39
CA THR M 102 40.90 6.69 -16.48
C THR M 102 41.54 6.35 -17.82
N LEU M 103 40.69 5.97 -18.78
CA LEU M 103 41.14 5.57 -20.10
C LEU M 103 40.24 6.21 -21.15
N ASN M 104 40.79 6.40 -22.34
CA ASN M 104 40.05 7.01 -23.44
C ASN M 104 40.61 6.47 -24.76
N VAL M 105 40.17 7.05 -25.87
CA VAL M 105 40.61 6.66 -27.20
C VAL M 105 40.88 7.92 -28.02
N HIS M 106 41.95 7.91 -28.79
CA HIS M 106 42.35 9.03 -29.64
C HIS M 106 42.31 8.57 -31.09
N SER M 107 41.18 8.79 -31.75
CA SER M 107 41.02 8.43 -33.15
C SER M 107 39.89 9.24 -33.79
N LEU N 3 32.09 26.75 13.22
CA LEU N 3 31.37 27.90 12.60
C LEU N 3 32.34 28.70 11.71
N PRO N 4 33.47 29.26 12.23
CA PRO N 4 34.35 30.09 11.40
C PRO N 4 35.10 29.24 10.37
N GLU N 5 35.41 29.82 9.20
CA GLU N 5 36.18 29.09 8.17
C GLU N 5 37.44 29.89 7.82
N VAL N 6 38.63 29.30 8.06
CA VAL N 6 39.91 29.98 7.71
C VAL N 6 40.06 30.01 6.19
N LYS N 7 39.46 29.04 5.49
CA LYS N 7 39.63 28.94 4.02
C LYS N 7 41.13 29.06 3.71
N VAL N 8 41.97 28.48 4.56
CA VAL N 8 43.45 28.52 4.38
C VAL N 8 43.79 28.08 2.95
N GLU N 9 44.81 28.69 2.35
CA GLU N 9 45.25 28.28 0.99
C GLU N 9 46.76 28.03 1.01
N GLY N 10 47.26 27.25 0.04
CA GLY N 10 48.67 26.93 -0.02
C GLY N 10 49.13 26.55 -1.42
N GLU N 11 50.34 25.98 -1.52
CA GLU N 11 50.92 25.58 -2.78
C GLU N 11 51.35 24.13 -2.69
N LEU N 12 51.46 23.48 -3.85
CA LEU N 12 51.95 22.12 -3.91
C LEU N 12 53.38 22.06 -3.39
N GLY N 13 53.66 21.08 -2.54
CA GLY N 13 54.93 21.06 -1.86
C GLY N 13 54.97 22.06 -0.72
N GLY N 14 56.15 22.26 -0.18
CA GLY N 14 56.30 23.19 0.93
C GLY N 14 55.51 22.73 2.14
N SER N 15 54.89 23.69 2.82
CA SER N 15 54.10 23.38 4.01
C SER N 15 53.04 24.46 4.19
N VAL N 16 51.98 24.11 4.92
CA VAL N 16 50.89 25.09 5.21
C VAL N 16 50.49 24.94 6.68
N THR N 17 50.20 26.05 7.37
CA THR N 17 49.86 25.99 8.81
C THR N 17 48.35 26.16 8.99
N ILE N 18 47.71 25.26 9.73
CA ILE N 18 46.24 25.36 10.00
C ILE N 18 46.05 26.03 11.36
N LYS N 19 45.31 27.14 11.40
CA LYS N 19 45.08 27.88 12.67
C LYS N 19 43.72 27.46 13.25
N CYS N 20 43.70 26.92 14.47
CA CYS N 20 42.45 26.49 15.12
C CYS N 20 42.44 26.94 16.59
N PRO N 21 41.27 27.25 17.19
CA PRO N 21 41.23 27.76 18.57
C PRO N 21 41.55 26.67 19.59
N LEU N 22 42.34 27.01 20.62
CA LEU N 22 42.68 26.03 21.68
C LEU N 22 41.77 26.28 22.89
N PRO N 23 40.72 25.46 23.15
CA PRO N 23 39.79 25.72 24.24
C PRO N 23 40.32 25.21 25.58
N GLU N 24 39.64 25.57 26.68
CA GLU N 24 40.07 25.12 28.04
C GLU N 24 39.04 24.12 28.57
N MET N 25 39.40 23.34 29.59
CA MET N 25 38.50 22.29 30.15
C MET N 25 38.23 21.21 29.09
N HIS N 26 39.11 21.07 28.09
CA HIS N 26 39.00 20.02 27.05
C HIS N 26 40.42 19.54 26.79
N VAL N 27 40.76 18.31 27.14
CA VAL N 27 42.19 17.90 27.02
C VAL N 27 42.46 17.39 25.60
N ARG N 28 41.65 16.44 25.12
CA ARG N 28 41.87 15.87 23.76
C ARG N 28 41.62 16.96 22.71
N ILE N 29 42.64 17.31 21.92
CA ILE N 29 42.48 18.32 20.83
C ILE N 29 42.81 17.61 19.51
N TYR N 30 41.90 17.68 18.52
CA TYR N 30 42.14 16.91 17.27
C TYR N 30 41.91 17.78 16.04
N LEU N 31 42.43 17.36 14.88
CA LEU N 31 42.18 18.08 13.61
C LEU N 31 41.52 17.06 12.66
N CYS N 32 40.28 16.65 12.97
CA CYS N 32 39.61 15.59 12.19
C CYS N 32 39.46 15.98 10.71
N ARG N 33 39.43 14.99 9.82
CA ARG N 33 39.20 15.25 8.38
C ARG N 33 37.77 14.86 8.04
N GLU N 34 36.97 15.79 7.50
CA GLU N 34 35.55 15.50 7.21
C GLU N 34 35.47 14.58 5.98
N MET N 35 35.45 13.27 6.21
CA MET N 35 35.37 12.29 5.08
C MET N 35 34.06 12.55 4.33
N ALA N 36 32.98 12.85 5.05
CA ALA N 36 31.67 13.14 4.42
C ALA N 36 31.26 12.00 3.48
N GLY N 37 31.61 10.76 3.83
CA GLY N 37 31.20 9.60 3.03
C GLY N 37 29.91 9.01 3.56
N SER N 38 29.97 8.32 4.71
CA SER N 38 28.75 7.77 5.34
C SER N 38 28.46 8.57 6.61
N GLY N 39 28.74 9.88 6.57
CA GLY N 39 28.53 10.73 7.76
C GLY N 39 29.51 10.39 8.88
N THR N 40 30.78 10.16 8.52
CA THR N 40 31.80 9.78 9.53
C THR N 40 33.06 10.64 9.33
N CYS N 41 33.68 11.08 10.42
CA CYS N 41 34.91 11.91 10.32
C CYS N 41 36.09 11.15 10.96
N GLY N 42 37.20 10.99 10.24
CA GLY N 42 38.34 10.22 10.76
C GLY N 42 39.41 11.11 11.36
N THR N 43 39.84 10.83 12.60
CA THR N 43 40.86 11.67 13.28
C THR N 43 42.19 11.61 12.53
N VAL N 44 42.71 12.76 12.09
CA VAL N 44 44.04 12.80 11.42
C VAL N 44 45.12 12.84 12.50
N VAL N 45 44.97 13.70 13.52
CA VAL N 45 45.95 13.81 14.62
C VAL N 45 45.20 14.05 15.93
N SER N 46 45.83 13.76 17.07
CA SER N 46 45.19 14.01 18.37
C SER N 46 46.28 14.18 19.44
N THR N 47 45.90 14.69 20.61
CA THR N 47 46.87 14.82 21.73
C THR N 47 47.10 13.43 22.33
N THR N 48 46.19 12.50 22.07
CA THR N 48 46.33 11.10 22.58
C THR N 48 47.41 10.38 21.77
N ASN N 49 47.98 11.05 20.77
CA ASN N 49 49.06 10.48 19.91
C ASN N 49 48.49 9.47 18.91
N PHE N 50 47.87 9.96 17.84
CA PHE N 50 47.41 9.07 16.74
C PHE N 50 47.55 9.83 15.43
N ILE N 51 48.62 9.56 14.67
CA ILE N 51 48.75 10.22 13.34
C ILE N 51 48.40 9.20 12.26
N LYS N 52 47.34 9.45 11.49
CA LYS N 52 46.90 8.56 10.44
C LYS N 52 48.08 8.10 9.59
N ALA N 53 47.98 6.88 9.06
CA ALA N 53 49.09 6.31 8.30
C ALA N 53 49.41 7.14 7.07
N GLU N 54 48.39 7.63 6.37
CA GLU N 54 48.61 8.46 5.18
C GLU N 54 49.30 9.76 5.52
N TYR N 55 49.20 10.23 6.76
CA TYR N 55 49.82 11.48 7.19
C TYR N 55 50.98 11.24 8.15
N LYS N 56 51.49 10.01 8.24
CA LYS N 56 52.55 9.71 9.20
C LYS N 56 53.84 10.39 8.78
N GLY N 57 54.46 11.09 9.74
CA GLY N 57 55.72 11.76 9.48
C GLY N 57 55.62 13.05 8.70
N ARG N 58 54.41 13.56 8.48
CA ARG N 58 54.22 14.79 7.71
C ARG N 58 53.48 15.88 8.46
N VAL N 59 52.91 15.59 9.63
CA VAL N 59 52.10 16.54 10.37
C VAL N 59 52.55 16.58 11.82
N THR N 60 52.24 17.69 12.48
CA THR N 60 52.58 17.88 13.89
C THR N 60 51.56 18.81 14.52
N LEU N 61 51.43 18.71 15.84
CA LEU N 61 50.48 19.50 16.61
C LEU N 61 51.18 20.08 17.82
N LYS N 62 51.25 21.41 17.89
CA LYS N 62 51.90 22.11 19.00
C LYS N 62 50.87 23.01 19.67
N GLN N 63 50.74 22.87 20.99
CA GLN N 63 49.79 23.64 21.78
C GLN N 63 50.53 24.58 22.71
N TYR N 64 50.10 25.84 22.76
CA TYR N 64 50.68 26.83 23.66
C TYR N 64 49.59 27.85 23.98
N PRO N 65 49.11 27.88 25.23
CA PRO N 65 48.01 28.79 25.57
C PRO N 65 48.44 30.24 25.71
N ARG N 66 49.13 30.77 24.71
CA ARG N 66 49.49 32.19 24.72
C ARG N 66 48.32 33.05 24.26
N LYS N 67 47.85 32.84 23.04
CA LYS N 67 46.68 33.52 22.51
C LYS N 67 45.47 32.59 22.41
N ASN N 68 45.46 31.52 23.20
CA ASN N 68 44.43 30.48 23.14
C ASN N 68 44.33 29.90 21.73
N LEU N 69 45.48 29.47 21.22
CA LEU N 69 45.58 28.95 19.85
C LEU N 69 46.52 27.76 19.85
N PHE N 70 46.16 26.73 19.08
CA PHE N 70 47.04 25.62 18.79
C PHE N 70 47.22 25.54 17.28
N LEU N 71 48.45 25.39 16.83
CA LEU N 71 48.79 25.41 15.42
C LEU N 71 49.20 24.02 14.96
N VAL N 72 48.68 23.60 13.80
CA VAL N 72 49.00 22.31 13.20
C VAL N 72 49.59 22.58 11.82
N GLU N 73 50.76 21.99 11.57
CA GLU N 73 51.48 22.18 10.32
C GLU N 73 51.42 20.90 9.50
N VAL N 74 51.18 21.04 8.20
CA VAL N 74 51.15 19.92 7.27
C VAL N 74 52.30 20.14 6.29
N THR N 75 53.30 19.26 6.34
CA THR N 75 54.43 19.34 5.44
C THR N 75 54.14 18.55 4.17
N GLN N 76 54.77 18.98 3.06
CA GLN N 76 54.48 18.34 1.74
C GLN N 76 53.02 18.64 1.38
N LEU N 77 52.58 18.22 0.20
CA LEU N 77 51.15 18.40 -0.19
C LEU N 77 50.80 17.44 -1.32
N THR N 78 49.57 16.92 -1.33
CA THR N 78 49.12 16.03 -2.43
C THR N 78 47.67 16.41 -2.79
N GLU N 79 47.23 16.05 -4.00
CA GLU N 79 45.82 16.32 -4.39
C GLU N 79 44.91 15.86 -3.24
N SER N 80 45.16 14.68 -2.68
CA SER N 80 44.35 14.17 -1.55
C SER N 80 44.21 15.27 -0.49
N ASP N 81 45.25 16.07 -0.29
CA ASP N 81 45.21 17.16 0.71
C ASP N 81 44.48 18.37 0.12
N SER N 82 43.17 18.24 -0.12
CA SER N 82 42.37 19.36 -0.69
C SER N 82 40.90 19.17 -0.30
N GLY N 83 40.59 19.20 1.00
CA GLY N 83 39.21 18.99 1.47
C GLY N 83 38.90 19.76 2.74
N VAL N 84 38.08 19.19 3.62
CA VAL N 84 37.68 19.89 4.88
C VAL N 84 38.34 19.21 6.07
N TYR N 85 38.94 19.99 6.97
CA TYR N 85 39.60 19.42 8.19
C TYR N 85 39.03 20.10 9.44
N ALA N 86 37.78 19.77 9.81
CA ALA N 86 37.15 20.35 11.01
C ALA N 86 37.98 20.03 12.25
N CYS N 87 38.36 21.04 13.03
CA CYS N 87 39.14 20.82 14.27
C CYS N 87 38.23 21.01 15.48
N GLY N 88 38.45 20.23 16.55
CA GLY N 88 37.59 20.31 17.74
C GLY N 88 38.21 19.66 18.96
N ALA N 89 37.38 19.33 19.95
CA ALA N 89 37.89 18.72 21.20
C ALA N 89 36.87 17.73 21.76
N GLY N 90 37.15 17.15 22.93
CA GLY N 90 36.22 16.18 23.54
C GLY N 90 36.49 14.77 23.06
N MET N 91 36.12 13.77 23.86
CA MET N 91 36.38 12.34 23.49
C MET N 91 35.66 12.03 22.18
N ASN N 92 34.39 12.42 22.06
CA ASN N 92 33.64 12.20 20.79
C ASN N 92 34.25 13.10 19.70
N THR N 93 34.44 12.55 18.50
CA THR N 93 35.07 13.33 17.40
C THR N 93 33.97 13.98 16.53
N ASP N 94 32.94 13.21 16.18
CA ASP N 94 31.89 13.74 15.27
C ASP N 94 30.91 14.61 16.07
N ARG N 95 31.28 15.02 17.28
CA ARG N 95 30.41 15.92 18.10
C ARG N 95 31.13 17.25 18.34
N GLY N 96 32.45 17.29 18.14
CA GLY N 96 33.22 18.52 18.38
C GLY N 96 33.25 19.41 17.15
N LYS N 97 34.26 19.26 16.30
CA LYS N 97 34.39 20.08 15.06
C LYS N 97 34.03 21.54 15.38
N THR N 98 34.71 22.15 16.35
CA THR N 98 34.41 23.55 16.76
C THR N 98 34.55 24.48 15.56
N GLN N 99 35.62 24.33 14.77
CA GLN N 99 35.87 25.23 13.62
C GLN N 99 36.01 24.39 12.33
N LYS N 100 35.52 24.90 11.20
CA LYS N 100 35.64 24.17 9.91
C LYS N 100 36.64 24.92 9.02
N VAL N 101 37.41 24.19 8.21
CA VAL N 101 38.41 24.83 7.35
C VAL N 101 38.44 24.06 6.03
N THR N 102 38.94 24.71 4.99
CA THR N 102 39.05 24.10 3.68
C THR N 102 40.47 24.22 3.16
N LEU N 103 40.88 23.25 2.34
CA LEU N 103 42.23 23.20 1.80
C LEU N 103 42.16 22.85 0.33
N ASN N 104 43.18 23.28 -0.42
CA ASN N 104 43.26 23.03 -1.85
C ASN N 104 44.73 22.96 -2.26
N VAL N 105 44.98 22.93 -3.56
CA VAL N 105 46.32 22.86 -4.11
C VAL N 105 46.41 23.82 -5.30
N HIS N 106 47.53 24.54 -5.40
CA HIS N 106 47.76 25.50 -6.47
C HIS N 106 48.97 25.04 -7.27
N SER N 107 48.72 24.28 -8.33
CA SER N 107 49.78 23.80 -9.20
C SER N 107 49.24 23.43 -10.58
N ARG O 118 -39.89 69.43 27.05
CA ARG O 118 -39.59 69.00 25.69
C ARG O 118 -40.26 67.66 25.43
N VAL O 119 -40.49 67.38 24.15
CA VAL O 119 -41.16 66.16 23.71
C VAL O 119 -40.13 65.27 23.03
N PHE O 120 -40.05 64.02 23.49
CA PHE O 120 -39.13 63.06 22.88
C PHE O 120 -39.59 62.69 21.49
N ALA O 121 -38.65 62.59 20.56
CA ALA O 121 -38.92 62.19 19.18
C ALA O 121 -38.00 61.03 18.84
N ILE O 122 -38.57 59.85 18.65
CA ILE O 122 -37.80 58.64 18.38
C ILE O 122 -38.33 57.92 17.15
N PRO O 123 -37.95 58.34 15.95
CA PRO O 123 -38.35 57.62 14.73
C PRO O 123 -37.80 56.20 14.75
N PRO O 124 -38.55 55.23 14.23
CA PRO O 124 -38.12 53.83 14.31
C PRO O 124 -36.83 53.59 13.53
N SER O 125 -35.94 52.80 14.11
CA SER O 125 -34.72 52.38 13.45
C SER O 125 -34.91 51.01 12.82
N PHE O 126 -33.97 50.63 11.96
CA PHE O 126 -34.04 49.32 11.32
C PHE O 126 -33.93 48.20 12.34
N ALA O 127 -33.06 48.37 13.34
CA ALA O 127 -32.88 47.35 14.36
C ALA O 127 -34.16 47.11 15.16
N SER O 128 -35.06 48.09 15.21
CA SER O 128 -36.34 47.90 15.86
C SER O 128 -37.40 47.38 14.90
N ILE O 129 -37.42 47.91 13.67
CA ILE O 129 -38.41 47.49 12.68
C ILE O 129 -38.27 46.01 12.40
N PHE O 130 -37.04 45.56 12.10
CA PHE O 130 -36.84 44.16 11.75
C PHE O 130 -37.00 43.24 12.96
N LEU O 131 -36.73 43.73 14.16
CA LEU O 131 -36.85 42.90 15.35
C LEU O 131 -38.31 42.71 15.76
N THR O 132 -39.14 43.76 15.61
CA THR O 132 -40.51 43.70 16.09
C THR O 132 -41.51 43.31 15.01
N LYS O 133 -41.20 43.53 13.73
CA LYS O 133 -42.12 43.31 12.62
C LYS O 133 -43.42 44.08 12.81
N SER O 134 -43.39 45.11 13.65
CA SER O 134 -44.58 45.86 14.05
C SER O 134 -44.29 47.36 14.00
N THR O 135 -43.74 47.80 12.86
CA THR O 135 -43.27 49.16 12.66
C THR O 135 -44.22 50.21 13.25
N LYS O 136 -43.67 51.06 14.12
CA LYS O 136 -44.46 52.05 14.83
C LYS O 136 -43.52 53.13 15.36
N LEU O 137 -44.10 54.29 15.63
CA LEU O 137 -43.36 55.42 16.18
C LEU O 137 -44.11 56.00 17.38
N THR O 138 -43.36 56.39 18.40
CA THR O 138 -43.92 56.87 19.65
C THR O 138 -43.56 58.33 19.88
N CYS O 139 -44.45 59.05 20.56
CA CYS O 139 -44.26 60.47 20.86
C CYS O 139 -44.83 60.73 22.25
N LEU O 140 -43.94 60.94 23.22
CA LEU O 140 -44.33 61.16 24.61
C LEU O 140 -43.69 62.45 25.12
N VAL O 141 -44.41 63.14 26.00
CA VAL O 141 -43.98 64.42 26.55
C VAL O 141 -43.43 64.19 27.95
N THR O 142 -42.29 64.81 28.25
CA THR O 142 -41.63 64.69 29.55
C THR O 142 -41.60 66.05 30.24
N ASP O 143 -40.88 66.10 31.37
CA ASP O 143 -40.73 67.31 32.18
C ASP O 143 -42.08 67.82 32.69
N LEU O 144 -43.03 66.91 32.88
CA LEU O 144 -44.36 67.26 33.37
C LEU O 144 -44.92 66.07 34.13
N THR O 145 -45.52 66.33 35.29
CA THR O 145 -46.07 65.26 36.11
C THR O 145 -47.43 64.80 35.54
N THR O 146 -48.07 63.89 36.26
CA THR O 146 -49.24 63.20 35.73
C THR O 146 -50.48 64.06 35.81
N TYR O 147 -51.12 64.32 34.67
CA TYR O 147 -52.46 64.88 34.62
C TYR O 147 -53.27 64.14 33.57
N ASP O 148 -54.59 64.26 33.68
CA ASP O 148 -55.50 63.67 32.72
C ASP O 148 -55.62 64.59 31.50
N SER O 149 -56.61 64.31 30.64
CA SER O 149 -56.86 65.10 29.43
C SER O 149 -55.65 65.11 28.50
N VAL O 150 -55.09 63.93 28.26
CA VAL O 150 -53.97 63.77 27.35
C VAL O 150 -54.51 63.29 26.01
N THR O 151 -54.34 64.10 24.97
CA THR O 151 -54.79 63.78 23.63
C THR O 151 -53.58 63.67 22.72
N ILE O 152 -53.32 62.46 22.22
CA ILE O 152 -52.20 62.20 21.32
C ILE O 152 -52.76 61.69 20.01
N SER O 153 -52.40 62.36 18.92
CA SER O 153 -52.84 61.96 17.59
C SER O 153 -51.70 62.14 16.59
N TRP O 154 -51.68 61.29 15.58
CA TRP O 154 -50.70 61.35 14.51
C TRP O 154 -51.42 61.70 13.21
N THR O 155 -50.95 62.74 12.53
CA THR O 155 -51.58 63.24 11.31
C THR O 155 -50.64 63.05 10.13
N ARG O 156 -51.14 62.42 9.08
CA ARG O 156 -50.41 62.24 7.83
C ARG O 156 -50.59 63.50 6.97
N GLN O 157 -50.23 63.39 5.68
CA GLN O 157 -50.32 64.54 4.79
C GLN O 157 -51.75 65.05 4.69
N ASN O 158 -52.72 64.15 4.57
CA ASN O 158 -54.13 64.51 4.61
C ASN O 158 -54.68 64.58 6.03
N GLY O 159 -53.86 64.24 7.03
CA GLY O 159 -54.31 64.31 8.42
C GLY O 159 -55.45 63.37 8.74
N GLU O 160 -55.39 62.13 8.26
CA GLU O 160 -56.46 61.19 8.49
C GLU O 160 -56.39 60.66 9.92
N ALA O 161 -57.40 59.86 10.29
CA ALA O 161 -57.53 59.37 11.65
C ALA O 161 -56.40 58.42 12.01
N VAL O 162 -55.97 58.47 13.27
CA VAL O 162 -54.94 57.58 13.80
C VAL O 162 -55.58 56.64 14.81
N LYS O 163 -55.09 55.41 14.84
CA LYS O 163 -55.61 54.43 15.78
C LYS O 163 -55.29 54.83 17.22
N THR O 164 -56.12 54.37 18.15
CA THR O 164 -55.93 54.69 19.56
C THR O 164 -54.66 54.02 20.08
N HIS O 165 -54.08 54.62 21.11
CA HIS O 165 -52.89 54.10 21.76
C HIS O 165 -53.30 53.39 23.06
N THR O 166 -52.91 52.13 23.19
CA THR O 166 -53.37 51.24 24.25
C THR O 166 -52.25 51.02 25.26
N ASN O 167 -52.64 50.64 26.48
CA ASN O 167 -51.70 50.35 27.57
C ASN O 167 -50.88 51.59 27.93
N ILE O 168 -51.59 52.60 28.43
CA ILE O 168 -50.94 53.82 28.89
C ILE O 168 -50.02 53.50 30.05
N SER O 169 -48.91 54.23 30.13
CA SER O 169 -47.93 54.02 31.19
C SER O 169 -48.51 54.40 32.55
N GLU O 170 -47.96 53.80 33.60
CA GLU O 170 -48.40 54.08 34.95
C GLU O 170 -47.90 55.45 35.40
N SER O 171 -48.47 55.93 36.51
CA SER O 171 -48.07 57.21 37.09
C SER O 171 -46.77 57.01 37.86
N HIS O 172 -45.70 57.65 37.39
CA HIS O 172 -44.39 57.47 38.00
C HIS O 172 -44.35 58.19 39.35
N PRO O 173 -43.68 57.62 40.36
CA PRO O 173 -43.64 58.26 41.68
C PRO O 173 -42.85 59.56 41.71
N ASN O 174 -41.96 59.80 40.75
CA ASN O 174 -41.11 60.98 40.75
C ASN O 174 -41.75 62.17 40.03
N ALA O 175 -43.08 62.23 39.99
CA ALA O 175 -43.82 63.36 39.43
C ALA O 175 -43.48 63.56 37.95
N THR O 176 -43.71 62.52 37.16
CA THR O 176 -43.54 62.58 35.72
C THR O 176 -44.45 61.56 35.06
N PHE O 177 -44.86 61.86 33.83
CA PHE O 177 -45.71 60.96 33.06
C PHE O 177 -45.16 60.84 31.65
N SER O 178 -45.26 59.63 31.09
CA SER O 178 -44.84 59.34 29.72
C SER O 178 -46.01 58.62 29.05
N ALA O 179 -46.94 59.39 28.47
CA ALA O 179 -48.09 58.80 27.81
C ALA O 179 -47.64 57.96 26.62
N VAL O 180 -48.18 56.75 26.53
CA VAL O 180 -47.76 55.79 25.51
C VAL O 180 -48.56 56.05 24.24
N GLY O 181 -47.85 56.28 23.14
CA GLY O 181 -48.48 56.46 21.85
C GLY O 181 -47.98 55.48 20.81
N GLU O 182 -48.86 54.58 20.36
CA GLU O 182 -48.49 53.57 19.37
C GLU O 182 -49.47 53.63 18.21
N ALA O 183 -48.94 53.61 16.99
CA ALA O 183 -49.76 53.66 15.78
C ALA O 183 -49.17 52.70 14.75
N SER O 184 -50.05 52.06 13.99
CA SER O 184 -49.65 51.11 12.95
C SER O 184 -49.68 51.82 11.59
N ILE O 185 -48.54 51.80 10.89
CA ILE O 185 -48.39 52.49 9.62
C ILE O 185 -47.70 51.55 8.64
N CYS O 186 -48.13 51.59 7.37
CA CYS O 186 -47.50 50.79 6.34
C CYS O 186 -46.05 51.23 6.13
N GLU O 187 -45.18 50.28 5.78
CA GLU O 187 -43.74 50.60 5.62
C GLU O 187 -43.51 51.35 4.30
N ASP O 188 -44.31 51.04 3.27
CA ASP O 188 -44.10 51.66 1.94
C ASP O 188 -44.13 53.18 2.05
N ASP O 189 -45.11 53.73 2.79
CA ASP O 189 -45.25 55.20 2.88
C ASP O 189 -44.03 55.80 3.61
N TRP O 190 -43.53 55.11 4.64
CA TRP O 190 -42.30 55.60 5.30
C TRP O 190 -41.15 55.56 4.29
N ASN O 191 -41.07 54.48 3.51
CA ASN O 191 -40.03 54.36 2.49
C ASN O 191 -40.10 55.50 1.49
N SER O 192 -41.31 55.95 1.17
CA SER O 192 -41.45 57.11 0.28
C SER O 192 -41.01 58.40 0.96
N GLY O 193 -41.24 58.49 2.28
CA GLY O 193 -40.86 59.70 3.03
C GLY O 193 -42.07 60.45 3.54
N GLU O 194 -43.12 59.73 3.93
CA GLU O 194 -44.38 60.37 4.39
C GLU O 194 -44.09 61.24 5.62
N ARG O 195 -44.60 62.48 5.63
CA ARG O 195 -44.38 63.40 6.78
C ARG O 195 -45.35 63.04 7.91
N PHE O 196 -44.90 63.15 9.17
CA PHE O 196 -45.74 62.84 10.30
C PHE O 196 -45.60 63.94 11.35
N THR O 197 -46.73 64.32 11.96
CA THR O 197 -46.77 65.35 12.98
C THR O 197 -47.38 64.81 14.26
N CYS O 198 -46.77 65.15 15.38
CA CYS O 198 -47.23 64.72 16.70
C CYS O 198 -48.00 65.85 17.36
N THR O 199 -49.23 65.58 17.77
CA THR O 199 -50.08 66.54 18.46
C THR O 199 -50.33 66.03 19.88
N VAL O 200 -50.05 66.88 20.86
CA VAL O 200 -50.23 66.55 22.27
C VAL O 200 -51.02 67.65 22.96
N THR O 201 -52.01 67.25 23.75
CA THR O 201 -52.81 68.17 24.54
C THR O 201 -52.61 67.85 26.02
N HIS O 202 -52.25 68.85 26.81
CA HIS O 202 -51.92 68.66 28.21
C HIS O 202 -52.69 69.66 29.06
N THR O 203 -52.87 69.29 30.33
CA THR O 203 -53.57 70.18 31.26
C THR O 203 -52.79 71.48 31.47
N ASP O 204 -51.48 71.39 31.62
CA ASP O 204 -50.67 72.60 31.82
C ASP O 204 -50.51 73.37 30.51
N LEU O 205 -50.56 72.69 29.37
CA LEU O 205 -50.36 73.30 28.05
C LEU O 205 -51.56 72.94 27.17
N PRO O 206 -52.66 73.68 27.29
CA PRO O 206 -53.82 73.42 26.42
C PRO O 206 -53.51 73.60 24.94
N SER O 207 -52.56 74.45 24.60
CA SER O 207 -52.19 74.65 23.21
C SER O 207 -51.42 73.44 22.69
N PRO O 208 -51.86 72.83 21.59
CA PRO O 208 -51.13 71.67 21.06
C PRO O 208 -49.76 72.05 20.54
N LEU O 209 -48.84 71.08 20.58
CA LEU O 209 -47.49 71.24 20.08
C LEU O 209 -47.31 70.48 18.78
N LYS O 210 -46.33 70.93 17.98
CA LYS O 210 -46.11 70.38 16.65
C LYS O 210 -44.65 69.99 16.46
N GLN O 211 -44.44 68.79 15.93
CA GLN O 211 -43.12 68.32 15.53
C GLN O 211 -43.23 67.64 14.18
N THR O 212 -42.12 67.61 13.45
CA THR O 212 -42.06 66.98 12.13
C THR O 212 -41.02 65.86 12.14
N ILE O 213 -41.47 64.66 11.76
CA ILE O 213 -40.55 63.47 11.72
C ILE O 213 -40.81 62.75 10.39
N SER O 214 -39.80 62.62 9.54
CA SER O 214 -39.97 61.97 8.21
C SER O 214 -38.73 61.15 7.86
N ARG O 215 -38.83 60.29 6.85
CA ARG O 215 -37.68 59.43 6.43
C ARG O 215 -36.53 60.32 5.94
N PRO O 216 -35.30 60.26 6.52
CA PRO O 216 -34.17 61.03 6.01
C PRO O 216 -33.56 60.32 4.79
N LYS O 217 -34.10 60.57 3.59
CA LYS O 217 -33.61 59.90 2.37
C LYS O 217 -32.42 60.67 1.79
N GLY O 218 -31.70 60.07 0.83
CA GLY O 218 -30.55 60.76 0.20
C GLY O 218 -29.23 60.22 0.71
N VAL O 219 -29.23 59.06 1.38
CA VAL O 219 -27.99 58.47 1.95
C VAL O 219 -27.58 57.27 1.09
N ALA O 220 -26.29 57.17 0.74
CA ALA O 220 -25.80 56.03 -0.06
C ALA O 220 -26.04 54.72 0.71
N LEU O 221 -26.39 53.64 0.00
CA LEU O 221 -26.71 52.37 0.69
C LEU O 221 -25.67 51.29 0.32
N HIS O 222 -24.50 51.33 0.94
CA HIS O 222 -23.49 50.31 0.73
C HIS O 222 -23.83 49.07 1.56
N ARG O 223 -23.37 47.92 1.09
CA ARG O 223 -23.72 46.66 1.73
C ARG O 223 -22.57 46.13 2.57
N PRO O 224 -22.86 45.55 3.72
CA PRO O 224 -21.79 45.03 4.58
C PRO O 224 -21.25 43.69 4.09
N ASP O 225 -19.99 43.45 4.43
CA ASP O 225 -19.32 42.19 4.16
C ASP O 225 -19.08 41.47 5.48
N VAL O 226 -19.55 40.23 5.58
CA VAL O 226 -19.57 39.49 6.84
C VAL O 226 -18.47 38.44 6.82
N TYR O 227 -17.71 38.37 7.90
CA TYR O 227 -16.68 37.36 8.07
C TYR O 227 -16.81 36.74 9.45
N LEU O 228 -16.74 35.42 9.53
CA LEU O 228 -16.93 34.68 10.76
C LEU O 228 -15.65 33.94 11.09
N LEU O 229 -15.16 34.11 12.33
CA LEU O 229 -13.88 33.48 12.75
C LEU O 229 -14.13 32.45 13.86
N PRO O 230 -13.39 31.32 13.89
CA PRO O 230 -13.58 30.29 14.91
C PRO O 230 -12.82 30.59 16.21
N PRO O 231 -13.08 29.85 17.32
CA PRO O 231 -12.35 30.05 18.57
C PRO O 231 -10.85 29.77 18.43
N ALA O 232 -10.03 30.48 19.22
CA ALA O 232 -8.56 30.30 19.16
C ALA O 232 -8.18 28.97 19.82
N ARG O 233 -7.27 28.21 19.21
CA ARG O 233 -6.88 26.88 19.75
C ARG O 233 -6.26 27.04 21.14
N GLU O 234 -5.54 28.14 21.37
CA GLU O 234 -4.91 28.39 22.70
C GLU O 234 -6.00 28.41 23.77
N GLN O 235 -7.11 29.11 23.51
CA GLN O 235 -8.23 29.20 24.49
C GLN O 235 -8.78 27.79 24.73
N LEU O 236 -8.84 26.96 23.69
CA LEU O 236 -9.45 25.61 23.83
C LEU O 236 -8.67 24.77 24.85
N ASN O 237 -7.35 24.94 24.92
CA ASN O 237 -6.53 24.08 25.82
C ASN O 237 -7.03 24.18 27.27
N LEU O 238 -7.77 25.25 27.61
CA LEU O 238 -8.22 25.45 29.02
C LEU O 238 -9.41 24.55 29.33
N ARG O 239 -10.06 24.01 28.29
CA ARG O 239 -11.21 23.08 28.46
C ARG O 239 -12.27 23.75 29.34
N GLU O 240 -12.63 25.01 29.03
CA GLU O 240 -13.66 25.74 29.83
C GLU O 240 -14.69 26.35 28.89
N SER O 241 -14.27 27.27 28.00
CA SER O 241 -15.26 27.98 27.13
C SER O 241 -14.68 28.26 25.74
N ALA O 242 -15.46 28.90 24.86
CA ALA O 242 -15.02 29.21 23.49
C ALA O 242 -15.70 30.48 23.01
N THR O 243 -15.05 31.26 22.14
CA THR O 243 -15.61 32.55 21.74
C THR O 243 -15.57 32.67 20.22
N ILE O 244 -16.75 32.59 19.60
CA ILE O 244 -16.88 32.81 18.16
C ILE O 244 -17.21 34.27 17.93
N THR O 245 -16.52 34.90 16.98
CA THR O 245 -16.69 36.32 16.69
C THR O 245 -17.24 36.50 15.29
N CYS O 246 -18.24 37.37 15.16
CA CYS O 246 -18.84 37.73 13.88
C CYS O 246 -18.47 39.17 13.57
N LEU O 247 -17.83 39.39 12.43
CA LEU O 247 -17.27 40.69 12.08
C LEU O 247 -18.00 41.24 10.86
N VAL O 248 -18.67 42.37 11.04
CA VAL O 248 -19.40 43.05 9.99
C VAL O 248 -18.66 44.33 9.64
N THR O 249 -18.34 44.51 8.36
CA THR O 249 -17.50 45.64 7.96
C THR O 249 -17.94 46.20 6.62
N GLY O 250 -17.67 47.49 6.44
CA GLY O 250 -17.83 48.14 5.15
C GLY O 250 -19.16 48.80 4.89
N PHE O 251 -20.13 48.65 5.79
CA PHE O 251 -21.47 49.13 5.49
C PHE O 251 -21.57 50.64 5.69
N SER O 252 -22.59 51.23 5.05
CA SER O 252 -22.91 52.64 5.16
C SER O 252 -24.34 52.88 4.68
N PRO O 253 -25.19 53.52 5.49
CA PRO O 253 -24.94 54.09 6.81
C PRO O 253 -24.99 53.07 7.95
N ALA O 254 -25.21 53.58 9.17
CA ALA O 254 -25.21 52.79 10.38
C ALA O 254 -26.52 52.03 10.57
N ASP O 255 -26.77 51.57 11.79
CA ASP O 255 -27.96 50.80 12.16
C ASP O 255 -28.04 49.45 11.46
N VAL O 256 -27.08 48.58 11.74
CA VAL O 256 -27.14 47.19 11.33
C VAL O 256 -27.64 46.37 12.51
N PHE O 257 -28.06 45.13 12.24
CA PHE O 257 -28.65 44.28 13.25
C PHE O 257 -28.08 42.88 13.12
N VAL O 258 -27.58 42.33 14.22
CA VAL O 258 -26.93 41.03 14.24
C VAL O 258 -27.61 40.13 15.25
N GLN O 259 -27.86 38.88 14.84
CA GLN O 259 -28.48 37.88 15.71
C GLN O 259 -27.78 36.55 15.52
N TRP O 260 -27.85 35.70 16.54
CA TRP O 260 -27.16 34.42 16.57
C TRP O 260 -28.17 33.29 16.67
N MET O 261 -27.93 32.22 15.93
CA MET O 261 -28.80 31.05 15.99
C MET O 261 -28.03 29.83 15.52
N GLN O 262 -28.52 28.65 15.90
CA GLN O 262 -27.98 27.38 15.46
C GLN O 262 -29.12 26.51 14.97
N ARG O 263 -28.83 25.69 13.95
CA ARG O 263 -29.77 24.77 13.30
C ARG O 263 -31.14 25.40 13.08
N GLY O 264 -31.16 26.70 12.75
CA GLY O 264 -32.39 27.40 12.48
C GLY O 264 -33.14 27.91 13.68
N GLN O 265 -32.77 27.49 14.88
CA GLN O 265 -33.46 27.93 16.09
C GLN O 265 -32.76 29.14 16.69
N PRO O 266 -33.46 30.25 16.92
CA PRO O 266 -32.81 31.43 17.47
C PRO O 266 -32.24 31.16 18.85
N LEU O 267 -31.11 31.81 19.14
CA LEU O 267 -30.40 31.63 20.41
C LEU O 267 -30.80 32.73 21.38
N SER O 268 -30.67 32.44 22.66
CA SER O 268 -31.06 33.38 23.69
C SER O 268 -30.23 34.66 23.57
N PRO O 269 -30.85 35.84 23.70
CA PRO O 269 -30.12 37.09 23.50
C PRO O 269 -29.30 37.55 24.70
N GLU O 270 -29.18 36.75 25.75
CA GLU O 270 -28.38 37.09 26.91
C GLU O 270 -27.02 36.40 26.91
N LYS O 271 -26.62 35.82 25.78
CA LYS O 271 -25.36 35.08 25.69
C LYS O 271 -24.36 35.71 24.73
N TYR O 272 -24.73 36.80 24.04
CA TYR O 272 -23.81 37.45 23.12
C TYR O 272 -23.91 38.95 23.29
N VAL O 273 -22.84 39.65 22.85
CA VAL O 273 -22.80 41.14 22.97
C VAL O 273 -22.40 41.71 21.61
N THR O 274 -23.01 42.84 21.22
CA THR O 274 -22.72 43.44 19.89
C THR O 274 -22.23 44.89 20.05
N SER O 275 -21.21 45.28 19.29
CA SER O 275 -20.67 46.66 19.35
C SER O 275 -21.50 47.59 18.47
N ALA O 276 -21.50 48.89 18.78
CA ALA O 276 -22.24 49.88 17.95
C ALA O 276 -21.40 50.21 16.71
N PRO O 277 -22.03 50.60 15.57
CA PRO O 277 -21.28 50.98 14.38
C PRO O 277 -20.16 51.97 14.71
N MET O 278 -18.93 51.67 14.29
CA MET O 278 -17.78 52.55 14.59
C MET O 278 -17.14 53.03 13.29
N PRO O 279 -16.77 54.31 13.16
CA PRO O 279 -16.21 54.84 11.91
C PRO O 279 -14.99 54.04 11.43
N GLU O 280 -14.76 54.02 10.11
CA GLU O 280 -13.61 53.28 9.54
C GLU O 280 -12.55 54.30 9.13
N PRO O 281 -11.29 54.23 9.63
CA PRO O 281 -10.28 55.25 9.33
C PRO O 281 -10.13 55.57 7.84
N GLN O 282 -9.65 54.61 7.05
CA GLN O 282 -9.40 54.87 5.60
C GLN O 282 -10.73 55.21 4.90
N ALA O 283 -11.80 54.48 5.23
CA ALA O 283 -13.09 54.71 4.55
C ALA O 283 -13.58 56.14 4.78
N PRO O 284 -14.14 56.82 3.76
CA PRO O 284 -14.64 58.18 3.92
C PRO O 284 -15.81 58.25 4.91
N GLY O 285 -16.79 57.35 4.79
CA GLY O 285 -17.97 57.38 5.68
C GLY O 285 -18.57 56.00 5.91
N ARG O 286 -17.78 54.95 5.69
CA ARG O 286 -18.27 53.56 5.95
C ARG O 286 -18.01 53.19 7.42
N TYR O 287 -18.75 52.21 7.94
CA TYR O 287 -18.62 51.84 9.38
C TYR O 287 -18.39 50.34 9.51
N PHE O 288 -18.19 49.87 10.75
CA PHE O 288 -17.98 48.44 10.99
C PHE O 288 -18.53 48.11 12.38
N ALA O 289 -18.68 46.82 12.63
CA ALA O 289 -19.17 46.35 13.92
C ALA O 289 -18.68 44.92 14.13
N HIS O 290 -18.83 44.44 15.36
CA HIS O 290 -18.38 43.09 15.69
C HIS O 290 -19.19 42.56 16.86
N SER O 291 -19.50 41.27 16.81
CA SER O 291 -20.24 40.60 17.87
C SER O 291 -19.53 39.29 18.22
N ILE O 292 -19.62 38.91 19.49
CA ILE O 292 -18.99 37.68 19.97
C ILE O 292 -20.02 36.85 20.71
N LEU O 293 -19.81 35.53 20.70
CA LEU O 293 -20.68 34.59 21.40
C LEU O 293 -19.82 33.57 22.13
N THR O 294 -20.22 33.24 23.35
CA THR O 294 -19.49 32.30 24.19
C THR O 294 -20.29 31.01 24.32
N VAL O 295 -19.64 29.88 24.01
CA VAL O 295 -20.30 28.55 24.12
C VAL O 295 -19.37 27.62 24.91
N SER O 296 -19.88 26.48 25.38
CA SER O 296 -19.03 25.50 26.10
C SER O 296 -18.05 24.85 25.12
N GLU O 297 -16.85 24.52 25.59
CA GLU O 297 -15.84 23.89 24.70
C GLU O 297 -16.42 22.58 24.22
N GLU O 298 -16.98 21.80 25.14
CA GLU O 298 -17.63 20.53 24.73
C GLU O 298 -18.54 20.79 23.51
N GLU O 299 -19.46 21.74 23.62
CA GLU O 299 -20.44 21.98 22.53
C GLU O 299 -19.68 22.16 21.21
N TRP O 300 -18.64 23.01 21.21
CA TRP O 300 -17.82 23.20 19.99
C TRP O 300 -17.35 21.83 19.50
N ASN O 301 -16.76 21.02 20.39
CA ASN O 301 -16.17 19.71 19.99
C ASN O 301 -17.27 18.75 19.52
N THR O 302 -18.46 18.83 20.11
CA THR O 302 -19.56 17.89 19.75
C THR O 302 -19.77 17.94 18.23
N GLY O 303 -19.60 19.11 17.61
CA GLY O 303 -19.70 19.22 16.14
C GLY O 303 -20.86 20.11 15.72
N GLU O 304 -21.46 20.84 16.66
CA GLU O 304 -22.63 21.69 16.35
C GLU O 304 -22.19 22.90 15.51
N THR O 305 -23.01 23.32 14.55
CA THR O 305 -22.68 24.52 13.73
C THR O 305 -23.41 25.74 14.31
N TYR O 306 -22.79 26.94 14.21
CA TYR O 306 -23.44 28.17 14.73
C TYR O 306 -23.46 29.20 13.60
N THR O 307 -24.67 29.64 13.21
CA THR O 307 -24.78 30.59 12.06
C THR O 307 -24.98 32.02 12.58
N CYS O 308 -24.42 33.00 11.88
CA CYS O 308 -24.54 34.41 12.27
C CYS O 308 -25.25 35.18 11.17
N VAL O 309 -26.26 35.96 11.54
CA VAL O 309 -27.13 36.64 10.60
C VAL O 309 -27.09 38.15 10.84
N VAL O 310 -27.01 38.92 9.75
CA VAL O 310 -26.97 40.38 9.81
C VAL O 310 -28.07 40.91 8.91
N ALA O 311 -28.73 41.99 9.36
CA ALA O 311 -29.83 42.61 8.63
C ALA O 311 -29.54 44.08 8.44
N HIS O 312 -29.28 44.49 7.20
CA HIS O 312 -29.01 45.88 6.87
C HIS O 312 -29.93 46.34 5.76
N GLU O 313 -30.18 47.64 5.71
CA GLU O 313 -31.12 48.23 4.75
C GLU O 313 -30.55 48.36 3.35
N ALA O 314 -29.41 47.74 3.06
CA ALA O 314 -28.80 47.83 1.74
C ALA O 314 -28.64 46.49 1.04
N LEU O 315 -28.69 45.38 1.76
CA LEU O 315 -28.61 44.09 1.12
C LEU O 315 -29.85 43.85 0.26
N PRO O 316 -29.69 43.23 -0.92
CA PRO O 316 -30.84 43.04 -1.81
C PRO O 316 -31.98 42.27 -1.15
N ASN O 317 -31.66 41.23 -0.38
CA ASN O 317 -32.66 40.55 0.44
C ASN O 317 -32.75 41.11 1.85
N ARG O 318 -31.85 42.03 2.21
CA ARG O 318 -31.76 42.65 3.52
C ARG O 318 -31.39 41.65 4.62
N VAL O 319 -30.91 40.46 4.25
CA VAL O 319 -30.50 39.44 5.20
C VAL O 319 -29.33 38.68 4.59
N THR O 320 -28.37 38.28 5.44
CA THR O 320 -27.23 37.48 5.02
C THR O 320 -26.82 36.59 6.17
N GLU O 321 -26.18 35.45 5.84
CA GLU O 321 -25.76 34.49 6.84
C GLU O 321 -24.36 33.97 6.50
N ARG O 322 -23.65 33.55 7.54
CA ARG O 322 -22.37 32.86 7.40
C ARG O 322 -22.35 31.68 8.35
N THR O 323 -21.30 30.86 8.27
CA THR O 323 -21.26 29.60 8.99
C THR O 323 -19.82 29.16 9.23
N VAL O 324 -19.53 28.71 10.46
CA VAL O 324 -18.18 28.16 10.79
C VAL O 324 -18.39 26.95 11.70
N ASP O 325 -17.47 25.98 11.67
CA ASP O 325 -17.56 24.80 12.56
C ASP O 325 -16.14 24.25 12.77
N LYS O 326 -16.01 23.09 13.40
CA LYS O 326 -14.67 22.50 13.68
C LYS O 326 -13.91 22.34 12.36
N SER O 327 -14.60 21.92 11.30
CA SER O 327 -13.96 21.70 9.98
C SER O 327 -13.87 23.02 9.20
N THR O 328 -13.01 23.95 9.63
CA THR O 328 -12.83 25.24 8.91
C THR O 328 -11.34 25.48 8.64
N GLY O 329 -10.49 25.35 9.67
CA GLY O 329 -9.06 25.65 9.49
C GLY O 329 -8.19 24.41 9.63
N LYS O 330 -8.74 23.24 9.35
CA LYS O 330 -7.95 21.98 9.43
C LYS O 330 -6.83 22.03 8.40
N PRO O 331 -5.60 21.59 8.72
CA PRO O 331 -4.50 21.57 7.75
C PRO O 331 -4.94 20.73 6.54
N THR O 332 -4.81 21.27 5.33
CA THR O 332 -5.29 20.55 4.13
C THR O 332 -4.45 19.28 3.92
N LEU O 333 -3.15 19.34 4.18
CA LEU O 333 -2.29 18.15 3.89
C LEU O 333 -1.01 18.14 4.72
N TYR O 334 -0.47 16.95 4.99
CA TYR O 334 0.80 16.81 5.69
C TYR O 334 1.89 16.44 4.68
N ASN O 335 3.14 16.77 5.02
CA ASN O 335 4.26 16.49 4.09
C ASN O 335 5.45 16.01 4.91
N VAL O 336 5.23 15.06 5.82
CA VAL O 336 6.31 14.57 6.74
C VAL O 336 7.35 13.80 5.92
N SER O 337 8.59 13.71 6.43
CA SER O 337 9.69 13.02 5.70
C SER O 337 10.73 12.49 6.68
N LEU O 338 10.48 11.30 7.27
CA LEU O 338 11.44 10.71 8.24
C LEU O 338 12.68 10.22 7.50
N VAL O 339 13.88 10.53 8.04
CA VAL O 339 15.16 10.07 7.43
C VAL O 339 16.01 9.44 8.53
N MET O 340 15.49 8.30 9.09
CA MET O 340 16.20 7.63 10.21
C MET O 340 17.51 7.01 9.70
N SER O 341 18.64 7.27 10.44
CA SER O 341 19.93 6.65 10.04
C SER O 341 20.69 6.23 11.30
N ASP O 342 21.80 5.50 11.15
CA ASP O 342 22.63 5.12 12.32
C ASP O 342 24.02 5.75 12.17
N THR O 343 24.22 6.51 11.08
CA THR O 343 25.54 7.16 10.83
C THR O 343 25.32 8.64 10.50
N ARG P 118 -18.89 73.58 29.41
CA ARG P 118 -18.57 72.20 29.71
C ARG P 118 -17.16 72.12 30.29
N VAL P 119 -17.02 71.42 31.42
CA VAL P 119 -15.74 71.21 32.07
C VAL P 119 -15.42 69.73 32.03
N PHE P 120 -14.32 69.37 31.37
CA PHE P 120 -13.92 67.99 31.19
C PHE P 120 -12.68 67.70 32.03
N ALA P 121 -12.72 66.59 32.76
CA ALA P 121 -11.58 66.14 33.55
C ALA P 121 -11.18 64.74 33.10
N ILE P 122 -9.90 64.56 32.79
CA ILE P 122 -9.36 63.26 32.42
C ILE P 122 -8.30 62.85 33.44
N PRO P 123 -8.50 61.77 34.18
CA PRO P 123 -7.47 61.33 35.12
C PRO P 123 -6.28 60.73 34.39
N PRO P 124 -5.07 60.67 34.99
CA PRO P 124 -3.94 60.01 34.33
C PRO P 124 -4.16 58.50 34.19
N SER P 125 -3.58 57.90 33.15
CA SER P 125 -3.75 56.44 32.90
C SER P 125 -2.56 55.68 33.49
N PHE P 126 -2.77 54.40 33.83
CA PHE P 126 -1.67 53.56 34.38
C PHE P 126 -0.47 53.60 33.42
N ALA P 127 -0.74 53.43 32.12
CA ALA P 127 0.35 53.39 31.13
C ALA P 127 1.19 54.68 31.21
N SER P 128 0.53 55.83 31.23
CA SER P 128 1.26 57.12 31.39
C SER P 128 2.17 57.02 32.61
N ILE P 129 1.60 56.75 33.79
CA ILE P 129 2.39 56.66 35.05
C ILE P 129 3.43 55.54 34.89
N PHE P 130 3.07 54.44 34.23
CA PHE P 130 3.99 53.29 34.07
C PHE P 130 5.16 53.65 33.13
N LEU P 131 4.86 54.23 31.97
CA LEU P 131 5.94 54.49 30.97
C LEU P 131 6.51 55.89 31.17
N THR P 132 5.71 56.93 30.95
CA THR P 132 6.21 58.33 31.05
C THR P 132 6.69 58.61 32.48
N LYS P 133 6.20 57.84 33.46
CA LYS P 133 6.57 58.03 34.89
C LYS P 133 5.99 59.35 35.38
N SER P 134 6.40 60.48 34.78
CA SER P 134 5.80 61.78 35.14
C SER P 134 4.28 61.66 35.02
N THR P 135 3.54 61.96 36.09
CA THR P 135 2.06 61.78 36.06
C THR P 135 1.35 63.09 36.39
N LYS P 136 0.22 63.35 35.75
CA LYS P 136 -0.52 64.59 35.99
C LYS P 136 -1.99 64.34 35.66
N LEU P 137 -2.85 65.22 36.18
CA LEU P 137 -4.28 65.15 35.93
C LEU P 137 -4.73 66.46 35.30
N THR P 138 -5.64 66.36 34.33
CA THR P 138 -6.00 67.49 33.48
C THR P 138 -7.48 67.80 33.60
N CYS P 139 -7.79 69.09 33.75
CA CYS P 139 -9.14 69.61 33.62
C CYS P 139 -9.17 70.60 32.45
N LEU P 140 -10.15 70.44 31.56
CA LEU P 140 -10.27 71.31 30.40
C LEU P 140 -11.71 71.81 30.30
N VAL P 141 -11.85 73.03 29.78
CA VAL P 141 -13.15 73.67 29.63
C VAL P 141 -13.38 73.93 28.14
N THR P 142 -14.63 73.71 27.71
CA THR P 142 -14.99 73.96 26.29
C THR P 142 -16.44 74.46 26.24
N ASP P 143 -16.94 74.81 25.05
CA ASP P 143 -18.34 75.27 24.91
C ASP P 143 -18.59 76.43 25.88
N LEU P 144 -17.60 77.32 26.03
CA LEU P 144 -17.72 78.45 26.98
C LEU P 144 -17.31 79.76 26.31
N THR P 145 -18.09 80.83 26.49
CA THR P 145 -17.76 82.15 25.90
C THR P 145 -16.30 82.50 26.22
N THR P 146 -15.60 83.18 25.30
CA THR P 146 -14.19 83.46 25.51
C THR P 146 -14.09 84.60 26.52
N TYR P 147 -13.29 84.40 27.57
CA TYR P 147 -13.16 85.40 28.63
C TYR P 147 -11.86 85.15 29.37
N ASP P 148 -10.89 86.06 29.22
CA ASP P 148 -9.61 85.92 29.89
C ASP P 148 -9.79 86.10 31.40
N SER P 149 -8.70 85.96 32.14
CA SER P 149 -8.68 86.06 33.60
C SER P 149 -9.58 85.00 34.23
N VAL P 150 -9.22 83.74 33.98
CA VAL P 150 -9.89 82.58 34.57
C VAL P 150 -8.87 81.79 35.37
N THR P 151 -9.29 81.33 36.54
CA THR P 151 -8.40 80.65 37.48
C THR P 151 -8.78 79.18 37.58
N ILE P 152 -7.78 78.30 37.51
CA ILE P 152 -7.96 76.86 37.65
C ILE P 152 -7.25 76.42 38.91
N SER P 153 -7.95 75.67 39.75
CA SER P 153 -7.41 75.24 41.04
C SER P 153 -7.74 73.78 41.28
N TRP P 154 -7.08 73.20 42.27
CA TRP P 154 -7.28 71.81 42.66
C TRP P 154 -7.44 71.75 44.17
N THR P 155 -8.38 70.93 44.63
CA THR P 155 -8.69 70.84 46.05
C THR P 155 -8.82 69.38 46.46
N ARG P 156 -8.19 69.03 47.57
CA ARG P 156 -8.33 67.70 48.15
C ARG P 156 -9.57 67.66 49.04
N GLN P 157 -9.77 66.53 49.74
CA GLN P 157 -10.90 66.44 50.65
C GLN P 157 -10.68 67.19 51.95
N ASN P 158 -9.43 67.47 52.31
CA ASN P 158 -9.10 68.22 53.52
C ASN P 158 -8.85 69.70 53.25
N GLY P 159 -9.01 70.15 52.01
CA GLY P 159 -8.93 71.55 51.67
C GLY P 159 -7.56 72.05 51.24
N GLU P 160 -6.52 71.21 51.32
CA GLU P 160 -5.20 71.64 50.90
C GLU P 160 -5.16 71.90 49.40
N ALA P 161 -4.47 72.95 49.00
CA ALA P 161 -4.30 73.31 47.61
C ALA P 161 -2.94 72.85 47.09
N VAL P 162 -2.90 72.51 45.81
CA VAL P 162 -1.68 72.05 45.16
C VAL P 162 -1.37 72.97 43.99
N LYS P 163 -0.11 72.96 43.58
CA LYS P 163 0.37 73.89 42.56
C LYS P 163 -0.21 73.54 41.21
N THR P 164 -0.81 74.53 40.55
CA THR P 164 -1.28 74.39 39.18
C THR P 164 -0.24 74.97 38.22
N HIS P 165 -0.06 74.29 37.09
CA HIS P 165 1.02 74.60 36.17
C HIS P 165 0.58 75.65 35.16
N THR P 166 1.57 76.41 34.66
CA THR P 166 1.36 77.45 33.68
C THR P 166 1.26 76.80 32.30
N ASN P 167 1.38 77.61 31.24
CA ASN P 167 1.26 77.14 29.85
C ASN P 167 -0.14 76.62 29.57
N ILE P 168 -1.12 77.50 29.81
CA ILE P 168 -2.51 77.17 29.53
C ILE P 168 -2.72 77.07 28.02
N SER P 169 -3.55 76.11 27.61
CA SER P 169 -3.75 75.86 26.18
C SER P 169 -4.49 77.02 25.52
N GLU P 170 -4.22 77.20 24.23
CA GLU P 170 -4.87 78.24 23.45
C GLU P 170 -6.33 77.91 23.22
N SER P 171 -7.14 78.95 23.07
CA SER P 171 -8.56 78.77 22.80
C SER P 171 -8.79 78.18 21.42
N HIS P 172 -9.89 77.46 21.28
CA HIS P 172 -10.22 76.81 20.02
C HIS P 172 -10.58 77.84 18.96
N PRO P 173 -10.33 77.54 17.68
CA PRO P 173 -10.61 78.52 16.61
C PRO P 173 -12.09 78.86 16.47
N ASN P 174 -13.00 78.01 16.95
CA ASN P 174 -14.44 78.26 16.81
C ASN P 174 -15.02 79.08 17.95
N ALA P 175 -14.19 79.92 18.59
CA ALA P 175 -14.61 80.84 19.64
C ALA P 175 -15.18 80.08 20.84
N THR P 176 -14.32 79.23 21.42
CA THR P 176 -14.65 78.52 22.65
C THR P 176 -13.36 78.19 23.37
N PHE P 177 -13.49 77.90 24.67
CA PHE P 177 -12.33 77.64 25.50
C PHE P 177 -11.69 76.29 25.20
N SER P 178 -10.38 76.22 25.40
CA SER P 178 -9.64 74.97 25.38
C SER P 178 -8.39 75.20 26.24
N ALA P 179 -8.42 74.72 27.48
CA ALA P 179 -7.37 75.00 28.44
C ALA P 179 -6.82 73.69 29.00
N VAL P 180 -5.59 73.75 29.49
CA VAL P 180 -4.93 72.61 30.12
C VAL P 180 -4.48 73.03 31.51
N GLY P 181 -4.79 72.19 32.51
CA GLY P 181 -4.34 72.41 33.87
C GLY P 181 -3.85 71.11 34.47
N GLU P 182 -2.61 71.07 34.93
CA GLU P 182 -2.00 69.85 35.41
C GLU P 182 -1.35 70.05 36.76
N ALA P 183 -1.32 68.97 37.55
CA ALA P 183 -0.69 68.96 38.85
C ALA P 183 -0.19 67.56 39.14
N SER P 184 0.78 67.46 40.05
CA SER P 184 1.39 66.19 40.40
C SER P 184 0.99 65.77 41.80
N ILE P 185 0.47 64.55 41.93
CA ILE P 185 0.11 63.96 43.22
C ILE P 185 0.76 62.58 43.31
N CYS P 186 1.20 62.23 44.51
CA CYS P 186 1.93 60.99 44.71
C CYS P 186 1.11 59.78 44.29
N GLU P 187 1.78 58.83 43.64
CA GLU P 187 1.11 57.59 43.26
C GLU P 187 0.64 56.82 44.48
N ASP P 188 1.42 56.85 45.57
CA ASP P 188 0.96 56.24 46.82
C ASP P 188 -0.26 56.97 47.36
N ASP P 189 -0.32 58.29 47.20
CA ASP P 189 -1.52 59.03 47.59
C ASP P 189 -2.72 58.58 46.78
N TRP P 190 -2.55 58.40 45.47
CA TRP P 190 -3.64 57.90 44.64
C TRP P 190 -4.06 56.50 45.07
N ASN P 191 -3.09 55.63 45.36
CA ASN P 191 -3.40 54.30 45.84
C ASN P 191 -4.10 54.31 47.19
N SER P 192 -3.90 55.37 47.99
CA SER P 192 -4.60 55.49 49.26
C SER P 192 -6.08 55.81 49.09
N GLY P 193 -6.53 56.10 47.88
CA GLY P 193 -7.93 56.38 47.63
C GLY P 193 -8.44 57.65 48.28
N GLU P 194 -7.67 58.73 48.17
CA GLU P 194 -8.07 60.02 48.70
C GLU P 194 -8.82 60.81 47.64
N ARG P 195 -10.04 61.24 47.98
CA ARG P 195 -10.89 61.95 47.05
C ARG P 195 -10.33 63.33 46.74
N PHE P 196 -10.29 63.69 45.46
CA PHE P 196 -9.77 64.97 45.01
C PHE P 196 -10.81 65.67 44.15
N THR P 197 -10.81 67.00 44.21
CA THR P 197 -11.81 67.81 43.53
C THR P 197 -11.13 68.85 42.65
N CYS P 198 -11.68 69.05 41.46
CA CYS P 198 -11.17 70.01 40.48
C CYS P 198 -12.19 71.14 40.33
N THR P 199 -11.71 72.38 40.38
CA THR P 199 -12.57 73.55 40.32
C THR P 199 -12.03 74.55 39.30
N VAL P 200 -12.96 75.24 38.63
CA VAL P 200 -12.64 76.29 37.68
C VAL P 200 -13.55 77.48 37.95
N THR P 201 -13.04 78.68 37.69
CA THR P 201 -13.74 79.92 37.99
C THR P 201 -14.01 80.69 36.70
N HIS P 202 -15.26 81.14 36.53
CA HIS P 202 -15.65 81.99 35.41
C HIS P 202 -16.68 82.99 35.90
N THR P 203 -16.67 84.17 35.27
CA THR P 203 -17.61 85.22 35.69
C THR P 203 -19.03 84.91 35.24
N ASP P 204 -19.15 84.21 34.11
CA ASP P 204 -20.50 83.81 33.62
C ASP P 204 -21.21 83.04 34.73
N LEU P 205 -20.57 81.97 35.22
CA LEU P 205 -21.15 81.19 36.34
C LEU P 205 -20.41 81.56 37.64
N PRO P 206 -20.97 82.45 38.49
CA PRO P 206 -20.27 82.89 39.70
C PRO P 206 -19.89 81.68 40.55
N SER P 207 -20.79 80.70 40.65
CA SER P 207 -20.48 79.46 41.41
C SER P 207 -19.49 78.60 40.61
N PRO P 208 -18.24 78.41 41.08
CA PRO P 208 -17.28 77.55 40.39
C PRO P 208 -17.80 76.13 40.24
N LEU P 209 -17.38 75.47 39.17
CA LEU P 209 -17.77 74.10 38.89
C LEU P 209 -16.80 73.14 39.57
N LYS P 210 -17.33 72.26 40.41
CA LYS P 210 -16.51 71.32 41.17
C LYS P 210 -16.78 69.90 40.69
N GLN P 211 -15.70 69.19 40.36
CA GLN P 211 -15.78 67.84 39.81
C GLN P 211 -14.70 66.98 40.45
N THR P 212 -14.98 65.68 40.54
CA THR P 212 -14.19 64.74 41.31
C THR P 212 -13.37 63.84 40.37
N ILE P 213 -12.09 63.67 40.68
CA ILE P 213 -11.18 62.88 39.86
C ILE P 213 -10.61 61.77 40.76
N SER P 214 -11.43 61.30 41.70
CA SER P 214 -10.95 60.31 42.67
C SER P 214 -10.57 59.00 41.99
N ARG P 215 -9.51 58.38 42.48
CA ARG P 215 -9.05 57.07 41.99
C ARG P 215 -9.54 56.01 42.96
N PRO P 216 -10.39 55.07 42.54
CA PRO P 216 -10.99 54.09 43.46
C PRO P 216 -10.08 52.90 43.78
N LYS P 217 -8.81 53.21 44.10
CA LYS P 217 -7.83 52.19 44.47
C LYS P 217 -7.74 51.10 43.41
N GLY P 218 -8.05 49.87 43.79
CA GLY P 218 -8.07 48.76 42.86
C GLY P 218 -8.94 47.61 43.31
N VAL P 219 -9.83 47.17 42.41
CA VAL P 219 -10.66 45.98 42.72
C VAL P 219 -9.80 44.73 42.47
N ALA P 220 -10.34 43.54 42.73
CA ALA P 220 -9.52 42.31 42.57
C ALA P 220 -8.78 42.36 41.24
N LEU P 221 -7.45 42.27 41.26
CA LEU P 221 -6.64 42.35 40.01
C LEU P 221 -6.67 40.99 39.30
N HIS P 222 -6.72 40.98 37.96
CA HIS P 222 -6.63 39.70 37.20
C HIS P 222 -5.88 39.93 35.89
N ARG P 223 -5.22 38.88 35.39
CA ARG P 223 -4.39 39.00 34.16
C ARG P 223 -5.28 38.99 32.91
N PRO P 224 -4.94 39.76 31.85
CA PRO P 224 -5.71 39.73 30.59
C PRO P 224 -5.24 38.66 29.58
N ASP P 225 -6.07 37.65 29.31
CA ASP P 225 -5.71 36.68 28.28
C ASP P 225 -5.73 37.35 26.91
N VAL P 226 -4.65 37.19 26.15
CA VAL P 226 -4.52 37.83 24.85
C VAL P 226 -4.55 36.73 23.79
N TYR P 227 -5.59 36.76 22.96
CA TYR P 227 -5.72 35.88 21.81
C TYR P 227 -5.65 36.72 20.55
N LEU P 228 -4.83 36.29 19.59
CA LEU P 228 -4.68 37.00 18.33
C LEU P 228 -5.08 36.05 17.22
N LEU P 229 -5.92 36.53 16.30
CA LEU P 229 -6.50 35.68 15.28
C LEU P 229 -6.16 36.19 13.88
N PRO P 230 -5.95 35.30 12.92
CA PRO P 230 -5.58 35.72 11.57
C PRO P 230 -6.81 36.06 10.75
N PRO P 231 -6.64 36.64 9.56
CA PRO P 231 -7.80 36.96 8.72
C PRO P 231 -8.53 35.71 8.26
N ALA P 232 -9.82 35.87 7.98
CA ALA P 232 -10.64 34.76 7.54
C ALA P 232 -10.23 34.29 6.15
N ARG P 233 -10.46 32.99 5.90
CA ARG P 233 -10.11 32.41 4.61
C ARG P 233 -10.92 33.03 3.48
N GLU P 234 -12.23 33.20 3.72
CA GLU P 234 -13.11 33.77 2.67
C GLU P 234 -12.64 35.18 2.30
N GLN P 235 -12.20 35.96 3.29
CA GLN P 235 -11.75 37.36 3.02
C GLN P 235 -10.57 37.33 2.05
N LEU P 236 -9.62 36.41 2.27
CA LEU P 236 -8.41 36.32 1.42
C LEU P 236 -8.81 35.88 0.00
N ASN P 237 -9.92 35.15 -0.13
CA ASN P 237 -10.40 34.72 -1.47
C ASN P 237 -10.62 35.96 -2.34
N LEU P 238 -11.10 37.06 -1.76
CA LEU P 238 -11.37 38.31 -2.52
C LEU P 238 -10.05 38.93 -2.98
N ARG P 239 -8.94 38.60 -2.31
CA ARG P 239 -7.61 39.17 -2.66
C ARG P 239 -7.71 40.69 -2.72
N GLU P 240 -8.32 41.31 -1.71
CA GLU P 240 -8.41 42.80 -1.64
C GLU P 240 -7.54 43.29 -0.48
N SER P 241 -7.99 43.11 0.76
CA SER P 241 -7.20 43.51 1.96
C SER P 241 -7.46 42.52 3.09
N ALA P 242 -6.54 42.42 4.06
CA ALA P 242 -6.70 41.44 5.16
C ALA P 242 -6.78 42.17 6.50
N THR P 243 -7.62 41.69 7.41
CA THR P 243 -7.78 42.35 8.74
C THR P 243 -7.36 41.38 9.85
N ILE P 244 -6.42 41.80 10.70
CA ILE P 244 -5.94 40.94 11.83
C ILE P 244 -6.52 41.49 13.13
N THR P 245 -7.06 40.62 13.99
CA THR P 245 -7.71 41.09 15.24
C THR P 245 -6.87 40.72 16.46
N CYS P 246 -7.21 41.26 17.63
CA CYS P 246 -6.47 40.97 18.87
C CYS P 246 -7.45 41.11 20.02
N LEU P 247 -7.90 39.99 20.55
CA LEU P 247 -8.99 39.95 21.54
C LEU P 247 -8.40 39.79 22.94
N VAL P 248 -8.29 40.90 23.66
CA VAL P 248 -7.95 40.87 25.08
C VAL P 248 -9.19 40.45 25.85
N THR P 249 -9.02 39.75 26.96
CA THR P 249 -10.16 39.12 27.61
C THR P 249 -9.94 38.97 29.11
N GLY P 250 -10.99 39.29 29.88
CA GLY P 250 -11.05 38.96 31.29
C GLY P 250 -10.07 39.65 32.20
N PHE P 251 -9.86 40.95 32.01
CA PHE P 251 -8.96 41.72 32.86
C PHE P 251 -9.75 42.64 33.76
N SER P 252 -9.42 42.65 35.05
CA SER P 252 -10.03 43.53 36.04
C SER P 252 -8.92 44.25 36.80
N PRO P 253 -8.96 45.58 36.87
CA PRO P 253 -9.96 46.46 36.27
C PRO P 253 -9.66 46.84 34.82
N ALA P 254 -10.31 47.90 34.35
CA ALA P 254 -10.15 48.31 32.93
C ALA P 254 -8.99 49.29 32.78
N ASP P 255 -7.80 48.78 32.43
CA ASP P 255 -6.64 49.67 32.18
C ASP P 255 -5.64 48.94 31.28
N VAL P 256 -6.01 48.73 30.01
CA VAL P 256 -5.12 47.98 29.07
C VAL P 256 -4.68 48.92 27.93
N PHE P 257 -3.38 49.16 27.80
CA PHE P 257 -2.87 49.99 26.68
C PHE P 257 -2.39 49.02 25.58
N VAL P 258 -2.96 49.13 24.37
CA VAL P 258 -2.60 48.17 23.29
C VAL P 258 -1.92 48.93 22.15
N GLN P 259 -1.01 48.26 21.42
CA GLN P 259 -0.32 48.87 20.30
C GLN P 259 0.15 47.78 19.35
N TRP P 260 0.43 48.18 18.11
CA TRP P 260 0.79 47.26 17.03
C TRP P 260 2.09 47.72 16.39
N MET P 261 2.98 46.78 16.09
CA MET P 261 4.17 47.05 15.28
C MET P 261 4.34 45.96 14.23
N GLN P 262 4.98 46.32 13.12
CA GLN P 262 5.23 45.42 12.01
C GLN P 262 6.74 45.21 11.89
N ARG P 263 7.16 43.94 11.93
CA ARG P 263 8.57 43.51 11.87
C ARG P 263 9.49 44.47 12.61
N GLY P 264 9.21 44.68 13.89
CA GLY P 264 10.05 45.47 14.74
C GLY P 264 9.94 46.98 14.58
N GLN P 265 9.03 47.45 13.73
CA GLN P 265 8.84 48.88 13.52
C GLN P 265 7.42 49.25 13.93
N PRO P 266 7.24 50.17 14.86
CA PRO P 266 5.89 50.56 15.28
C PRO P 266 5.12 51.23 14.15
N LEU P 267 3.81 51.02 14.16
CA LEU P 267 2.93 51.58 13.15
C LEU P 267 2.24 52.83 13.69
N SER P 268 1.64 53.59 12.78
CA SER P 268 0.92 54.78 13.16
C SER P 268 -0.32 54.42 13.99
N PRO P 269 -0.68 55.26 14.95
CA PRO P 269 -1.92 55.01 15.72
C PRO P 269 -3.17 55.07 14.86
N GLU P 270 -3.12 55.67 13.68
CA GLU P 270 -4.28 55.83 12.82
C GLU P 270 -4.52 54.64 11.91
N LYS P 271 -3.63 53.64 11.90
CA LYS P 271 -3.80 52.47 11.06
C LYS P 271 -4.56 51.35 11.75
N TYR P 272 -4.96 51.54 13.01
CA TYR P 272 -5.74 50.53 13.72
C TYR P 272 -6.70 51.24 14.66
N VAL P 273 -7.70 50.49 15.12
CA VAL P 273 -8.75 51.01 15.98
C VAL P 273 -8.85 50.13 17.21
N THR P 274 -8.98 50.75 18.38
CA THR P 274 -9.08 50.03 19.64
C THR P 274 -10.43 50.34 20.29
N SER P 275 -11.05 49.31 20.84
CA SER P 275 -12.35 49.44 21.49
C SER P 275 -12.16 49.99 22.91
N ALA P 276 -13.21 49.95 23.70
CA ALA P 276 -13.18 50.35 25.09
C ALA P 276 -13.67 49.19 25.96
N PRO P 277 -13.20 49.11 27.21
CA PRO P 277 -13.61 47.99 28.06
C PRO P 277 -15.12 47.92 28.22
N MET P 278 -15.64 46.69 28.14
CA MET P 278 -17.11 46.49 28.21
C MET P 278 -17.37 45.33 29.17
N PRO P 279 -18.52 45.27 29.84
CA PRO P 279 -18.77 44.22 30.84
C PRO P 279 -18.75 42.82 30.22
N GLU P 280 -18.56 41.79 31.04
CA GLU P 280 -18.51 40.40 30.53
C GLU P 280 -19.70 39.64 31.11
N PRO P 281 -20.70 39.23 30.30
CA PRO P 281 -21.89 38.58 30.82
C PRO P 281 -21.56 37.31 31.61
N GLN P 282 -20.70 36.46 31.05
CA GLN P 282 -20.38 35.16 31.71
C GLN P 282 -19.63 35.40 33.02
N ALA P 283 -18.75 36.40 33.07
CA ALA P 283 -17.91 36.60 34.28
C ALA P 283 -18.28 37.91 34.99
N PRO P 284 -18.88 37.88 36.20
CA PRO P 284 -19.17 39.10 36.94
C PRO P 284 -17.88 39.84 37.33
N GLY P 285 -17.86 41.16 37.16
CA GLY P 285 -16.68 41.97 37.52
C GLY P 285 -15.50 41.70 36.61
N ARG P 286 -15.75 41.49 35.31
CA ARG P 286 -14.65 41.22 34.34
C ARG P 286 -14.88 42.06 33.07
N TYR P 287 -13.80 42.41 32.36
CA TYR P 287 -13.94 43.29 31.17
C TYR P 287 -13.15 42.71 29.99
N PHE P 288 -13.50 43.13 28.77
CA PHE P 288 -12.77 42.68 27.59
C PHE P 288 -12.73 43.81 26.57
N ALA P 289 -11.84 43.67 25.60
CA ALA P 289 -11.65 44.70 24.58
C ALA P 289 -11.16 44.06 23.29
N HIS P 290 -11.30 44.80 22.20
CA HIS P 290 -10.92 44.35 20.87
C HIS P 290 -9.89 45.30 20.28
N SER P 291 -9.33 44.89 19.14
CA SER P 291 -8.44 45.74 18.35
C SER P 291 -8.21 45.10 16.99
N ILE P 292 -8.29 45.88 15.91
CA ILE P 292 -8.17 45.36 14.56
C ILE P 292 -7.17 46.20 13.79
N LEU P 293 -6.38 45.54 12.95
CA LEU P 293 -5.45 46.19 12.04
C LEU P 293 -5.73 45.73 10.61
N THR P 294 -5.69 46.67 9.67
CA THR P 294 -5.95 46.38 8.27
C THR P 294 -4.73 46.69 7.42
N VAL P 295 -4.38 45.76 6.55
CA VAL P 295 -3.24 45.90 5.63
C VAL P 295 -3.62 45.29 4.29
N SER P 296 -2.82 45.59 3.27
CA SER P 296 -3.08 45.02 1.92
C SER P 296 -2.83 43.51 1.91
N GLU P 297 -3.35 42.80 0.91
CA GLU P 297 -3.15 41.33 0.81
C GLU P 297 -1.67 41.03 0.51
N GLU P 298 -1.04 41.84 -0.34
CA GLU P 298 0.38 41.59 -0.71
C GLU P 298 1.22 41.56 0.56
N GLU P 299 1.01 42.51 1.47
CA GLU P 299 1.83 42.59 2.71
C GLU P 299 1.64 41.30 3.51
N TRP P 300 0.40 40.83 3.66
CA TRP P 300 0.12 39.58 4.42
C TRP P 300 0.77 38.40 3.71
N ASN P 301 0.89 38.47 2.38
CA ASN P 301 1.42 37.31 1.60
C ASN P 301 2.94 37.43 1.41
N THR P 302 3.59 38.35 2.11
CA THR P 302 5.07 38.48 2.02
C THR P 302 5.69 38.08 3.37
N GLY P 303 5.08 37.13 4.08
CA GLY P 303 5.67 36.64 5.34
C GLY P 303 5.97 37.75 6.34
N GLU P 304 5.51 38.98 6.08
CA GLU P 304 5.68 40.08 7.05
C GLU P 304 5.06 39.64 8.38
N THR P 305 5.65 40.05 9.51
CA THR P 305 5.16 39.57 10.83
C THR P 305 4.57 40.74 11.63
N TYR P 306 3.39 40.54 12.24
CA TYR P 306 2.72 41.60 13.03
C TYR P 306 2.49 41.10 14.46
N THR P 307 2.53 42.01 15.44
CA THR P 307 2.37 41.60 16.87
C THR P 307 1.42 42.56 17.59
N CYS P 308 0.84 42.11 18.71
CA CYS P 308 -0.15 42.92 19.46
C CYS P 308 0.28 43.04 20.93
N VAL P 309 1.13 44.01 21.24
CA VAL P 309 1.63 44.20 22.63
C VAL P 309 0.52 44.82 23.48
N VAL P 310 0.41 44.42 24.75
CA VAL P 310 -0.62 44.99 25.66
C VAL P 310 0.05 45.38 26.99
N ALA P 311 -0.56 46.30 27.74
CA ALA P 311 0.00 46.73 29.03
C ALA P 311 -1.11 46.74 30.09
N HIS P 312 -0.88 46.07 31.22
CA HIS P 312 -1.91 46.02 32.32
C HIS P 312 -1.20 45.89 33.66
N GLU P 313 -1.83 46.35 34.74
CA GLU P 313 -1.22 46.30 36.09
C GLU P 313 -0.96 44.86 36.50
N ALA P 314 -1.91 43.95 36.23
CA ALA P 314 -1.78 42.55 36.67
C ALA P 314 -0.56 41.89 36.01
N LEU P 315 -0.31 42.19 34.73
CA LEU P 315 0.83 41.58 34.00
C LEU P 315 2.08 41.62 34.90
N PRO P 316 2.76 40.47 35.13
CA PRO P 316 3.93 40.44 36.00
C PRO P 316 5.03 41.36 35.45
N ASN P 317 5.26 41.34 34.14
CA ASN P 317 6.27 42.23 33.51
C ASN P 317 5.57 43.52 33.08
N ARG P 318 4.26 43.64 33.34
CA ARG P 318 3.46 44.85 33.00
C ARG P 318 3.28 44.92 31.48
N VAL P 319 3.99 44.07 30.72
CA VAL P 319 3.86 44.06 29.22
C VAL P 319 3.96 42.63 28.73
N THR P 320 3.06 42.20 27.84
CA THR P 320 3.13 40.86 27.22
C THR P 320 2.78 40.99 25.75
N GLU P 321 3.11 40.00 24.92
CA GLU P 321 2.86 40.16 23.46
C GLU P 321 2.59 38.81 22.81
N ARG P 322 1.79 38.80 21.73
CA ARG P 322 1.54 37.56 20.95
C ARG P 322 1.86 37.91 19.49
N THR P 323 2.24 36.93 18.67
CA THR P 323 2.67 37.25 17.28
C THR P 323 2.14 36.21 16.30
N VAL P 324 1.73 36.63 15.09
CA VAL P 324 1.29 35.64 14.05
C VAL P 324 1.79 36.09 12.67
N ASP P 325 1.83 35.15 11.72
CA ASP P 325 2.21 35.50 10.35
C ASP P 325 1.42 34.59 9.42
N LYS P 326 1.80 34.58 8.13
CA LYS P 326 1.09 33.74 7.18
C LYS P 326 1.24 32.25 7.52
N SER P 327 2.44 31.84 7.90
CA SER P 327 2.69 30.42 8.13
C SER P 327 2.04 29.92 9.41
N THR P 328 1.86 30.79 10.40
CA THR P 328 1.33 30.36 11.69
C THR P 328 -0.18 30.54 11.80
N GLY P 329 -0.79 31.38 10.97
CA GLY P 329 -2.21 31.59 11.07
C GLY P 329 -3.02 30.62 10.24
N LYS P 330 -3.50 29.55 10.89
CA LYS P 330 -4.28 28.49 10.28
C LYS P 330 -3.70 28.08 8.94
N PRO P 331 -2.54 27.42 8.92
CA PRO P 331 -1.88 27.13 7.65
C PRO P 331 -2.54 25.98 6.91
N THR P 332 -2.26 25.89 5.61
CA THR P 332 -2.89 24.83 4.77
C THR P 332 -2.02 23.56 4.79
N LEU P 333 -0.70 23.71 4.87
CA LEU P 333 0.19 22.52 4.78
C LEU P 333 1.11 22.44 6.01
N TYR P 334 1.62 21.24 6.32
CA TYR P 334 2.52 21.05 7.49
C TYR P 334 3.86 20.48 7.01
N ASN P 335 4.69 21.32 6.37
CA ASN P 335 6.02 20.87 5.88
C ASN P 335 6.90 20.50 7.07
N VAL P 336 7.33 19.23 7.16
CA VAL P 336 8.20 18.79 8.30
C VAL P 336 9.40 18.03 7.75
N SER P 337 10.56 18.18 8.40
CA SER P 337 11.79 17.46 7.97
C SER P 337 12.40 16.71 9.17
N LEU P 338 11.65 15.74 9.72
CA LEU P 338 12.14 14.96 10.88
C LEU P 338 13.40 14.19 10.48
N VAL P 339 14.49 14.33 11.25
CA VAL P 339 15.78 13.65 10.91
C VAL P 339 16.49 13.28 12.21
N MET P 340 16.77 11.98 12.42
CA MET P 340 17.54 11.56 13.62
C MET P 340 18.70 10.67 13.17
N SER P 341 19.74 10.53 13.99
CA SER P 341 20.93 9.75 13.58
C SER P 341 21.61 9.12 14.80
N ASP P 342 22.48 8.12 14.57
CA ASP P 342 23.22 7.47 15.69
C ASP P 342 22.22 6.99 16.75
N THR P 343 21.07 6.46 16.33
CA THR P 343 20.07 6.00 17.28
C THR P 343 20.67 5.07 18.32
N ALA P 344 21.56 4.17 17.88
CA ALA P 344 22.23 3.27 18.82
C ALA P 344 23.08 4.06 19.81
N GLY P 345 24.14 4.70 19.33
CA GLY P 345 24.98 5.55 20.14
C GLY P 345 25.49 4.91 21.42
N THR P 346 25.90 5.74 22.38
CA THR P 346 26.31 5.29 23.71
C THR P 346 25.53 6.10 24.73
N CYS P 347 24.53 5.48 25.34
CA CYS P 347 23.65 6.15 26.30
C CYS P 347 23.85 5.55 27.68
N TYR P 348 23.96 6.42 28.68
CA TYR P 348 24.17 6.00 30.06
C TYR P 348 23.25 6.76 31.00
N ILE Q 2 5.28 9.42 37.27
CA ILE Q 2 3.92 9.14 37.73
C ILE Q 2 3.71 9.76 39.11
N LEU Q 3 2.45 9.94 39.48
CA LEU Q 3 2.05 10.55 40.75
C LEU Q 3 0.94 9.72 41.36
N PRO Q 4 0.73 9.83 42.69
CA PRO Q 4 -0.16 8.89 43.39
C PRO Q 4 -1.55 8.70 42.80
N GLU Q 5 -2.18 7.57 43.13
CA GLU Q 5 -3.49 7.20 42.65
C GLU Q 5 -4.48 7.09 43.79
N VAL Q 6 -4.50 8.09 44.68
CA VAL Q 6 -5.36 8.07 45.86
C VAL Q 6 -6.79 7.77 45.46
N LYS Q 7 -7.46 6.94 46.25
CA LYS Q 7 -8.83 6.52 45.99
C LYS Q 7 -9.71 6.82 47.21
N VAL Q 8 -10.92 7.29 46.95
CA VAL Q 8 -11.88 7.62 48.00
C VAL Q 8 -13.23 7.01 47.64
N GLU Q 9 -14.05 6.77 48.67
CA GLU Q 9 -15.39 6.25 48.50
C GLU Q 9 -16.36 7.13 49.28
N GLY Q 10 -17.65 6.81 49.18
CA GLY Q 10 -18.66 7.68 49.77
C GLY Q 10 -19.46 7.08 50.91
N GLU Q 11 -19.70 5.77 50.88
CA GLU Q 11 -20.52 5.09 51.88
C GLU Q 11 -21.89 5.74 52.01
N LEU Q 12 -22.65 5.63 50.90
CA LEU Q 12 -23.97 6.23 50.74
C LEU Q 12 -23.86 7.74 50.61
N GLY Q 13 -24.77 8.36 49.86
CA GLY Q 13 -24.67 9.76 49.52
C GLY Q 13 -24.95 10.68 50.70
N GLY Q 14 -24.81 11.97 50.43
CA GLY Q 14 -25.05 12.99 51.42
C GLY Q 14 -23.93 14.02 51.53
N SER Q 15 -22.69 13.56 51.39
CA SER Q 15 -21.53 14.45 51.45
C SER Q 15 -20.32 13.69 50.94
N VAL Q 16 -19.29 14.46 50.57
CA VAL Q 16 -18.02 13.89 50.11
C VAL Q 16 -16.96 14.97 50.18
N THR Q 17 -15.72 14.57 50.40
CA THR Q 17 -14.60 15.49 50.53
C THR Q 17 -13.41 14.96 49.74
N ILE Q 18 -12.74 15.86 49.02
CA ILE Q 18 -11.64 15.52 48.13
C ILE Q 18 -10.45 16.42 48.44
N LYS Q 19 -9.26 15.82 48.48
CA LYS Q 19 -8.02 16.55 48.73
C LYS Q 19 -6.97 16.17 47.70
N CYS Q 20 -6.23 17.16 47.22
CA CYS Q 20 -5.15 16.96 46.28
C CYS Q 20 -3.99 17.87 46.66
N PRO Q 21 -2.76 17.49 46.31
CA PRO Q 21 -1.61 18.35 46.62
C PRO Q 21 -1.69 19.68 45.89
N LEU Q 22 -1.18 20.72 46.54
CA LEU Q 22 -1.18 22.07 45.98
C LEU Q 22 0.21 22.45 45.50
N PRO Q 23 0.44 22.58 44.20
CA PRO Q 23 1.76 22.96 43.71
C PRO Q 23 2.06 24.42 43.99
N GLU Q 24 3.34 24.79 43.88
CA GLU Q 24 3.75 26.19 44.16
C GLU Q 24 4.03 26.92 42.84
N MET Q 25 3.89 28.25 42.83
CA MET Q 25 4.19 29.07 41.62
C MET Q 25 3.19 28.78 40.50
N HIS Q 26 1.98 28.30 40.83
CA HIS Q 26 0.93 28.09 39.80
C HIS Q 26 -0.37 28.72 40.32
N VAL Q 27 -1.12 29.39 39.45
CA VAL Q 27 -2.34 30.13 39.90
C VAL Q 27 -3.61 29.33 39.58
N ARG Q 28 -3.54 28.35 38.68
CA ARG Q 28 -4.78 27.64 38.28
C ARG Q 28 -4.87 26.29 38.99
N ILE Q 29 -6.07 25.90 39.42
CA ILE Q 29 -6.28 24.59 40.10
C ILE Q 29 -7.65 24.07 39.66
N TYR Q 30 -7.72 22.85 39.13
CA TYR Q 30 -8.96 22.31 38.62
C TYR Q 30 -9.16 20.89 39.14
N LEU Q 31 -10.37 20.36 38.91
CA LEU Q 31 -10.68 18.97 39.32
C LEU Q 31 -11.48 18.35 38.19
N CYS Q 32 -10.95 18.40 36.97
CA CYS Q 32 -11.71 17.89 35.78
C CYS Q 32 -12.00 16.40 35.95
N ARG Q 33 -13.12 15.90 35.40
CA ARG Q 33 -13.55 14.50 35.65
C ARG Q 33 -13.00 13.53 34.60
N GLU Q 34 -12.58 14.02 33.43
CA GLU Q 34 -12.04 13.16 32.33
C GLU Q 34 -12.93 11.93 32.11
N MET Q 35 -14.24 12.07 32.35
CA MET Q 35 -15.17 10.93 32.11
C MET Q 35 -15.83 11.12 30.73
N ALA Q 36 -15.01 11.17 29.67
CA ALA Q 36 -15.55 11.34 28.30
C ALA Q 36 -14.97 10.24 27.39
N GLY Q 37 -15.74 9.80 26.39
CA GLY Q 37 -15.25 8.78 25.45
C GLY Q 37 -14.02 9.27 24.70
N SER Q 38 -14.01 10.54 24.30
CA SER Q 38 -12.83 11.13 23.61
C SER Q 38 -11.62 11.10 24.55
N GLY Q 39 -11.85 11.33 25.84
CA GLY Q 39 -10.74 11.35 26.82
C GLY Q 39 -10.37 12.77 27.21
N THR Q 40 -10.64 13.72 26.30
CA THR Q 40 -10.34 15.15 26.59
C THR Q 40 -11.00 15.52 27.91
N CYS Q 41 -10.19 15.93 28.90
CA CYS Q 41 -10.75 16.22 30.24
C CYS Q 41 -11.60 17.50 30.20
N GLY Q 42 -12.80 17.47 30.75
CA GLY Q 42 -13.64 18.67 30.81
C GLY Q 42 -13.59 19.29 32.20
N THR Q 43 -12.98 20.47 32.33
CA THR Q 43 -12.82 21.10 33.67
C THR Q 43 -14.18 21.17 34.36
N VAL Q 44 -14.29 20.65 35.58
CA VAL Q 44 -15.56 20.71 36.35
C VAL Q 44 -15.54 22.00 37.19
N VAL Q 45 -14.67 22.07 38.19
CA VAL Q 45 -14.58 23.28 39.06
C VAL Q 45 -13.12 23.75 39.08
N SER Q 46 -12.87 25.01 38.74
CA SER Q 46 -11.47 25.49 38.66
C SER Q 46 -11.36 26.92 39.18
N THR Q 47 -10.14 27.40 39.42
CA THR Q 47 -9.95 28.81 39.82
C THR Q 47 -9.98 29.66 38.56
N THR Q 48 -9.42 30.87 38.59
CA THR Q 48 -9.49 31.76 37.40
C THR Q 48 -10.96 31.95 37.02
N ASN Q 49 -11.89 31.61 37.94
CA ASN Q 49 -13.35 31.82 37.71
C ASN Q 49 -13.92 30.84 36.69
N PHE Q 50 -14.58 29.77 37.17
CA PHE Q 50 -15.27 28.80 36.26
C PHE Q 50 -16.06 27.81 37.12
N ILE Q 51 -16.89 26.98 36.49
CA ILE Q 51 -17.73 25.98 37.23
C ILE Q 51 -18.42 25.11 36.19
N LYS Q 52 -19.08 24.02 36.60
CA LYS Q 52 -19.69 23.10 35.60
C LYS Q 52 -21.18 23.40 35.48
N ALA Q 53 -21.70 23.40 34.25
CA ALA Q 53 -23.13 23.69 34.02
C ALA Q 53 -23.95 22.82 34.96
N GLU Q 54 -23.62 21.52 35.06
CA GLU Q 54 -24.35 20.61 35.97
C GLU Q 54 -23.93 20.89 37.41
N TYR Q 55 -22.62 20.90 37.69
CA TYR Q 55 -22.14 21.05 39.08
C TYR Q 55 -22.21 22.53 39.49
N LYS Q 56 -23.31 22.93 40.13
CA LYS Q 56 -23.43 24.34 40.61
C LYS Q 56 -24.08 24.34 42.00
N GLY Q 57 -23.48 25.08 42.94
CA GLY Q 57 -24.04 25.16 44.32
C GLY Q 57 -23.65 23.94 45.13
N ARG Q 58 -22.99 22.97 44.51
CA ARG Q 58 -22.60 21.73 45.24
C ARG Q 58 -21.09 21.57 45.09
N VAL Q 59 -20.38 22.66 44.80
CA VAL Q 59 -18.91 22.56 44.55
C VAL Q 59 -18.22 23.84 45.03
N THR Q 60 -17.14 23.71 45.81
CA THR Q 60 -16.39 24.89 46.31
C THR Q 60 -14.92 24.52 46.49
N LEU Q 61 -14.02 25.50 46.38
CA LEU Q 61 -12.55 25.23 46.49
C LEU Q 61 -11.93 26.11 47.58
N LYS Q 62 -11.07 25.55 48.42
CA LYS Q 62 -10.40 26.31 49.50
C LYS Q 62 -8.90 26.00 49.48
N GLN Q 63 -8.07 26.90 48.97
CA GLN Q 63 -6.62 26.59 48.83
C GLN Q 63 -5.89 26.93 50.14
N TYR Q 64 -5.03 26.02 50.61
CA TYR Q 64 -4.27 26.25 51.85
C TYR Q 64 -2.78 26.14 51.56
N PRO Q 65 -2.10 27.26 51.34
CA PRO Q 65 -0.65 27.20 51.08
C PRO Q 65 0.15 26.65 52.25
N ARG Q 66 -0.33 26.79 53.48
CA ARG Q 66 0.44 26.36 54.64
C ARG Q 66 0.62 24.85 54.64
N LYS Q 67 -0.43 24.10 54.34
CA LYS Q 67 -0.37 22.64 54.31
C LYS Q 67 0.04 22.09 52.95
N ASN Q 68 0.27 22.95 51.97
CA ASN Q 68 0.55 22.54 50.60
C ASN Q 68 -0.58 21.64 50.08
N LEU Q 69 -1.82 22.05 50.35
CA LEU Q 69 -3.00 21.30 49.96
C LEU Q 69 -4.10 22.29 49.60
N PHE Q 70 -5.03 21.84 48.77
CA PHE Q 70 -6.27 22.57 48.54
C PHE Q 70 -7.45 21.63 48.74
N LEU Q 71 -8.55 22.20 49.21
CA LEU Q 71 -9.72 21.43 49.62
C LEU Q 71 -10.93 21.81 48.78
N VAL Q 72 -11.68 20.80 48.34
CA VAL Q 72 -12.92 20.99 47.60
C VAL Q 72 -14.02 20.20 48.30
N GLU Q 73 -15.13 20.89 48.60
CA GLU Q 73 -16.26 20.28 49.30
C GLU Q 73 -17.45 20.21 48.36
N VAL Q 74 -18.03 19.01 48.24
CA VAL Q 74 -19.20 18.78 47.40
C VAL Q 74 -20.32 18.27 48.29
N THR Q 75 -21.45 18.98 48.28
CA THR Q 75 -22.61 18.56 49.04
C THR Q 75 -23.40 17.50 48.28
N GLN Q 76 -24.23 16.76 49.03
CA GLN Q 76 -25.11 15.71 48.54
C GLN Q 76 -24.38 14.68 47.67
N LEU Q 77 -25.12 14.01 46.79
CA LEU Q 77 -24.55 13.01 45.89
C LEU Q 77 -25.64 12.53 44.96
N THR Q 78 -25.25 12.18 43.73
CA THR Q 78 -26.18 11.68 42.73
C THR Q 78 -25.46 10.62 41.90
N GLU Q 79 -26.16 10.12 40.88
CA GLU Q 79 -25.59 9.11 40.00
C GLU Q 79 -24.60 9.71 39.01
N SER Q 80 -24.82 10.96 38.58
CA SER Q 80 -23.98 11.56 37.56
C SER Q 80 -22.56 11.78 38.06
N ASP Q 81 -22.42 12.32 39.27
CA ASP Q 81 -21.11 12.69 39.82
C ASP Q 81 -20.43 11.48 40.45
N SER Q 82 -20.01 10.55 39.59
CA SER Q 82 -19.30 9.35 39.99
C SER Q 82 -18.14 9.13 39.01
N GLY Q 83 -17.49 7.99 39.14
CA GLY Q 83 -16.39 7.65 38.24
C GLY Q 83 -15.05 8.04 38.84
N VAL Q 84 -14.28 8.81 38.07
CA VAL Q 84 -12.93 9.22 38.47
C VAL Q 84 -12.81 10.73 38.35
N TYR Q 85 -11.76 11.26 38.97
CA TYR Q 85 -11.49 12.69 38.97
C TYR Q 85 -9.99 12.89 39.00
N ALA Q 86 -9.55 14.08 38.59
CA ALA Q 86 -8.14 14.42 38.56
C ALA Q 86 -7.91 15.75 39.26
N CYS Q 87 -6.64 16.13 39.35
CA CYS Q 87 -6.22 17.42 39.89
C CYS Q 87 -4.98 17.86 39.14
N GLY Q 88 -4.72 19.16 39.15
CA GLY Q 88 -3.57 19.67 38.44
C GLY Q 88 -3.47 21.18 38.52
N ALA Q 89 -2.62 21.73 37.66
CA ALA Q 89 -2.37 23.16 37.61
C ALA Q 89 -2.00 23.53 36.18
N GLY Q 90 -1.44 24.72 35.99
CA GLY Q 90 -1.01 25.17 34.67
C GLY Q 90 -2.19 25.59 33.80
N MET Q 91 -1.87 25.89 32.54
CA MET Q 91 -2.92 26.35 31.59
C MET Q 91 -3.10 25.31 30.48
N ASN Q 92 -3.33 24.05 30.84
CA ASN Q 92 -3.61 22.97 29.87
C ASN Q 92 -4.22 21.82 30.69
N THR Q 93 -5.56 21.73 30.74
CA THR Q 93 -6.23 20.72 31.61
C THR Q 93 -5.63 19.33 31.39
N ASP Q 94 -5.39 18.95 30.13
CA ASP Q 94 -4.70 17.66 29.88
C ASP Q 94 -3.21 17.97 29.78
N ARG Q 95 -2.34 17.04 30.22
CA ARG Q 95 -0.86 17.23 30.21
C ARG Q 95 -0.43 18.01 31.47
N GLY Q 96 -1.39 18.48 32.27
CA GLY Q 96 -1.06 19.25 33.48
C GLY Q 96 -1.58 18.60 34.75
N LYS Q 97 -1.99 17.33 34.67
CA LYS Q 97 -2.59 16.64 35.84
C LYS Q 97 -1.51 16.27 36.86
N THR Q 98 -1.91 15.97 38.11
CA THR Q 98 -0.93 15.64 39.19
C THR Q 98 -1.50 14.55 40.10
N GLN Q 99 -2.71 14.06 39.82
CA GLN Q 99 -3.29 12.99 40.60
C GLN Q 99 -4.44 12.37 39.81
N LYS Q 100 -4.81 11.16 40.19
CA LYS Q 100 -5.91 10.43 39.56
C LYS Q 100 -6.73 9.77 40.67
N VAL Q 101 -7.77 10.46 41.11
CA VAL Q 101 -8.61 9.99 42.20
C VAL Q 101 -9.88 9.38 41.62
N THR Q 102 -10.43 8.40 42.34
CA THR Q 102 -11.65 7.71 41.95
C THR Q 102 -12.74 7.97 42.98
N LEU Q 103 -13.95 8.20 42.49
CA LEU Q 103 -15.11 8.47 43.35
C LEU Q 103 -16.15 7.38 43.15
N ASN Q 104 -16.60 6.79 44.25
CA ASN Q 104 -17.62 5.74 44.20
C ASN Q 104 -18.54 5.89 45.41
N VAL Q 105 -19.75 5.37 45.27
CA VAL Q 105 -20.75 5.41 46.34
C VAL Q 105 -21.40 4.04 46.45
N HIS Q 106 -21.55 3.57 47.69
CA HIS Q 106 -22.21 2.30 47.97
C HIS Q 106 -23.64 2.59 48.42
N SER Q 107 -24.49 2.94 47.45
CA SER Q 107 -25.91 3.26 47.76
C SER Q 107 -26.82 2.62 46.72
N GLU R 26 10.22 -0.07 37.04
CA GLU R 26 11.08 -1.04 36.37
C GLU R 26 12.03 -0.37 35.39
N ARG R 27 11.49 0.51 34.55
CA ARG R 27 12.29 1.18 33.55
C ARG R 27 13.18 2.24 34.18
N ILE R 28 14.46 2.18 33.88
CA ILE R 28 15.39 3.23 34.29
C ILE R 28 15.36 4.34 33.25
N VAL R 29 15.77 5.54 33.66
CA VAL R 29 15.71 6.71 32.71
C VAL R 29 17.13 7.12 32.33
N LEU R 30 17.46 7.09 31.04
CA LEU R 30 18.81 7.47 30.57
C LEU R 30 18.81 8.97 30.19
N VAL R 31 17.72 9.44 29.59
CA VAL R 31 17.64 10.87 29.15
C VAL R 31 16.29 11.46 29.57
N ASP R 32 16.30 12.66 30.15
CA ASP R 32 15.03 13.35 30.52
C ASP R 32 15.11 14.77 29.97
N ASN R 33 15.72 14.97 28.80
CA ASN R 33 15.91 16.36 28.30
C ASN R 33 14.54 17.05 28.20
N LYS R 34 14.45 18.31 28.65
CA LYS R 34 13.17 19.06 28.59
C LYS R 34 13.21 20.00 27.38
N CYS R 35 14.42 20.36 26.93
CA CYS R 35 14.57 21.24 25.74
C CYS R 35 14.14 20.46 24.48
N LYS R 36 14.42 19.15 24.43
CA LYS R 36 14.08 18.33 23.24
C LYS R 36 12.98 17.33 23.59
N CYS R 37 12.53 17.34 24.85
CA CYS R 37 11.43 16.43 25.29
C CYS R 37 11.73 14.97 24.88
N ALA R 38 12.99 14.54 25.02
CA ALA R 38 13.33 13.14 24.70
C ALA R 38 13.45 12.34 26.00
N ARG R 39 12.71 11.22 26.09
CA ARG R 39 12.76 10.37 27.30
C ARG R 39 13.34 9.00 26.93
N ILE R 40 14.68 8.87 26.94
CA ILE R 40 15.32 7.57 26.62
C ILE R 40 15.29 6.69 27.86
N THR R 41 14.71 5.49 27.76
CA THR R 41 14.61 4.58 28.88
C THR R 41 14.98 3.18 28.40
N SER R 42 14.93 2.22 29.31
CA SER R 42 15.32 0.85 28.98
C SER R 42 14.67 -0.11 29.97
N ARG R 43 14.51 -1.36 29.53
CA ARG R 43 13.95 -2.42 30.36
C ARG R 43 14.32 -3.76 29.75
N ILE R 44 14.56 -4.73 30.61
CA ILE R 44 14.83 -6.11 30.20
C ILE R 44 13.65 -6.97 30.63
N ILE R 45 13.06 -7.68 29.66
CA ILE R 45 11.88 -8.50 29.91
C ILE R 45 12.31 -9.95 30.10
N ARG R 46 11.74 -10.60 31.10
CA ARG R 46 12.06 -12.00 31.37
C ARG R 46 11.54 -12.89 30.26
N SER R 47 12.29 -13.94 29.95
CA SER R 47 11.92 -14.87 28.90
C SER R 47 10.90 -15.88 29.43
N SER R 48 10.64 -16.92 28.66
CA SER R 48 9.62 -17.92 29.02
C SER R 48 10.23 -18.94 29.99
N GLU R 49 10.38 -18.47 31.24
CA GLU R 49 10.87 -19.30 32.35
C GLU R 49 12.24 -19.90 32.03
N ASP R 50 13.19 -19.03 31.73
CA ASP R 50 14.58 -19.41 31.49
C ASP R 50 15.47 -18.18 31.54
N PRO R 51 16.74 -18.32 31.93
CA PRO R 51 17.65 -17.17 31.95
C PRO R 51 18.28 -16.82 30.62
N ASN R 52 17.87 -17.47 29.53
CA ASN R 52 18.44 -17.23 28.21
C ASN R 52 17.53 -16.32 27.40
N GLU R 53 18.07 -15.84 26.27
CA GLU R 53 17.42 -14.94 25.33
C GLU R 53 16.60 -13.86 26.01
N ASP R 54 17.14 -13.28 27.08
CA ASP R 54 16.48 -12.16 27.76
C ASP R 54 16.65 -10.89 26.94
N ILE R 55 15.76 -10.69 25.97
CA ILE R 55 15.90 -9.58 25.02
C ILE R 55 15.80 -8.26 25.76
N VAL R 56 16.69 -7.33 25.44
CA VAL R 56 16.68 -6.01 26.04
C VAL R 56 15.86 -5.07 25.17
N GLU R 57 15.45 -3.94 25.76
CA GLU R 57 14.60 -2.98 25.07
C GLU R 57 15.17 -1.58 25.24
N ARG R 58 14.64 -0.65 24.45
CA ARG R 58 15.06 0.75 24.53
C ARG R 58 13.94 1.61 23.92
N ASN R 59 13.29 2.40 24.76
CA ASN R 59 12.14 3.21 24.34
C ASN R 59 12.54 4.66 24.21
N ILE R 60 12.21 5.26 23.06
CA ILE R 60 12.48 6.67 22.78
C ILE R 60 11.15 7.35 22.46
N ARG R 61 10.92 8.52 23.05
CA ARG R 61 9.64 9.25 22.85
C ARG R 61 9.92 10.74 22.67
N ILE R 62 10.00 11.22 21.43
CA ILE R 62 10.18 12.67 21.18
C ILE R 62 8.80 13.28 20.93
N ILE R 63 8.55 14.51 21.42
CA ILE R 63 7.26 15.21 21.15
C ILE R 63 7.56 16.52 20.42
N VAL R 64 7.41 16.52 19.09
CA VAL R 64 7.80 17.69 18.26
C VAL R 64 6.79 18.84 18.41
N PRO R 65 7.22 20.12 18.61
CA PRO R 65 6.30 21.25 18.60
C PRO R 65 6.27 21.85 17.18
N LEU R 66 5.08 22.04 16.61
CA LEU R 66 5.00 22.52 15.21
C LEU R 66 4.64 24.01 15.18
N ASN R 67 4.47 24.63 16.35
CA ASN R 67 4.08 26.07 16.43
C ASN R 67 5.26 26.92 16.90
N ASN R 68 6.29 26.32 17.51
CA ASN R 68 7.42 27.11 18.08
C ASN R 68 8.27 27.74 16.98
N ARG R 69 8.96 28.84 17.30
CA ARG R 69 9.79 29.54 16.33
C ARG R 69 11.19 28.94 16.28
N GLU R 70 12.04 29.52 15.44
CA GLU R 70 13.44 29.10 15.37
C GLU R 70 14.21 29.59 16.60
N ASN R 71 14.29 30.90 16.76
CA ASN R 71 14.83 31.50 17.99
C ASN R 71 13.69 31.56 18.99
N ILE R 72 13.69 30.61 19.93
CA ILE R 72 12.55 30.44 20.84
C ILE R 72 12.36 31.68 21.71
N SER R 73 13.42 32.46 21.93
CA SER R 73 13.35 33.64 22.77
C SER R 73 13.18 34.93 21.96
N ASP R 74 12.90 34.82 20.66
CA ASP R 74 12.67 35.98 19.81
C ASP R 74 11.47 35.69 18.92
N PRO R 75 10.33 36.36 19.13
CA PRO R 75 9.11 36.07 18.38
C PRO R 75 9.03 36.76 17.02
N THR R 76 10.11 36.69 16.26
CA THR R 76 10.16 37.22 14.90
C THR R 76 10.79 36.26 13.89
N SER R 77 11.64 35.33 14.33
CA SER R 77 12.27 34.40 13.42
C SER R 77 11.23 33.47 12.81
N PRO R 78 11.48 32.96 11.60
CA PRO R 78 10.51 32.08 10.92
C PRO R 78 10.26 30.82 11.72
N LEU R 79 9.26 30.06 11.27
CA LEU R 79 8.84 28.86 11.97
C LEU R 79 9.90 27.76 11.85
N ARG R 80 9.84 26.82 12.79
CA ARG R 80 10.82 25.75 12.88
C ARG R 80 10.36 24.58 12.02
N THR R 81 11.07 24.35 10.91
CA THR R 81 10.75 23.25 10.00
C THR R 81 11.62 22.02 10.24
N ARG R 82 12.93 22.19 10.21
CA ARG R 82 13.84 21.06 10.37
C ARG R 82 14.07 20.74 11.84
N PHE R 83 14.07 19.45 12.16
CA PHE R 83 14.33 18.96 13.51
C PHE R 83 15.45 17.92 13.44
N VAL R 84 16.62 18.28 13.96
CA VAL R 84 17.78 17.38 13.99
C VAL R 84 17.96 16.86 15.41
N TYR R 85 18.05 15.54 15.56
CA TYR R 85 18.19 14.91 16.87
C TYR R 85 19.44 14.03 16.85
N HIS R 86 20.54 14.55 17.38
CA HIS R 86 21.75 13.75 17.60
C HIS R 86 21.60 13.05 18.94
N LEU R 87 21.07 11.82 18.92
CA LEU R 87 20.77 11.14 20.21
C LEU R 87 22.01 11.04 21.10
N SER R 88 23.21 10.99 20.50
CA SER R 88 24.45 10.81 21.32
C SER R 88 24.61 11.96 22.31
N ASP R 89 24.39 13.20 21.86
CA ASP R 89 24.57 14.40 22.73
C ASP R 89 23.56 14.33 23.89
N LEU R 90 22.30 14.03 23.60
CA LEU R 90 21.25 14.01 24.65
C LEU R 90 21.65 13.04 25.76
N CYS R 91 22.27 11.91 25.40
CA CYS R 91 22.72 10.91 26.40
C CYS R 91 24.25 10.88 26.44
N GLU R 121 23.37 27.13 22.32
CA GLU R 121 22.66 25.90 21.98
C GLU R 121 21.23 26.18 21.56
N THR R 122 20.90 25.85 20.31
CA THR R 122 19.54 26.01 19.82
C THR R 122 18.61 25.07 20.58
N CYS R 123 17.45 25.62 20.98
CA CYS R 123 16.46 24.80 21.74
C CYS R 123 15.16 24.73 20.93
N TYR R 124 14.30 23.75 21.22
CA TYR R 124 13.08 23.56 20.42
C TYR R 124 11.83 23.92 21.25
N THR R 125 11.76 23.42 22.49
CA THR R 125 10.53 23.63 23.31
C THR R 125 10.84 24.51 24.52
N TYR R 126 9.80 24.99 25.21
CA TYR R 126 9.96 25.85 26.41
C TYR R 126 10.09 24.97 27.65
N ASP R 127 10.30 25.59 28.82
CA ASP R 127 10.37 24.83 30.09
C ASP R 127 9.28 25.33 31.03
N ARG R 128 8.44 24.43 31.53
CA ARG R 128 7.31 24.78 32.43
C ARG R 128 7.88 25.44 33.70
N ASN R 129 9.15 25.16 34.03
CA ASN R 129 9.77 25.73 35.26
C ASN R 129 10.83 26.76 34.85
N LYS R 130 10.39 27.89 34.30
CA LYS R 130 11.31 28.98 33.90
C LYS R 130 10.47 30.11 33.28
N CYS R 131 11.04 31.29 33.10
CA CYS R 131 10.32 32.45 32.50
C CYS R 131 11.07 32.95 31.27
N TYR R 132 10.36 33.26 30.17
CA TYR R 132 11.10 33.83 29.01
C TYR R 132 10.67 35.29 28.85
N THR R 133 11.65 36.19 28.63
CA THR R 133 11.32 37.64 28.55
C THR R 133 12.00 38.27 27.33
N ALA R 134 11.59 39.49 26.95
CA ALA R 134 12.19 40.20 25.81
C ALA R 134 12.01 41.71 26.00
N VAL R 135 12.34 42.51 24.99
CA VAL R 135 12.16 44.00 25.07
C VAL R 135 11.43 44.49 23.82
N VAL R 136 10.49 45.43 23.98
CA VAL R 136 9.73 45.99 22.82
C VAL R 136 9.67 47.51 22.94
N PRO R 137 9.65 48.30 21.85
CA PRO R 137 9.55 49.76 21.97
C PRO R 137 8.11 50.26 22.13
N LEU R 138 7.80 50.86 23.28
CA LEU R 138 6.45 51.46 23.49
C LEU R 138 6.55 52.96 23.23
N VAL R 139 5.81 53.47 22.24
CA VAL R 139 5.92 54.91 21.85
C VAL R 139 4.83 55.72 22.58
N TYR R 140 4.29 55.18 23.67
CA TYR R 140 3.20 55.88 24.40
C TYR R 140 3.62 57.32 24.72
N GLY R 141 2.76 58.29 24.44
CA GLY R 141 3.07 59.70 24.73
C GLY R 141 4.21 60.21 23.87
N GLY R 142 4.35 59.69 22.65
CA GLY R 142 5.46 60.08 21.77
C GLY R 142 6.81 59.86 22.45
N GLU R 143 6.93 58.79 23.24
CA GLU R 143 8.19 58.50 23.97
C GLU R 143 8.63 57.07 23.69
N THR R 144 9.20 56.81 22.52
CA THR R 144 9.69 55.45 22.20
C THR R 144 10.48 54.93 23.40
N LYS R 145 10.05 53.82 23.99
CA LYS R 145 10.72 53.31 25.22
C LYS R 145 10.81 51.79 25.18
N MET R 146 12.02 51.24 25.31
CA MET R 146 12.19 49.76 25.33
C MET R 146 11.74 49.22 26.69
N VAL R 147 10.76 48.32 26.71
CA VAL R 147 10.22 47.80 28.00
C VAL R 147 10.30 46.27 27.99
N GLU R 148 10.64 45.67 29.13
CA GLU R 148 10.72 44.19 29.24
C GLU R 148 9.32 43.60 29.09
N THR R 149 9.19 42.43 28.45
CA THR R 149 7.86 41.82 28.20
C THR R 149 7.92 40.32 28.51
N ALA R 150 6.99 39.82 29.32
CA ALA R 150 7.00 38.38 29.69
C ALA R 150 6.44 37.55 28.53
N LEU R 151 7.32 37.11 27.62
CA LEU R 151 6.89 36.29 26.46
C LEU R 151 6.06 35.11 26.95
N THR R 152 6.54 34.44 28.01
CA THR R 152 5.83 33.25 28.55
C THR R 152 5.24 33.60 29.92
N PRO R 153 4.05 34.23 30.00
CA PRO R 153 3.49 34.65 31.30
C PRO R 153 2.88 33.47 32.05
N ASP R 154 2.45 33.67 33.30
CA ASP R 154 1.87 32.59 34.15
C ASP R 154 3.00 31.68 34.66
N ALA R 155 4.19 31.78 34.05
CA ALA R 155 5.36 31.00 34.51
C ALA R 155 6.45 31.96 34.98
N CYS R 156 6.12 33.25 35.11
CA CYS R 156 7.09 34.26 35.60
C CYS R 156 6.62 34.77 36.96
N TYR R 157 5.53 34.21 37.48
CA TYR R 157 4.96 34.69 38.77
C TYR R 157 5.91 34.35 39.92
N LEU S 221 53.42 11.75 29.15
CA LEU S 221 52.49 12.07 30.22
C LEU S 221 51.11 12.39 29.66
N HIS S 222 50.20 11.41 29.76
CA HIS S 222 48.82 11.60 29.23
C HIS S 222 47.81 10.96 30.20
N ARG S 223 46.54 11.34 30.10
CA ARG S 223 45.49 10.75 30.97
C ARG S 223 45.41 9.25 30.69
N PRO S 224 45.38 8.38 31.73
CA PRO S 224 45.24 6.93 31.51
C PRO S 224 43.80 6.58 31.08
N ASP S 225 43.61 6.28 29.79
CA ASP S 225 42.26 5.92 29.27
C ASP S 225 41.87 4.53 29.80
N VAL S 226 40.60 4.33 30.13
CA VAL S 226 40.18 3.05 30.69
C VAL S 226 38.87 2.62 30.05
N TYR S 227 38.64 1.31 30.01
CA TYR S 227 37.45 0.74 29.38
C TYR S 227 37.06 -0.54 30.12
N LEU S 228 35.81 -0.94 29.90
CA LEU S 228 35.29 -2.17 30.51
C LEU S 228 34.44 -2.89 29.47
N LEU S 229 34.45 -4.23 29.56
CA LEU S 229 33.74 -5.07 28.61
C LEU S 229 32.91 -6.11 29.34
N PRO S 230 31.77 -6.49 28.78
CA PRO S 230 30.90 -7.49 29.43
C PRO S 230 31.27 -8.89 28.98
N PRO S 231 30.71 -9.92 29.60
CA PRO S 231 31.00 -11.29 29.17
C PRO S 231 30.47 -11.56 27.77
N ALA S 232 31.12 -12.50 27.09
CA ALA S 232 30.77 -12.83 25.71
C ALA S 232 29.40 -13.49 25.63
N ARG S 233 28.72 -13.26 24.50
CA ARG S 233 27.41 -13.85 24.29
C ARG S 233 27.47 -15.37 24.25
N GLU S 234 28.46 -15.92 23.53
CA GLU S 234 28.61 -17.37 23.49
C GLU S 234 29.15 -17.93 24.80
N GLN S 235 29.74 -17.08 25.65
CA GLN S 235 30.19 -17.55 26.96
C GLN S 235 29.01 -17.89 27.86
N LEU S 236 27.89 -17.18 27.71
CA LEU S 236 26.70 -17.46 28.50
C LEU S 236 25.91 -18.61 27.88
N ASN S 237 26.57 -19.72 27.58
CA ASN S 237 25.90 -20.88 27.02
C ASN S 237 26.40 -22.21 27.58
N LEU S 238 27.31 -22.21 28.55
CA LEU S 238 27.72 -23.44 29.21
C LEU S 238 27.22 -23.52 30.64
N ARG S 239 26.82 -22.39 31.24
CA ARG S 239 26.25 -22.33 32.59
C ARG S 239 27.27 -22.78 33.64
N GLU S 240 28.46 -22.17 33.61
CA GLU S 240 29.44 -22.38 34.67
C GLU S 240 29.82 -21.07 35.35
N SER S 241 30.25 -20.07 34.59
CA SER S 241 30.73 -18.82 35.18
C SER S 241 30.71 -17.74 34.10
N ALA S 242 31.29 -16.58 34.43
CA ALA S 242 31.39 -15.47 33.49
C ALA S 242 32.55 -14.59 33.92
N THR S 243 33.15 -13.92 32.94
CA THR S 243 34.31 -13.06 33.17
C THR S 243 34.02 -11.65 32.69
N ILE S 244 34.47 -10.66 33.46
CA ILE S 244 34.34 -9.25 33.13
C ILE S 244 35.73 -8.64 33.10
N THR S 245 36.04 -7.91 32.04
CA THR S 245 37.38 -7.39 31.79
C THR S 245 37.38 -5.87 31.86
N CYS S 246 38.34 -5.33 32.61
CA CYS S 246 38.55 -3.88 32.72
C CYS S 246 39.92 -3.58 32.13
N LEU S 247 39.94 -2.87 31.02
CA LEU S 247 41.18 -2.58 30.30
C LEU S 247 41.68 -1.19 30.66
N VAL S 248 42.94 -1.11 31.09
CA VAL S 248 43.57 0.14 31.48
C VAL S 248 44.75 0.40 30.55
N THR S 249 44.70 1.51 29.83
CA THR S 249 45.75 1.85 28.88
C THR S 249 46.25 3.27 29.15
N GLY S 250 47.48 3.52 28.73
CA GLY S 250 48.10 4.83 28.92
C GLY S 250 48.89 4.89 30.21
N PHE S 251 48.44 5.75 31.14
CA PHE S 251 49.09 5.98 32.43
C PHE S 251 50.60 6.02 32.35
N SER S 252 51.15 7.02 31.64
CA SER S 252 52.60 7.21 31.60
C SER S 252 52.99 8.27 32.62
N PRO S 253 53.87 7.98 33.59
CA PRO S 253 54.56 6.70 33.85
C PRO S 253 53.64 5.64 34.45
N ALA S 254 54.00 4.37 34.27
CA ALA S 254 53.09 3.26 34.56
C ALA S 254 52.88 3.13 36.06
N ASP S 255 51.77 3.70 36.55
CA ASP S 255 51.44 3.65 37.98
C ASP S 255 49.92 3.46 38.09
N VAL S 256 49.49 2.21 38.13
CA VAL S 256 48.07 1.88 38.25
C VAL S 256 47.93 0.58 39.03
N PHE S 257 46.77 0.42 39.67
CA PHE S 257 46.29 -0.88 40.15
C PHE S 257 44.78 -0.77 40.26
N VAL S 258 44.09 -1.89 40.08
CA VAL S 258 42.63 -1.90 40.05
C VAL S 258 42.11 -2.69 41.24
N GLN S 259 41.07 -2.16 41.88
CA GLN S 259 40.36 -2.86 42.93
C GLN S 259 38.89 -2.96 42.53
N TRP S 260 38.38 -4.19 42.44
CA TRP S 260 37.03 -4.42 41.95
C TRP S 260 36.05 -4.40 43.12
N MET S 261 35.37 -3.28 43.26
CA MET S 261 34.35 -3.14 44.30
C MET S 261 32.96 -3.37 43.73
N GLN S 262 32.08 -3.91 44.56
CA GLN S 262 30.68 -4.09 44.22
C GLN S 262 29.84 -3.53 45.37
N ARG S 263 28.93 -2.61 45.05
CA ARG S 263 28.10 -1.93 46.04
C ARG S 263 28.95 -1.19 47.06
N GLY S 264 30.13 -0.73 46.66
CA GLY S 264 31.05 -0.06 47.55
C GLY S 264 31.86 -0.96 48.44
N GLN S 265 31.69 -2.28 48.32
CA GLN S 265 32.43 -3.25 49.13
C GLN S 265 33.52 -3.87 48.27
N PRO S 266 34.80 -3.68 48.60
CA PRO S 266 35.87 -4.29 47.80
C PRO S 266 35.76 -5.81 47.80
N LEU S 267 36.06 -6.41 46.66
CA LEU S 267 36.05 -7.86 46.54
C LEU S 267 37.38 -8.44 47.00
N SER S 268 37.41 -9.76 47.15
CA SER S 268 38.62 -10.44 47.56
C SER S 268 39.71 -10.29 46.49
N PRO S 269 40.97 -10.11 46.88
CA PRO S 269 42.04 -10.01 45.88
C PRO S 269 42.24 -11.27 45.07
N GLU S 270 41.76 -12.42 45.56
CA GLU S 270 41.90 -13.67 44.83
C GLU S 270 41.00 -13.75 43.61
N LYS S 271 40.04 -12.85 43.46
CA LYS S 271 39.11 -12.91 42.33
C LYS S 271 39.66 -12.19 41.10
N TYR S 272 39.95 -10.89 41.23
CA TYR S 272 40.54 -10.15 40.14
C TYR S 272 42.04 -10.42 40.09
N VAL S 273 42.57 -10.53 38.87
CA VAL S 273 43.97 -10.90 38.65
C VAL S 273 44.56 -9.82 37.72
N THR S 274 45.18 -8.81 38.32
CA THR S 274 45.99 -7.87 37.56
C THR S 274 47.39 -8.44 37.38
N SER S 275 48.00 -8.17 36.23
CA SER S 275 49.24 -8.84 35.87
C SER S 275 50.45 -7.91 35.88
N ALA S 276 50.46 -6.87 35.05
CA ALA S 276 51.63 -6.00 34.91
C ALA S 276 51.35 -4.86 33.95
N PRO S 277 52.11 -3.77 34.02
CA PRO S 277 52.07 -2.76 32.94
C PRO S 277 52.88 -3.23 31.75
N MET S 278 52.30 -3.12 30.57
CA MET S 278 52.95 -3.53 29.33
C MET S 278 52.96 -2.38 28.33
N PRO S 279 54.06 -2.16 27.63
CA PRO S 279 54.09 -1.09 26.62
C PRO S 279 53.12 -1.36 25.48
N GLU S 280 52.53 -0.29 24.97
CA GLU S 280 51.63 -0.39 23.83
C GLU S 280 52.42 -0.82 22.60
N PRO S 281 51.79 -1.55 21.65
CA PRO S 281 52.48 -1.96 20.43
C PRO S 281 53.41 -0.91 19.83
N GLN S 282 52.96 0.33 19.68
CA GLN S 282 53.82 1.46 19.37
C GLN S 282 53.89 2.35 20.60
N ALA S 283 55.03 2.31 21.30
CA ALA S 283 55.16 2.93 22.62
C ALA S 283 56.27 3.98 22.60
N PRO S 284 55.93 5.24 22.31
CA PRO S 284 56.90 6.32 22.57
C PRO S 284 57.18 6.43 24.05
N GLY S 285 56.12 6.61 24.84
CA GLY S 285 56.22 6.57 26.29
C GLY S 285 54.99 5.97 26.93
N ARG S 286 54.06 5.46 26.11
CA ARG S 286 52.78 4.97 26.69
C ARG S 286 52.88 3.52 27.15
N TYR S 287 51.93 3.08 27.99
CA TYR S 287 51.91 1.67 28.48
C TYR S 287 50.44 1.23 28.58
N PHE S 288 50.20 -0.02 28.98
CA PHE S 288 48.80 -0.50 29.16
C PHE S 288 48.81 -1.73 30.09
N ALA S 289 47.64 -2.07 30.63
CA ALA S 289 47.53 -3.27 31.50
C ALA S 289 46.13 -3.86 31.35
N HIS S 290 45.97 -5.15 31.68
CA HIS S 290 44.63 -5.80 31.59
C HIS S 290 44.31 -6.49 32.92
N SER S 291 43.06 -6.41 33.36
CA SER S 291 42.67 -7.07 34.61
C SER S 291 41.27 -7.63 34.44
N ILE S 292 41.09 -8.91 34.76
CA ILE S 292 39.79 -9.57 34.62
C ILE S 292 39.29 -9.99 35.99
N LEU S 293 38.09 -10.54 36.03
CA LEU S 293 37.51 -11.06 37.27
C LEU S 293 36.49 -12.14 36.92
N THR S 294 36.37 -13.11 37.81
CA THR S 294 35.51 -14.27 37.62
C THR S 294 34.30 -14.18 38.54
N VAL S 295 33.11 -14.39 37.98
CA VAL S 295 31.85 -14.39 38.71
C VAL S 295 31.11 -15.68 38.41
N SER S 296 29.91 -15.81 38.96
CA SER S 296 29.06 -16.95 38.71
C SER S 296 28.00 -16.59 37.67
N GLU S 297 27.68 -17.57 36.82
CA GLU S 297 26.74 -17.32 35.73
C GLU S 297 25.35 -17.00 36.26
N GLU S 298 24.88 -17.74 37.26
CA GLU S 298 23.51 -17.59 37.75
C GLU S 298 23.28 -16.28 38.48
N GLU S 299 24.33 -15.54 38.81
CA GLU S 299 24.17 -14.27 39.50
C GLU S 299 23.88 -13.11 38.56
N TRP S 300 23.98 -13.32 37.24
CA TRP S 300 23.76 -12.24 36.29
C TRP S 300 22.28 -11.94 36.04
N ASN S 301 21.36 -12.70 36.63
CA ASN S 301 19.95 -12.34 36.53
C ASN S 301 19.64 -11.03 37.24
N THR S 302 20.53 -10.56 38.12
CA THR S 302 20.35 -9.31 38.85
C THR S 302 21.43 -8.28 38.55
N GLY S 303 22.55 -8.69 37.96
CA GLY S 303 23.60 -7.77 37.56
C GLY S 303 24.61 -7.41 38.63
N GLU S 304 24.23 -6.52 39.56
CA GLU S 304 25.07 -6.05 40.66
C GLU S 304 26.19 -5.12 40.17
N THR S 305 26.36 -5.04 38.85
CA THR S 305 27.13 -4.03 38.13
C THR S 305 28.65 -4.11 38.31
N TYR S 306 29.13 -4.89 39.29
CA TYR S 306 30.54 -5.27 39.40
C TYR S 306 31.53 -4.18 39.01
N THR S 307 31.54 -3.06 39.74
CA THR S 307 32.26 -1.86 39.35
C THR S 307 33.78 -2.08 39.30
N CYS S 308 34.43 -1.36 38.38
CA CYS S 308 35.88 -1.31 38.27
C CYS S 308 36.36 0.10 38.59
N VAL S 309 37.68 0.23 38.82
CA VAL S 309 38.28 1.52 39.18
C VAL S 309 39.74 1.51 38.78
N VAL S 310 40.29 2.71 38.56
CA VAL S 310 41.70 2.89 38.23
C VAL S 310 42.24 4.05 39.06
N ALA S 311 43.56 4.07 39.24
CA ALA S 311 44.24 5.13 39.98
C ALA S 311 45.53 5.50 39.29
N HIS S 312 45.79 6.80 39.19
CA HIS S 312 47.02 7.30 38.56
C HIS S 312 47.28 8.71 39.07
N GLU S 313 48.56 9.11 39.00
CA GLU S 313 48.94 10.45 39.43
C GLU S 313 48.55 11.52 38.42
N ALA S 314 48.43 11.15 37.14
CA ALA S 314 48.04 12.11 36.11
C ALA S 314 46.53 12.14 35.92
N LEU S 315 45.80 12.32 37.03
CA LEU S 315 44.35 12.42 37.00
C LEU S 315 43.90 13.50 37.98
N PRO S 316 43.09 14.46 37.52
CA PRO S 316 42.62 15.50 38.45
C PRO S 316 41.84 14.95 39.63
N ASN S 317 41.07 13.89 39.44
CA ASN S 317 40.28 13.30 40.51
C ASN S 317 40.77 11.91 40.91
N ARG S 318 41.90 11.45 40.35
CA ARG S 318 42.65 10.26 40.76
C ARG S 318 41.78 9.02 40.92
N VAL S 319 40.55 9.07 40.42
CA VAL S 319 39.62 7.94 40.40
C VAL S 319 38.74 8.09 39.17
N THR S 320 38.51 6.96 38.48
CA THR S 320 37.64 6.96 37.29
C THR S 320 36.74 5.72 37.37
N GLU S 321 35.92 5.61 38.42
CA GLU S 321 35.08 4.42 38.62
C GLU S 321 34.38 4.06 37.31
N ARG S 322 34.52 2.81 36.86
CA ARG S 322 33.85 2.36 35.60
C ARG S 322 33.04 1.10 35.91
N THR S 323 31.76 1.09 35.53
CA THR S 323 30.89 -0.07 35.86
C THR S 323 29.89 -0.30 34.73
N VAL S 324 29.51 -1.57 34.50
CA VAL S 324 28.51 -1.91 33.44
C VAL S 324 27.52 -2.92 34.03
N ASP S 325 26.36 -3.10 33.39
CA ASP S 325 25.33 -4.03 33.91
C ASP S 325 24.61 -4.70 32.73
N LYS S 326 24.01 -5.88 32.96
CA LYS S 326 23.26 -6.58 31.89
C LYS S 326 22.45 -5.57 31.09
N SER S 327 21.84 -4.57 31.76
CA SER S 327 21.03 -3.59 31.08
C SER S 327 21.87 -2.76 30.12
N THR S 328 23.04 -2.32 30.56
CA THR S 328 23.96 -1.61 29.68
C THR S 328 24.53 -2.57 28.64
N GLY S 329 24.68 -2.07 27.41
CA GLY S 329 25.23 -2.89 26.35
C GLY S 329 24.59 -2.64 25.01
N LYS S 330 24.48 -3.69 24.19
CA LYS S 330 23.89 -3.53 22.83
C LYS S 330 22.36 -3.62 22.92
N PRO S 331 21.60 -2.61 22.42
CA PRO S 331 20.14 -2.69 22.39
C PRO S 331 19.71 -3.69 21.31
N THR S 332 18.80 -4.62 21.67
CA THR S 332 18.35 -5.66 20.70
C THR S 332 17.10 -5.19 19.96
N LEU S 333 16.53 -4.04 20.35
CA LEU S 333 15.36 -3.48 19.61
C LEU S 333 15.29 -1.98 19.89
N TYR S 334 14.77 -1.20 18.95
CA TYR S 334 14.69 0.28 19.11
C TYR S 334 13.24 0.72 18.93
N ASN S 335 12.48 0.80 20.03
CA ASN S 335 11.04 1.17 19.96
C ASN S 335 10.92 2.70 19.96
N VAL S 336 11.19 3.34 18.81
CA VAL S 336 11.02 4.82 18.70
C VAL S 336 9.52 5.13 18.55
N SER S 337 9.02 6.12 19.30
CA SER S 337 7.60 6.51 19.21
C SER S 337 7.49 8.04 19.15
N LEU S 338 7.88 8.64 18.03
CA LEU S 338 7.84 10.13 17.89
C LEU S 338 6.39 10.57 17.64
N VAL S 339 6.02 11.75 18.13
CA VAL S 339 4.61 12.24 17.98
C VAL S 339 4.65 13.68 17.47
N MET S 340 3.62 14.10 16.73
CA MET S 340 3.55 15.50 16.22
C MET S 340 2.33 16.20 16.84
N SER S 341 2.53 17.42 17.36
CA SER S 341 1.41 18.18 18.00
C SER S 341 1.69 19.68 17.88
N ASP S 342 0.63 20.50 17.96
CA ASP S 342 0.80 21.98 17.88
C ASP S 342 0.63 22.58 19.28
N THR S 343 0.75 21.77 20.33
CA THR S 343 0.60 22.27 21.72
C THR S 343 1.78 21.81 22.58
N ALA S 344 2.90 21.44 21.94
CA ALA S 344 4.07 20.92 22.70
C ALA S 344 5.01 22.08 23.07
N GLY S 345 4.69 23.29 22.65
CA GLY S 345 5.56 24.45 22.94
C GLY S 345 6.10 24.45 24.35
N THR S 346 5.23 24.25 25.35
CA THR S 346 5.65 24.28 26.78
C THR S 346 6.42 23.01 27.15
N CYS S 347 6.11 21.89 26.47
CA CYS S 347 6.74 20.59 26.83
C CYS S 347 6.52 20.32 28.32
N TYR S 348 5.29 20.50 28.80
CA TYR S 348 4.96 20.25 30.23
C TYR S 348 5.89 19.16 30.78
C1 NAG T . 1.15 -9.28 5.85
C2 NAG T . 1.26 -10.79 6.05
C3 NAG T . -0.10 -11.45 5.80
C4 NAG T . -1.16 -10.82 6.68
C5 NAG T . -1.17 -9.30 6.52
C6 NAG T . -2.12 -8.60 7.46
C7 NAG T . 3.09 -12.34 5.50
C8 NAG T . 4.07 -12.79 4.45
N2 NAG T . 2.27 -11.35 5.15
O3 NAG T . 0.00 -12.85 6.07
O4 NAG T . -2.44 -11.34 6.34
O5 NAG T . 0.15 -8.76 6.76
O6 NAG T . -1.74 -8.79 8.81
O7 NAG T . 3.04 -12.86 6.61
C1 NAG T . -2.84 -12.33 7.33
C2 NAG T . -4.35 -12.38 7.19
C3 NAG T . -4.93 -13.39 8.18
C4 NAG T . -4.26 -14.76 8.03
C5 NAG T . -2.73 -14.62 8.01
C6 NAG T . -2.02 -15.90 7.64
C7 NAG T . -6.02 -10.64 6.74
C8 NAG T . -6.50 -9.25 7.08
N2 NAG T . -4.94 -11.07 7.40
O3 NAG T . -6.33 -13.49 7.96
O4 NAG T . -4.58 -15.59 9.14
O5 NAG T . -2.31 -13.63 7.06
O6 NAG T . -0.63 -15.68 7.47
O7 NAG T . -6.61 -11.34 5.92
C1 NAG U . 0.63 6.54 -6.93
C2 NAG U . -0.04 7.24 -8.11
C3 NAG U . 0.45 6.63 -9.43
C4 NAG U . 1.97 6.66 -9.49
C5 NAG U . 2.59 6.01 -8.25
C6 NAG U . 4.09 6.12 -8.20
C7 NAG U . -2.30 8.16 -8.36
C8 NAG U . -3.76 7.90 -8.18
N2 NAG U . -1.48 7.16 -8.00
O3 NAG U . -0.10 7.36 -10.52
O4 NAG U . 2.41 5.95 -10.65
O5 NAG U . 2.08 6.65 -7.06
O6 NAG U . 4.52 7.47 -8.13
O7 NAG U . -1.87 9.22 -8.80
C1 NAG U . 2.79 6.90 -11.69
C2 NAG U . 3.72 6.09 -12.59
C3 NAG U . 4.21 6.96 -13.73
C4 NAG U . 3.04 7.61 -14.48
C5 NAG U . 2.05 8.25 -13.50
C6 NAG U . 0.77 8.70 -14.17
C7 NAG U . 5.40 4.38 -12.10
C8 NAG U . 6.56 3.98 -11.21
N2 NAG U . 4.84 5.56 -11.84
O3 NAG U . 5.00 6.17 -14.61
O4 NAG U . 3.51 8.65 -15.34
O5 NAG U . 1.67 7.35 -12.45
O6 NAG U . -0.19 9.14 -13.21
O7 NAG U . 5.01 3.66 -13.01
C1 NAG V . 18.12 34.97 19.33
C2 NAG V . 19.45 35.32 18.69
C3 NAG V . 20.44 35.79 19.76
C4 NAG V . 19.84 36.96 20.54
C5 NAG V . 18.47 36.58 21.10
C6 NAG V . 17.76 37.75 21.75
C7 NAG V . 20.19 34.23 16.62
C8 NAG V . 20.76 32.98 16.02
N2 NAG V . 20.00 34.20 17.95
O3 NAG V . 21.66 36.18 19.14
O4 NAG V . 20.70 37.32 21.61
O5 NAG V . 17.61 36.12 20.05
O6 NAG V . 17.60 38.83 20.84
O7 NAG V . 19.92 35.22 15.95
C1 NAG V . 20.66 38.72 22.01
C2 NAG V . 21.14 38.79 23.46
C3 NAG V . 21.05 40.23 23.97
C4 NAG V . 21.79 41.19 23.04
C5 NAG V . 21.39 40.96 21.57
C6 NAG V . 22.24 41.71 20.60
C7 NAG V . 20.88 37.24 25.35
C8 NAG V . 19.94 36.36 26.12
N2 NAG V . 20.36 37.90 24.30
O3 NAG V . 21.59 40.27 25.28
O4 NAG V . 21.45 42.53 23.35
O5 NAG V . 21.49 39.57 21.22
O6 NAG V . 21.94 41.35 19.25
O7 NAG V . 22.06 37.35 25.66
C1 NAG W . 4.48 14.40 -1.82
C2 NAG W . 4.94 15.82 -2.17
C3 NAG W . 5.82 15.80 -3.41
C4 NAG W . 6.99 14.83 -3.21
C5 NAG W . 6.49 13.45 -2.81
C6 NAG W . 7.61 12.50 -2.45
C7 NAG W . 3.59 17.76 -1.55
C8 NAG W . 2.38 18.59 -1.88
N2 NAG W . 3.81 16.71 -2.35
O3 NAG W . 6.31 17.11 -3.68
O4 NAG W . 7.75 14.73 -4.41
O5 NAG W . 5.64 13.54 -1.65
O6 NAG W . 8.40 13.02 -1.39
O7 NAG W . 4.32 18.03 -0.61
C1 NAG X . 3.80 -4.14 14.06
C2 NAG X . 3.85 -4.80 15.43
C3 NAG X . 2.42 -5.00 15.95
C4 NAG X . 1.67 -3.67 15.96
C5 NAG X . 1.71 -3.02 14.58
C6 NAG X . 1.12 -1.64 14.56
C7 NAG X . 5.70 -6.26 16.07
C8 NAG X . 6.32 -7.61 15.94
N2 NAG X . 4.56 -6.06 15.39
O3 NAG X . 2.47 -5.54 17.26
O4 NAG X . 0.31 -3.88 16.34
O5 NAG X . 3.07 -2.90 14.13
O6 NAG X . 1.78 -0.78 15.48
O7 NAG X . 6.20 -5.38 16.77
C1 NAG Y . 5.66 -3.33 18.75
C2 NAG Y . 5.92 -4.31 19.89
C3 NAG Y . 4.61 -4.67 20.57
C4 NAG Y . 3.89 -3.42 21.05
C5 NAG Y . 3.71 -2.44 19.88
C6 NAG Y . 3.15 -1.11 20.33
C7 NAG Y . 7.83 -5.84 19.81
C8 NAG Y . 8.39 -7.09 19.22
N2 NAG Y . 6.60 -5.50 19.41
O3 NAG Y . 4.87 -5.54 21.67
O4 NAG Y . 2.62 -3.75 21.59
O5 NAG Y . 4.97 -2.17 19.26
O6 NAG Y . 3.98 -0.50 21.31
O7 NAG Y . 8.46 -5.16 20.60
C1 NAG Z . 2.52 10.50 -3.82
C2 NAG Z . 2.70 11.97 -4.18
C3 NAG Z . 3.52 12.10 -5.46
C4 NAG Z . 4.84 11.33 -5.34
C5 NAG Z . 4.60 9.89 -4.89
C6 NAG Z . 5.88 9.13 -4.61
C7 NAG Z . 1.18 13.89 -3.94
C8 NAG Z . -0.20 14.41 -4.16
N2 NAG Z . 1.42 12.63 -4.33
O3 NAG Z . 3.77 13.46 -5.74
O4 NAG Z . 5.52 11.33 -6.58
O5 NAG Z . 3.82 9.87 -3.67
O6 NAG Z . 6.61 9.71 -3.54
O7 NAG Z . 2.06 14.57 -3.42
C1 NAG AA . 3.29 -7.30 10.35
C2 NAG AA . 3.61 -8.01 11.65
C3 NAG AA . 2.37 -8.72 12.19
C4 NAG AA . 1.21 -7.75 12.31
C5 NAG AA . 0.98 -7.01 10.99
C6 NAG AA . -0.07 -5.92 11.09
C7 NAG AA . 5.66 -9.17 12.39
C8 NAG AA . 6.70 -10.18 12.02
N2 NAG AA . 4.71 -8.96 11.47
O3 NAG AA . 2.66 -9.30 13.45
O4 NAG AA . 0.03 -8.45 12.67
O5 NAG AA . 2.19 -6.37 10.56
O6 NAG AA . 0.30 -4.91 11.99
O7 NAG AA . 5.67 -8.57 13.45
C1 NAG BA . 6.78 18.40 0.24
C2 NAG BA . 7.37 19.75 -0.16
C3 NAG BA . 8.43 19.53 -1.25
C4 NAG BA . 9.48 18.55 -0.76
C5 NAG BA . 8.84 17.25 -0.30
C6 NAG BA . 9.81 16.29 0.33
C7 NAG BA . 6.07 21.81 0.01
C8 NAG BA . 4.98 22.65 -0.58
N2 NAG BA . 6.34 20.67 -0.62
O3 NAG BA . 9.03 20.78 -1.57
O4 NAG BA . 10.40 18.27 -1.81
O5 NAG BA . 7.82 17.52 0.68
O6 NAG BA . 10.47 16.89 1.44
O7 NAG BA . 6.67 22.15 1.03
C1 NAG CA . 9.20 22.34 2.23
C2 NAG CA . 9.56 23.76 1.84
C3 NAG CA . 10.54 23.75 0.68
C4 NAG CA . 11.76 22.88 1.00
C5 NAG CA . 11.33 21.51 1.54
C6 NAG CA . 12.48 20.69 2.08
C7 NAG CA . 8.24 25.83 1.76
C8 NAG CA . 6.95 26.46 1.34
N2 NAG CA . 8.38 24.53 1.49
O3 NAG CA . 10.94 25.09 0.40
O4 NAG CA . 12.51 22.63 -0.19
O5 NAG CA . 10.40 21.65 2.61
O6 NAG CA . 12.02 19.51 2.72
O7 NAG CA . 9.13 26.48 2.32
C1 NAG DA . 6.61 0.36 22.16
C2 NAG DA . 6.33 -0.43 23.44
C3 NAG DA . 4.87 -0.26 23.85
C4 NAG DA . 4.54 1.22 24.00
C5 NAG DA . 4.89 1.98 22.73
C6 NAG DA . 4.74 3.48 22.88
C7 NAG DA . 7.61 -2.45 23.96
C8 NAG DA . 7.81 -3.91 23.67
N2 NAG DA . 6.65 -1.84 23.26
O3 NAG DA . 4.64 -0.94 25.07
O4 NAG DA . 3.15 1.38 24.28
O5 NAG DA . 6.27 1.75 22.37
O6 NAG DA . 5.54 3.98 23.94
O7 NAG DA . 8.28 -1.86 24.80
#